data_2LTT
#
_entry.id   2LTT
#
loop_
_entity.id
_entity.type
_entity.pdbx_description
1 polymer 'Putative uncharacterized protein ydbC'
2 polymer "DNA (5'-D(*TP*TP*TP*TP*TP*TP*TP*TP*TP*TP*TP*TP*TP*TP*TP*TP*T)-3')"
#
loop_
_entity_poly.entity_id
_entity_poly.type
_entity_poly.pdbx_seq_one_letter_code
_entity_poly.pdbx_strand_id
1 'polypeptide(L)' MADKLKFEIIEELIVLSENAKGWRKELNRVSWNDAEPKYDIRTWSPDHEKMGKGITLSEEEFGVLLKELGNKLEHHHHHH A,B
2 'polydeoxyribonucleotide' (DT)(DT)(DT)(DT)(DT)(DT)(DT)(DT)(DT)(DT)(DT)(DT)(DT)(DT)(DT)(DT)(DT) C
#
# COMPACT_ATOMS: atom_id res chain seq x y z
N MET A 1 -15.62 -3.16 -9.67
CA MET A 1 -16.86 -3.96 -9.85
C MET A 1 -17.98 -3.07 -10.38
N ALA A 2 -18.41 -2.13 -9.57
CA ALA A 2 -19.48 -1.21 -9.97
C ALA A 2 -18.92 -0.11 -10.84
N ASP A 3 -19.79 0.54 -11.59
CA ASP A 3 -19.38 1.63 -12.48
C ASP A 3 -18.83 2.79 -11.67
N LYS A 4 -19.58 3.20 -10.65
CA LYS A 4 -19.17 4.28 -9.78
C LYS A 4 -19.39 3.90 -8.32
N LEU A 5 -18.31 3.65 -7.60
CA LEU A 5 -18.40 3.29 -6.19
C LEU A 5 -18.51 4.55 -5.33
N LYS A 6 -19.44 4.52 -4.37
CA LYS A 6 -19.66 5.66 -3.48
C LYS A 6 -18.48 5.84 -2.53
N PHE A 7 -18.10 7.10 -2.31
CA PHE A 7 -16.99 7.42 -1.41
C PHE A 7 -16.98 8.91 -1.09
N GLU A 8 -16.08 9.30 -0.20
CA GLU A 8 -15.93 10.70 0.17
C GLU A 8 -14.53 10.92 0.76
N ILE A 9 -13.87 11.99 0.33
CA ILE A 9 -12.53 12.29 0.80
C ILE A 9 -12.59 12.98 2.16
N ILE A 10 -12.13 12.29 3.19
CA ILE A 10 -12.13 12.83 4.54
C ILE A 10 -10.91 13.71 4.77
N GLU A 11 -9.75 13.21 4.36
CA GLU A 11 -8.51 13.97 4.53
C GLU A 11 -7.43 13.47 3.57
N GLU A 12 -6.79 14.41 2.90
CA GLU A 12 -5.72 14.09 1.98
C GLU A 12 -4.42 13.93 2.75
N LEU A 13 -3.73 12.82 2.55
CA LEU A 13 -2.50 12.58 3.29
C LEU A 13 -1.27 12.89 2.45
N ILE A 14 -0.95 12.03 1.50
CA ILE A 14 0.25 12.21 0.69
C ILE A 14 -0.04 12.09 -0.80
N VAL A 15 0.65 12.90 -1.58
CA VAL A 15 0.53 12.87 -3.03
C VAL A 15 1.92 12.65 -3.62
N LEU A 16 2.05 11.62 -4.43
CA LEU A 16 3.36 11.32 -5.02
C LEU A 16 3.52 12.01 -6.37
N SER A 17 2.93 11.42 -7.41
CA SER A 17 3.00 11.95 -8.78
C SER A 17 2.33 10.99 -9.74
N GLU A 18 2.37 11.32 -11.03
CA GLU A 18 1.79 10.47 -12.05
C GLU A 18 2.90 9.62 -12.67
N ASN A 19 2.52 8.57 -13.37
CA ASN A 19 3.50 7.70 -14.01
C ASN A 19 3.39 7.80 -15.52
N ALA A 20 4.02 6.86 -16.23
CA ALA A 20 4.00 6.87 -17.69
C ALA A 20 2.57 6.67 -18.18
N LYS A 21 1.79 5.97 -17.37
CA LYS A 21 0.40 5.69 -17.69
C LYS A 21 -0.49 6.81 -17.17
N GLY A 22 0.12 7.79 -16.51
CA GLY A 22 -0.63 8.89 -15.97
C GLY A 22 -1.19 8.57 -14.59
N TRP A 23 -0.91 7.35 -14.12
CA TRP A 23 -1.38 6.89 -12.82
C TRP A 23 -1.01 7.87 -11.71
N ARG A 24 -2.00 8.59 -11.20
CA ARG A 24 -1.80 9.52 -10.11
C ARG A 24 -1.75 8.75 -8.81
N LYS A 25 -0.54 8.53 -8.32
CA LYS A 25 -0.33 7.77 -7.09
C LYS A 25 -0.51 8.67 -5.87
N GLU A 26 -1.56 8.42 -5.09
CA GLU A 26 -1.84 9.21 -3.91
C GLU A 26 -2.30 8.34 -2.74
N LEU A 27 -2.20 8.91 -1.56
CA LEU A 27 -2.62 8.26 -0.34
C LEU A 27 -3.51 9.21 0.44
N ASN A 28 -4.80 8.92 0.48
CA ASN A 28 -5.76 9.78 1.17
C ASN A 28 -6.71 8.95 2.01
N ARG A 29 -7.30 9.57 3.01
CA ARG A 29 -8.25 8.89 3.86
C ARG A 29 -9.66 9.20 3.38
N VAL A 30 -10.36 8.18 2.92
CA VAL A 30 -11.72 8.34 2.40
C VAL A 30 -12.67 7.41 3.12
N SER A 31 -13.96 7.70 3.02
CA SER A 31 -14.97 6.88 3.66
C SER A 31 -15.53 5.86 2.67
N TRP A 32 -15.41 4.59 3.03
CA TRP A 32 -15.91 3.51 2.19
C TRP A 32 -17.42 3.61 2.07
N ASN A 33 -17.88 3.98 0.87
CA ASN A 33 -19.30 4.14 0.58
C ASN A 33 -19.88 5.22 1.49
N ASP A 34 -19.02 6.17 1.85
CA ASP A 34 -19.38 7.29 2.73
C ASP A 34 -19.83 6.78 4.11
N ALA A 35 -19.21 5.71 4.57
CA ALA A 35 -19.54 5.15 5.87
C ALA A 35 -18.31 5.11 6.77
N GLU A 36 -17.44 4.15 6.54
CA GLU A 36 -16.24 3.99 7.35
C GLU A 36 -15.05 4.74 6.75
N PRO A 37 -14.53 5.75 7.47
CA PRO A 37 -13.37 6.52 7.01
C PRO A 37 -12.08 5.78 7.33
N LYS A 38 -11.31 5.49 6.30
CA LYS A 38 -10.06 4.77 6.49
C LYS A 38 -9.04 5.17 5.42
N TYR A 39 -7.76 4.95 5.69
CA TYR A 39 -6.70 5.30 4.76
C TYR A 39 -6.59 4.27 3.63
N ASP A 40 -6.49 4.73 2.41
CA ASP A 40 -6.37 3.84 1.27
C ASP A 40 -5.45 4.46 0.23
N ILE A 41 -4.45 3.70 -0.22
CA ILE A 41 -3.50 4.21 -1.20
C ILE A 41 -3.76 3.60 -2.58
N ARG A 42 -4.00 4.47 -3.56
CA ARG A 42 -4.32 4.02 -4.91
C ARG A 42 -3.82 5.02 -5.95
N THR A 43 -3.96 4.64 -7.20
CA THR A 43 -3.57 5.50 -8.30
C THR A 43 -4.77 5.70 -9.22
N TRP A 44 -4.97 6.91 -9.70
CA TRP A 44 -6.10 7.19 -10.58
C TRP A 44 -5.64 7.66 -11.94
N SER A 45 -6.58 7.88 -12.85
CA SER A 45 -6.26 8.34 -14.19
C SER A 45 -5.66 9.75 -14.16
N PRO A 46 -4.79 10.09 -15.12
CA PRO A 46 -4.14 11.41 -15.18
C PRO A 46 -5.14 12.56 -15.22
N ASP A 47 -6.23 12.35 -15.95
CA ASP A 47 -7.28 13.36 -16.09
C ASP A 47 -8.30 13.25 -14.96
N HIS A 48 -8.03 12.36 -14.00
CA HIS A 48 -8.92 12.14 -12.86
C HIS A 48 -10.32 11.73 -13.31
N GLU A 49 -10.40 11.10 -14.48
CA GLU A 49 -11.69 10.68 -15.02
C GLU A 49 -12.15 9.37 -14.39
N LYS A 50 -11.20 8.51 -14.04
CA LYS A 50 -11.52 7.23 -13.44
C LYS A 50 -10.54 6.88 -12.33
N MET A 51 -10.83 5.78 -11.66
CA MET A 51 -10.02 5.31 -10.55
C MET A 51 -9.60 3.85 -10.74
N GLY A 52 -8.74 3.36 -9.85
CA GLY A 52 -8.27 1.99 -9.96
C GLY A 52 -8.19 1.29 -8.60
N LYS A 53 -7.59 0.11 -8.57
CA LYS A 53 -7.49 -0.65 -7.33
C LYS A 53 -6.07 -0.58 -6.73
N GLY A 54 -6.02 -0.49 -5.41
CA GLY A 54 -4.76 -0.43 -4.70
C GLY A 54 -4.80 -1.25 -3.42
N ILE A 55 -4.64 -0.59 -2.27
CA ILE A 55 -4.69 -1.30 -1.00
C ILE A 55 -5.16 -0.37 0.12
N THR A 56 -5.94 -0.92 1.04
CA THR A 56 -6.46 -0.17 2.16
C THR A 56 -5.59 -0.39 3.39
N LEU A 57 -5.29 0.69 4.10
CA LEU A 57 -4.46 0.61 5.30
C LEU A 57 -5.27 1.02 6.52
N SER A 58 -5.44 0.10 7.45
CA SER A 58 -6.19 0.38 8.67
C SER A 58 -5.33 1.16 9.66
N GLU A 59 -5.95 1.66 10.72
CA GLU A 59 -5.24 2.42 11.75
C GLU A 59 -4.11 1.59 12.33
N GLU A 60 -4.42 0.33 12.63
CA GLU A 60 -3.44 -0.61 13.18
C GLU A 60 -2.20 -0.70 12.29
N GLU A 61 -2.45 -0.80 10.99
CA GLU A 61 -1.39 -0.89 10.02
C GLU A 61 -0.63 0.41 9.90
N PHE A 62 -1.34 1.47 9.54
CA PHE A 62 -0.76 2.79 9.37
C PHE A 62 0.04 3.22 10.60
N GLY A 63 -0.49 2.95 11.79
CA GLY A 63 0.18 3.31 13.02
C GLY A 63 1.55 2.66 13.13
N VAL A 64 1.59 1.34 13.12
CA VAL A 64 2.86 0.62 13.23
C VAL A 64 3.75 0.90 12.03
N LEU A 65 3.14 0.93 10.85
CA LEU A 65 3.85 1.19 9.60
C LEU A 65 4.58 2.52 9.66
N LEU A 66 3.86 3.59 9.97
CA LEU A 66 4.46 4.91 10.04
C LEU A 66 5.52 4.98 11.11
N LYS A 67 5.23 4.42 12.28
CA LYS A 67 6.17 4.42 13.40
C LYS A 67 7.52 3.87 12.97
N GLU A 68 7.49 2.71 12.34
CA GLU A 68 8.72 2.08 11.88
C GLU A 68 9.33 2.82 10.69
N LEU A 69 8.50 3.13 9.68
CA LEU A 69 8.98 3.82 8.48
C LEU A 69 9.62 5.16 8.82
N GLY A 70 8.97 5.92 9.69
CA GLY A 70 9.50 7.21 10.10
C GLY A 70 10.83 7.06 10.79
N ASN A 71 10.94 6.01 11.58
CA ASN A 71 12.18 5.73 12.30
C ASN A 71 13.25 5.20 11.35
N LYS A 72 12.83 4.60 10.25
CA LYS A 72 13.77 4.07 9.26
C LYS A 72 14.53 5.21 8.58
N LEU A 73 13.89 6.36 8.47
CA LEU A 73 14.52 7.52 7.85
C LEU A 73 15.34 8.32 8.85
N GLU A 74 15.42 7.84 10.07
CA GLU A 74 16.18 8.50 11.11
C GLU A 74 17.66 8.17 10.97
N MET B 1 -2.82 -15.44 -10.31
CA MET B 1 -2.91 -16.03 -11.67
C MET B 1 -2.30 -17.43 -11.68
N ALA B 2 -1.03 -17.51 -11.34
CA ALA B 2 -0.33 -18.78 -11.32
C ALA B 2 -0.46 -19.43 -9.96
N ASP B 3 -0.22 -20.74 -9.90
CA ASP B 3 -0.29 -21.48 -8.65
C ASP B 3 0.79 -20.98 -7.70
N LYS B 4 2.01 -20.91 -8.19
CA LYS B 4 3.13 -20.42 -7.41
C LYS B 4 3.96 -19.45 -8.23
N LEU B 5 3.91 -18.18 -7.87
CA LEU B 5 4.68 -17.16 -8.58
C LEU B 5 6.11 -17.11 -8.04
N LYS B 6 7.07 -17.02 -8.94
CA LYS B 6 8.48 -16.97 -8.57
C LYS B 6 8.83 -15.64 -7.93
N PHE B 7 9.61 -15.69 -6.86
CA PHE B 7 10.04 -14.49 -6.16
C PHE B 7 11.21 -14.80 -5.23
N GLU B 8 11.72 -13.79 -4.56
CA GLU B 8 12.82 -13.94 -3.62
C GLU B 8 12.85 -12.74 -2.68
N ILE B 9 12.95 -13.00 -1.39
CA ILE B 9 12.99 -11.93 -0.40
C ILE B 9 14.37 -11.29 -0.34
N ILE B 10 14.48 -10.07 -0.82
CA ILE B 10 15.74 -9.36 -0.84
C ILE B 10 16.00 -8.75 0.55
N GLU B 11 15.01 -8.05 1.08
CA GLU B 11 15.13 -7.41 2.37
C GLU B 11 13.77 -7.18 3.01
N GLU B 12 13.63 -7.58 4.27
CA GLU B 12 12.39 -7.39 5.00
C GLU B 12 12.38 -5.97 5.54
N LEU B 13 11.28 -5.27 5.36
CA LEU B 13 11.21 -3.89 5.81
C LEU B 13 10.39 -3.77 7.09
N ILE B 14 9.07 -3.94 6.97
CA ILE B 14 8.18 -3.78 8.11
C ILE B 14 7.21 -4.94 8.24
N VAL B 15 6.96 -5.33 9.48
CA VAL B 15 6.00 -6.40 9.76
C VAL B 15 4.94 -5.84 10.73
N LEU B 16 3.69 -5.89 10.32
CA LEU B 16 2.62 -5.35 11.15
C LEU B 16 2.08 -6.40 12.11
N SER B 17 1.20 -7.27 11.62
CA SER B 17 0.59 -8.34 12.42
C SER B 17 -0.45 -9.07 11.59
N GLU B 18 -1.12 -10.04 12.20
CA GLU B 18 -2.15 -10.79 11.51
C GLU B 18 -3.51 -10.20 11.86
N ASN B 19 -4.51 -10.53 11.08
CA ASN B 19 -5.85 -10.01 11.30
C ASN B 19 -6.80 -11.13 11.73
N ALA B 20 -8.11 -10.87 11.66
CA ALA B 20 -9.10 -11.86 12.05
C ALA B 20 -9.09 -13.03 11.08
N LYS B 21 -8.62 -12.76 9.87
CA LYS B 21 -8.54 -13.77 8.83
C LYS B 21 -7.16 -14.40 8.83
N GLY B 22 -6.32 -13.94 9.74
CA GLY B 22 -4.97 -14.46 9.83
C GLY B 22 -4.04 -13.76 8.86
N TRP B 23 -4.59 -12.82 8.10
CA TRP B 23 -3.81 -12.06 7.11
C TRP B 23 -2.57 -11.42 7.73
N ARG B 24 -1.42 -11.96 7.42
CA ARG B 24 -0.16 -11.44 7.91
C ARG B 24 0.23 -10.24 7.05
N LYS B 25 -0.03 -9.05 7.58
CA LYS B 25 0.27 -7.81 6.87
C LYS B 25 1.73 -7.43 7.03
N GLU B 26 2.47 -7.48 5.93
CA GLU B 26 3.89 -7.14 5.94
C GLU B 26 4.30 -6.33 4.72
N LEU B 27 5.44 -5.69 4.83
CA LEU B 27 6.02 -4.88 3.77
C LEU B 27 7.48 -5.27 3.62
N ASN B 28 7.79 -5.97 2.54
CA ASN B 28 9.15 -6.43 2.30
C ASN B 28 9.55 -6.19 0.85
N ARG B 29 10.84 -6.09 0.61
CA ARG B 29 11.32 -5.88 -0.75
C ARG B 29 11.72 -7.23 -1.34
N VAL B 30 10.99 -7.63 -2.37
CA VAL B 30 11.24 -8.90 -3.03
C VAL B 30 11.52 -8.69 -4.52
N SER B 31 12.11 -9.69 -5.15
CA SER B 31 12.41 -9.60 -6.56
C SER B 31 11.30 -10.25 -7.38
N TRP B 32 10.70 -9.47 -8.27
CA TRP B 32 9.62 -9.95 -9.12
C TRP B 32 10.15 -11.05 -10.04
N ASN B 33 9.71 -12.28 -9.78
CA ASN B 33 10.16 -13.44 -10.55
C ASN B 33 11.66 -13.62 -10.41
N ASP B 34 12.18 -13.14 -9.28
CA ASP B 34 13.60 -13.22 -8.95
C ASP B 34 14.43 -12.35 -9.90
N ALA B 35 13.81 -11.33 -10.47
CA ALA B 35 14.50 -10.44 -11.39
C ALA B 35 14.63 -9.03 -10.83
N GLU B 36 13.55 -8.26 -10.89
CA GLU B 36 13.55 -6.88 -10.42
C GLU B 36 13.21 -6.79 -8.93
N PRO B 37 14.15 -6.30 -8.10
CA PRO B 37 13.90 -6.13 -6.67
C PRO B 37 13.16 -4.84 -6.38
N LYS B 38 11.98 -4.95 -5.79
CA LYS B 38 11.17 -3.77 -5.51
C LYS B 38 10.34 -3.98 -4.25
N TYR B 39 9.91 -2.89 -3.63
CA TYR B 39 9.12 -2.96 -2.41
C TYR B 39 7.67 -3.29 -2.74
N ASP B 40 7.09 -4.23 -2.01
CA ASP B 40 5.70 -4.62 -2.24
C ASP B 40 5.04 -4.95 -0.90
N ILE B 41 3.89 -4.35 -0.62
CA ILE B 41 3.20 -4.59 0.63
C ILE B 41 1.96 -5.48 0.42
N ARG B 42 1.93 -6.60 1.12
CA ARG B 42 0.85 -7.57 0.98
C ARG B 42 0.59 -8.31 2.28
N THR B 43 -0.44 -9.13 2.28
CA THR B 43 -0.79 -9.93 3.43
C THR B 43 -0.85 -11.39 3.01
N TRP B 44 -0.33 -12.28 3.84
CA TRP B 44 -0.33 -13.70 3.51
C TRP B 44 -1.13 -14.50 4.53
N SER B 45 -1.25 -15.80 4.30
CA SER B 45 -2.01 -16.67 5.20
C SER B 45 -1.33 -16.74 6.57
N PRO B 46 -2.12 -16.97 7.63
CA PRO B 46 -1.59 -17.04 9.00
C PRO B 46 -0.48 -18.09 9.14
N ASP B 47 -0.70 -19.24 8.52
CA ASP B 47 0.27 -20.34 8.57
C ASP B 47 1.31 -20.22 7.44
N HIS B 48 1.32 -19.05 6.78
CA HIS B 48 2.25 -18.78 5.69
C HIS B 48 2.18 -19.86 4.61
N GLU B 49 1.00 -20.41 4.41
CA GLU B 49 0.81 -21.47 3.42
C GLU B 49 0.59 -20.89 2.02
N LYS B 50 -0.04 -19.72 1.96
CA LYS B 50 -0.30 -19.06 0.69
C LYS B 50 -0.13 -17.55 0.81
N MET B 51 -0.24 -16.90 -0.33
CA MET B 51 -0.07 -15.46 -0.43
C MET B 51 -1.28 -14.83 -1.11
N GLY B 52 -1.31 -13.49 -1.13
CA GLY B 52 -2.43 -12.78 -1.75
C GLY B 52 -1.98 -11.57 -2.55
N LYS B 53 -2.92 -10.74 -2.95
CA LYS B 53 -2.61 -9.55 -3.73
C LYS B 53 -2.64 -8.28 -2.89
N GLY B 54 -1.75 -7.37 -3.20
CA GLY B 54 -1.67 -6.10 -2.50
C GLY B 54 -1.30 -4.98 -3.44
N ILE B 55 -0.18 -4.31 -3.19
CA ILE B 55 0.26 -3.22 -4.06
C ILE B 55 1.77 -3.09 -4.03
N THR B 56 2.35 -2.78 -5.18
CA THR B 56 3.78 -2.61 -5.31
C THR B 56 4.16 -1.15 -5.20
N LEU B 57 5.22 -0.86 -4.46
CA LEU B 57 5.68 0.51 -4.28
C LEU B 57 7.06 0.68 -4.89
N SER B 58 7.16 1.54 -5.89
CA SER B 58 8.44 1.79 -6.55
C SER B 58 9.30 2.73 -5.71
N GLU B 59 10.57 2.89 -6.11
CA GLU B 59 11.50 3.77 -5.41
C GLU B 59 10.96 5.19 -5.36
N GLU B 60 10.45 5.64 -6.52
CA GLU B 60 9.86 6.97 -6.65
C GLU B 60 8.76 7.18 -5.61
N GLU B 61 7.90 6.18 -5.47
CA GLU B 61 6.78 6.24 -4.54
C GLU B 61 7.26 6.18 -3.11
N PHE B 62 7.93 5.08 -2.78
CA PHE B 62 8.44 4.86 -1.43
C PHE B 62 9.30 6.04 -0.96
N GLY B 63 10.08 6.62 -1.86
CA GLY B 63 10.91 7.74 -1.51
C GLY B 63 10.12 8.94 -1.03
N VAL B 64 9.20 9.42 -1.87
CA VAL B 64 8.37 10.57 -1.51
C VAL B 64 7.43 10.21 -0.37
N LEU B 65 6.89 9.00 -0.43
CA LEU B 65 5.96 8.51 0.58
C LEU B 65 6.60 8.53 1.96
N LEU B 66 7.77 7.91 2.08
CA LEU B 66 8.49 7.86 3.36
C LEU B 66 8.82 9.25 3.87
N LYS B 67 9.40 10.06 3.00
CA LYS B 67 9.79 11.43 3.35
C LYS B 67 8.62 12.20 3.99
N GLU B 68 7.48 12.19 3.31
CA GLU B 68 6.32 12.89 3.81
C GLU B 68 5.73 12.22 5.04
N LEU B 69 5.52 10.91 4.98
CA LEU B 69 4.94 10.16 6.10
C LEU B 69 5.79 10.28 7.36
N GLY B 70 7.11 10.18 7.19
CA GLY B 70 8.00 10.29 8.32
C GLY B 70 7.91 11.66 8.96
N ASN B 71 7.78 12.68 8.12
CA ASN B 71 7.66 14.06 8.58
C ASN B 71 6.30 14.32 9.19
N LYS B 72 5.30 13.54 8.78
CA LYS B 72 3.95 13.69 9.31
C LYS B 72 3.88 13.32 10.78
N LEU B 73 4.76 12.42 11.20
CA LEU B 73 4.78 11.99 12.60
C LEU B 73 5.73 12.85 13.43
N GLU B 74 6.30 13.87 12.79
CA GLU B 74 7.21 14.78 13.50
C GLU B 74 6.38 15.75 14.34
N MET A 1 -15.23 -2.67 -10.72
CA MET A 1 -16.47 -3.50 -10.77
C MET A 1 -17.65 -2.66 -11.22
N ALA A 2 -17.78 -1.47 -10.67
CA ALA A 2 -18.86 -0.57 -11.04
C ALA A 2 -18.29 0.62 -11.79
N ASP A 3 -19.16 1.46 -12.34
CA ASP A 3 -18.69 2.64 -13.06
C ASP A 3 -18.10 3.64 -12.09
N LYS A 4 -18.89 4.02 -11.10
CA LYS A 4 -18.46 4.97 -10.09
C LYS A 4 -18.89 4.53 -8.70
N LEU A 5 -17.95 4.01 -7.93
CA LEU A 5 -18.21 3.57 -6.57
C LEU A 5 -18.40 4.77 -5.65
N LYS A 6 -19.28 4.63 -4.65
CA LYS A 6 -19.54 5.70 -3.71
C LYS A 6 -18.40 5.82 -2.69
N PHE A 7 -17.92 7.03 -2.49
CA PHE A 7 -16.84 7.29 -1.56
C PHE A 7 -16.90 8.74 -1.10
N GLU A 8 -16.15 9.05 -0.05
CA GLU A 8 -16.11 10.40 0.48
C GLU A 8 -14.75 10.63 1.13
N ILE A 9 -14.05 11.67 0.69
CA ILE A 9 -12.75 11.99 1.25
C ILE A 9 -12.90 12.64 2.62
N ILE A 10 -12.51 11.91 3.65
CA ILE A 10 -12.61 12.39 5.01
C ILE A 10 -11.44 13.31 5.34
N GLU A 11 -10.25 12.91 4.91
CA GLU A 11 -9.04 13.68 5.17
C GLU A 11 -7.90 13.22 4.27
N GLU A 12 -7.29 14.17 3.58
CA GLU A 12 -6.15 13.88 2.72
C GLU A 12 -4.92 13.66 3.57
N LEU A 13 -4.13 12.62 3.27
CA LEU A 13 -2.95 12.33 4.05
C LEU A 13 -1.67 12.70 3.30
N ILE A 14 -1.30 11.90 2.31
CA ILE A 14 -0.08 12.14 1.57
C ILE A 14 -0.28 12.05 0.07
N VAL A 15 0.35 12.96 -0.65
CA VAL A 15 0.31 13.00 -2.10
C VAL A 15 1.74 12.91 -2.61
N LEU A 16 2.05 11.88 -3.39
CA LEU A 16 3.41 11.70 -3.88
C LEU A 16 3.63 12.43 -5.21
N SER A 17 3.20 11.80 -6.30
CA SER A 17 3.35 12.37 -7.63
C SER A 17 2.66 11.47 -8.64
N GLU A 18 2.87 11.76 -9.91
CA GLU A 18 2.29 10.96 -10.99
C GLU A 18 3.39 10.11 -11.63
N ASN A 19 3.04 8.88 -11.98
CA ASN A 19 3.98 7.97 -12.61
C ASN A 19 4.10 8.32 -14.11
N ALA A 20 4.78 7.46 -14.88
CA ALA A 20 4.94 7.71 -16.31
C ALA A 20 3.60 7.68 -17.02
N LYS A 21 2.67 6.95 -16.43
CA LYS A 21 1.34 6.79 -16.99
C LYS A 21 0.40 7.86 -16.44
N GLY A 22 0.94 8.77 -15.66
CA GLY A 22 0.13 9.81 -15.06
C GLY A 22 -0.55 9.30 -13.82
N TRP A 23 -0.17 8.10 -13.40
CA TRP A 23 -0.74 7.48 -12.20
C TRP A 23 -0.42 8.29 -10.95
N ARG A 24 -1.39 9.05 -10.50
CA ARG A 24 -1.25 9.86 -9.31
C ARG A 24 -1.46 9.00 -8.06
N LYS A 25 -0.38 8.64 -7.40
CA LYS A 25 -0.47 7.81 -6.20
C LYS A 25 -0.69 8.70 -4.97
N GLU A 26 -1.87 8.57 -4.37
CA GLU A 26 -2.20 9.35 -3.19
C GLU A 26 -2.73 8.47 -2.08
N LEU A 27 -2.44 8.88 -0.86
CA LEU A 27 -2.89 8.19 0.33
C LEU A 27 -3.84 9.11 1.06
N ASN A 28 -5.12 8.79 1.02
CA ASN A 28 -6.12 9.63 1.65
C ASN A 28 -7.10 8.81 2.48
N ARG A 29 -7.68 9.43 3.49
CA ARG A 29 -8.66 8.77 4.33
C ARG A 29 -10.03 8.94 3.69
N VAL A 30 -10.63 7.84 3.26
CA VAL A 30 -11.95 7.91 2.63
C VAL A 30 -12.91 6.93 3.28
N SER A 31 -14.20 7.18 3.12
CA SER A 31 -15.21 6.31 3.68
C SER A 31 -15.72 5.33 2.63
N TRP A 32 -15.65 4.05 2.95
CA TRP A 32 -16.11 3.01 2.05
C TRP A 32 -17.61 3.13 1.85
N ASN A 33 -17.99 3.56 0.65
CA ASN A 33 -19.40 3.77 0.30
C ASN A 33 -20.04 4.79 1.22
N ASP A 34 -19.20 5.71 1.71
CA ASP A 34 -19.63 6.79 2.60
C ASP A 34 -20.08 6.24 3.95
N ALA A 35 -19.68 5.00 4.25
CA ALA A 35 -20.06 4.38 5.51
C ALA A 35 -18.90 4.39 6.52
N GLU A 36 -17.96 3.47 6.36
CA GLU A 36 -16.83 3.36 7.27
C GLU A 36 -15.60 4.07 6.73
N PRO A 37 -15.03 5.00 7.51
CA PRO A 37 -13.83 5.74 7.12
C PRO A 37 -12.55 4.97 7.44
N LYS A 38 -11.75 4.71 6.42
CA LYS A 38 -10.52 3.95 6.61
C LYS A 38 -9.44 4.51 5.67
N TYR A 39 -8.19 4.13 5.89
CA TYR A 39 -7.08 4.61 5.05
C TYR A 39 -6.89 3.70 3.85
N ASP A 40 -6.75 4.31 2.67
CA ASP A 40 -6.56 3.53 1.45
C ASP A 40 -5.65 4.29 0.48
N ILE A 41 -4.63 3.63 -0.03
CA ILE A 41 -3.71 4.26 -0.96
C ILE A 41 -4.01 3.77 -2.38
N ARG A 42 -4.29 4.69 -3.30
CA ARG A 42 -4.64 4.31 -4.66
C ARG A 42 -4.07 5.26 -5.70
N THR A 43 -4.39 4.96 -6.96
CA THR A 43 -3.92 5.75 -8.09
C THR A 43 -5.07 6.47 -8.79
N TRP A 44 -4.78 7.68 -9.24
CA TRP A 44 -5.73 8.49 -9.96
C TRP A 44 -5.13 8.89 -11.31
N SER A 45 -5.95 9.34 -12.22
CA SER A 45 -5.48 9.77 -13.53
C SER A 45 -4.85 11.15 -13.43
N PRO A 46 -3.98 11.54 -14.39
CA PRO A 46 -3.32 12.85 -14.38
C PRO A 46 -4.33 14.00 -14.43
N ASP A 47 -5.54 13.70 -14.90
CA ASP A 47 -6.59 14.70 -15.00
C ASP A 47 -7.65 14.47 -13.92
N HIS A 48 -7.40 13.44 -13.09
CA HIS A 48 -8.31 13.06 -12.00
C HIS A 48 -9.73 12.80 -12.51
N GLU A 49 -9.83 12.20 -13.69
CA GLU A 49 -11.13 11.87 -14.29
C GLU A 49 -11.56 10.48 -13.86
N LYS A 50 -10.60 9.56 -13.82
CA LYS A 50 -10.83 8.18 -13.43
C LYS A 50 -9.77 7.72 -12.45
N MET A 51 -9.94 6.52 -11.93
CA MET A 51 -9.03 5.97 -10.93
C MET A 51 -8.93 4.45 -11.08
N GLY A 52 -8.02 3.84 -10.32
CA GLY A 52 -7.83 2.41 -10.37
C GLY A 52 -7.87 1.77 -9.00
N LYS A 53 -7.37 0.55 -8.88
CA LYS A 53 -7.36 -0.16 -7.60
C LYS A 53 -6.00 -0.05 -6.90
N GLY A 54 -6.03 -0.12 -5.58
CA GLY A 54 -4.82 -0.04 -4.78
C GLY A 54 -4.87 -1.00 -3.61
N ILE A 55 -4.72 -0.48 -2.40
CA ILE A 55 -4.77 -1.31 -1.20
C ILE A 55 -5.27 -0.52 0.00
N THR A 56 -6.08 -1.18 0.82
CA THR A 56 -6.64 -0.55 2.01
C THR A 56 -5.86 -0.95 3.26
N LEU A 57 -5.73 -0.01 4.19
CA LEU A 57 -5.02 -0.26 5.43
C LEU A 57 -5.91 0.09 6.62
N SER A 58 -6.03 -0.84 7.55
CA SER A 58 -6.85 -0.65 8.74
C SER A 58 -6.12 0.25 9.73
N GLU A 59 -6.86 0.79 10.69
CA GLU A 59 -6.28 1.68 11.70
C GLU A 59 -5.11 1.03 12.44
N GLU A 60 -5.32 -0.20 12.90
CA GLU A 60 -4.27 -0.93 13.63
C GLU A 60 -3.04 -1.16 12.73
N GLU A 61 -3.28 -1.63 11.52
CA GLU A 61 -2.23 -1.90 10.55
C GLU A 61 -1.46 -0.62 10.22
N PHE A 62 -2.20 0.45 9.97
CA PHE A 62 -1.62 1.75 9.64
C PHE A 62 -0.72 2.27 10.77
N GLY A 63 -1.22 2.16 11.99
CA GLY A 63 -0.47 2.64 13.15
C GLY A 63 0.88 1.96 13.28
N VAL A 64 0.89 0.63 13.26
CA VAL A 64 2.12 -0.15 13.37
C VAL A 64 3.06 0.17 12.21
N LEU A 65 2.47 0.25 11.02
CA LEU A 65 3.22 0.53 9.80
C LEU A 65 3.96 1.86 9.92
N LEU A 66 3.23 2.92 10.23
CA LEU A 66 3.83 4.25 10.36
C LEU A 66 4.84 4.29 11.49
N LYS A 67 4.49 3.70 12.63
CA LYS A 67 5.35 3.68 13.79
C LYS A 67 6.74 3.15 13.45
N GLU A 68 6.77 2.01 12.80
CA GLU A 68 8.03 1.37 12.41
C GLU A 68 8.71 2.14 11.28
N LEU A 69 7.95 2.53 10.26
CA LEU A 69 8.51 3.25 9.12
C LEU A 69 9.15 4.56 9.57
N GLY A 70 8.47 5.27 10.45
CA GLY A 70 8.99 6.52 10.96
C GLY A 70 10.29 6.30 11.72
N ASN A 71 10.33 5.20 12.47
CA ASN A 71 11.51 4.83 13.24
C ASN A 71 12.65 4.41 12.32
N LYS A 72 12.29 3.87 11.15
CA LYS A 72 13.29 3.44 10.17
C LYS A 72 14.03 4.63 9.57
N LEU A 73 13.36 5.77 9.49
CA LEU A 73 13.97 6.98 8.93
C LEU A 73 14.73 7.74 10.00
N GLU A 74 14.54 7.36 11.26
CA GLU A 74 15.22 8.01 12.36
C GLU A 74 16.72 7.76 12.31
N MET B 1 -2.42 -14.80 -11.27
CA MET B 1 -2.39 -15.21 -12.68
C MET B 1 -1.76 -16.59 -12.81
N ALA B 2 -0.58 -16.77 -12.23
CA ALA B 2 0.11 -18.05 -12.29
C ALA B 2 -0.03 -18.77 -10.95
N ASP B 3 0.47 -19.99 -10.88
CA ASP B 3 0.40 -20.76 -9.65
C ASP B 3 1.41 -20.23 -8.64
N LYS B 4 2.66 -20.16 -9.05
CA LYS B 4 3.72 -19.65 -8.20
C LYS B 4 4.64 -18.73 -8.98
N LEU B 5 4.48 -17.43 -8.75
CA LEU B 5 5.30 -16.43 -9.41
C LEU B 5 6.71 -16.43 -8.82
N LYS B 6 7.70 -16.18 -9.67
CA LYS B 6 9.09 -16.16 -9.23
C LYS B 6 9.38 -14.85 -8.48
N PHE B 7 9.96 -14.98 -7.30
CA PHE B 7 10.30 -13.83 -6.48
C PHE B 7 11.45 -14.17 -5.55
N GLU B 8 12.06 -13.15 -4.97
CA GLU B 8 13.16 -13.34 -4.04
C GLU B 8 13.17 -12.21 -3.02
N ILE B 9 13.13 -12.57 -1.75
CA ILE B 9 13.14 -11.57 -0.68
C ILE B 9 14.54 -11.02 -0.50
N ILE B 10 14.71 -9.75 -0.87
CA ILE B 10 15.99 -9.08 -0.75
C ILE B 10 16.21 -8.60 0.69
N GLU B 11 15.14 -8.07 1.28
CA GLU B 11 15.21 -7.56 2.64
C GLU B 11 13.82 -7.35 3.22
N GLU B 12 13.58 -7.90 4.40
CA GLU B 12 12.31 -7.74 5.07
C GLU B 12 12.25 -6.34 5.66
N LEU B 13 11.10 -5.67 5.55
CA LEU B 13 11.00 -4.32 6.08
C LEU B 13 10.12 -4.27 7.33
N ILE B 14 8.82 -4.40 7.12
CA ILE B 14 7.87 -4.30 8.23
C ILE B 14 6.87 -5.46 8.22
N VAL B 15 6.58 -5.97 9.41
CA VAL B 15 5.61 -7.03 9.57
C VAL B 15 4.56 -6.57 10.58
N LEU B 16 3.31 -6.45 10.13
CA LEU B 16 2.25 -5.95 11.00
C LEU B 16 1.63 -7.08 11.83
N SER B 17 0.72 -7.84 11.23
CA SER B 17 0.05 -8.94 11.90
C SER B 17 -0.91 -9.62 10.93
N GLU B 18 -1.73 -10.53 11.44
CA GLU B 18 -2.71 -11.23 10.62
C GLU B 18 -4.09 -10.67 10.87
N ASN B 19 -4.88 -10.58 9.81
CA ASN B 19 -6.24 -10.09 9.91
C ASN B 19 -7.17 -11.20 10.42
N ALA B 20 -8.48 -10.97 10.40
CA ALA B 20 -9.44 -11.96 10.87
C ALA B 20 -9.44 -13.20 9.97
N LYS B 21 -8.92 -13.02 8.77
CA LYS B 21 -8.86 -14.10 7.79
C LYS B 21 -7.47 -14.73 7.80
N GLY B 22 -6.63 -14.27 8.72
CA GLY B 22 -5.29 -14.80 8.80
C GLY B 22 -4.38 -14.09 7.82
N TRP B 23 -4.90 -13.06 7.17
CA TRP B 23 -4.15 -12.27 6.20
C TRP B 23 -2.95 -11.58 6.84
N ARG B 24 -1.78 -12.16 6.62
CA ARG B 24 -0.55 -11.60 7.15
C ARG B 24 -0.05 -10.47 6.25
N LYS B 25 -0.28 -9.23 6.68
CA LYS B 25 0.16 -8.08 5.90
C LYS B 25 1.61 -7.74 6.21
N GLU B 26 2.47 -7.91 5.23
CA GLU B 26 3.89 -7.63 5.40
C GLU B 26 4.41 -6.76 4.27
N LEU B 27 5.38 -5.93 4.61
CA LEU B 27 6.03 -5.06 3.66
C LEU B 27 7.47 -5.48 3.55
N ASN B 28 7.83 -6.09 2.44
CA ASN B 28 9.19 -6.58 2.26
C ASN B 28 9.73 -6.19 0.89
N ARG B 29 11.04 -6.09 0.78
CA ARG B 29 11.69 -5.76 -0.48
C ARG B 29 11.93 -7.05 -1.23
N VAL B 30 11.28 -7.23 -2.37
CA VAL B 30 11.44 -8.43 -3.16
C VAL B 30 11.78 -8.09 -4.61
N SER B 31 12.39 -9.03 -5.30
CA SER B 31 12.75 -8.83 -6.69
C SER B 31 11.69 -9.41 -7.61
N TRP B 32 11.17 -8.56 -8.50
CA TRP B 32 10.14 -8.97 -9.45
C TRP B 32 10.72 -10.02 -10.40
N ASN B 33 10.26 -11.26 -10.21
CA ASN B 33 10.74 -12.39 -11.01
C ASN B 33 12.24 -12.56 -10.84
N ASP B 34 12.72 -12.18 -9.65
CA ASP B 34 14.13 -12.28 -9.29
C ASP B 34 15.00 -11.33 -10.12
N ALA B 35 14.37 -10.37 -10.78
CA ALA B 35 15.09 -9.42 -11.60
C ALA B 35 15.30 -8.08 -10.89
N GLU B 36 14.29 -7.23 -10.92
CA GLU B 36 14.36 -5.91 -10.30
C GLU B 36 13.82 -5.90 -8.88
N PRO B 37 14.63 -5.45 -7.91
CA PRO B 37 14.23 -5.37 -6.51
C PRO B 37 13.45 -4.09 -6.21
N LYS B 38 12.24 -4.25 -5.68
CA LYS B 38 11.40 -3.12 -5.35
C LYS B 38 10.57 -3.42 -4.09
N TYR B 39 10.01 -2.38 -3.49
CA TYR B 39 9.20 -2.54 -2.29
C TYR B 39 7.75 -2.85 -2.66
N ASP B 40 7.19 -3.89 -2.04
CA ASP B 40 5.81 -4.27 -2.32
C ASP B 40 5.16 -4.78 -1.03
N ILE B 41 3.97 -4.28 -0.72
CA ILE B 41 3.27 -4.70 0.48
C ILE B 41 2.11 -5.63 0.09
N ARG B 42 2.12 -6.84 0.64
CA ARG B 42 1.09 -7.82 0.30
C ARG B 42 0.66 -8.65 1.50
N THR B 43 -0.24 -9.58 1.23
CA THR B 43 -0.80 -10.45 2.25
C THR B 43 -0.40 -11.90 2.05
N TRP B 44 -0.16 -12.58 3.15
CA TRP B 44 0.18 -14.00 3.13
C TRP B 44 -0.82 -14.76 4.00
N SER B 45 -0.83 -16.07 3.87
CA SER B 45 -1.74 -16.89 4.67
C SER B 45 -1.17 -17.08 6.07
N PRO B 46 -2.03 -17.43 7.06
CA PRO B 46 -1.58 -17.64 8.44
C PRO B 46 -0.50 -18.71 8.55
N ASP B 47 -0.48 -19.63 7.60
CA ASP B 47 0.51 -20.71 7.58
C ASP B 47 1.59 -20.43 6.53
N HIS B 48 1.45 -19.29 5.84
CA HIS B 48 2.38 -18.86 4.80
C HIS B 48 2.48 -19.89 3.67
N GLU B 49 1.36 -20.51 3.33
CA GLU B 49 1.33 -21.50 2.27
C GLU B 49 1.04 -20.84 0.92
N LYS B 50 0.15 -19.85 0.95
CA LYS B 50 -0.21 -19.12 -0.25
C LYS B 50 -0.25 -17.62 0.05
N MET B 51 -0.46 -16.83 -0.99
CA MET B 51 -0.47 -15.38 -0.87
C MET B 51 -1.46 -14.76 -1.85
N GLY B 52 -1.66 -13.45 -1.74
CA GLY B 52 -2.58 -12.74 -2.62
C GLY B 52 -1.94 -11.52 -3.25
N LYS B 53 -2.76 -10.62 -3.78
CA LYS B 53 -2.24 -9.40 -4.41
C LYS B 53 -2.26 -8.21 -3.45
N GLY B 54 -1.36 -7.26 -3.71
CA GLY B 54 -1.27 -6.06 -2.89
C GLY B 54 -0.96 -4.84 -3.74
N ILE B 55 0.13 -4.15 -3.43
CA ILE B 55 0.51 -2.96 -4.19
C ILE B 55 2.02 -2.74 -4.14
N THR B 56 2.58 -2.34 -5.27
CA THR B 56 4.01 -2.10 -5.37
C THR B 56 4.32 -0.61 -5.26
N LEU B 57 5.42 -0.28 -4.59
CA LEU B 57 5.84 1.10 -4.42
C LEU B 57 7.26 1.29 -4.91
N SER B 58 7.45 2.24 -5.80
CA SER B 58 8.76 2.53 -6.37
C SER B 58 9.64 3.23 -5.34
N GLU B 59 10.94 3.26 -5.58
CA GLU B 59 11.89 3.88 -4.66
C GLU B 59 11.56 5.35 -4.42
N GLU B 60 11.25 6.08 -5.48
CA GLU B 60 10.92 7.50 -5.36
C GLU B 60 9.62 7.68 -4.58
N GLU B 61 8.62 6.86 -4.90
CA GLU B 61 7.33 6.92 -4.24
C GLU B 61 7.46 6.57 -2.76
N PHE B 62 8.16 5.48 -2.49
CA PHE B 62 8.40 5.00 -1.14
C PHE B 62 9.12 6.05 -0.30
N GLY B 63 10.09 6.72 -0.93
CA GLY B 63 10.86 7.76 -0.24
C GLY B 63 9.99 8.90 0.24
N VAL B 64 9.20 9.47 -0.67
CA VAL B 64 8.32 10.58 -0.33
C VAL B 64 7.29 10.14 0.70
N LEU B 65 6.75 8.94 0.49
CA LEU B 65 5.75 8.38 1.38
C LEU B 65 6.27 8.29 2.81
N LEU B 66 7.42 7.63 2.98
CA LEU B 66 8.01 7.47 4.30
C LEU B 66 8.35 8.81 4.92
N LYS B 67 9.02 9.67 4.14
CA LYS B 67 9.42 10.98 4.60
C LYS B 67 8.26 11.75 5.22
N GLU B 68 7.17 11.86 4.50
CA GLU B 68 6.00 12.58 4.97
C GLU B 68 5.31 11.86 6.12
N LEU B 69 5.12 10.55 5.98
CA LEU B 69 4.45 9.76 7.02
C LEU B 69 5.23 9.81 8.33
N GLY B 70 6.54 9.70 8.24
CA GLY B 70 7.37 9.75 9.43
C GLY B 70 7.24 11.10 10.11
N ASN B 71 7.15 12.15 9.29
CA ASN B 71 7.01 13.52 9.77
C ASN B 71 5.62 13.72 10.37
N LYS B 72 4.63 13.00 9.87
CA LYS B 72 3.26 13.10 10.36
C LYS B 72 3.15 12.62 11.81
N LEU B 73 3.98 11.65 12.17
CA LEU B 73 3.96 11.10 13.53
C LEU B 73 4.90 11.86 14.46
N GLU B 74 5.64 12.83 13.92
CA GLU B 74 6.57 13.61 14.72
C GLU B 74 5.79 14.49 15.68
N MET A 1 -14.78 -2.25 -11.08
CA MET A 1 -15.96 -3.09 -11.37
C MET A 1 -17.08 -2.25 -11.98
N ALA A 2 -17.48 -1.22 -11.27
CA ALA A 2 -18.52 -0.33 -11.77
C ALA A 2 -17.89 0.84 -12.51
N ASP A 3 -18.70 1.62 -13.21
CA ASP A 3 -18.19 2.77 -13.94
C ASP A 3 -17.68 3.82 -12.97
N LYS A 4 -18.48 4.12 -11.96
CA LYS A 4 -18.11 5.08 -10.94
C LYS A 4 -18.49 4.57 -9.56
N LEU A 5 -17.49 4.30 -8.74
CA LEU A 5 -17.73 3.83 -7.38
C LEU A 5 -17.96 5.03 -6.46
N LYS A 6 -18.86 4.89 -5.51
CA LYS A 6 -19.15 5.97 -4.58
C LYS A 6 -18.08 6.06 -3.51
N PHE A 7 -17.58 7.27 -3.28
CA PHE A 7 -16.55 7.52 -2.29
C PHE A 7 -16.67 8.94 -1.77
N GLU A 8 -15.90 9.25 -0.72
CA GLU A 8 -15.91 10.58 -0.13
C GLU A 8 -14.56 10.86 0.50
N ILE A 9 -13.91 11.93 0.05
CA ILE A 9 -12.60 12.30 0.58
C ILE A 9 -12.77 13.03 1.91
N ILE A 10 -12.44 12.33 2.99
CA ILE A 10 -12.53 12.91 4.33
C ILE A 10 -11.39 13.87 4.57
N GLU A 11 -10.16 13.40 4.33
CA GLU A 11 -8.98 14.20 4.52
C GLU A 11 -7.80 13.59 3.78
N GLU A 12 -7.09 14.40 3.00
CA GLU A 12 -5.93 13.92 2.26
C GLU A 12 -4.76 13.74 3.21
N LEU A 13 -3.95 12.73 2.97
CA LEU A 13 -2.81 12.46 3.84
C LEU A 13 -1.49 12.77 3.15
N ILE A 14 -1.07 11.91 2.24
CA ILE A 14 0.21 12.08 1.56
C ILE A 14 0.09 12.00 0.05
N VAL A 15 0.85 12.85 -0.63
CA VAL A 15 0.88 12.89 -2.08
C VAL A 15 2.33 12.73 -2.52
N LEU A 16 2.61 11.72 -3.35
CA LEU A 16 3.97 11.49 -3.79
C LEU A 16 4.27 12.21 -5.10
N SER A 17 3.82 11.61 -6.20
CA SER A 17 4.03 12.16 -7.53
C SER A 17 3.41 11.23 -8.56
N GLU A 18 3.75 11.44 -9.83
CA GLU A 18 3.24 10.61 -10.91
C GLU A 18 4.35 9.73 -11.48
N ASN A 19 4.00 8.52 -11.89
CA ASN A 19 4.96 7.60 -12.48
C ASN A 19 5.13 7.94 -13.96
N ALA A 20 5.87 7.12 -14.69
CA ALA A 20 6.08 7.36 -16.12
C ALA A 20 4.76 7.23 -16.88
N LYS A 21 3.82 6.51 -16.28
CA LYS A 21 2.51 6.29 -16.87
C LYS A 21 1.55 7.40 -16.49
N GLY A 22 2.03 8.33 -15.67
CA GLY A 22 1.19 9.41 -15.20
C GLY A 22 0.43 9.02 -13.96
N TRP A 23 0.71 7.82 -13.46
CA TRP A 23 0.06 7.31 -12.25
C TRP A 23 0.37 8.18 -11.04
N ARG A 24 -0.60 8.96 -10.62
CA ARG A 24 -0.46 9.82 -9.46
C ARG A 24 -0.79 9.03 -8.20
N LYS A 25 0.25 8.59 -7.50
CA LYS A 25 0.08 7.81 -6.28
C LYS A 25 -0.16 8.73 -5.10
N GLU A 26 -1.34 8.61 -4.52
CA GLU A 26 -1.74 9.42 -3.38
C GLU A 26 -2.39 8.57 -2.29
N LEU A 27 -2.18 8.97 -1.06
CA LEU A 27 -2.74 8.28 0.09
C LEU A 27 -3.69 9.23 0.81
N ASN A 28 -4.98 8.92 0.77
CA ASN A 28 -5.97 9.77 1.41
C ASN A 28 -6.93 8.97 2.27
N ARG A 29 -7.64 9.67 3.13
CA ARG A 29 -8.63 9.05 4.00
C ARG A 29 -10.00 9.25 3.37
N VAL A 30 -10.63 8.18 2.95
CA VAL A 30 -11.94 8.27 2.32
C VAL A 30 -12.93 7.28 2.92
N SER A 31 -14.21 7.56 2.74
CA SER A 31 -15.24 6.69 3.24
C SER A 31 -15.72 5.74 2.14
N TRP A 32 -15.67 4.45 2.43
CA TRP A 32 -16.09 3.43 1.48
C TRP A 32 -17.57 3.56 1.17
N ASN A 33 -17.86 4.01 -0.05
CA ASN A 33 -19.23 4.21 -0.51
C ASN A 33 -19.96 5.20 0.41
N ASP A 34 -19.18 6.14 0.94
CA ASP A 34 -19.70 7.18 1.84
C ASP A 34 -20.19 6.59 3.16
N ALA A 35 -19.68 5.41 3.51
CA ALA A 35 -20.08 4.77 4.75
C ALA A 35 -18.98 4.84 5.80
N GLU A 36 -18.07 3.86 5.80
CA GLU A 36 -17.00 3.81 6.78
C GLU A 36 -15.72 4.43 6.26
N PRO A 37 -15.17 5.42 6.99
CA PRO A 37 -13.92 6.09 6.61
C PRO A 37 -12.70 5.24 6.93
N LYS A 38 -11.84 5.05 5.95
CA LYS A 38 -10.64 4.25 6.14
C LYS A 38 -9.51 4.79 5.26
N TYR A 39 -8.29 4.30 5.46
CA TYR A 39 -7.15 4.75 4.68
C TYR A 39 -6.92 3.82 3.51
N ASP A 40 -6.75 4.39 2.32
CA ASP A 40 -6.53 3.59 1.12
C ASP A 40 -5.53 4.31 0.22
N ILE A 41 -4.52 3.58 -0.26
CA ILE A 41 -3.51 4.18 -1.12
C ILE A 41 -3.69 3.69 -2.57
N ARG A 42 -3.85 4.63 -3.48
CA ARG A 42 -4.08 4.29 -4.89
C ARG A 42 -3.43 5.32 -5.80
N THR A 43 -3.52 5.09 -7.10
CA THR A 43 -2.97 5.99 -8.07
C THR A 43 -4.06 6.41 -9.05
N TRP A 44 -4.01 7.67 -9.47
CA TRP A 44 -5.00 8.20 -10.40
C TRP A 44 -4.33 8.64 -11.69
N SER A 45 -5.14 8.98 -12.68
CA SER A 45 -4.62 9.44 -13.97
C SER A 45 -3.90 10.77 -13.77
N PRO A 46 -2.98 11.14 -14.68
CA PRO A 46 -2.22 12.41 -14.58
C PRO A 46 -3.14 13.62 -14.49
N ASP A 47 -4.31 13.52 -15.12
CA ASP A 47 -5.28 14.62 -15.12
C ASP A 47 -6.34 14.40 -14.04
N HIS A 48 -6.17 13.31 -13.28
CA HIS A 48 -7.11 12.93 -12.21
C HIS A 48 -8.52 12.72 -12.77
N GLU A 49 -8.59 12.34 -14.05
CA GLU A 49 -9.87 12.11 -14.71
C GLU A 49 -10.44 10.75 -14.32
N LYS A 50 -9.56 9.77 -14.17
CA LYS A 50 -9.96 8.43 -13.80
C LYS A 50 -9.07 7.88 -12.71
N MET A 51 -9.42 6.72 -12.22
CA MET A 51 -8.71 6.08 -11.12
C MET A 51 -8.53 4.58 -11.38
N GLY A 52 -7.77 3.93 -10.51
CA GLY A 52 -7.54 2.51 -10.63
C GLY A 52 -7.54 1.80 -9.29
N LYS A 53 -7.01 0.59 -9.23
CA LYS A 53 -7.00 -0.16 -7.98
C LYS A 53 -5.68 0.01 -7.22
N GLY A 54 -5.77 -0.20 -5.91
CA GLY A 54 -4.61 -0.09 -5.03
C GLY A 54 -4.75 -1.01 -3.84
N ILE A 55 -4.60 -0.48 -2.63
CA ILE A 55 -4.74 -1.30 -1.43
C ILE A 55 -5.29 -0.49 -0.26
N THR A 56 -6.13 -1.14 0.54
CA THR A 56 -6.73 -0.50 1.70
C THR A 56 -6.02 -0.93 2.98
N LEU A 57 -5.86 0.01 3.90
CA LEU A 57 -5.20 -0.26 5.18
C LEU A 57 -6.14 0.08 6.33
N SER A 58 -6.31 -0.86 7.25
CA SER A 58 -7.17 -0.65 8.40
C SER A 58 -6.49 0.30 9.40
N GLU A 59 -7.27 0.83 10.34
CA GLU A 59 -6.73 1.76 11.33
C GLU A 59 -5.65 1.13 12.17
N GLU A 60 -5.91 -0.08 12.67
CA GLU A 60 -4.94 -0.80 13.49
C GLU A 60 -3.65 -1.06 12.70
N GLU A 61 -3.84 -1.44 11.43
CA GLU A 61 -2.74 -1.72 10.53
C GLU A 61 -1.92 -0.46 10.28
N PHE A 62 -2.62 0.61 9.95
CA PHE A 62 -1.99 1.90 9.68
C PHE A 62 -1.18 2.39 10.86
N GLY A 63 -1.75 2.27 12.07
CA GLY A 63 -1.07 2.71 13.26
C GLY A 63 0.26 2.00 13.47
N VAL A 64 0.24 0.67 13.41
CA VAL A 64 1.45 -0.13 13.58
C VAL A 64 2.43 0.17 12.45
N LEU A 65 1.92 0.22 11.21
CA LEU A 65 2.74 0.49 10.05
C LEU A 65 3.48 1.81 10.19
N LEU A 66 2.75 2.88 10.51
CA LEU A 66 3.37 4.19 10.67
C LEU A 66 4.38 4.20 11.80
N LYS A 67 3.99 3.61 12.93
CA LYS A 67 4.85 3.55 14.10
C LYS A 67 6.20 2.96 13.75
N GLU A 68 6.17 1.81 13.11
CA GLU A 68 7.39 1.11 12.72
C GLU A 68 8.15 1.91 11.66
N LEU A 69 7.47 2.28 10.59
CA LEU A 69 8.09 3.02 9.48
C LEU A 69 8.75 4.31 9.96
N GLY A 70 8.02 5.09 10.75
CA GLY A 70 8.58 6.34 11.25
C GLY A 70 9.81 6.10 12.09
N ASN A 71 9.76 5.03 12.88
CA ASN A 71 10.87 4.66 13.76
C ASN A 71 12.05 4.12 12.95
N LYS A 72 11.78 3.67 11.72
CA LYS A 72 12.82 3.14 10.85
C LYS A 72 13.64 4.25 10.23
N LEU A 73 13.04 5.43 10.09
CA LEU A 73 13.74 6.57 9.51
C LEU A 73 14.58 7.29 10.54
N GLU A 74 14.28 7.06 11.81
CA GLU A 74 15.01 7.70 12.90
C GLU A 74 16.44 7.20 12.96
N MET B 1 -1.82 -14.65 -11.30
CA MET B 1 -1.97 -15.13 -12.70
C MET B 1 -1.40 -16.53 -12.83
N ALA B 2 -0.17 -16.70 -12.37
CA ALA B 2 0.47 -18.01 -12.43
C ALA B 2 0.23 -18.75 -11.13
N ASP B 3 0.55 -20.04 -11.12
CA ASP B 3 0.37 -20.84 -9.92
C ASP B 3 1.35 -20.40 -8.84
N LYS B 4 2.61 -20.23 -9.24
CA LYS B 4 3.66 -19.79 -8.34
C LYS B 4 4.55 -18.75 -9.01
N LEU B 5 4.42 -17.50 -8.60
CA LEU B 5 5.25 -16.44 -9.17
C LEU B 5 6.62 -16.46 -8.52
N LYS B 6 7.65 -16.22 -9.31
CA LYS B 6 9.02 -16.22 -8.82
C LYS B 6 9.32 -14.93 -8.06
N PHE B 7 9.86 -15.08 -6.86
CA PHE B 7 10.21 -13.94 -6.02
C PHE B 7 11.38 -14.31 -5.13
N GLU B 8 11.90 -13.33 -4.41
CA GLU B 8 13.01 -13.55 -3.50
C GLU B 8 12.98 -12.50 -2.41
N ILE B 9 12.92 -12.96 -1.16
CA ILE B 9 12.89 -12.06 -0.02
C ILE B 9 14.29 -11.52 0.28
N ILE B 10 14.50 -10.25 0.00
CA ILE B 10 15.78 -9.60 0.24
C ILE B 10 15.91 -9.24 1.71
N GLU B 11 14.86 -8.64 2.26
CA GLU B 11 14.85 -8.23 3.65
C GLU B 11 13.44 -7.84 4.07
N GLU B 12 12.98 -8.38 5.19
CA GLU B 12 11.66 -8.07 5.70
C GLU B 12 11.67 -6.68 6.32
N LEU B 13 10.57 -5.97 6.19
CA LEU B 13 10.49 -4.62 6.73
C LEU B 13 9.53 -4.54 7.91
N ILE B 14 8.24 -4.56 7.62
CA ILE B 14 7.22 -4.42 8.66
C ILE B 14 6.21 -5.55 8.62
N VAL B 15 5.82 -6.01 9.80
CA VAL B 15 4.81 -7.06 9.94
C VAL B 15 3.71 -6.54 10.86
N LEU B 16 2.48 -6.51 10.38
CA LEU B 16 1.38 -6.00 11.20
C LEU B 16 0.70 -7.10 12.00
N SER B 17 -0.20 -7.84 11.34
CA SER B 17 -0.97 -8.92 11.97
C SER B 17 -1.88 -9.55 10.92
N GLU B 18 -2.81 -10.38 11.36
CA GLU B 18 -3.75 -11.02 10.46
C GLU B 18 -5.15 -10.42 10.62
N ASN B 19 -5.91 -10.37 9.54
CA ASN B 19 -7.27 -9.84 9.58
C ASN B 19 -8.23 -10.93 10.01
N ALA B 20 -9.53 -10.66 9.95
CA ALA B 20 -10.53 -11.66 10.35
C ALA B 20 -10.52 -12.85 9.39
N LYS B 21 -9.98 -12.61 8.21
CA LYS B 21 -9.87 -13.62 7.18
C LYS B 21 -8.55 -14.37 7.31
N GLY B 22 -7.73 -13.95 8.26
CA GLY B 22 -6.44 -14.58 8.43
C GLY B 22 -5.39 -13.93 7.55
N TRP B 23 -5.80 -12.87 6.85
CA TRP B 23 -4.91 -12.14 5.95
C TRP B 23 -3.74 -11.51 6.72
N ARG B 24 -2.57 -12.10 6.57
CA ARG B 24 -1.36 -11.60 7.22
C ARG B 24 -0.75 -10.50 6.37
N LYS B 25 -0.99 -9.26 6.74
CA LYS B 25 -0.46 -8.13 5.99
C LYS B 25 0.99 -7.84 6.41
N GLU B 26 1.91 -8.02 5.45
CA GLU B 26 3.32 -7.79 5.71
C GLU B 26 3.95 -6.96 4.59
N LEU B 27 4.91 -6.15 4.96
CA LEU B 27 5.64 -5.30 4.01
C LEU B 27 7.08 -5.73 3.98
N ASN B 28 7.51 -6.29 2.85
CA ASN B 28 8.88 -6.79 2.74
C ASN B 28 9.52 -6.33 1.45
N ARG B 29 10.85 -6.39 1.41
CA ARG B 29 11.62 -6.03 0.24
C ARG B 29 11.94 -7.30 -0.53
N VAL B 30 11.39 -7.43 -1.73
CA VAL B 30 11.61 -8.62 -2.54
C VAL B 30 12.00 -8.25 -3.97
N SER B 31 12.65 -9.18 -4.65
CA SER B 31 13.06 -8.96 -6.02
C SER B 31 12.02 -9.54 -6.97
N TRP B 32 11.53 -8.70 -7.87
CA TRP B 32 10.52 -9.11 -8.84
C TRP B 32 11.07 -10.18 -9.76
N ASN B 33 10.58 -11.40 -9.59
CA ASN B 33 11.02 -12.54 -10.39
C ASN B 33 12.52 -12.75 -10.22
N ASP B 34 13.01 -12.43 -9.01
CA ASP B 34 14.42 -12.58 -8.65
C ASP B 34 15.30 -11.59 -9.43
N ALA B 35 14.69 -10.56 -10.00
CA ALA B 35 15.44 -9.58 -10.77
C ALA B 35 15.66 -8.29 -9.99
N GLU B 36 14.72 -7.35 -10.12
CA GLU B 36 14.84 -6.05 -9.46
C GLU B 36 14.19 -6.03 -8.07
N PRO B 37 14.97 -5.68 -7.03
CA PRO B 37 14.48 -5.60 -5.66
C PRO B 37 13.66 -4.33 -5.43
N LYS B 38 12.45 -4.50 -4.92
CA LYS B 38 11.57 -3.37 -4.67
C LYS B 38 10.71 -3.65 -3.44
N TYR B 39 10.00 -2.65 -2.97
CA TYR B 39 9.13 -2.81 -1.81
C TYR B 39 7.69 -3.06 -2.25
N ASP B 40 7.08 -4.10 -1.71
CA ASP B 40 5.71 -4.45 -2.06
C ASP B 40 4.97 -4.88 -0.80
N ILE B 41 3.77 -4.34 -0.59
CA ILE B 41 2.99 -4.68 0.58
C ILE B 41 1.82 -5.57 0.18
N ARG B 42 1.75 -6.75 0.80
CA ARG B 42 0.70 -7.71 0.47
C ARG B 42 0.29 -8.49 1.71
N THR B 43 -0.71 -9.36 1.55
CA THR B 43 -1.20 -10.18 2.64
C THR B 43 -1.12 -11.65 2.24
N TRP B 44 -0.78 -12.49 3.20
CA TRP B 44 -0.66 -13.92 2.96
C TRP B 44 -1.69 -14.67 3.78
N SER B 45 -1.78 -15.98 3.55
CA SER B 45 -2.70 -16.82 4.30
C SER B 45 -2.24 -16.92 5.76
N PRO B 46 -3.15 -17.25 6.69
CA PRO B 46 -2.81 -17.36 8.12
C PRO B 46 -1.66 -18.34 8.37
N ASP B 47 -1.57 -19.36 7.53
CA ASP B 47 -0.52 -20.37 7.64
C ASP B 47 0.61 -20.07 6.65
N HIS B 48 0.51 -18.92 5.97
CA HIS B 48 1.51 -18.51 4.99
C HIS B 48 1.67 -19.56 3.88
N GLU B 49 0.60 -20.31 3.62
CA GLU B 49 0.62 -21.33 2.59
C GLU B 49 0.48 -20.72 1.20
N LYS B 50 -0.36 -19.71 1.09
CA LYS B 50 -0.58 -19.02 -0.17
C LYS B 50 -0.53 -17.52 -0.01
N MET B 51 -0.60 -16.83 -1.12
CA MET B 51 -0.50 -15.38 -1.14
C MET B 51 -1.55 -14.77 -2.07
N GLY B 52 -1.66 -13.45 -2.05
CA GLY B 52 -2.62 -12.77 -2.90
C GLY B 52 -2.03 -11.50 -3.50
N LYS B 53 -2.88 -10.60 -3.97
CA LYS B 53 -2.40 -9.36 -4.57
C LYS B 53 -2.44 -8.19 -3.59
N GLY B 54 -1.56 -7.23 -3.83
CA GLY B 54 -1.47 -6.03 -3.01
C GLY B 54 -1.05 -4.84 -3.86
N ILE B 55 0.04 -4.18 -3.47
CA ILE B 55 0.50 -3.02 -4.24
C ILE B 55 2.01 -2.83 -4.08
N THR B 56 2.66 -2.41 -5.15
CA THR B 56 4.10 -2.19 -5.14
C THR B 56 4.43 -0.71 -5.03
N LEU B 57 5.50 -0.40 -4.30
CA LEU B 57 5.93 0.98 -4.12
C LEU B 57 7.37 1.14 -4.58
N SER B 58 7.61 2.14 -5.42
CA SER B 58 8.94 2.41 -5.94
C SER B 58 9.79 3.04 -4.84
N GLU B 59 11.11 3.02 -5.03
CA GLU B 59 12.04 3.58 -4.04
C GLU B 59 11.79 5.06 -3.79
N GLU B 60 11.59 5.82 -4.85
CA GLU B 60 11.34 7.26 -4.73
C GLU B 60 10.02 7.50 -4.02
N GLU B 61 9.03 6.67 -4.33
CA GLU B 61 7.70 6.76 -3.73
C GLU B 61 7.79 6.45 -2.24
N PHE B 62 8.41 5.32 -1.94
CA PHE B 62 8.58 4.86 -0.57
C PHE B 62 9.32 5.91 0.25
N GLY B 63 10.35 6.50 -0.34
CA GLY B 63 11.12 7.53 0.34
C GLY B 63 10.26 8.69 0.79
N VAL B 64 9.51 9.26 -0.14
CA VAL B 64 8.64 10.39 0.16
C VAL B 64 7.56 9.96 1.14
N LEU B 65 6.96 8.80 0.87
CA LEU B 65 5.90 8.26 1.72
C LEU B 65 6.36 8.13 3.17
N LEU B 66 7.51 7.50 3.36
CA LEU B 66 8.06 7.31 4.70
C LEU B 66 8.35 8.65 5.37
N LYS B 67 9.03 9.53 4.64
CA LYS B 67 9.39 10.85 5.14
C LYS B 67 8.17 11.60 5.67
N GLU B 68 7.13 11.67 4.86
CA GLU B 68 5.92 12.37 5.22
C GLU B 68 5.21 11.67 6.38
N LEU B 69 4.94 10.38 6.23
CA LEU B 69 4.24 9.60 7.24
C LEU B 69 4.95 9.62 8.57
N GLY B 70 6.26 9.46 8.55
CA GLY B 70 7.04 9.48 9.77
C GLY B 70 6.91 10.81 10.49
N ASN B 71 6.93 11.88 9.70
CA ASN B 71 6.82 13.23 10.23
C ASN B 71 5.40 13.54 10.71
N LYS B 72 4.43 12.80 10.20
CA LYS B 72 3.03 12.99 10.57
C LYS B 72 2.75 12.50 11.99
N LEU B 73 3.54 11.53 12.45
CA LEU B 73 3.34 10.99 13.79
C LEU B 73 4.12 11.78 14.82
N GLU B 74 4.93 12.71 14.35
CA GLU B 74 5.73 13.54 15.24
C GLU B 74 4.85 14.59 15.90
N MET A 1 -15.30 -2.94 -10.56
CA MET A 1 -16.57 -3.71 -10.56
C MET A 1 -17.73 -2.81 -10.95
N ALA A 2 -17.75 -1.60 -10.41
CA ALA A 2 -18.80 -0.65 -10.72
C ALA A 2 -18.26 0.49 -11.57
N ASP A 3 -19.15 1.25 -12.19
CA ASP A 3 -18.73 2.38 -13.02
C ASP A 3 -18.22 3.51 -12.13
N LYS A 4 -19.01 3.82 -11.10
CA LYS A 4 -18.66 4.88 -10.16
C LYS A 4 -19.01 4.45 -8.74
N LEU A 5 -18.03 3.90 -8.04
CA LEU A 5 -18.22 3.46 -6.65
C LEU A 5 -18.42 4.67 -5.73
N LYS A 6 -19.23 4.49 -4.71
CA LYS A 6 -19.52 5.56 -3.75
C LYS A 6 -18.38 5.70 -2.75
N PHE A 7 -17.97 6.93 -2.49
CA PHE A 7 -16.89 7.20 -1.54
C PHE A 7 -16.92 8.66 -1.11
N GLU A 8 -16.18 8.97 -0.07
CA GLU A 8 -16.11 10.33 0.44
C GLU A 8 -14.75 10.55 1.11
N ILE A 9 -14.11 11.66 0.79
CA ILE A 9 -12.82 11.98 1.36
C ILE A 9 -12.98 12.55 2.76
N ILE A 10 -12.55 11.80 3.76
CA ILE A 10 -12.63 12.22 5.14
C ILE A 10 -11.46 13.14 5.48
N GLU A 11 -10.26 12.72 5.07
CA GLU A 11 -9.05 13.49 5.33
C GLU A 11 -7.91 13.00 4.46
N GLU A 12 -7.28 13.93 3.74
CA GLU A 12 -6.15 13.61 2.89
C GLU A 12 -4.90 13.50 3.75
N LEU A 13 -4.03 12.57 3.43
CA LEU A 13 -2.83 12.39 4.22
C LEU A 13 -1.58 12.77 3.42
N ILE A 14 -1.20 11.93 2.47
CA ILE A 14 0.01 12.19 1.69
C ILE A 14 -0.23 12.08 0.20
N VAL A 15 0.35 13.01 -0.53
CA VAL A 15 0.29 13.02 -1.99
C VAL A 15 1.72 12.94 -2.51
N LEU A 16 2.03 11.89 -3.24
CA LEU A 16 3.40 11.73 -3.73
C LEU A 16 3.62 12.47 -5.04
N SER A 17 3.22 11.85 -6.14
CA SER A 17 3.39 12.41 -7.48
C SER A 17 2.72 11.50 -8.51
N GLU A 18 3.03 11.73 -9.78
CA GLU A 18 2.47 10.92 -10.85
C GLU A 18 3.55 10.05 -11.46
N ASN A 19 3.18 8.84 -11.84
CA ASN A 19 4.11 7.90 -12.46
C ASN A 19 4.24 8.22 -13.95
N ALA A 20 4.92 7.38 -14.72
CA ALA A 20 5.10 7.61 -16.15
C ALA A 20 3.76 7.57 -16.86
N LYS A 21 2.84 6.83 -16.28
CA LYS A 21 1.51 6.67 -16.83
C LYS A 21 0.57 7.77 -16.33
N GLY A 22 1.12 8.70 -15.56
CA GLY A 22 0.33 9.77 -15.01
C GLY A 22 -0.39 9.34 -13.74
N TRP A 23 -0.08 8.14 -13.29
CA TRP A 23 -0.68 7.59 -12.08
C TRP A 23 -0.36 8.44 -10.86
N ARG A 24 -1.33 9.22 -10.42
CA ARG A 24 -1.19 10.06 -9.26
C ARG A 24 -1.42 9.21 -8.01
N LYS A 25 -0.34 8.79 -7.37
CA LYS A 25 -0.43 7.98 -6.17
C LYS A 25 -0.64 8.85 -4.94
N GLU A 26 -1.74 8.60 -4.25
CA GLU A 26 -2.07 9.37 -3.06
C GLU A 26 -2.57 8.45 -1.95
N LEU A 27 -2.37 8.89 -0.72
CA LEU A 27 -2.80 8.14 0.44
C LEU A 27 -3.73 9.03 1.26
N ASN A 28 -5.01 8.73 1.23
CA ASN A 28 -6.00 9.53 1.94
C ASN A 28 -6.99 8.62 2.65
N ARG A 29 -7.63 9.14 3.69
CA ARG A 29 -8.61 8.37 4.42
C ARG A 29 -10.00 8.70 3.88
N VAL A 30 -10.64 7.71 3.28
CA VAL A 30 -11.97 7.89 2.72
C VAL A 30 -12.94 6.91 3.33
N SER A 31 -14.22 7.20 3.20
CA SER A 31 -15.26 6.34 3.72
C SER A 31 -15.74 5.36 2.66
N TRP A 32 -15.66 4.08 2.98
CA TRP A 32 -16.08 3.03 2.07
C TRP A 32 -17.58 3.14 1.83
N ASN A 33 -17.93 3.57 0.62
CA ASN A 33 -19.33 3.77 0.24
C ASN A 33 -19.97 4.83 1.13
N ASP A 34 -19.12 5.73 1.64
CA ASP A 34 -19.53 6.82 2.53
C ASP A 34 -19.98 6.28 3.88
N ALA A 35 -19.58 5.07 4.20
CA ALA A 35 -19.95 4.46 5.46
C ALA A 35 -18.77 4.38 6.43
N GLU A 36 -17.91 3.38 6.25
CA GLU A 36 -16.76 3.17 7.13
C GLU A 36 -15.53 3.94 6.66
N PRO A 37 -15.01 4.86 7.49
CA PRO A 37 -13.81 5.63 7.15
C PRO A 37 -12.56 4.79 7.39
N LYS A 38 -11.77 4.58 6.35
CA LYS A 38 -10.58 3.76 6.47
C LYS A 38 -9.47 4.29 5.56
N TYR A 39 -8.24 3.85 5.82
CA TYR A 39 -7.09 4.29 5.03
C TYR A 39 -6.91 3.40 3.81
N ASP A 40 -6.80 4.01 2.65
CA ASP A 40 -6.63 3.27 1.41
C ASP A 40 -5.68 4.03 0.50
N ILE A 41 -4.69 3.35 -0.04
CA ILE A 41 -3.72 4.00 -0.93
C ILE A 41 -3.97 3.57 -2.37
N ARG A 42 -4.19 4.55 -3.25
CA ARG A 42 -4.47 4.27 -4.64
C ARG A 42 -3.87 5.34 -5.55
N THR A 43 -4.04 5.15 -6.85
CA THR A 43 -3.53 6.09 -7.83
C THR A 43 -4.66 6.55 -8.73
N TRP A 44 -4.63 7.81 -9.13
CA TRP A 44 -5.64 8.38 -9.99
C TRP A 44 -5.03 8.83 -11.31
N SER A 45 -5.87 9.26 -12.24
CA SER A 45 -5.39 9.73 -13.54
C SER A 45 -4.82 11.15 -13.39
N PRO A 46 -3.92 11.57 -14.29
CA PRO A 46 -3.31 12.91 -14.25
C PRO A 46 -4.34 14.03 -14.31
N ASP A 47 -5.47 13.75 -14.94
CA ASP A 47 -6.54 14.73 -15.09
C ASP A 47 -7.60 14.52 -14.02
N HIS A 48 -7.43 13.45 -13.22
CA HIS A 48 -8.38 13.09 -12.17
C HIS A 48 -9.74 12.78 -12.77
N GLU A 49 -9.73 12.19 -13.96
CA GLU A 49 -10.96 11.83 -14.66
C GLU A 49 -11.48 10.49 -14.18
N LYS A 50 -10.56 9.55 -13.95
CA LYS A 50 -10.92 8.21 -13.50
C LYS A 50 -9.93 7.71 -12.45
N MET A 51 -10.24 6.56 -11.89
CA MET A 51 -9.44 5.95 -10.84
C MET A 51 -9.26 4.45 -11.10
N GLY A 52 -8.41 3.82 -10.28
CA GLY A 52 -8.17 2.38 -10.43
C GLY A 52 -8.13 1.66 -9.09
N LYS A 53 -7.62 0.44 -9.08
CA LYS A 53 -7.55 -0.34 -7.85
C LYS A 53 -6.20 -0.22 -7.14
N GLY A 54 -6.23 -0.38 -5.82
CA GLY A 54 -5.03 -0.28 -5.01
C GLY A 54 -5.09 -1.23 -3.82
N ILE A 55 -4.85 -0.72 -2.61
CA ILE A 55 -4.90 -1.57 -1.42
C ILE A 55 -5.39 -0.78 -0.20
N THR A 56 -6.11 -1.45 0.68
CA THR A 56 -6.64 -0.83 1.87
C THR A 56 -5.85 -1.25 3.11
N LEU A 57 -5.69 -0.33 4.05
CA LEU A 57 -4.98 -0.59 5.29
C LEU A 57 -5.89 -0.30 6.48
N SER A 58 -5.89 -1.19 7.45
CA SER A 58 -6.72 -1.02 8.63
C SER A 58 -6.08 -0.01 9.58
N GLU A 59 -6.86 0.48 10.53
CA GLU A 59 -6.38 1.48 11.48
C GLU A 59 -5.19 0.96 12.29
N GLU A 60 -5.32 -0.25 12.83
CA GLU A 60 -4.25 -0.85 13.62
C GLU A 60 -3.00 -1.08 12.76
N GLU A 61 -3.22 -1.58 11.56
CA GLU A 61 -2.15 -1.84 10.61
C GLU A 61 -1.39 -0.56 10.30
N PHE A 62 -2.16 0.49 9.99
CA PHE A 62 -1.62 1.80 9.67
C PHE A 62 -0.76 2.34 10.82
N GLY A 63 -1.24 2.16 12.05
CA GLY A 63 -0.51 2.64 13.21
C GLY A 63 0.85 1.99 13.34
N VAL A 64 0.88 0.66 13.35
CA VAL A 64 2.13 -0.09 13.47
C VAL A 64 3.04 0.24 12.30
N LEU A 65 2.46 0.28 11.11
CA LEU A 65 3.21 0.59 9.91
C LEU A 65 3.92 1.93 10.04
N LEU A 66 3.17 2.97 10.39
CA LEU A 66 3.75 4.31 10.54
C LEU A 66 4.81 4.34 11.63
N LYS A 67 4.49 3.74 12.77
CA LYS A 67 5.41 3.71 13.91
C LYS A 67 6.78 3.18 13.51
N GLU A 68 6.78 2.02 12.86
CA GLU A 68 8.02 1.39 12.44
C GLU A 68 8.68 2.19 11.32
N LEU A 69 7.91 2.55 10.29
CA LEU A 69 8.44 3.29 9.15
C LEU A 69 9.05 4.61 9.58
N GLY A 70 8.35 5.33 10.44
CA GLY A 70 8.85 6.61 10.90
C GLY A 70 10.13 6.46 11.69
N ASN A 71 10.21 5.38 12.46
CA ASN A 71 11.38 5.11 13.28
C ASN A 71 12.56 4.68 12.40
N LYS A 72 12.26 4.04 11.27
CA LYS A 72 13.29 3.58 10.35
C LYS A 72 14.03 4.76 9.75
N LEU A 73 13.37 5.90 9.65
CA LEU A 73 13.99 7.10 9.08
C LEU A 73 14.70 7.92 10.14
N GLU A 74 14.63 7.48 11.39
CA GLU A 74 15.28 8.20 12.48
C GLU A 74 16.76 7.88 12.53
N MET B 1 -2.45 -14.67 -11.62
CA MET B 1 -2.29 -15.04 -13.04
C MET B 1 -1.54 -16.36 -13.17
N ALA B 2 -0.52 -16.53 -12.34
CA ALA B 2 0.28 -17.75 -12.36
C ALA B 2 0.04 -18.57 -11.11
N ASP B 3 0.50 -19.81 -11.12
CA ASP B 3 0.35 -20.68 -9.96
C ASP B 3 1.38 -20.28 -8.91
N LYS B 4 2.61 -20.12 -9.36
CA LYS B 4 3.71 -19.73 -8.50
C LYS B 4 4.61 -18.73 -9.22
N LEU B 5 4.41 -17.45 -8.92
CA LEU B 5 5.20 -16.39 -9.51
C LEU B 5 6.62 -16.39 -8.92
N LYS B 6 7.61 -16.12 -9.75
CA LYS B 6 8.98 -16.10 -9.31
C LYS B 6 9.27 -14.80 -8.56
N PHE B 7 9.92 -14.92 -7.42
CA PHE B 7 10.27 -13.76 -6.61
C PHE B 7 11.39 -14.12 -5.65
N GLU B 8 12.00 -13.11 -5.07
CA GLU B 8 13.07 -13.32 -4.12
C GLU B 8 13.09 -12.21 -3.10
N ILE B 9 13.16 -12.58 -1.83
CA ILE B 9 13.18 -11.61 -0.75
C ILE B 9 14.56 -10.98 -0.65
N ILE B 10 14.63 -9.69 -0.96
CA ILE B 10 15.88 -8.96 -0.90
C ILE B 10 16.13 -8.47 0.52
N GLU B 11 15.08 -7.95 1.14
CA GLU B 11 15.16 -7.44 2.50
C GLU B 11 13.76 -7.19 3.07
N GLU B 12 13.51 -7.74 4.25
CA GLU B 12 12.23 -7.54 4.92
C GLU B 12 12.24 -6.20 5.63
N LEU B 13 11.13 -5.49 5.58
CA LEU B 13 11.08 -4.17 6.19
C LEU B 13 10.18 -4.15 7.42
N ILE B 14 8.87 -4.32 7.20
CA ILE B 14 7.91 -4.25 8.30
C ILE B 14 6.91 -5.40 8.26
N VAL B 15 6.66 -5.98 9.41
CA VAL B 15 5.67 -7.04 9.55
C VAL B 15 4.62 -6.56 10.54
N LEU B 16 3.37 -6.47 10.10
CA LEU B 16 2.32 -5.97 10.99
C LEU B 16 1.71 -7.09 11.83
N SER B 17 0.78 -7.82 11.25
CA SER B 17 0.09 -8.91 11.95
C SER B 17 -0.87 -9.60 10.96
N GLU B 18 -1.74 -10.44 11.49
CA GLU B 18 -2.71 -11.13 10.67
C GLU B 18 -4.09 -10.54 10.88
N ASN B 19 -4.88 -10.47 9.81
CA ASN B 19 -6.24 -9.94 9.88
C ASN B 19 -7.18 -11.04 10.37
N ALA B 20 -8.48 -10.78 10.36
CA ALA B 20 -9.47 -11.76 10.82
C ALA B 20 -9.45 -13.00 9.93
N LYS B 21 -9.02 -12.80 8.70
CA LYS B 21 -8.94 -13.88 7.72
C LYS B 21 -7.58 -14.56 7.78
N GLY B 22 -6.74 -14.10 8.70
CA GLY B 22 -5.41 -14.66 8.84
C GLY B 22 -4.44 -14.00 7.89
N TRP B 23 -4.91 -12.95 7.21
CA TRP B 23 -4.09 -12.21 6.25
C TRP B 23 -2.89 -11.57 6.93
N ARG B 24 -1.72 -12.16 6.74
CA ARG B 24 -0.48 -11.64 7.29
C ARG B 24 0.03 -10.51 6.40
N LYS B 25 -0.22 -9.28 6.81
CA LYS B 25 0.21 -8.13 6.02
C LYS B 25 1.65 -7.77 6.34
N GLU B 26 2.49 -7.82 5.32
CA GLU B 26 3.91 -7.51 5.48
C GLU B 26 4.40 -6.62 4.34
N LEU B 27 5.41 -5.83 4.65
CA LEU B 27 6.01 -4.92 3.69
C LEU B 27 7.48 -5.26 3.56
N ASN B 28 7.85 -5.88 2.45
CA ASN B 28 9.23 -6.29 2.23
C ASN B 28 9.66 -5.95 0.81
N ARG B 29 10.96 -5.80 0.61
CA ARG B 29 11.49 -5.51 -0.71
C ARG B 29 11.90 -6.80 -1.38
N VAL B 30 11.22 -7.13 -2.46
CA VAL B 30 11.49 -8.36 -3.19
C VAL B 30 11.83 -8.04 -4.65
N SER B 31 12.45 -8.98 -5.32
CA SER B 31 12.80 -8.80 -6.70
C SER B 31 11.71 -9.37 -7.61
N TRP B 32 11.18 -8.54 -8.49
CA TRP B 32 10.14 -8.94 -9.42
C TRP B 32 10.69 -10.01 -10.36
N ASN B 33 10.23 -11.24 -10.19
CA ASN B 33 10.69 -12.38 -10.99
C ASN B 33 12.19 -12.55 -10.80
N ASP B 34 12.65 -12.18 -9.61
CA ASP B 34 14.06 -12.28 -9.23
C ASP B 34 14.94 -11.37 -10.10
N ALA B 35 14.34 -10.30 -10.62
CA ALA B 35 15.09 -9.37 -11.46
C ALA B 35 15.18 -8.00 -10.82
N GLU B 36 14.10 -7.22 -10.91
CA GLU B 36 14.08 -5.87 -10.38
C GLU B 36 13.64 -5.83 -8.92
N PRO B 37 14.53 -5.38 -8.02
CA PRO B 37 14.21 -5.27 -6.60
C PRO B 37 13.36 -4.02 -6.33
N LYS B 38 12.16 -4.22 -5.80
CA LYS B 38 11.28 -3.11 -5.56
C LYS B 38 10.44 -3.35 -4.31
N TYR B 39 9.83 -2.30 -3.78
CA TYR B 39 9.02 -2.41 -2.58
C TYR B 39 7.58 -2.76 -2.93
N ASP B 40 7.05 -3.78 -2.28
CA ASP B 40 5.68 -4.22 -2.54
C ASP B 40 5.04 -4.67 -1.24
N ILE B 41 3.84 -4.19 -0.96
CA ILE B 41 3.13 -4.55 0.26
C ILE B 41 1.99 -5.51 -0.05
N ARG B 42 2.02 -6.67 0.59
CA ARG B 42 1.01 -7.69 0.37
C ARG B 42 0.70 -8.46 1.64
N THR B 43 -0.24 -9.38 1.55
CA THR B 43 -0.63 -10.19 2.68
C THR B 43 -0.53 -11.67 2.32
N TRP B 44 -0.12 -12.47 3.29
CA TRP B 44 0.03 -13.90 3.09
C TRP B 44 -0.91 -14.67 3.99
N SER B 45 -0.96 -15.99 3.82
CA SER B 45 -1.82 -16.84 4.64
C SER B 45 -1.17 -17.04 6.01
N PRO B 46 -1.96 -17.36 7.05
CA PRO B 46 -1.45 -17.57 8.41
C PRO B 46 -0.38 -18.65 8.48
N ASP B 47 -0.48 -19.63 7.58
CA ASP B 47 0.47 -20.73 7.54
C ASP B 47 1.55 -20.49 6.48
N HIS B 48 1.41 -19.39 5.74
CA HIS B 48 2.33 -19.02 4.67
C HIS B 48 2.29 -20.06 3.54
N GLU B 49 1.11 -20.66 3.36
CA GLU B 49 0.93 -21.68 2.33
C GLU B 49 0.74 -21.03 0.96
N LYS B 50 0.02 -19.93 0.92
CA LYS B 50 -0.24 -19.21 -0.32
C LYS B 50 -0.23 -17.71 -0.11
N MET B 51 -0.33 -16.98 -1.20
CA MET B 51 -0.29 -15.52 -1.19
C MET B 51 -1.38 -14.93 -2.10
N GLY B 52 -1.54 -13.61 -2.06
CA GLY B 52 -2.53 -12.95 -2.88
C GLY B 52 -2.01 -11.68 -3.53
N LYS B 53 -2.88 -10.82 -4.02
CA LYS B 53 -2.46 -9.58 -4.67
C LYS B 53 -2.49 -8.39 -3.72
N GLY B 54 -1.58 -7.44 -3.96
CA GLY B 54 -1.50 -6.24 -3.16
C GLY B 54 -1.18 -5.04 -4.03
N ILE B 55 -0.17 -4.26 -3.65
CA ILE B 55 0.21 -3.09 -4.44
C ILE B 55 1.71 -2.85 -4.34
N THR B 56 2.29 -2.34 -5.42
CA THR B 56 3.71 -2.07 -5.48
C THR B 56 4.00 -0.57 -5.35
N LEU B 57 5.11 -0.25 -4.71
CA LEU B 57 5.53 1.13 -4.52
C LEU B 57 6.93 1.32 -5.10
N SER B 58 7.11 2.40 -5.87
CA SER B 58 8.40 2.69 -6.47
C SER B 58 9.35 3.26 -5.42
N GLU B 59 10.63 3.28 -5.74
CA GLU B 59 11.66 3.76 -4.82
C GLU B 59 11.43 5.23 -4.44
N GLU B 60 11.17 6.06 -5.44
CA GLU B 60 10.93 7.49 -5.20
C GLU B 60 9.64 7.68 -4.40
N GLU B 61 8.62 6.91 -4.75
CA GLU B 61 7.34 6.99 -4.07
C GLU B 61 7.50 6.63 -2.60
N PHE B 62 8.17 5.51 -2.36
CA PHE B 62 8.42 5.03 -1.01
C PHE B 62 9.20 6.06 -0.20
N GLY B 63 10.15 6.73 -0.85
CA GLY B 63 10.94 7.74 -0.18
C GLY B 63 10.09 8.89 0.33
N VAL B 64 9.28 9.47 -0.55
CA VAL B 64 8.41 10.58 -0.18
C VAL B 64 7.40 10.13 0.87
N LEU B 65 6.82 8.95 0.63
CA LEU B 65 5.82 8.37 1.53
C LEU B 65 6.38 8.26 2.95
N LEU B 66 7.55 7.65 3.07
CA LEU B 66 8.19 7.47 4.37
C LEU B 66 8.49 8.81 5.02
N LYS B 67 9.13 9.69 4.27
CA LYS B 67 9.49 11.02 4.75
C LYS B 67 8.31 11.74 5.39
N GLU B 68 7.21 11.82 4.65
CA GLU B 68 6.03 12.52 5.12
C GLU B 68 5.36 11.78 6.27
N LEU B 69 5.14 10.47 6.10
CA LEU B 69 4.49 9.67 7.13
C LEU B 69 5.27 9.67 8.43
N GLY B 70 6.58 9.51 8.33
CA GLY B 70 7.43 9.51 9.50
C GLY B 70 7.38 10.84 10.24
N ASN B 71 7.27 11.92 9.47
CA ASN B 71 7.20 13.26 10.04
C ASN B 71 5.83 13.53 10.65
N LYS B 72 4.81 12.85 10.13
CA LYS B 72 3.45 13.01 10.64
C LYS B 72 3.31 12.52 12.07
N LEU B 73 4.12 11.53 12.46
CA LEU B 73 4.07 11.00 13.81
C LEU B 73 5.03 11.74 14.74
N GLU B 74 5.63 12.82 14.26
CA GLU B 74 6.56 13.59 15.06
C GLU B 74 5.81 14.59 15.92
N MET A 1 -15.30 -3.00 -10.59
CA MET A 1 -16.63 -3.66 -10.65
C MET A 1 -17.68 -2.66 -11.10
N ALA A 2 -17.80 -1.57 -10.36
CA ALA A 2 -18.76 -0.52 -10.70
C ALA A 2 -18.06 0.61 -11.41
N ASP A 3 -18.80 1.38 -12.20
CA ASP A 3 -18.22 2.50 -12.92
C ASP A 3 -17.71 3.54 -11.94
N LYS A 4 -18.59 3.99 -11.06
CA LYS A 4 -18.24 4.96 -10.05
C LYS A 4 -18.74 4.53 -8.69
N LEU A 5 -17.87 3.86 -7.95
CA LEU A 5 -18.20 3.39 -6.61
C LEU A 5 -18.41 4.57 -5.66
N LYS A 6 -19.25 4.39 -4.64
CA LYS A 6 -19.52 5.44 -3.69
C LYS A 6 -18.36 5.57 -2.69
N PHE A 7 -17.93 6.80 -2.44
CA PHE A 7 -16.84 7.05 -1.51
C PHE A 7 -16.89 8.50 -1.03
N GLU A 8 -16.12 8.81 -0.01
CA GLU A 8 -16.05 10.16 0.52
C GLU A 8 -14.71 10.37 1.21
N ILE A 9 -14.04 11.45 0.85
CA ILE A 9 -12.75 11.77 1.44
C ILE A 9 -12.92 12.40 2.81
N ILE A 10 -12.49 11.68 3.83
CA ILE A 10 -12.59 12.15 5.21
C ILE A 10 -11.45 13.13 5.48
N GLU A 11 -10.28 12.80 4.96
CA GLU A 11 -9.10 13.63 5.13
C GLU A 11 -7.98 13.16 4.21
N GLU A 12 -7.23 14.10 3.66
CA GLU A 12 -6.12 13.78 2.79
C GLU A 12 -4.87 13.60 3.65
N LEU A 13 -4.10 12.56 3.38
CA LEU A 13 -2.90 12.31 4.16
C LEU A 13 -1.65 12.71 3.41
N ILE A 14 -1.26 11.91 2.43
CA ILE A 14 -0.03 12.17 1.67
C ILE A 14 -0.26 12.07 0.17
N VAL A 15 0.34 13.00 -0.55
CA VAL A 15 0.28 13.02 -2.00
C VAL A 15 1.70 12.96 -2.53
N LEU A 16 2.00 12.01 -3.41
CA LEU A 16 3.35 11.88 -3.91
C LEU A 16 3.54 12.62 -5.24
N SER A 17 3.11 12.00 -6.33
CA SER A 17 3.24 12.57 -7.67
C SER A 17 2.61 11.64 -8.70
N GLU A 18 2.83 11.92 -9.98
CA GLU A 18 2.30 11.08 -11.04
C GLU A 18 3.42 10.23 -11.63
N ASN A 19 3.09 8.99 -11.95
CA ASN A 19 4.06 8.07 -12.54
C ASN A 19 4.17 8.34 -14.04
N ALA A 20 4.90 7.48 -14.78
CA ALA A 20 5.08 7.67 -16.22
C ALA A 20 3.74 7.61 -16.95
N LYS A 21 2.82 6.90 -16.34
CA LYS A 21 1.48 6.70 -16.88
C LYS A 21 0.52 7.76 -16.39
N GLY A 22 1.04 8.71 -15.64
CA GLY A 22 0.20 9.76 -15.09
C GLY A 22 -0.50 9.30 -13.83
N TRP A 23 -0.15 8.09 -13.37
CA TRP A 23 -0.74 7.52 -12.17
C TRP A 23 -0.42 8.37 -10.94
N ARG A 24 -1.40 9.11 -10.50
CA ARG A 24 -1.26 9.97 -9.33
C ARG A 24 -1.45 9.12 -8.07
N LYS A 25 -0.35 8.74 -7.44
CA LYS A 25 -0.42 7.94 -6.22
C LYS A 25 -0.67 8.82 -5.01
N GLU A 26 -1.80 8.61 -4.36
CA GLU A 26 -2.18 9.38 -3.19
C GLU A 26 -2.63 8.47 -2.06
N LEU A 27 -2.38 8.92 -0.85
CA LEU A 27 -2.78 8.19 0.34
C LEU A 27 -3.73 9.08 1.13
N ASN A 28 -5.00 8.73 1.13
CA ASN A 28 -6.01 9.52 1.82
C ASN A 28 -6.95 8.64 2.62
N ARG A 29 -7.67 9.25 3.54
CA ARG A 29 -8.63 8.52 4.36
C ARG A 29 -10.01 8.72 3.76
N VAL A 30 -10.62 7.65 3.26
CA VAL A 30 -11.94 7.75 2.66
C VAL A 30 -12.91 6.78 3.30
N SER A 31 -14.19 7.06 3.18
CA SER A 31 -15.21 6.19 3.73
C SER A 31 -15.71 5.21 2.67
N TRP A 32 -15.61 3.93 2.97
CA TRP A 32 -16.06 2.89 2.06
C TRP A 32 -17.55 3.00 1.85
N ASN A 33 -17.94 3.41 0.64
CA ASN A 33 -19.34 3.60 0.28
C ASN A 33 -19.98 4.66 1.19
N ASP A 34 -19.14 5.58 1.63
CA ASP A 34 -19.55 6.69 2.49
C ASP A 34 -20.11 6.16 3.81
N ALA A 35 -19.53 5.05 4.29
CA ALA A 35 -19.95 4.46 5.54
C ALA A 35 -18.78 4.34 6.52
N GLU A 36 -17.94 3.34 6.30
CA GLU A 36 -16.79 3.10 7.16
C GLU A 36 -15.56 3.87 6.71
N PRO A 37 -15.09 4.83 7.53
CA PRO A 37 -13.91 5.62 7.21
C PRO A 37 -12.62 4.83 7.47
N LYS A 38 -11.81 4.64 6.45
CA LYS A 38 -10.58 3.88 6.61
C LYS A 38 -9.50 4.39 5.63
N TYR A 39 -8.25 4.02 5.90
CA TYR A 39 -7.13 4.45 5.07
C TYR A 39 -6.94 3.52 3.89
N ASP A 40 -6.73 4.10 2.71
CA ASP A 40 -6.54 3.32 1.50
C ASP A 40 -5.61 4.09 0.55
N ILE A 41 -4.60 3.41 0.01
CA ILE A 41 -3.66 4.05 -0.89
C ILE A 41 -3.91 3.58 -2.32
N ARG A 42 -4.17 4.55 -3.20
CA ARG A 42 -4.47 4.24 -4.59
C ARG A 42 -3.90 5.30 -5.52
N THR A 43 -4.10 5.10 -6.82
CA THR A 43 -3.60 6.04 -7.81
C THR A 43 -4.76 6.50 -8.71
N TRP A 44 -4.69 7.75 -9.13
CA TRP A 44 -5.71 8.33 -9.99
C TRP A 44 -5.10 8.74 -11.32
N SER A 45 -5.95 9.17 -12.24
CA SER A 45 -5.49 9.61 -13.56
C SER A 45 -4.94 11.03 -13.46
N PRO A 46 -4.10 11.47 -14.41
CA PRO A 46 -3.51 12.82 -14.40
C PRO A 46 -4.58 13.91 -14.42
N ASP A 47 -5.73 13.59 -14.99
CA ASP A 47 -6.84 14.54 -15.07
C ASP A 47 -7.82 14.31 -13.92
N HIS A 48 -7.51 13.32 -13.09
CA HIS A 48 -8.35 12.95 -11.94
C HIS A 48 -9.78 12.66 -12.39
N GLU A 49 -9.90 12.07 -13.58
CA GLU A 49 -11.22 11.74 -14.13
C GLU A 49 -11.63 10.32 -13.76
N LYS A 50 -10.66 9.42 -13.80
CA LYS A 50 -10.90 8.02 -13.47
C LYS A 50 -9.84 7.50 -12.50
N MET A 51 -10.03 6.28 -12.03
CA MET A 51 -9.13 5.68 -11.06
C MET A 51 -9.14 4.16 -11.18
N GLY A 52 -8.25 3.51 -10.43
CA GLY A 52 -8.17 2.06 -10.46
C GLY A 52 -8.11 1.46 -9.06
N LYS A 53 -7.63 0.24 -8.94
CA LYS A 53 -7.55 -0.42 -7.64
C LYS A 53 -6.19 -0.23 -6.97
N GLY A 54 -6.17 -0.45 -5.66
CA GLY A 54 -4.95 -0.32 -4.88
C GLY A 54 -4.99 -1.23 -3.66
N ILE A 55 -4.75 -0.69 -2.46
CA ILE A 55 -4.79 -1.51 -1.26
C ILE A 55 -5.28 -0.71 -0.05
N THR A 56 -6.04 -1.37 0.81
CA THR A 56 -6.60 -0.73 1.99
C THR A 56 -5.78 -1.09 3.24
N LEU A 57 -5.67 -0.15 4.16
CA LEU A 57 -4.93 -0.35 5.40
C LEU A 57 -5.83 -0.05 6.60
N SER A 58 -5.92 -0.99 7.52
CA SER A 58 -6.74 -0.81 8.71
C SER A 58 -6.03 0.11 9.69
N GLU A 59 -6.79 0.65 10.65
CA GLU A 59 -6.24 1.57 11.64
C GLU A 59 -5.05 0.96 12.40
N GLU A 60 -5.23 -0.25 12.92
CA GLU A 60 -4.17 -0.92 13.68
C GLU A 60 -2.95 -1.16 12.79
N GLU A 61 -3.19 -1.67 11.58
CA GLU A 61 -2.12 -1.93 10.62
C GLU A 61 -1.37 -0.65 10.28
N PHE A 62 -2.14 0.39 9.98
CA PHE A 62 -1.60 1.70 9.63
C PHE A 62 -0.73 2.26 10.75
N GLY A 63 -1.25 2.20 11.98
CA GLY A 63 -0.52 2.69 13.14
C GLY A 63 0.83 2.02 13.31
N VAL A 64 0.83 0.70 13.33
CA VAL A 64 2.07 -0.06 13.48
C VAL A 64 3.01 0.23 12.32
N LEU A 65 2.46 0.22 11.11
CA LEU A 65 3.24 0.48 9.91
C LEU A 65 3.96 1.82 10.01
N LEU A 66 3.22 2.88 10.32
CA LEU A 66 3.82 4.21 10.44
C LEU A 66 4.83 4.26 11.57
N LYS A 67 4.47 3.67 12.70
CA LYS A 67 5.35 3.65 13.87
C LYS A 67 6.73 3.12 13.52
N GLU A 68 6.75 1.98 12.85
CA GLU A 68 7.99 1.34 12.44
C GLU A 68 8.69 2.16 11.36
N LEU A 69 7.95 2.54 10.32
CA LEU A 69 8.51 3.32 9.21
C LEU A 69 9.12 4.64 9.68
N GLY A 70 8.40 5.32 10.57
CA GLY A 70 8.88 6.58 11.10
C GLY A 70 10.20 6.40 11.81
N ASN A 71 10.33 5.31 12.56
CA ASN A 71 11.55 5.02 13.28
C ASN A 71 12.66 4.58 12.32
N LYS A 72 12.27 3.98 11.19
CA LYS A 72 13.24 3.52 10.20
C LYS A 72 13.96 4.68 9.54
N LEU A 73 13.31 5.84 9.48
CA LEU A 73 13.93 7.01 8.87
C LEU A 73 14.78 7.78 9.87
N GLU A 74 14.59 7.50 11.15
CA GLU A 74 15.33 8.18 12.20
C GLU A 74 16.82 7.86 12.10
N MET B 1 -2.39 -14.75 -11.62
CA MET B 1 -2.21 -15.26 -13.00
C MET B 1 -1.48 -16.60 -12.96
N ALA B 2 -0.33 -16.62 -12.30
CA ALA B 2 0.45 -17.84 -12.20
C ALA B 2 0.28 -18.45 -10.82
N ASP B 3 0.48 -19.76 -10.72
CA ASP B 3 0.34 -20.44 -9.43
C ASP B 3 1.38 -19.91 -8.46
N LYS B 4 2.63 -19.98 -8.86
CA LYS B 4 3.71 -19.50 -8.04
C LYS B 4 4.65 -18.62 -8.86
N LEU B 5 4.41 -17.31 -8.80
CA LEU B 5 5.23 -16.34 -9.52
C LEU B 5 6.66 -16.32 -8.95
N LYS B 6 7.62 -16.01 -9.81
CA LYS B 6 9.01 -15.95 -9.39
C LYS B 6 9.28 -14.66 -8.62
N PHE B 7 9.95 -14.78 -7.48
CA PHE B 7 10.28 -13.64 -6.65
C PHE B 7 11.43 -13.99 -5.72
N GLU B 8 12.00 -12.98 -5.09
CA GLU B 8 13.09 -13.18 -4.15
C GLU B 8 13.10 -12.05 -3.12
N ILE B 9 13.14 -12.42 -1.86
CA ILE B 9 13.15 -11.44 -0.80
C ILE B 9 14.55 -10.83 -0.64
N ILE B 10 14.65 -9.56 -0.99
CA ILE B 10 15.92 -8.85 -0.90
C ILE B 10 16.16 -8.44 0.55
N GLU B 11 15.10 -7.98 1.20
CA GLU B 11 15.18 -7.55 2.59
C GLU B 11 13.78 -7.33 3.15
N GLU B 12 13.58 -7.75 4.39
CA GLU B 12 12.29 -7.56 5.05
C GLU B 12 12.25 -6.17 5.66
N LEU B 13 11.11 -5.51 5.61
CA LEU B 13 11.01 -4.17 6.15
C LEU B 13 10.15 -4.12 7.39
N ILE B 14 8.85 -4.30 7.20
CA ILE B 14 7.90 -4.23 8.31
C ILE B 14 6.93 -5.41 8.29
N VAL B 15 6.65 -5.93 9.46
CA VAL B 15 5.70 -7.01 9.61
C VAL B 15 4.65 -6.57 10.64
N LEU B 16 3.38 -6.60 10.24
CA LEU B 16 2.33 -6.14 11.13
C LEU B 16 1.73 -7.29 11.94
N SER B 17 0.82 -8.03 11.34
CA SER B 17 0.15 -9.16 11.98
C SER B 17 -0.81 -9.82 11.00
N GLU B 18 -1.63 -10.72 11.51
CA GLU B 18 -2.62 -11.41 10.69
C GLU B 18 -3.99 -10.81 10.95
N ASN B 19 -4.77 -10.66 9.89
CA ASN B 19 -6.12 -10.12 10.00
C ASN B 19 -7.07 -11.21 10.47
N ALA B 20 -8.38 -10.95 10.46
CA ALA B 20 -9.37 -11.93 10.93
C ALA B 20 -9.41 -13.13 10.00
N LYS B 21 -8.88 -12.95 8.81
CA LYS B 21 -8.85 -14.00 7.80
C LYS B 21 -7.48 -14.68 7.79
N GLY B 22 -6.63 -14.29 8.72
CA GLY B 22 -5.30 -14.85 8.78
C GLY B 22 -4.37 -14.14 7.82
N TRP B 23 -4.90 -13.11 7.16
CA TRP B 23 -4.11 -12.33 6.21
C TRP B 23 -2.93 -11.66 6.89
N ARG B 24 -1.75 -12.21 6.67
CA ARG B 24 -0.53 -11.68 7.23
C ARG B 24 -0.01 -10.54 6.36
N LYS B 25 -0.26 -9.30 6.78
CA LYS B 25 0.19 -8.15 6.01
C LYS B 25 1.64 -7.84 6.31
N GLU B 26 2.48 -7.93 5.30
CA GLU B 26 3.91 -7.66 5.44
C GLU B 26 4.40 -6.73 4.34
N LEU B 27 5.37 -5.91 4.70
CA LEU B 27 5.98 -4.98 3.77
C LEU B 27 7.44 -5.34 3.64
N ASN B 28 7.80 -5.91 2.51
CA ASN B 28 9.17 -6.34 2.29
C ASN B 28 9.64 -5.94 0.91
N ARG B 29 10.94 -5.92 0.70
CA ARG B 29 11.50 -5.57 -0.59
C ARG B 29 11.87 -6.85 -1.32
N VAL B 30 11.19 -7.10 -2.43
CA VAL B 30 11.41 -8.31 -3.21
C VAL B 30 11.74 -7.95 -4.65
N SER B 31 12.37 -8.88 -5.36
CA SER B 31 12.71 -8.67 -6.74
C SER B 31 11.65 -9.27 -7.65
N TRP B 32 11.09 -8.44 -8.52
CA TRP B 32 10.08 -8.88 -9.45
C TRP B 32 10.66 -9.91 -10.41
N ASN B 33 10.18 -11.15 -10.29
CA ASN B 33 10.67 -12.26 -11.09
C ASN B 33 12.16 -12.46 -10.88
N ASP B 34 12.62 -12.10 -9.69
CA ASP B 34 14.03 -12.23 -9.29
C ASP B 34 14.93 -11.37 -10.17
N ALA B 35 14.42 -10.23 -10.60
CA ALA B 35 15.20 -9.33 -11.45
C ALA B 35 15.27 -7.92 -10.86
N GLU B 36 14.15 -7.21 -10.89
CA GLU B 36 14.10 -5.84 -10.39
C GLU B 36 13.69 -5.79 -8.92
N PRO B 37 14.59 -5.37 -8.03
CA PRO B 37 14.30 -5.25 -6.60
C PRO B 37 13.47 -4.00 -6.32
N LYS B 38 12.29 -4.19 -5.76
CA LYS B 38 11.40 -3.06 -5.49
C LYS B 38 10.54 -3.35 -4.26
N TYR B 39 9.94 -2.31 -3.69
CA TYR B 39 9.12 -2.47 -2.51
C TYR B 39 7.68 -2.79 -2.88
N ASP B 40 7.09 -3.75 -2.18
CA ASP B 40 5.71 -4.14 -2.44
C ASP B 40 5.08 -4.61 -1.13
N ILE B 41 3.89 -4.14 -0.84
CA ILE B 41 3.20 -4.53 0.38
C ILE B 41 2.05 -5.47 0.05
N ARG B 42 2.07 -6.65 0.65
CA ARG B 42 1.04 -7.66 0.39
C ARG B 42 0.73 -8.45 1.64
N THR B 43 -0.20 -9.39 1.52
CA THR B 43 -0.59 -10.22 2.63
C THR B 43 -0.47 -11.69 2.27
N TRP B 44 -0.09 -12.50 3.24
CA TRP B 44 0.08 -13.93 3.04
C TRP B 44 -0.89 -14.70 3.92
N SER B 45 -0.92 -16.02 3.75
CA SER B 45 -1.80 -16.87 4.54
C SER B 45 -1.18 -17.10 5.92
N PRO B 46 -1.98 -17.50 6.93
CA PRO B 46 -1.47 -17.74 8.29
C PRO B 46 -0.40 -18.83 8.31
N ASP B 47 -0.47 -19.74 7.35
CA ASP B 47 0.50 -20.83 7.25
C ASP B 47 1.62 -20.45 6.27
N HIS B 48 1.47 -19.29 5.63
CA HIS B 48 2.44 -18.79 4.65
C HIS B 48 2.60 -19.76 3.49
N GLU B 49 1.51 -20.45 3.15
CA GLU B 49 1.52 -21.41 2.06
C GLU B 49 1.17 -20.74 0.73
N LYS B 50 0.22 -19.83 0.77
CA LYS B 50 -0.21 -19.10 -0.42
C LYS B 50 -0.27 -17.61 -0.15
N MET B 51 -0.51 -16.86 -1.20
CA MET B 51 -0.56 -15.39 -1.11
C MET B 51 -1.49 -14.82 -2.18
N GLY B 52 -1.74 -13.51 -2.10
CA GLY B 52 -2.62 -12.87 -3.05
C GLY B 52 -2.01 -11.59 -3.62
N LYS B 53 -2.84 -10.70 -4.16
CA LYS B 53 -2.33 -9.46 -4.73
C LYS B 53 -2.36 -8.31 -3.73
N GLY B 54 -1.52 -7.31 -3.99
CA GLY B 54 -1.44 -6.13 -3.13
C GLY B 54 -1.10 -4.90 -3.95
N ILE B 55 -0.09 -4.15 -3.55
CA ILE B 55 0.30 -2.96 -4.29
C ILE B 55 1.81 -2.73 -4.22
N THR B 56 2.38 -2.25 -5.31
CA THR B 56 3.81 -2.00 -5.40
C THR B 56 4.13 -0.52 -5.22
N LEU B 57 5.26 -0.26 -4.57
CA LEU B 57 5.71 1.11 -4.34
C LEU B 57 7.11 1.30 -4.91
N SER B 58 7.28 2.32 -5.72
CA SER B 58 8.57 2.61 -6.33
C SER B 58 9.49 3.27 -5.31
N GLU B 59 10.78 3.33 -5.62
CA GLU B 59 11.77 3.90 -4.72
C GLU B 59 11.48 5.36 -4.40
N GLU B 60 11.19 6.16 -5.43
CA GLU B 60 10.90 7.57 -5.22
C GLU B 60 9.59 7.75 -4.44
N GLU B 61 8.59 6.97 -4.81
CA GLU B 61 7.28 7.03 -4.16
C GLU B 61 7.41 6.65 -2.68
N PHE B 62 8.10 5.55 -2.43
CA PHE B 62 8.31 5.07 -1.08
C PHE B 62 9.09 6.09 -0.25
N GLY B 63 10.10 6.70 -0.87
CA GLY B 63 10.89 7.70 -0.19
C GLY B 63 10.05 8.87 0.31
N VAL B 64 9.28 9.46 -0.61
CA VAL B 64 8.42 10.58 -0.26
C VAL B 64 7.39 10.15 0.78
N LEU B 65 6.76 9.01 0.53
CA LEU B 65 5.74 8.47 1.42
C LEU B 65 6.28 8.34 2.84
N LEU B 66 7.44 7.70 2.98
CA LEU B 66 8.05 7.51 4.29
C LEU B 66 8.37 8.84 4.95
N LYS B 67 9.01 9.73 4.19
CA LYS B 67 9.41 11.05 4.67
C LYS B 67 8.22 11.79 5.30
N GLU B 68 7.13 11.85 4.56
CA GLU B 68 5.94 12.54 5.01
C GLU B 68 5.30 11.83 6.21
N LEU B 69 5.09 10.53 6.08
CA LEU B 69 4.48 9.74 7.13
C LEU B 69 5.28 9.77 8.43
N GLY B 70 6.60 9.70 8.30
CA GLY B 70 7.45 9.73 9.47
C GLY B 70 7.29 11.04 10.23
N ASN B 71 7.20 12.13 9.46
CA ASN B 71 7.02 13.47 10.05
C ASN B 71 5.61 13.63 10.63
N LYS B 72 4.65 12.93 10.05
CA LYS B 72 3.26 13.01 10.52
C LYS B 72 3.11 12.44 11.93
N LEU B 73 3.99 11.53 12.31
CA LEU B 73 3.94 10.94 13.64
C LEU B 73 4.76 11.73 14.64
N GLU B 74 5.56 12.67 14.15
CA GLU B 74 6.39 13.49 15.02
C GLU B 74 5.51 14.38 15.89
N MET A 1 -15.32 -2.67 -10.24
CA MET A 1 -16.57 -3.45 -10.41
C MET A 1 -17.67 -2.56 -10.96
N ALA A 2 -17.89 -1.43 -10.29
CA ALA A 2 -18.93 -0.49 -10.72
C ALA A 2 -18.31 0.61 -11.56
N ASP A 3 -19.15 1.45 -12.14
CA ASP A 3 -18.66 2.54 -12.97
C ASP A 3 -18.08 3.64 -12.08
N LYS A 4 -18.86 4.07 -11.10
CA LYS A 4 -18.44 5.10 -10.17
C LYS A 4 -18.81 4.70 -8.74
N LEU A 5 -17.88 4.07 -8.04
CA LEU A 5 -18.11 3.65 -6.65
C LEU A 5 -18.30 4.88 -5.75
N LYS A 6 -19.18 4.76 -4.77
CA LYS A 6 -19.45 5.86 -3.84
C LYS A 6 -18.34 5.98 -2.81
N PHE A 7 -17.84 7.18 -2.63
CA PHE A 7 -16.77 7.44 -1.67
C PHE A 7 -16.79 8.91 -1.28
N GLU A 8 -15.98 9.26 -0.29
CA GLU A 8 -15.87 10.64 0.16
C GLU A 8 -14.50 10.85 0.81
N ILE A 9 -13.85 11.94 0.46
CA ILE A 9 -12.54 12.25 0.99
C ILE A 9 -12.64 12.90 2.36
N ILE A 10 -12.22 12.17 3.37
CA ILE A 10 -12.25 12.66 4.74
C ILE A 10 -11.06 13.57 5.00
N GLU A 11 -9.87 13.12 4.62
CA GLU A 11 -8.66 13.89 4.82
C GLU A 11 -7.55 13.40 3.90
N GLU A 12 -6.91 14.34 3.22
CA GLU A 12 -5.80 14.04 2.33
C GLU A 12 -4.56 13.80 3.17
N LEU A 13 -3.87 12.69 2.95
CA LEU A 13 -2.69 12.39 3.73
C LEU A 13 -1.42 12.77 3.00
N ILE A 14 -1.03 11.96 2.01
CA ILE A 14 0.21 12.20 1.28
C ILE A 14 0.02 12.06 -0.23
N VAL A 15 0.68 12.94 -0.97
CA VAL A 15 0.64 12.92 -2.42
C VAL A 15 2.07 12.78 -2.93
N LEU A 16 2.34 11.74 -3.72
CA LEU A 16 3.70 11.51 -4.19
C LEU A 16 3.96 12.20 -5.53
N SER A 17 3.52 11.57 -6.61
CA SER A 17 3.70 12.09 -7.96
C SER A 17 2.96 11.20 -8.94
N GLU A 18 3.24 11.37 -10.23
CA GLU A 18 2.61 10.55 -11.26
C GLU A 18 3.67 9.72 -11.99
N ASN A 19 3.38 8.45 -12.19
CA ASN A 19 4.29 7.54 -12.87
C ASN A 19 4.32 7.85 -14.38
N ALA A 20 5.01 7.02 -15.16
CA ALA A 20 5.11 7.24 -16.61
C ALA A 20 3.74 7.13 -17.25
N LYS A 21 2.88 6.36 -16.61
CA LYS A 21 1.53 6.13 -17.09
C LYS A 21 0.60 7.25 -16.63
N GLY A 22 1.14 8.19 -15.86
CA GLY A 22 0.33 9.27 -15.36
C GLY A 22 -0.34 8.86 -14.06
N TRP A 23 0.02 7.68 -13.57
CA TRP A 23 -0.54 7.14 -12.33
C TRP A 23 -0.20 8.04 -11.15
N ARG A 24 -1.18 8.80 -10.71
CA ARG A 24 -1.03 9.68 -9.57
C ARG A 24 -1.20 8.87 -8.29
N LYS A 25 -0.08 8.52 -7.68
CA LYS A 25 -0.12 7.73 -6.45
C LYS A 25 -0.32 8.64 -5.25
N GLU A 26 -1.48 8.49 -4.62
CA GLU A 26 -1.83 9.28 -3.45
C GLU A 26 -2.35 8.40 -2.33
N LEU A 27 -2.13 8.86 -1.11
CA LEU A 27 -2.59 8.17 0.07
C LEU A 27 -3.54 9.10 0.79
N ASN A 28 -4.82 8.76 0.78
CA ASN A 28 -5.83 9.61 1.40
C ASN A 28 -6.80 8.79 2.23
N ARG A 29 -7.44 9.44 3.18
CA ARG A 29 -8.41 8.79 4.03
C ARG A 29 -9.80 9.06 3.49
N VAL A 30 -10.48 8.02 3.02
CA VAL A 30 -11.81 8.18 2.45
C VAL A 30 -12.80 7.24 3.13
N SER A 31 -14.07 7.55 3.01
CA SER A 31 -15.11 6.72 3.59
C SER A 31 -15.65 5.76 2.55
N TRP A 32 -15.59 4.47 2.86
CA TRP A 32 -16.08 3.43 1.96
C TRP A 32 -17.58 3.56 1.79
N ASN A 33 -18.00 3.94 0.58
CA ASN A 33 -19.41 4.15 0.25
C ASN A 33 -20.00 5.22 1.16
N ASP A 34 -19.13 6.14 1.58
CA ASP A 34 -19.49 7.27 2.44
C ASP A 34 -19.90 6.79 3.84
N ALA A 35 -19.42 5.62 4.22
CA ALA A 35 -19.73 5.05 5.53
C ALA A 35 -18.52 5.09 6.46
N GLU A 36 -17.74 4.01 6.45
CA GLU A 36 -16.56 3.90 7.31
C GLU A 36 -15.34 4.57 6.69
N PRO A 37 -14.72 5.53 7.41
CA PRO A 37 -13.54 6.23 6.95
C PRO A 37 -12.26 5.43 7.22
N LYS A 38 -11.51 5.14 6.17
CA LYS A 38 -10.29 4.36 6.31
C LYS A 38 -9.21 4.89 5.38
N TYR A 39 -7.97 4.50 5.63
CA TYR A 39 -6.84 4.93 4.80
C TYR A 39 -6.64 3.96 3.64
N ASP A 40 -6.56 4.50 2.43
CA ASP A 40 -6.37 3.67 1.25
C ASP A 40 -5.39 4.35 0.30
N ILE A 41 -4.40 3.60 -0.17
CA ILE A 41 -3.41 4.16 -1.08
C ILE A 41 -3.63 3.62 -2.49
N ARG A 42 -3.86 4.51 -3.43
CA ARG A 42 -4.13 4.14 -4.81
C ARG A 42 -3.54 5.14 -5.78
N THR A 43 -3.77 4.90 -7.06
CA THR A 43 -3.27 5.79 -8.08
C THR A 43 -4.42 6.23 -8.99
N TRP A 44 -4.36 7.47 -9.44
CA TRP A 44 -5.37 8.03 -10.31
C TRP A 44 -4.77 8.38 -11.66
N SER A 45 -5.59 8.90 -12.55
CA SER A 45 -5.13 9.29 -13.87
C SER A 45 -4.50 10.68 -13.79
N PRO A 46 -3.69 11.07 -14.80
CA PRO A 46 -3.04 12.38 -14.82
C PRO A 46 -4.05 13.53 -14.75
N ASP A 47 -5.22 13.30 -15.33
CA ASP A 47 -6.29 14.30 -15.33
C ASP A 47 -7.20 14.12 -14.11
N HIS A 48 -6.95 13.05 -13.36
CA HIS A 48 -7.72 12.72 -12.17
C HIS A 48 -9.18 12.46 -12.52
N GLU A 49 -9.40 11.84 -13.68
CA GLU A 49 -10.76 11.55 -14.14
C GLU A 49 -11.16 10.14 -13.74
N LYS A 50 -10.24 9.20 -13.84
CA LYS A 50 -10.51 7.81 -13.48
C LYS A 50 -9.46 7.32 -12.51
N MET A 51 -9.69 6.12 -11.99
CA MET A 51 -8.81 5.54 -11.00
C MET A 51 -8.87 4.02 -11.08
N GLY A 52 -8.02 3.35 -10.32
CA GLY A 52 -8.01 1.90 -10.33
C GLY A 52 -7.94 1.31 -8.94
N LYS A 53 -7.55 0.04 -8.84
CA LYS A 53 -7.47 -0.63 -7.55
C LYS A 53 -6.09 -0.47 -6.91
N GLY A 54 -6.07 -0.58 -5.59
CA GLY A 54 -4.84 -0.46 -4.82
C GLY A 54 -4.90 -1.28 -3.55
N ILE A 55 -4.61 -0.68 -2.40
CA ILE A 55 -4.65 -1.42 -1.14
C ILE A 55 -5.19 -0.53 -0.01
N THR A 56 -5.95 -1.14 0.89
CA THR A 56 -6.52 -0.43 2.03
C THR A 56 -5.82 -0.80 3.34
N LEU A 57 -5.62 0.19 4.19
CA LEU A 57 -4.96 -0.02 5.48
C LEU A 57 -5.85 0.48 6.62
N SER A 58 -6.06 -0.38 7.60
CA SER A 58 -6.89 -0.03 8.76
C SER A 58 -6.06 0.73 9.79
N GLU A 59 -6.74 1.29 10.79
CA GLU A 59 -6.09 2.07 11.85
C GLU A 59 -4.93 1.33 12.52
N GLU A 60 -5.18 0.11 12.98
CA GLU A 60 -4.14 -0.68 13.64
C GLU A 60 -2.98 -0.98 12.70
N GLU A 61 -3.31 -1.43 11.49
CA GLU A 61 -2.31 -1.77 10.49
C GLU A 61 -1.49 -0.53 10.11
N PHE A 62 -2.18 0.56 9.84
CA PHE A 62 -1.55 1.82 9.45
C PHE A 62 -0.66 2.36 10.58
N GLY A 63 -1.15 2.28 11.80
CA GLY A 63 -0.39 2.76 12.96
C GLY A 63 0.93 2.05 13.12
N VAL A 64 0.90 0.72 13.14
CA VAL A 64 2.13 -0.07 13.30
C VAL A 64 3.08 0.22 12.14
N LEU A 65 2.52 0.32 10.94
CA LEU A 65 3.29 0.59 9.75
C LEU A 65 4.03 1.92 9.88
N LEU A 66 3.30 2.99 10.16
CA LEU A 66 3.89 4.31 10.29
C LEU A 66 4.93 4.35 11.40
N LYS A 67 4.56 3.80 12.54
CA LYS A 67 5.45 3.75 13.72
C LYS A 67 6.84 3.25 13.35
N GLU A 68 6.89 2.07 12.76
CA GLU A 68 8.16 1.47 12.38
C GLU A 68 8.79 2.17 11.18
N LEU A 69 7.99 2.52 10.19
CA LEU A 69 8.50 3.20 8.99
C LEU A 69 9.17 4.52 9.33
N GLY A 70 8.52 5.30 10.17
CA GLY A 70 9.08 6.58 10.57
C GLY A 70 10.36 6.39 11.36
N ASN A 71 10.37 5.34 12.18
CA ASN A 71 11.52 5.02 13.00
C ASN A 71 12.71 4.57 12.14
N LYS A 72 12.41 4.05 10.95
CA LYS A 72 13.43 3.59 10.03
C LYS A 72 14.20 4.76 9.40
N LEU A 73 13.55 5.90 9.31
CA LEU A 73 14.19 7.08 8.72
C LEU A 73 14.95 7.86 9.78
N GLU A 74 14.61 7.63 11.05
CA GLU A 74 15.26 8.34 12.15
C GLU A 74 16.76 8.05 12.17
N MET B 1 -2.28 -14.91 -11.24
CA MET B 1 -2.22 -15.38 -12.63
C MET B 1 -1.55 -16.75 -12.71
N ALA B 2 -0.41 -16.88 -12.07
CA ALA B 2 0.31 -18.14 -12.06
C ALA B 2 0.09 -18.84 -10.72
N ASP B 3 0.46 -20.12 -10.66
CA ASP B 3 0.31 -20.88 -9.42
C ASP B 3 1.32 -20.39 -8.39
N LYS B 4 2.58 -20.38 -8.77
CA LYS B 4 3.64 -19.92 -7.89
C LYS B 4 4.57 -18.96 -8.62
N LEU B 5 4.30 -17.66 -8.50
CA LEU B 5 5.12 -16.65 -9.17
C LEU B 5 6.53 -16.65 -8.58
N LYS B 6 7.52 -16.46 -9.44
CA LYS B 6 8.91 -16.44 -9.02
C LYS B 6 9.23 -15.13 -8.30
N PHE B 7 9.77 -15.24 -7.10
CA PHE B 7 10.15 -14.08 -6.31
C PHE B 7 11.28 -14.43 -5.37
N GLU B 8 11.83 -13.42 -4.71
CA GLU B 8 12.91 -13.64 -3.77
C GLU B 8 12.93 -12.50 -2.76
N ILE B 9 13.02 -12.86 -1.49
CA ILE B 9 13.04 -11.87 -0.43
C ILE B 9 14.43 -11.26 -0.27
N ILE B 10 14.54 -9.98 -0.55
CA ILE B 10 15.80 -9.28 -0.46
C ILE B 10 16.02 -8.76 0.96
N GLU B 11 14.96 -8.24 1.56
CA GLU B 11 15.05 -7.69 2.91
C GLU B 11 13.66 -7.49 3.50
N GLU B 12 13.45 -7.98 4.72
CA GLU B 12 12.17 -7.81 5.41
C GLU B 12 12.10 -6.40 5.94
N LEU B 13 10.99 -5.72 5.71
CA LEU B 13 10.86 -4.34 6.16
C LEU B 13 10.00 -4.25 7.41
N ILE B 14 8.69 -4.43 7.26
CA ILE B 14 7.77 -4.30 8.38
C ILE B 14 6.72 -5.41 8.40
N VAL B 15 6.46 -5.93 9.58
CA VAL B 15 5.43 -6.94 9.77
C VAL B 15 4.37 -6.40 10.73
N LEU B 16 3.12 -6.36 10.31
CA LEU B 16 2.06 -5.81 11.14
C LEU B 16 1.42 -6.88 12.01
N SER B 17 0.51 -7.65 11.42
CA SER B 17 -0.21 -8.72 12.11
C SER B 17 -1.13 -9.43 11.11
N GLU B 18 -2.04 -10.25 11.61
CA GLU B 18 -2.97 -10.97 10.74
C GLU B 18 -4.39 -10.50 11.03
N ASN B 19 -5.16 -10.28 9.95
CA ASN B 19 -6.54 -9.84 10.06
C ASN B 19 -7.44 -11.00 10.52
N ALA B 20 -8.75 -10.79 10.56
CA ALA B 20 -9.69 -11.83 10.99
C ALA B 20 -9.66 -13.01 10.03
N LYS B 21 -9.28 -12.74 8.80
CA LYS B 21 -9.21 -13.76 7.78
C LYS B 21 -7.85 -14.46 7.81
N GLY B 22 -7.01 -14.03 8.75
CA GLY B 22 -5.69 -14.60 8.85
C GLY B 22 -4.71 -13.92 7.91
N TRP B 23 -5.18 -12.85 7.27
CA TRP B 23 -4.37 -12.09 6.33
C TRP B 23 -3.16 -11.46 7.03
N ARG B 24 -2.00 -12.04 6.81
CA ARG B 24 -0.76 -11.54 7.37
C ARG B 24 -0.26 -10.38 6.52
N LYS B 25 -0.51 -9.16 6.97
CA LYS B 25 -0.08 -7.98 6.23
C LYS B 25 1.38 -7.65 6.53
N GLU B 26 2.22 -7.78 5.53
CA GLU B 26 3.64 -7.51 5.66
C GLU B 26 4.16 -6.66 4.52
N LEU B 27 5.19 -5.89 4.81
CA LEU B 27 5.82 -5.06 3.83
C LEU B 27 7.27 -5.51 3.70
N ASN B 28 7.61 -6.12 2.59
CA ASN B 28 8.95 -6.64 2.39
C ASN B 28 9.48 -6.27 1.02
N ARG B 29 10.80 -6.25 0.90
CA ARG B 29 11.45 -5.94 -0.36
C ARG B 29 11.81 -7.23 -1.06
N VAL B 30 11.18 -7.48 -2.20
CA VAL B 30 11.43 -8.70 -2.96
C VAL B 30 11.80 -8.38 -4.40
N SER B 31 12.42 -9.34 -5.07
CA SER B 31 12.80 -9.15 -6.45
C SER B 31 11.75 -9.77 -7.37
N TRP B 32 11.22 -8.95 -8.27
CA TRP B 32 10.21 -9.39 -9.22
C TRP B 32 10.79 -10.43 -10.15
N ASN B 33 10.32 -11.67 -10.01
CA ASN B 33 10.81 -12.79 -10.80
C ASN B 33 12.30 -12.99 -10.56
N ASP B 34 12.73 -12.61 -9.36
CA ASP B 34 14.13 -12.74 -8.91
C ASP B 34 15.04 -11.76 -9.67
N ALA B 35 14.43 -10.77 -10.31
CA ALA B 35 15.20 -9.79 -11.07
C ALA B 35 15.33 -8.45 -10.33
N GLU B 36 14.42 -7.52 -10.61
CA GLU B 36 14.46 -6.20 -9.99
C GLU B 36 13.86 -6.21 -8.58
N PRO B 37 14.65 -5.79 -7.58
CA PRO B 37 14.21 -5.73 -6.19
C PRO B 37 13.40 -4.47 -5.91
N LYS B 38 12.20 -4.62 -5.42
CA LYS B 38 11.34 -3.48 -5.13
C LYS B 38 10.52 -3.75 -3.86
N TYR B 39 9.93 -2.71 -3.31
CA TYR B 39 9.13 -2.83 -2.10
C TYR B 39 7.68 -3.09 -2.47
N ASP B 40 7.10 -4.12 -1.88
CA ASP B 40 5.70 -4.46 -2.16
C ASP B 40 5.01 -4.86 -0.86
N ILE B 41 3.85 -4.28 -0.60
CA ILE B 41 3.11 -4.59 0.61
C ILE B 41 1.89 -5.46 0.28
N ARG B 42 1.84 -6.64 0.87
CA ARG B 42 0.77 -7.58 0.61
C ARG B 42 0.40 -8.36 1.86
N THR B 43 -0.54 -9.28 1.71
CA THR B 43 -0.97 -10.10 2.83
C THR B 43 -0.86 -11.57 2.47
N TRP B 44 -0.51 -12.37 3.45
CA TRP B 44 -0.36 -13.81 3.27
C TRP B 44 -1.36 -14.56 4.14
N SER B 45 -1.34 -15.87 4.06
CA SER B 45 -2.24 -16.70 4.85
C SER B 45 -1.66 -16.89 6.25
N PRO B 46 -2.49 -17.28 7.24
CA PRO B 46 -2.02 -17.51 8.61
C PRO B 46 -0.87 -18.51 8.68
N ASP B 47 -0.93 -19.52 7.80
CA ASP B 47 0.10 -20.55 7.75
C ASP B 47 1.21 -20.14 6.79
N HIS B 48 1.02 -19.01 6.11
CA HIS B 48 1.98 -18.47 5.15
C HIS B 48 2.20 -19.45 4.00
N GLU B 49 1.13 -20.11 3.58
CA GLU B 49 1.20 -21.08 2.50
C GLU B 49 0.85 -20.42 1.16
N LYS B 50 -0.13 -19.55 1.18
CA LYS B 50 -0.56 -18.84 -0.01
C LYS B 50 -0.61 -17.34 0.23
N MET B 51 -0.79 -16.61 -0.85
CA MET B 51 -0.82 -15.15 -0.81
C MET B 51 -1.73 -14.62 -1.92
N GLY B 52 -1.95 -13.31 -1.90
CA GLY B 52 -2.79 -12.69 -2.91
C GLY B 52 -2.17 -11.42 -3.47
N LYS B 53 -2.97 -10.59 -4.13
CA LYS B 53 -2.46 -9.36 -4.71
C LYS B 53 -2.52 -8.19 -3.72
N GLY B 54 -1.62 -7.23 -3.94
CA GLY B 54 -1.55 -6.04 -3.10
C GLY B 54 -1.11 -4.83 -3.92
N ILE B 55 -0.08 -4.12 -3.44
CA ILE B 55 0.40 -2.95 -4.18
C ILE B 55 1.91 -2.82 -4.08
N THR B 56 2.53 -2.40 -5.17
CA THR B 56 3.97 -2.23 -5.23
C THR B 56 4.37 -0.76 -5.19
N LEU B 57 5.46 -0.46 -4.50
CA LEU B 57 5.95 0.90 -4.37
C LEU B 57 7.41 0.99 -4.81
N SER B 58 7.70 1.90 -5.73
CA SER B 58 9.05 2.09 -6.23
C SER B 58 9.86 2.93 -5.24
N GLU B 59 11.16 3.03 -5.48
CA GLU B 59 12.05 3.79 -4.60
C GLU B 59 11.61 5.22 -4.42
N GLU B 60 11.38 5.94 -5.52
CA GLU B 60 10.95 7.33 -5.44
C GLU B 60 9.62 7.47 -4.70
N GLU B 61 8.68 6.60 -5.03
CA GLU B 61 7.36 6.62 -4.42
C GLU B 61 7.44 6.32 -2.92
N PHE B 62 8.15 5.25 -2.59
CA PHE B 62 8.32 4.83 -1.21
C PHE B 62 9.06 5.88 -0.39
N GLY B 63 10.06 6.50 -1.02
CA GLY B 63 10.84 7.51 -0.34
C GLY B 63 10.01 8.70 0.11
N VAL B 64 9.26 9.29 -0.82
CA VAL B 64 8.41 10.44 -0.50
C VAL B 64 7.37 10.04 0.52
N LEU B 65 6.84 8.83 0.36
CA LEU B 65 5.83 8.31 1.26
C LEU B 65 6.38 8.23 2.68
N LEU B 66 7.51 7.54 2.84
CA LEU B 66 8.16 7.38 4.14
C LEU B 66 8.49 8.74 4.76
N LYS B 67 9.13 9.59 3.97
CA LYS B 67 9.53 10.92 4.42
C LYS B 67 8.38 11.67 5.09
N GLU B 68 7.29 11.82 4.37
CA GLU B 68 6.14 12.55 4.88
C GLU B 68 5.42 11.79 5.99
N LEU B 69 5.24 10.48 5.81
CA LEU B 69 4.55 9.67 6.81
C LEU B 69 5.29 9.67 8.14
N GLY B 70 6.61 9.50 8.08
CA GLY B 70 7.40 9.50 9.28
C GLY B 70 7.34 10.85 9.97
N ASN B 71 7.29 11.91 9.16
CA ASN B 71 7.23 13.27 9.66
C ASN B 71 5.87 13.57 10.31
N LYS B 72 4.84 12.86 9.87
CA LYS B 72 3.49 13.05 10.40
C LYS B 72 3.38 12.57 11.84
N LEU B 73 4.22 11.60 12.21
CA LEU B 73 4.18 11.08 13.57
C LEU B 73 5.12 11.85 14.50
N GLU B 74 5.89 12.77 13.94
CA GLU B 74 6.83 13.56 14.73
C GLU B 74 6.07 14.59 15.55
N MET A 1 -15.28 -2.99 -10.55
CA MET A 1 -16.59 -3.67 -10.72
C MET A 1 -17.63 -2.71 -11.27
N ALA A 2 -17.78 -1.57 -10.63
CA ALA A 2 -18.74 -0.57 -11.08
C ALA A 2 -18.01 0.57 -11.76
N ASP A 3 -18.66 1.22 -12.71
CA ASP A 3 -18.04 2.33 -13.42
C ASP A 3 -17.74 3.48 -12.47
N LYS A 4 -18.68 3.75 -11.56
CA LYS A 4 -18.53 4.82 -10.59
C LYS A 4 -18.96 4.36 -9.20
N LEU A 5 -17.99 4.08 -8.34
CA LEU A 5 -18.26 3.67 -6.98
C LEU A 5 -18.40 4.90 -6.10
N LYS A 6 -19.32 4.86 -5.14
CA LYS A 6 -19.54 5.99 -4.24
C LYS A 6 -18.43 6.06 -3.20
N PHE A 7 -17.80 7.22 -3.12
CA PHE A 7 -16.73 7.46 -2.17
C PHE A 7 -16.78 8.90 -1.70
N GLU A 8 -16.01 9.23 -0.69
CA GLU A 8 -15.98 10.59 -0.19
C GLU A 8 -14.64 10.85 0.48
N ILE A 9 -13.93 11.86 -0.01
CA ILE A 9 -12.64 12.21 0.55
C ILE A 9 -12.80 12.89 1.90
N ILE A 10 -12.36 12.21 2.94
CA ILE A 10 -12.44 12.73 4.29
C ILE A 10 -11.26 13.63 4.59
N GLU A 11 -10.07 13.20 4.16
CA GLU A 11 -8.86 13.96 4.39
C GLU A 11 -7.72 13.44 3.52
N GLU A 12 -7.00 14.36 2.89
CA GLU A 12 -5.87 14.01 2.04
C GLU A 12 -4.63 13.86 2.90
N LEU A 13 -3.86 12.80 2.70
CA LEU A 13 -2.68 12.58 3.50
C LEU A 13 -1.41 12.94 2.74
N ILE A 14 -1.00 12.08 1.81
CA ILE A 14 0.24 12.32 1.07
C ILE A 14 0.06 12.14 -0.44
N VAL A 15 0.65 13.05 -1.19
CA VAL A 15 0.62 13.00 -2.64
C VAL A 15 2.06 12.81 -3.14
N LEU A 16 2.31 11.74 -3.87
CA LEU A 16 3.65 11.46 -4.35
C LEU A 16 3.92 12.14 -5.69
N SER A 17 3.48 11.51 -6.77
CA SER A 17 3.67 12.02 -8.13
C SER A 17 3.00 11.09 -9.13
N GLU A 18 3.28 11.29 -10.42
CA GLU A 18 2.71 10.46 -11.46
C GLU A 18 3.80 9.65 -12.17
N ASN A 19 3.48 8.39 -12.46
CA ASN A 19 4.42 7.50 -13.14
C ASN A 19 4.48 7.84 -14.64
N ALA A 20 5.16 7.01 -15.40
CA ALA A 20 5.30 7.22 -16.84
C ALA A 20 3.95 7.18 -17.54
N LYS A 21 3.01 6.47 -16.93
CA LYS A 21 1.68 6.32 -17.47
C LYS A 21 0.76 7.44 -17.00
N GLY A 22 1.31 8.36 -16.23
CA GLY A 22 0.52 9.44 -15.70
C GLY A 22 -0.19 9.01 -14.43
N TRP A 23 0.12 7.79 -13.99
CA TRP A 23 -0.46 7.22 -12.78
C TRP A 23 -0.18 8.09 -11.56
N ARG A 24 -1.22 8.76 -11.08
CA ARG A 24 -1.12 9.60 -9.91
C ARG A 24 -1.32 8.77 -8.64
N LYS A 25 -0.23 8.50 -7.94
CA LYS A 25 -0.30 7.71 -6.71
C LYS A 25 -0.46 8.63 -5.51
N GLU A 26 -1.58 8.49 -4.82
CA GLU A 26 -1.88 9.30 -3.66
C GLU A 26 -2.42 8.47 -2.51
N LEU A 27 -2.10 8.90 -1.30
CA LEU A 27 -2.56 8.23 -0.10
C LEU A 27 -3.50 9.16 0.65
N ASN A 28 -4.78 8.83 0.62
CA ASN A 28 -5.78 9.68 1.28
C ASN A 28 -6.75 8.84 2.07
N ARG A 29 -7.56 9.50 2.88
CA ARG A 29 -8.55 8.81 3.69
C ARG A 29 -9.94 9.10 3.15
N VAL A 30 -10.62 8.05 2.72
CA VAL A 30 -11.96 8.17 2.14
C VAL A 30 -12.93 7.24 2.85
N SER A 31 -14.21 7.53 2.70
CA SER A 31 -15.24 6.69 3.31
C SER A 31 -15.77 5.70 2.28
N TRP A 32 -15.70 4.42 2.62
CA TRP A 32 -16.17 3.37 1.73
C TRP A 32 -17.68 3.48 1.54
N ASN A 33 -18.09 3.90 0.33
CA ASN A 33 -19.50 4.10 0.02
C ASN A 33 -20.09 5.19 0.90
N ASP A 34 -19.18 6.06 1.37
CA ASP A 34 -19.51 7.19 2.25
C ASP A 34 -20.02 6.71 3.61
N ALA A 35 -19.64 5.49 3.98
CA ALA A 35 -20.05 4.94 5.26
C ALA A 35 -18.91 5.01 6.27
N GLU A 36 -17.97 4.07 6.18
CA GLU A 36 -16.84 4.03 7.09
C GLU A 36 -15.59 4.67 6.48
N PRO A 37 -15.00 5.65 7.17
CA PRO A 37 -13.79 6.33 6.72
C PRO A 37 -12.53 5.53 7.07
N LYS A 38 -11.71 5.24 6.06
CA LYS A 38 -10.49 4.48 6.29
C LYS A 38 -9.39 4.97 5.34
N TYR A 39 -8.14 4.61 5.64
CA TYR A 39 -7.01 5.02 4.80
C TYR A 39 -6.83 4.05 3.64
N ASP A 40 -6.74 4.58 2.43
CA ASP A 40 -6.57 3.73 1.25
C ASP A 40 -5.63 4.42 0.26
N ILE A 41 -4.59 3.72 -0.18
CA ILE A 41 -3.64 4.27 -1.12
C ILE A 41 -3.88 3.67 -2.51
N ARG A 42 -4.11 4.54 -3.49
CA ARG A 42 -4.40 4.07 -4.83
C ARG A 42 -3.78 4.97 -5.90
N THR A 43 -4.02 4.61 -7.14
CA THR A 43 -3.51 5.34 -8.28
C THR A 43 -4.66 5.75 -9.19
N TRP A 44 -4.62 7.00 -9.65
CA TRP A 44 -5.66 7.52 -10.53
C TRP A 44 -5.06 8.01 -11.83
N SER A 45 -5.92 8.23 -12.84
CA SER A 45 -5.48 8.71 -14.14
C SER A 45 -4.98 10.15 -14.02
N PRO A 46 -4.05 10.57 -14.90
CA PRO A 46 -3.48 11.93 -14.88
C PRO A 46 -4.53 13.03 -14.97
N ASP A 47 -5.59 12.78 -15.73
CA ASP A 47 -6.67 13.75 -15.90
C ASP A 47 -7.72 13.60 -14.80
N HIS A 48 -7.54 12.57 -13.97
CA HIS A 48 -8.48 12.28 -12.87
C HIS A 48 -9.87 11.93 -13.41
N GLU A 49 -9.88 11.38 -14.62
CA GLU A 49 -11.14 11.00 -15.26
C GLU A 49 -11.64 9.66 -14.69
N LYS A 50 -10.71 8.77 -14.38
CA LYS A 50 -11.04 7.48 -13.82
C LYS A 50 -10.05 7.06 -12.74
N MET A 51 -10.35 5.94 -12.11
CA MET A 51 -9.54 5.42 -11.04
C MET A 51 -9.32 3.92 -11.19
N GLY A 52 -8.40 3.37 -10.41
CA GLY A 52 -8.11 1.95 -10.47
C GLY A 52 -8.06 1.32 -9.09
N LYS A 53 -7.64 0.06 -9.02
CA LYS A 53 -7.58 -0.63 -7.74
C LYS A 53 -6.21 -0.47 -7.07
N GLY A 54 -6.21 -0.52 -5.74
CA GLY A 54 -4.98 -0.38 -4.96
C GLY A 54 -5.02 -1.21 -3.70
N ILE A 55 -4.84 -0.59 -2.54
CA ILE A 55 -4.88 -1.32 -1.28
C ILE A 55 -5.34 -0.43 -0.13
N THR A 56 -6.13 -1.02 0.76
CA THR A 56 -6.65 -0.31 1.92
C THR A 56 -5.86 -0.67 3.17
N LEU A 57 -5.65 0.31 4.04
CA LEU A 57 -4.92 0.10 5.28
C LEU A 57 -5.80 0.40 6.48
N SER A 58 -5.87 -0.54 7.42
CA SER A 58 -6.67 -0.35 8.61
C SER A 58 -5.96 0.60 9.57
N GLU A 59 -6.71 1.13 10.52
CA GLU A 59 -6.18 2.07 11.50
C GLU A 59 -5.00 1.48 12.27
N GLU A 60 -5.17 0.27 12.78
CA GLU A 60 -4.12 -0.40 13.54
C GLU A 60 -2.90 -0.66 12.65
N GLU A 61 -3.17 -1.13 11.44
CA GLU A 61 -2.12 -1.43 10.47
C GLU A 61 -1.30 -0.20 10.13
N PHE A 62 -2.00 0.87 9.75
CA PHE A 62 -1.35 2.13 9.39
C PHE A 62 -0.57 2.70 10.58
N GLY A 63 -1.13 2.54 11.76
CA GLY A 63 -0.48 3.04 12.97
C GLY A 63 0.87 2.40 13.19
N VAL A 64 0.91 1.07 13.17
CA VAL A 64 2.16 0.33 13.36
C VAL A 64 3.12 0.62 12.21
N LEU A 65 2.57 0.65 11.01
CA LEU A 65 3.35 0.92 9.80
C LEU A 65 4.08 2.26 9.93
N LEU A 66 3.32 3.31 10.25
CA LEU A 66 3.89 4.64 10.39
C LEU A 66 4.91 4.70 11.52
N LYS A 67 4.54 4.14 12.67
CA LYS A 67 5.42 4.13 13.83
C LYS A 67 6.80 3.62 13.49
N GLU A 68 6.85 2.45 12.87
CA GLU A 68 8.10 1.83 12.49
C GLU A 68 8.78 2.58 11.35
N LEU A 69 8.04 2.83 10.26
CA LEU A 69 8.59 3.52 9.10
C LEU A 69 9.20 4.87 9.47
N GLY A 70 8.48 5.63 10.27
CA GLY A 70 8.96 6.92 10.69
C GLY A 70 10.25 6.79 11.48
N ASN A 71 10.31 5.77 12.32
CA ASN A 71 11.49 5.52 13.14
C ASN A 71 12.64 4.98 12.29
N LYS A 72 12.30 4.32 11.18
CA LYS A 72 13.31 3.76 10.28
C LYS A 72 14.10 4.87 9.62
N LEU A 73 13.45 6.01 9.41
CA LEU A 73 14.10 7.15 8.77
C LEU A 73 15.01 7.87 9.74
N GLU A 74 14.76 7.70 11.02
CA GLU A 74 15.57 8.35 12.05
C GLU A 74 16.96 7.73 12.09
N MET B 1 -2.19 -15.12 -10.97
CA MET B 1 -2.20 -15.76 -12.31
C MET B 1 -1.60 -17.16 -12.24
N ALA B 2 -0.42 -17.25 -11.66
CA ALA B 2 0.25 -18.53 -11.51
C ALA B 2 0.11 -19.03 -10.09
N ASP B 3 0.10 -20.35 -9.91
CA ASP B 3 -0.03 -20.92 -8.58
C ASP B 3 1.16 -20.52 -7.72
N LYS B 4 2.35 -20.56 -8.32
CA LYS B 4 3.57 -20.21 -7.61
C LYS B 4 4.45 -19.29 -8.47
N LEU B 5 4.47 -18.00 -8.13
CA LEU B 5 5.28 -17.03 -8.84
C LEU B 5 6.68 -16.97 -8.22
N LYS B 6 7.70 -16.84 -9.05
CA LYS B 6 9.06 -16.80 -8.54
C LYS B 6 9.36 -15.43 -7.92
N PHE B 7 9.78 -15.48 -6.68
CA PHE B 7 10.12 -14.28 -5.93
C PHE B 7 11.29 -14.58 -5.02
N GLU B 8 11.88 -13.54 -4.45
CA GLU B 8 13.00 -13.74 -3.57
C GLU B 8 13.03 -12.61 -2.55
N ILE B 9 12.92 -12.94 -1.28
CA ILE B 9 12.95 -11.94 -0.23
C ILE B 9 14.34 -11.35 -0.08
N ILE B 10 14.47 -10.10 -0.46
CA ILE B 10 15.74 -9.41 -0.39
C ILE B 10 15.97 -8.87 1.02
N GLU B 11 14.92 -8.28 1.59
CA GLU B 11 15.00 -7.70 2.91
C GLU B 11 13.61 -7.45 3.48
N GLU B 12 13.40 -7.85 4.73
CA GLU B 12 12.13 -7.65 5.41
C GLU B 12 12.09 -6.25 6.01
N LEU B 13 11.00 -5.54 5.83
CA LEU B 13 10.91 -4.17 6.34
C LEU B 13 10.04 -4.09 7.59
N ILE B 14 8.73 -4.17 7.39
CA ILE B 14 7.80 -4.05 8.52
C ILE B 14 6.76 -5.18 8.54
N VAL B 15 6.51 -5.69 9.73
CA VAL B 15 5.51 -6.73 9.93
C VAL B 15 4.43 -6.18 10.85
N LEU B 16 3.21 -6.10 10.36
CA LEU B 16 2.13 -5.53 11.16
C LEU B 16 1.47 -6.59 12.05
N SER B 17 0.56 -7.37 11.46
CA SER B 17 -0.18 -8.40 12.17
C SER B 17 -1.13 -9.13 11.21
N GLU B 18 -2.03 -9.94 11.76
CA GLU B 18 -2.99 -10.68 10.96
C GLU B 18 -4.40 -10.18 11.25
N ASN B 19 -5.22 -10.10 10.19
CA ASN B 19 -6.60 -9.67 10.33
C ASN B 19 -7.45 -10.79 10.91
N ALA B 20 -8.77 -10.63 10.89
CA ALA B 20 -9.68 -11.64 11.43
C ALA B 20 -9.65 -12.90 10.57
N LYS B 21 -9.21 -12.77 9.33
CA LYS B 21 -9.14 -13.87 8.41
C LYS B 21 -7.78 -14.54 8.47
N GLY B 22 -6.92 -14.04 9.34
CA GLY B 22 -5.58 -14.58 9.47
C GLY B 22 -4.64 -13.93 8.48
N TRP B 23 -5.18 -12.96 7.74
CA TRP B 23 -4.41 -12.23 6.74
C TRP B 23 -3.18 -11.55 7.34
N ARG B 24 -2.01 -12.06 7.02
CA ARG B 24 -0.75 -11.50 7.51
C ARG B 24 -0.27 -10.40 6.57
N LYS B 25 -0.42 -9.15 7.00
CA LYS B 25 0.03 -8.02 6.21
C LYS B 25 1.45 -7.64 6.56
N GLU B 26 2.33 -7.76 5.58
CA GLU B 26 3.74 -7.46 5.77
C GLU B 26 4.28 -6.63 4.61
N LEU B 27 5.21 -5.76 4.93
CA LEU B 27 5.85 -4.91 3.94
C LEU B 27 7.31 -5.31 3.83
N ASN B 28 7.67 -5.93 2.73
CA ASN B 28 9.03 -6.38 2.54
C ASN B 28 9.52 -6.04 1.14
N ARG B 29 10.82 -6.20 0.92
CA ARG B 29 11.41 -5.93 -0.38
C ARG B 29 11.81 -7.24 -1.03
N VAL B 30 11.18 -7.54 -2.15
CA VAL B 30 11.44 -8.77 -2.88
C VAL B 30 11.80 -8.47 -4.33
N SER B 31 12.43 -9.43 -4.99
CA SER B 31 12.80 -9.27 -6.39
C SER B 31 11.74 -9.91 -7.29
N TRP B 32 11.20 -9.11 -8.20
CA TRP B 32 10.19 -9.57 -9.14
C TRP B 32 10.79 -10.64 -10.04
N ASN B 33 10.37 -11.88 -9.85
CA ASN B 33 10.88 -13.02 -10.61
C ASN B 33 12.38 -13.17 -10.36
N ASP B 34 12.81 -12.69 -9.19
CA ASP B 34 14.21 -12.74 -8.76
C ASP B 34 15.09 -11.90 -9.69
N ALA B 35 14.48 -10.91 -10.33
CA ALA B 35 15.22 -10.03 -11.23
C ALA B 35 15.45 -8.67 -10.58
N GLU B 36 14.44 -7.82 -10.60
CA GLU B 36 14.55 -6.50 -10.02
C GLU B 36 13.96 -6.43 -8.61
N PRO B 37 14.77 -6.03 -7.62
CA PRO B 37 14.32 -5.91 -6.22
C PRO B 37 13.55 -4.61 -5.98
N LYS B 38 12.36 -4.71 -5.43
CA LYS B 38 11.55 -3.53 -5.16
C LYS B 38 10.70 -3.75 -3.91
N TYR B 39 10.14 -2.68 -3.38
CA TYR B 39 9.30 -2.75 -2.19
C TYR B 39 7.87 -3.07 -2.57
N ASP B 40 7.29 -4.08 -1.94
CA ASP B 40 5.92 -4.49 -2.24
C ASP B 40 5.23 -4.90 -0.95
N ILE B 41 4.06 -4.33 -0.67
CA ILE B 41 3.32 -4.65 0.54
C ILE B 41 2.12 -5.53 0.18
N ARG B 42 2.04 -6.71 0.79
CA ARG B 42 0.97 -7.63 0.49
C ARG B 42 0.49 -8.38 1.73
N THR B 43 -0.48 -9.26 1.51
CA THR B 43 -1.05 -10.06 2.56
C THR B 43 -0.94 -11.54 2.23
N TRP B 44 -0.56 -12.33 3.22
CA TRP B 44 -0.40 -13.77 3.03
C TRP B 44 -1.30 -14.54 4.00
N SER B 45 -1.46 -15.84 3.74
CA SER B 45 -2.27 -16.69 4.60
C SER B 45 -1.58 -16.89 5.95
N PRO B 46 -2.35 -17.13 7.03
CA PRO B 46 -1.80 -17.32 8.38
C PRO B 46 -0.72 -18.41 8.44
N ASP B 47 -0.95 -19.51 7.72
CA ASP B 47 -0.01 -20.62 7.69
C ASP B 47 1.09 -20.38 6.64
N HIS B 48 0.93 -19.30 5.88
CA HIS B 48 1.89 -18.92 4.83
C HIS B 48 1.89 -19.94 3.70
N GLU B 49 0.76 -20.66 3.55
CA GLU B 49 0.63 -21.66 2.50
C GLU B 49 0.49 -21.00 1.13
N LYS B 50 -0.24 -19.91 1.09
CA LYS B 50 -0.45 -19.16 -0.15
C LYS B 50 -0.37 -17.67 0.07
N MET B 51 -0.43 -16.94 -1.03
CA MET B 51 -0.34 -15.50 -1.02
C MET B 51 -1.39 -14.89 -1.93
N GLY B 52 -1.59 -13.58 -1.81
CA GLY B 52 -2.58 -12.89 -2.63
C GLY B 52 -2.01 -11.65 -3.28
N LYS B 53 -2.87 -10.82 -3.88
CA LYS B 53 -2.41 -9.60 -4.53
C LYS B 53 -2.44 -8.40 -3.59
N GLY B 54 -1.49 -7.49 -3.79
CA GLY B 54 -1.38 -6.28 -2.99
C GLY B 54 -1.00 -5.10 -3.85
N ILE B 55 0.08 -4.40 -3.49
CA ILE B 55 0.51 -3.26 -4.27
C ILE B 55 2.02 -3.03 -4.15
N THR B 56 2.64 -2.69 -5.27
CA THR B 56 4.07 -2.45 -5.33
C THR B 56 4.36 -0.96 -5.26
N LEU B 57 5.42 -0.59 -4.56
CA LEU B 57 5.81 0.81 -4.42
C LEU B 57 7.21 1.03 -5.00
N SER B 58 7.34 2.03 -5.87
CA SER B 58 8.62 2.33 -6.48
C SER B 58 9.53 3.01 -5.46
N GLU B 59 10.81 3.06 -5.76
CA GLU B 59 11.80 3.64 -4.86
C GLU B 59 11.50 5.12 -4.58
N GLU B 60 11.23 5.88 -5.62
CA GLU B 60 10.92 7.30 -5.49
C GLU B 60 9.62 7.50 -4.70
N GLU B 61 8.64 6.65 -4.98
CA GLU B 61 7.35 6.71 -4.33
C GLU B 61 7.47 6.44 -2.84
N PHE B 62 8.11 5.32 -2.51
CA PHE B 62 8.30 4.93 -1.13
C PHE B 62 9.13 5.98 -0.39
N GLY B 63 10.11 6.56 -1.10
CA GLY B 63 10.95 7.58 -0.51
C GLY B 63 10.16 8.79 -0.06
N VAL B 64 9.35 9.34 -0.97
CA VAL B 64 8.53 10.49 -0.66
C VAL B 64 7.51 10.13 0.41
N LEU B 65 6.91 8.96 0.25
CA LEU B 65 5.91 8.45 1.18
C LEU B 65 6.47 8.42 2.60
N LEU B 66 7.62 7.78 2.75
CA LEU B 66 8.27 7.68 4.05
C LEU B 66 8.61 9.04 4.63
N LYS B 67 9.25 9.87 3.81
CA LYS B 67 9.66 11.22 4.22
C LYS B 67 8.49 11.98 4.85
N GLU B 68 7.39 12.05 4.13
CA GLU B 68 6.22 12.78 4.59
C GLU B 68 5.56 12.07 5.77
N LEU B 69 5.25 10.78 5.60
CA LEU B 69 4.58 10.02 6.66
C LEU B 69 5.37 10.06 7.98
N GLY B 70 6.68 9.87 7.88
CA GLY B 70 7.52 9.90 9.05
C GLY B 70 7.46 11.25 9.75
N ASN B 71 7.40 12.32 8.95
CA ASN B 71 7.33 13.69 9.48
C ASN B 71 5.94 14.00 10.01
N LYS B 72 4.94 13.27 9.51
CA LYS B 72 3.56 13.47 9.94
C LYS B 72 3.37 13.01 11.38
N LEU B 73 4.20 12.08 11.81
CA LEU B 73 4.10 11.54 13.16
C LEU B 73 4.87 12.43 14.14
N GLU B 74 5.68 13.33 13.60
CA GLU B 74 6.46 14.24 14.44
C GLU B 74 5.57 15.35 14.97
N MET A 1 -15.62 -3.05 -10.08
CA MET A 1 -16.76 -3.97 -10.23
C MET A 1 -18.01 -3.20 -10.63
N ALA A 2 -18.12 -1.96 -10.16
CA ALA A 2 -19.26 -1.13 -10.49
C ALA A 2 -18.81 0.02 -11.37
N ASP A 3 -19.76 0.79 -11.89
CA ASP A 3 -19.44 1.93 -12.75
C ASP A 3 -18.82 3.04 -11.91
N LYS A 4 -19.50 3.39 -10.82
CA LYS A 4 -19.02 4.43 -9.91
C LYS A 4 -19.32 4.01 -8.47
N LEU A 5 -18.27 3.91 -7.67
CA LEU A 5 -18.43 3.53 -6.27
C LEU A 5 -18.56 4.78 -5.40
N LYS A 6 -19.47 4.72 -4.43
CA LYS A 6 -19.69 5.84 -3.52
C LYS A 6 -18.52 5.98 -2.54
N PHE A 7 -17.97 7.18 -2.44
CA PHE A 7 -16.87 7.44 -1.54
C PHE A 7 -16.82 8.92 -1.17
N GLU A 8 -16.11 9.23 -0.11
CA GLU A 8 -15.95 10.60 0.34
C GLU A 8 -14.57 10.82 0.92
N ILE A 9 -13.94 11.92 0.53
CA ILE A 9 -12.61 12.24 1.01
C ILE A 9 -12.69 12.96 2.35
N ILE A 10 -12.25 12.27 3.40
CA ILE A 10 -12.27 12.84 4.74
C ILE A 10 -11.10 13.80 4.90
N GLU A 11 -9.91 13.34 4.50
CA GLU A 11 -8.71 14.15 4.60
C GLU A 11 -7.62 13.60 3.70
N GLU A 12 -6.97 14.50 2.98
CA GLU A 12 -5.87 14.12 2.10
C GLU A 12 -4.62 13.91 2.94
N LEU A 13 -3.88 12.86 2.64
CA LEU A 13 -2.68 12.58 3.41
C LEU A 13 -1.42 12.91 2.63
N ILE A 14 -1.06 12.05 1.68
CA ILE A 14 0.17 12.27 0.91
C ILE A 14 -0.04 12.09 -0.60
N VAL A 15 0.58 12.97 -1.36
CA VAL A 15 0.53 12.93 -2.81
C VAL A 15 1.96 12.68 -3.31
N LEU A 16 2.16 11.65 -4.13
CA LEU A 16 3.49 11.35 -4.60
C LEU A 16 3.75 11.96 -5.97
N SER A 17 3.29 11.29 -7.02
CA SER A 17 3.50 11.73 -8.40
C SER A 17 2.75 10.78 -9.34
N GLU A 18 3.06 10.86 -10.62
CA GLU A 18 2.43 10.01 -11.61
C GLU A 18 3.46 9.10 -12.27
N ASN A 19 3.04 7.88 -12.58
CA ASN A 19 3.91 6.92 -13.24
C ASN A 19 3.96 7.20 -14.73
N ALA A 20 4.67 6.36 -15.49
CA ALA A 20 4.77 6.54 -16.94
C ALA A 20 3.40 6.39 -17.59
N LYS A 21 2.50 5.72 -16.88
CA LYS A 21 1.15 5.48 -17.35
C LYS A 21 0.24 6.64 -16.98
N GLY A 22 0.77 7.58 -16.22
CA GLY A 22 -0.01 8.71 -15.77
C GLY A 22 -0.71 8.42 -14.46
N TRP A 23 -0.42 7.23 -13.91
CA TRP A 23 -1.01 6.80 -12.64
C TRP A 23 -0.63 7.75 -11.51
N ARG A 24 -1.60 8.52 -11.06
CA ARG A 24 -1.39 9.44 -9.97
C ARG A 24 -1.56 8.70 -8.64
N LYS A 25 -0.44 8.34 -8.03
CA LYS A 25 -0.47 7.61 -6.78
C LYS A 25 -0.61 8.57 -5.60
N GLU A 26 -1.74 8.47 -4.92
CA GLU A 26 -2.03 9.32 -3.78
C GLU A 26 -2.58 8.50 -2.62
N LEU A 27 -2.26 8.94 -1.41
CA LEU A 27 -2.72 8.29 -0.20
C LEU A 27 -3.64 9.24 0.55
N ASN A 28 -4.92 8.91 0.60
CA ASN A 28 -5.88 9.77 1.26
C ASN A 28 -6.81 8.98 2.15
N ARG A 29 -7.42 9.66 3.10
CA ARG A 29 -8.36 9.03 4.01
C ARG A 29 -9.77 9.24 3.47
N VAL A 30 -10.42 8.15 3.07
CA VAL A 30 -11.76 8.25 2.52
C VAL A 30 -12.71 7.31 3.26
N SER A 31 -14.00 7.60 3.16
CA SER A 31 -15.01 6.78 3.80
C SER A 31 -15.58 5.78 2.81
N TRP A 32 -15.49 4.50 3.16
CA TRP A 32 -16.02 3.42 2.33
C TRP A 32 -17.52 3.56 2.18
N ASN A 33 -17.96 3.96 0.98
CA ASN A 33 -19.37 4.18 0.70
C ASN A 33 -19.93 5.26 1.62
N ASP A 34 -19.04 6.17 2.02
CA ASP A 34 -19.38 7.29 2.91
C ASP A 34 -19.83 6.79 4.29
N ALA A 35 -19.36 5.61 4.68
CA ALA A 35 -19.72 5.05 5.96
C ALA A 35 -18.52 4.91 6.88
N GLU A 36 -17.62 3.98 6.56
CA GLU A 36 -16.43 3.74 7.37
C GLU A 36 -15.21 4.51 6.84
N PRO A 37 -14.73 5.50 7.60
CA PRO A 37 -13.55 6.29 7.23
C PRO A 37 -12.27 5.50 7.48
N LYS A 38 -11.49 5.28 6.43
CA LYS A 38 -10.26 4.50 6.57
C LYS A 38 -9.21 4.99 5.56
N TYR A 39 -7.98 4.57 5.77
CA TYR A 39 -6.88 4.96 4.89
C TYR A 39 -6.72 3.97 3.74
N ASP A 40 -6.55 4.48 2.53
CA ASP A 40 -6.40 3.63 1.35
C ASP A 40 -5.49 4.34 0.34
N ILE A 41 -4.51 3.61 -0.18
CA ILE A 41 -3.59 4.19 -1.15
C ILE A 41 -3.85 3.60 -2.54
N ARG A 42 -4.14 4.47 -3.49
CA ARG A 42 -4.46 4.04 -4.85
C ARG A 42 -3.92 5.02 -5.87
N THR A 43 -4.16 4.71 -7.15
CA THR A 43 -3.71 5.58 -8.22
C THR A 43 -4.87 5.96 -9.12
N TRP A 44 -4.85 7.19 -9.62
CA TRP A 44 -5.89 7.69 -10.50
C TRP A 44 -5.31 8.02 -11.86
N SER A 45 -6.17 8.32 -12.82
CA SER A 45 -5.72 8.68 -14.16
C SER A 45 -5.05 10.05 -14.13
N PRO A 46 -4.19 10.38 -15.11
CA PRO A 46 -3.51 11.68 -15.15
C PRO A 46 -4.49 12.84 -15.24
N ASP A 47 -5.65 12.57 -15.84
CA ASP A 47 -6.69 13.58 -15.98
C ASP A 47 -7.69 13.46 -14.83
N HIS A 48 -7.44 12.48 -13.96
CA HIS A 48 -8.30 12.19 -12.80
C HIS A 48 -9.70 11.80 -13.25
N GLU A 49 -9.80 11.26 -14.45
CA GLU A 49 -11.08 10.84 -15.01
C GLU A 49 -11.56 9.53 -14.40
N LYS A 50 -10.63 8.62 -14.10
CA LYS A 50 -10.96 7.34 -13.52
C LYS A 50 -9.98 6.92 -12.45
N MET A 51 -10.30 5.81 -11.81
CA MET A 51 -9.52 5.27 -10.72
C MET A 51 -9.38 3.75 -10.87
N GLY A 52 -8.57 3.14 -10.02
CA GLY A 52 -8.38 1.69 -10.08
C GLY A 52 -8.23 1.10 -8.69
N LYS A 53 -7.79 -0.15 -8.62
CA LYS A 53 -7.64 -0.81 -7.32
C LYS A 53 -6.22 -0.68 -6.77
N GLY A 54 -6.13 -0.61 -5.45
CA GLY A 54 -4.86 -0.49 -4.77
C GLY A 54 -4.85 -1.32 -3.51
N ILE A 55 -4.69 -0.68 -2.35
CA ILE A 55 -4.69 -1.41 -1.10
C ILE A 55 -5.19 -0.53 0.05
N THR A 56 -5.96 -1.14 0.94
CA THR A 56 -6.50 -0.43 2.08
C THR A 56 -5.70 -0.75 3.34
N LEU A 57 -5.49 0.25 4.18
CA LEU A 57 -4.74 0.07 5.41
C LEU A 57 -5.62 0.40 6.61
N SER A 58 -5.67 -0.50 7.57
CA SER A 58 -6.47 -0.29 8.77
C SER A 58 -5.74 0.63 9.73
N GLU A 59 -6.45 1.10 10.75
CA GLU A 59 -5.90 2.02 11.73
C GLU A 59 -4.67 1.42 12.44
N GLU A 60 -4.80 0.20 12.95
CA GLU A 60 -3.71 -0.46 13.65
C GLU A 60 -2.52 -0.68 12.71
N GLU A 61 -2.82 -1.08 11.48
CA GLU A 61 -1.81 -1.33 10.46
C GLU A 61 -1.05 -0.05 10.12
N PHE A 62 -1.81 0.98 9.77
CA PHE A 62 -1.26 2.28 9.39
C PHE A 62 -0.38 2.86 10.50
N GLY A 63 -0.86 2.74 11.74
CA GLY A 63 -0.12 3.27 12.88
C GLY A 63 1.26 2.65 13.03
N VAL A 64 1.31 1.32 13.04
CA VAL A 64 2.58 0.61 13.18
C VAL A 64 3.48 0.87 11.97
N LEU A 65 2.87 0.85 10.80
CA LEU A 65 3.60 1.08 9.55
C LEU A 65 4.32 2.42 9.58
N LEU A 66 3.59 3.48 9.92
CA LEU A 66 4.18 4.82 9.97
C LEU A 66 5.27 4.90 11.03
N LYS A 67 4.97 4.38 12.21
CA LYS A 67 5.90 4.40 13.34
C LYS A 67 7.27 3.86 12.93
N GLU A 68 7.28 2.67 12.37
CA GLU A 68 8.50 2.02 11.96
C GLU A 68 9.17 2.74 10.79
N LEU A 69 8.39 3.00 9.74
CA LEU A 69 8.91 3.66 8.54
C LEU A 69 9.51 5.02 8.86
N GLY A 70 8.80 5.81 9.66
CA GLY A 70 9.29 7.12 10.03
C GLY A 70 10.56 7.05 10.83
N ASN A 71 10.64 6.07 11.71
CA ASN A 71 11.81 5.87 12.55
C ASN A 71 13.01 5.41 11.72
N LYS A 72 12.75 4.74 10.60
CA LYS A 72 13.82 4.26 9.74
C LYS A 72 14.51 5.43 9.03
N LEU A 73 13.78 6.51 8.81
CA LEU A 73 14.33 7.69 8.14
C LEU A 73 14.94 8.66 9.16
N GLU A 74 14.83 8.32 10.44
CA GLU A 74 15.37 9.18 11.49
C GLU A 74 16.89 9.10 11.52
N MET B 1 -2.76 -15.46 -10.57
CA MET B 1 -2.93 -15.94 -11.96
C MET B 1 -2.22 -17.27 -12.15
N ALA B 2 -1.05 -17.40 -11.55
CA ALA B 2 -0.28 -18.64 -11.64
C ALA B 2 -0.36 -19.39 -10.32
N ASP B 3 0.08 -20.63 -10.33
CA ASP B 3 0.08 -21.45 -9.13
C ASP B 3 1.06 -20.90 -8.11
N LYS B 4 2.30 -20.74 -8.55
CA LYS B 4 3.36 -20.21 -7.71
C LYS B 4 4.23 -19.26 -8.52
N LEU B 5 4.27 -18.00 -8.11
CA LEU B 5 5.06 -16.99 -8.80
C LEU B 5 6.47 -16.93 -8.25
N LYS B 6 7.45 -16.81 -9.13
CA LYS B 6 8.85 -16.74 -8.74
C LYS B 6 9.15 -15.41 -8.07
N PHE B 7 9.76 -15.46 -6.90
CA PHE B 7 10.12 -14.26 -6.16
C PHE B 7 11.25 -14.56 -5.19
N GLU B 8 11.88 -13.51 -4.72
CA GLU B 8 12.97 -13.65 -3.76
C GLU B 8 12.97 -12.47 -2.81
N ILE B 9 13.16 -12.74 -1.54
CA ILE B 9 13.19 -11.70 -0.53
C ILE B 9 14.58 -11.09 -0.42
N ILE B 10 14.70 -9.84 -0.83
CA ILE B 10 15.96 -9.13 -0.79
C ILE B 10 16.23 -8.63 0.63
N GLU B 11 15.21 -8.04 1.24
CA GLU B 11 15.33 -7.52 2.60
C GLU B 11 13.94 -7.24 3.18
N GLU B 12 13.72 -7.71 4.40
CA GLU B 12 12.45 -7.49 5.08
C GLU B 12 12.41 -6.06 5.59
N LEU B 13 11.26 -5.41 5.49
CA LEU B 13 11.16 -4.04 5.93
C LEU B 13 10.32 -3.91 7.19
N ILE B 14 9.01 -4.05 7.06
CA ILE B 14 8.12 -3.88 8.20
C ILE B 14 7.09 -5.00 8.32
N VAL B 15 6.89 -5.45 9.55
CA VAL B 15 5.90 -6.47 9.83
C VAL B 15 4.84 -5.86 10.76
N LEU B 16 3.58 -5.88 10.35
CA LEU B 16 2.54 -5.27 11.16
C LEU B 16 1.86 -6.27 12.09
N SER B 17 0.92 -7.03 11.55
CA SER B 17 0.17 -8.02 12.31
C SER B 17 -0.77 -8.78 11.37
N GLU B 18 -1.72 -9.52 11.93
CA GLU B 18 -2.67 -10.27 11.13
C GLU B 18 -4.09 -9.78 11.38
N ASN B 19 -4.88 -9.72 10.32
CA ASN B 19 -6.27 -9.27 10.41
C ASN B 19 -7.12 -10.38 11.00
N ALA B 20 -8.43 -10.16 11.08
CA ALA B 20 -9.35 -11.17 11.63
C ALA B 20 -9.39 -12.40 10.74
N LYS B 21 -8.92 -12.24 9.51
CA LYS B 21 -8.89 -13.33 8.55
C LYS B 21 -7.57 -14.07 8.62
N GLY B 22 -6.66 -13.56 9.44
CA GLY B 22 -5.35 -14.16 9.56
C GLY B 22 -4.38 -13.56 8.57
N TRP B 23 -4.86 -12.57 7.81
CA TRP B 23 -4.03 -11.89 6.82
C TRP B 23 -2.81 -11.24 7.47
N ARG B 24 -1.66 -11.83 7.24
CA ARG B 24 -0.40 -11.30 7.76
C ARG B 24 0.09 -10.21 6.83
N LYS B 25 -0.14 -8.96 7.20
CA LYS B 25 0.27 -7.83 6.39
C LYS B 25 1.73 -7.46 6.68
N GLU B 26 2.57 -7.65 5.68
CA GLU B 26 3.99 -7.34 5.80
C GLU B 26 4.49 -6.60 4.58
N LEU B 27 5.46 -5.72 4.81
CA LEU B 27 6.07 -4.94 3.76
C LEU B 27 7.52 -5.35 3.62
N ASN B 28 7.86 -5.99 2.52
CA ASN B 28 9.23 -6.47 2.30
C ASN B 28 9.71 -6.13 0.91
N ARG B 29 11.02 -6.11 0.74
CA ARG B 29 11.61 -5.81 -0.55
C ARG B 29 11.92 -7.13 -1.24
N VAL B 30 11.23 -7.40 -2.33
CA VAL B 30 11.43 -8.65 -3.07
C VAL B 30 11.73 -8.37 -4.53
N SER B 31 12.30 -9.34 -5.20
CA SER B 31 12.62 -9.21 -6.61
C SER B 31 11.55 -9.86 -7.46
N TRP B 32 10.98 -9.07 -8.38
CA TRP B 32 9.96 -9.56 -9.28
C TRP B 32 10.53 -10.63 -10.19
N ASN B 33 10.12 -11.88 -9.93
CA ASN B 33 10.62 -13.03 -10.69
C ASN B 33 12.12 -13.14 -10.53
N ASP B 34 12.60 -12.67 -9.37
CA ASP B 34 14.01 -12.70 -9.02
C ASP B 34 14.85 -11.83 -9.97
N ALA B 35 14.19 -10.88 -10.63
CA ALA B 35 14.88 -10.01 -11.56
C ALA B 35 14.96 -8.58 -11.05
N GLU B 36 13.82 -7.92 -10.93
CA GLU B 36 13.79 -6.53 -10.49
C GLU B 36 13.43 -6.42 -9.00
N PRO B 37 14.40 -6.00 -8.16
CA PRO B 37 14.15 -5.83 -6.73
C PRO B 37 13.37 -4.55 -6.45
N LYS B 38 12.20 -4.68 -5.85
CA LYS B 38 11.36 -3.52 -5.57
C LYS B 38 10.57 -3.74 -4.28
N TYR B 39 9.91 -2.68 -3.81
CA TYR B 39 9.13 -2.75 -2.57
C TYR B 39 7.67 -3.06 -2.88
N ASP B 40 7.09 -4.01 -2.15
CA ASP B 40 5.70 -4.39 -2.36
C ASP B 40 5.09 -4.79 -1.01
N ILE B 41 3.90 -4.27 -0.71
CA ILE B 41 3.23 -4.59 0.54
C ILE B 41 2.03 -5.50 0.28
N ARG B 42 2.03 -6.65 0.93
CA ARG B 42 0.97 -7.63 0.72
C ARG B 42 0.66 -8.38 2.00
N THR B 43 -0.33 -9.26 1.94
CA THR B 43 -0.73 -10.05 3.08
C THR B 43 -0.65 -11.53 2.77
N TRP B 44 -0.25 -12.32 3.75
CA TRP B 44 -0.12 -13.75 3.60
C TRP B 44 -1.08 -14.46 4.55
N SER B 45 -1.21 -15.78 4.40
CA SER B 45 -2.08 -16.55 5.27
C SER B 45 -1.49 -16.64 6.67
N PRO B 46 -2.32 -16.91 7.71
CA PRO B 46 -1.83 -17.01 9.10
C PRO B 46 -0.79 -18.12 9.24
N ASP B 47 -0.90 -19.13 8.39
CA ASP B 47 0.02 -20.26 8.39
C ASP B 47 1.13 -20.02 7.37
N HIS B 48 1.01 -18.90 6.65
CA HIS B 48 1.97 -18.53 5.61
C HIS B 48 2.01 -19.57 4.50
N GLU B 49 0.87 -20.23 4.29
CA GLU B 49 0.75 -21.26 3.26
C GLU B 49 0.52 -20.65 1.88
N LYS B 50 -0.21 -19.54 1.85
CA LYS B 50 -0.51 -18.86 0.60
C LYS B 50 -0.37 -17.35 0.71
N MET B 51 -0.51 -16.69 -0.42
CA MET B 51 -0.38 -15.25 -0.51
C MET B 51 -1.46 -14.69 -1.43
N GLY B 52 -1.56 -13.37 -1.50
CA GLY B 52 -2.55 -12.73 -2.35
C GLY B 52 -2.03 -11.48 -3.01
N LYS B 53 -2.92 -10.67 -3.55
CA LYS B 53 -2.51 -9.44 -4.22
C LYS B 53 -2.60 -8.22 -3.29
N GLY B 54 -1.64 -7.32 -3.45
CA GLY B 54 -1.59 -6.10 -2.67
C GLY B 54 -1.26 -4.92 -3.57
N ILE B 55 -0.14 -4.25 -3.30
CA ILE B 55 0.26 -3.11 -4.12
C ILE B 55 1.78 -2.94 -4.12
N THR B 56 2.32 -2.58 -5.27
CA THR B 56 3.74 -2.38 -5.41
C THR B 56 4.08 -0.88 -5.37
N LEU B 57 5.20 -0.56 -4.74
CA LEU B 57 5.65 0.82 -4.64
C LEU B 57 7.02 0.98 -5.28
N SER B 58 7.14 1.95 -6.16
CA SER B 58 8.40 2.21 -6.83
C SER B 58 9.35 2.95 -5.89
N GLU B 59 10.61 3.05 -6.28
CA GLU B 59 11.63 3.71 -5.45
C GLU B 59 11.28 5.17 -5.19
N GLU B 60 10.94 5.89 -6.25
CA GLU B 60 10.60 7.30 -6.13
C GLU B 60 9.35 7.46 -5.25
N GLU B 61 8.36 6.62 -5.49
CA GLU B 61 7.10 6.65 -4.75
C GLU B 61 7.35 6.39 -3.28
N PHE B 62 8.01 5.28 -2.99
CA PHE B 62 8.33 4.89 -1.63
C PHE B 62 9.14 5.97 -0.92
N GLY B 63 10.08 6.56 -1.66
CA GLY B 63 10.91 7.61 -1.10
C GLY B 63 10.10 8.79 -0.61
N VAL B 64 9.22 9.31 -1.46
CA VAL B 64 8.38 10.44 -1.09
C VAL B 64 7.41 10.06 0.02
N LEU B 65 6.80 8.89 -0.13
CA LEU B 65 5.83 8.39 0.83
C LEU B 65 6.44 8.34 2.23
N LEU B 66 7.61 7.72 2.35
CA LEU B 66 8.29 7.61 3.63
C LEU B 66 8.61 8.98 4.21
N LYS B 67 9.25 9.81 3.39
CA LYS B 67 9.64 11.17 3.77
C LYS B 67 8.48 11.93 4.45
N GLU B 68 7.38 12.05 3.74
CA GLU B 68 6.23 12.78 4.24
C GLU B 68 5.60 12.11 5.46
N LEU B 69 5.33 10.81 5.34
CA LEU B 69 4.71 10.06 6.44
C LEU B 69 5.55 10.09 7.70
N GLY B 70 6.85 9.89 7.55
CA GLY B 70 7.75 9.91 8.68
C GLY B 70 7.79 11.26 9.36
N ASN B 71 7.71 12.31 8.54
CA ASN B 71 7.73 13.68 9.06
C ASN B 71 6.42 14.02 9.76
N LYS B 72 5.33 13.37 9.35
CA LYS B 72 4.02 13.61 9.96
C LYS B 72 4.01 13.17 11.42
N LEU B 73 4.73 12.11 11.72
CA LEU B 73 4.78 11.59 13.09
C LEU B 73 5.92 12.23 13.89
N GLU B 74 6.57 13.23 13.32
CA GLU B 74 7.68 13.90 14.01
C GLU B 74 7.16 14.84 15.07
N MET A 1 -14.78 -2.39 -11.10
CA MET A 1 -15.99 -3.21 -11.35
C MET A 1 -17.13 -2.34 -11.86
N ALA A 2 -17.34 -1.20 -11.23
CA ALA A 2 -18.40 -0.28 -11.63
C ALA A 2 -17.81 0.92 -12.35
N ASP A 3 -18.62 1.59 -13.16
CA ASP A 3 -18.15 2.76 -13.90
C ASP A 3 -17.71 3.86 -12.93
N LYS A 4 -18.56 4.17 -11.96
CA LYS A 4 -18.24 5.19 -10.97
C LYS A 4 -18.63 4.72 -9.57
N LEU A 5 -17.65 4.25 -8.80
CA LEU A 5 -17.88 3.80 -7.43
C LEU A 5 -18.08 5.01 -6.51
N LYS A 6 -19.02 4.89 -5.57
CA LYS A 6 -19.30 5.97 -4.64
C LYS A 6 -18.22 6.06 -3.56
N PHE A 7 -17.78 7.28 -3.26
CA PHE A 7 -16.76 7.50 -2.25
C PHE A 7 -16.85 8.94 -1.75
N GLU A 8 -16.05 9.27 -0.76
CA GLU A 8 -16.02 10.62 -0.22
C GLU A 8 -14.69 10.87 0.47
N ILE A 9 -14.04 11.97 0.11
CA ILE A 9 -12.75 12.32 0.71
C ILE A 9 -12.94 12.97 2.07
N ILE A 10 -12.41 12.35 3.10
CA ILE A 10 -12.51 12.87 4.45
C ILE A 10 -11.33 13.79 4.75
N GLU A 11 -10.14 13.31 4.46
CA GLU A 11 -8.93 14.08 4.70
C GLU A 11 -7.76 13.52 3.90
N GLU A 12 -7.08 14.40 3.17
CA GLU A 12 -5.91 14.00 2.39
C GLU A 12 -4.75 13.78 3.33
N LEU A 13 -3.90 12.81 3.03
CA LEU A 13 -2.76 12.52 3.89
C LEU A 13 -1.43 12.82 3.21
N ILE A 14 -1.04 11.98 2.25
CA ILE A 14 0.24 12.15 1.58
C ILE A 14 0.10 12.08 0.05
N VAL A 15 0.84 12.94 -0.63
CA VAL A 15 0.86 12.96 -2.08
C VAL A 15 2.31 12.82 -2.54
N LEU A 16 2.61 11.78 -3.30
CA LEU A 16 3.97 11.55 -3.75
C LEU A 16 4.26 12.26 -5.07
N SER A 17 3.84 11.65 -6.17
CA SER A 17 4.05 12.17 -7.51
C SER A 17 3.41 11.24 -8.54
N GLU A 18 3.76 11.43 -9.80
CA GLU A 18 3.22 10.58 -10.87
C GLU A 18 4.33 9.73 -11.47
N ASN A 19 4.00 8.50 -11.85
CA ASN A 19 4.96 7.60 -12.46
C ASN A 19 5.09 7.93 -13.95
N ALA A 20 5.84 7.11 -14.69
CA ALA A 20 6.02 7.32 -16.12
C ALA A 20 4.70 7.15 -16.85
N LYS A 21 3.78 6.44 -16.22
CA LYS A 21 2.46 6.18 -16.77
C LYS A 21 1.50 7.30 -16.41
N GLY A 22 1.96 8.23 -15.58
CA GLY A 22 1.11 9.31 -15.15
C GLY A 22 0.35 8.96 -13.89
N TRP A 23 0.65 7.77 -13.35
CA TRP A 23 -0.01 7.28 -12.14
C TRP A 23 0.31 8.18 -10.96
N ARG A 24 -0.68 8.96 -10.55
CA ARG A 24 -0.53 9.85 -9.41
C ARG A 24 -0.82 9.07 -8.13
N LYS A 25 0.22 8.66 -7.44
CA LYS A 25 0.06 7.90 -6.21
C LYS A 25 -0.18 8.82 -5.03
N GLU A 26 -1.38 8.70 -4.45
CA GLU A 26 -1.77 9.50 -3.31
C GLU A 26 -2.37 8.63 -2.22
N LEU A 27 -2.17 9.04 -0.98
CA LEU A 27 -2.69 8.33 0.17
C LEU A 27 -3.64 9.26 0.91
N ASN A 28 -4.94 8.97 0.85
CA ASN A 28 -5.92 9.83 1.49
C ASN A 28 -6.92 9.00 2.30
N ARG A 29 -7.62 9.68 3.20
CA ARG A 29 -8.63 9.04 4.03
C ARG A 29 -9.98 9.27 3.37
N VAL A 30 -10.61 8.21 2.90
CA VAL A 30 -11.90 8.31 2.24
C VAL A 30 -12.90 7.33 2.83
N SER A 31 -14.18 7.61 2.64
CA SER A 31 -15.23 6.73 3.13
C SER A 31 -15.70 5.78 2.04
N TRP A 32 -15.65 4.49 2.33
CA TRP A 32 -16.07 3.46 1.39
C TRP A 32 -17.55 3.60 1.10
N ASN A 33 -17.87 3.98 -0.14
CA ASN A 33 -19.27 4.19 -0.56
C ASN A 33 -19.95 5.21 0.33
N ASP A 34 -19.14 6.15 0.82
CA ASP A 34 -19.60 7.24 1.69
C ASP A 34 -20.17 6.69 3.00
N ALA A 35 -19.64 5.56 3.45
CA ALA A 35 -20.10 4.97 4.69
C ALA A 35 -19.00 5.00 5.76
N GLU A 36 -18.10 4.03 5.72
CA GLU A 36 -17.03 3.94 6.70
C GLU A 36 -15.73 4.55 6.17
N PRO A 37 -15.16 5.51 6.91
CA PRO A 37 -13.91 6.16 6.54
C PRO A 37 -12.70 5.27 6.85
N LYS A 38 -11.80 5.15 5.90
CA LYS A 38 -10.61 4.31 6.08
C LYS A 38 -9.45 4.85 5.23
N TYR A 39 -8.25 4.33 5.47
CA TYR A 39 -7.07 4.77 4.72
C TYR A 39 -6.83 3.84 3.53
N ASP A 40 -6.77 4.42 2.34
CA ASP A 40 -6.54 3.64 1.13
C ASP A 40 -5.55 4.38 0.25
N ILE A 41 -4.51 3.68 -0.20
CA ILE A 41 -3.51 4.29 -1.06
C ILE A 41 -3.65 3.78 -2.49
N ARG A 42 -3.83 4.71 -3.41
CA ARG A 42 -4.03 4.36 -4.82
C ARG A 42 -3.40 5.39 -5.74
N THR A 43 -3.53 5.14 -7.04
CA THR A 43 -2.99 6.05 -8.02
C THR A 43 -4.09 6.50 -8.99
N TRP A 44 -4.00 7.73 -9.45
CA TRP A 44 -4.98 8.29 -10.36
C TRP A 44 -4.32 8.64 -11.69
N SER A 45 -5.13 8.99 -12.68
CA SER A 45 -4.61 9.36 -13.98
C SER A 45 -3.92 10.72 -13.88
N PRO A 46 -3.01 11.06 -14.82
CA PRO A 46 -2.29 12.34 -14.82
C PRO A 46 -3.23 13.54 -14.80
N ASP A 47 -4.37 13.41 -15.47
CA ASP A 47 -5.36 14.47 -15.53
C ASP A 47 -6.37 14.32 -14.39
N HIS A 48 -6.20 13.28 -13.59
CA HIS A 48 -7.09 12.96 -12.46
C HIS A 48 -8.51 12.70 -12.96
N GLU A 49 -8.61 12.18 -14.17
CA GLU A 49 -9.92 11.89 -14.77
C GLU A 49 -10.42 10.53 -14.32
N LYS A 50 -9.50 9.59 -14.13
CA LYS A 50 -9.86 8.25 -13.69
C LYS A 50 -8.94 7.74 -12.61
N MET A 51 -9.28 6.57 -12.10
CA MET A 51 -8.56 5.94 -11.03
C MET A 51 -8.46 4.43 -11.24
N GLY A 52 -7.70 3.76 -10.40
CA GLY A 52 -7.56 2.33 -10.52
C GLY A 52 -7.57 1.62 -9.18
N LYS A 53 -7.00 0.43 -9.13
CA LYS A 53 -6.95 -0.35 -7.89
C LYS A 53 -5.63 -0.16 -7.14
N GLY A 54 -5.69 -0.29 -5.83
CA GLY A 54 -4.51 -0.16 -4.98
C GLY A 54 -4.61 -1.07 -3.77
N ILE A 55 -4.55 -0.49 -2.57
CA ILE A 55 -4.64 -1.29 -1.36
C ILE A 55 -5.22 -0.48 -0.20
N THR A 56 -6.04 -1.13 0.61
CA THR A 56 -6.65 -0.50 1.76
C THR A 56 -6.00 -0.97 3.05
N LEU A 57 -5.82 -0.04 3.99
CA LEU A 57 -5.21 -0.36 5.27
C LEU A 57 -6.16 -0.03 6.41
N SER A 58 -6.27 -0.93 7.36
CA SER A 58 -7.14 -0.72 8.52
C SER A 58 -6.48 0.25 9.49
N GLU A 59 -7.26 0.78 10.42
CA GLU A 59 -6.75 1.73 11.40
C GLU A 59 -5.62 1.12 12.23
N GLU A 60 -5.85 -0.10 12.73
CA GLU A 60 -4.85 -0.80 13.53
C GLU A 60 -3.56 -1.00 12.72
N GLU A 61 -3.73 -1.42 11.48
CA GLU A 61 -2.62 -1.65 10.56
C GLU A 61 -1.84 -0.37 10.32
N PHE A 62 -2.58 0.68 9.95
CA PHE A 62 -1.99 1.99 9.67
C PHE A 62 -1.21 2.51 10.87
N GLY A 63 -1.78 2.37 12.05
CA GLY A 63 -1.12 2.83 13.27
C GLY A 63 0.20 2.14 13.51
N VAL A 64 0.22 0.82 13.40
CA VAL A 64 1.44 0.05 13.59
C VAL A 64 2.43 0.34 12.47
N LEU A 65 1.92 0.36 11.24
CA LEU A 65 2.74 0.62 10.07
C LEU A 65 3.48 1.95 10.21
N LEU A 66 2.76 3.00 10.56
CA LEU A 66 3.37 4.33 10.71
C LEU A 66 4.38 4.33 11.84
N LYS A 67 4.00 3.74 12.98
CA LYS A 67 4.86 3.70 14.14
C LYS A 67 6.21 3.09 13.80
N GLU A 68 6.19 1.94 13.14
CA GLU A 68 7.41 1.25 12.77
C GLU A 68 8.14 2.00 11.66
N LEU A 69 7.42 2.37 10.60
CA LEU A 69 8.02 3.07 9.46
C LEU A 69 8.68 4.38 9.90
N GLY A 70 7.98 5.14 10.73
CA GLY A 70 8.52 6.39 11.20
C GLY A 70 9.76 6.17 12.02
N ASN A 71 9.73 5.11 12.82
CA ASN A 71 10.86 4.74 13.67
C ASN A 71 12.04 4.24 12.84
N LYS A 72 11.74 3.73 11.65
CA LYS A 72 12.76 3.21 10.75
C LYS A 72 13.64 4.33 10.22
N LEU A 73 13.08 5.53 10.11
CA LEU A 73 13.81 6.69 9.63
C LEU A 73 14.53 7.39 10.76
N GLU A 74 14.25 6.97 11.99
CA GLU A 74 14.87 7.56 13.16
C GLU A 74 16.28 7.01 13.34
N MET B 1 -2.09 -14.71 -11.37
CA MET B 1 -2.07 -15.14 -12.79
C MET B 1 -1.41 -16.49 -12.93
N ALA B 2 -0.29 -16.68 -12.26
CA ALA B 2 0.42 -17.94 -12.31
C ALA B 2 0.25 -18.69 -10.99
N ASP B 3 0.39 -20.01 -11.03
CA ASP B 3 0.25 -20.83 -9.83
C ASP B 3 1.30 -20.43 -8.79
N LYS B 4 2.55 -20.33 -9.22
CA LYS B 4 3.63 -19.94 -8.32
C LYS B 4 4.55 -18.94 -9.01
N LEU B 5 4.40 -17.66 -8.67
CA LEU B 5 5.23 -16.61 -9.25
C LEU B 5 6.61 -16.62 -8.58
N LYS B 6 7.65 -16.42 -9.37
CA LYS B 6 9.00 -16.40 -8.85
C LYS B 6 9.28 -15.10 -8.12
N PHE B 7 9.93 -15.21 -6.97
CA PHE B 7 10.28 -14.06 -6.16
C PHE B 7 11.39 -14.44 -5.19
N GLU B 8 11.95 -13.47 -4.49
CA GLU B 8 13.00 -13.72 -3.53
C GLU B 8 12.97 -12.63 -2.46
N ILE B 9 12.98 -13.03 -1.20
CA ILE B 9 12.96 -12.10 -0.10
C ILE B 9 14.35 -11.51 0.14
N ILE B 10 14.48 -10.21 -0.04
CA ILE B 10 15.74 -9.53 0.14
C ILE B 10 15.90 -9.09 1.60
N GLU B 11 14.83 -8.53 2.16
CA GLU B 11 14.86 -8.06 3.54
C GLU B 11 13.45 -7.76 4.05
N GLU B 12 13.12 -8.29 5.21
CA GLU B 12 11.81 -8.05 5.81
C GLU B 12 11.78 -6.66 6.41
N LEU B 13 10.66 -5.97 6.28
CA LEU B 13 10.56 -4.61 6.80
C LEU B 13 9.58 -4.52 7.96
N ILE B 14 8.30 -4.59 7.67
CA ILE B 14 7.28 -4.45 8.71
C ILE B 14 6.27 -5.58 8.68
N VAL B 15 5.90 -6.05 9.85
CA VAL B 15 4.89 -7.10 9.99
C VAL B 15 3.79 -6.58 10.92
N LEU B 16 2.56 -6.53 10.41
CA LEU B 16 1.46 -6.01 11.22
C LEU B 16 0.76 -7.12 12.01
N SER B 17 -0.14 -7.84 11.35
CA SER B 17 -0.90 -8.92 11.96
C SER B 17 -1.82 -9.55 10.92
N GLU B 18 -2.79 -10.35 11.36
CA GLU B 18 -3.73 -11.00 10.46
C GLU B 18 -5.14 -10.45 10.67
N ASN B 19 -5.86 -10.27 9.58
CA ASN B 19 -7.24 -9.78 9.63
C ASN B 19 -8.18 -10.90 10.04
N ALA B 20 -9.49 -10.64 10.03
CA ALA B 20 -10.48 -11.65 10.40
C ALA B 20 -10.49 -12.79 9.39
N LYS B 21 -9.94 -12.51 8.22
CA LYS B 21 -9.87 -13.50 7.15
C LYS B 21 -8.57 -14.30 7.25
N GLY B 22 -7.71 -13.89 8.17
CA GLY B 22 -6.42 -14.54 8.33
C GLY B 22 -5.37 -13.89 7.47
N TRP B 23 -5.75 -12.79 6.82
CA TRP B 23 -4.84 -12.06 5.94
C TRP B 23 -3.68 -11.46 6.72
N ARG B 24 -2.51 -12.07 6.58
CA ARG B 24 -1.30 -11.61 7.23
C ARG B 24 -0.67 -10.50 6.40
N LYS B 25 -0.88 -9.25 6.82
CA LYS B 25 -0.34 -8.12 6.10
C LYS B 25 1.11 -7.85 6.50
N GLU B 26 2.01 -7.98 5.54
CA GLU B 26 3.42 -7.76 5.78
C GLU B 26 4.03 -6.92 4.66
N LEU B 27 5.00 -6.11 5.03
CA LEU B 27 5.70 -5.26 4.09
C LEU B 27 7.15 -5.68 4.05
N ASN B 28 7.57 -6.25 2.94
CA ASN B 28 8.94 -6.73 2.81
C ASN B 28 9.55 -6.33 1.48
N ARG B 29 10.88 -6.33 1.43
CA ARG B 29 11.59 -6.00 0.22
C ARG B 29 11.90 -7.29 -0.53
N VAL B 30 11.31 -7.45 -1.70
CA VAL B 30 11.51 -8.67 -2.49
C VAL B 30 11.89 -8.33 -3.93
N SER B 31 12.52 -9.28 -4.60
CA SER B 31 12.92 -9.09 -5.98
C SER B 31 11.88 -9.67 -6.92
N TRP B 32 11.39 -8.84 -7.83
CA TRP B 32 10.39 -9.25 -8.80
C TRP B 32 10.96 -10.31 -9.72
N ASN B 33 10.45 -11.55 -9.58
CA ASN B 33 10.92 -12.68 -10.36
C ASN B 33 12.41 -12.92 -10.14
N ASP B 34 12.86 -12.55 -8.94
CA ASP B 34 14.26 -12.70 -8.53
C ASP B 34 15.18 -11.81 -9.37
N ALA B 35 14.63 -10.70 -9.86
CA ALA B 35 15.42 -9.79 -10.68
C ALA B 35 15.65 -8.46 -9.97
N GLU B 36 14.68 -7.55 -10.06
CA GLU B 36 14.81 -6.25 -9.45
C GLU B 36 14.14 -6.19 -8.07
N PRO B 37 14.92 -5.84 -7.03
CA PRO B 37 14.40 -5.73 -5.66
C PRO B 37 13.59 -4.46 -5.45
N LYS B 38 12.40 -4.61 -4.90
CA LYS B 38 11.53 -3.45 -4.67
C LYS B 38 10.67 -3.68 -3.43
N TYR B 39 10.00 -2.63 -2.99
CA TYR B 39 9.14 -2.72 -1.81
C TYR B 39 7.70 -2.98 -2.23
N ASP B 40 7.14 -4.07 -1.71
CA ASP B 40 5.76 -4.43 -2.04
C ASP B 40 5.05 -4.87 -0.76
N ILE B 41 3.86 -4.34 -0.52
CA ILE B 41 3.10 -4.68 0.68
C ILE B 41 1.89 -5.54 0.30
N ARG B 42 1.82 -6.74 0.89
CA ARG B 42 0.75 -7.68 0.57
C ARG B 42 0.34 -8.47 1.81
N THR B 43 -0.63 -9.35 1.62
CA THR B 43 -1.12 -10.18 2.70
C THR B 43 -1.04 -11.65 2.31
N TRP B 44 -0.75 -12.50 3.30
CA TRP B 44 -0.65 -13.94 3.06
C TRP B 44 -1.71 -14.67 3.87
N SER B 45 -1.84 -15.97 3.62
CA SER B 45 -2.81 -16.79 4.33
C SER B 45 -2.36 -16.98 5.78
N PRO B 46 -3.28 -17.30 6.71
CA PRO B 46 -2.95 -17.49 8.13
C PRO B 46 -1.87 -18.54 8.35
N ASP B 47 -1.83 -19.54 7.48
CA ASP B 47 -0.84 -20.62 7.58
C ASP B 47 0.36 -20.29 6.69
N HIS B 48 0.26 -19.18 5.96
CA HIS B 48 1.30 -18.71 5.05
C HIS B 48 1.50 -19.71 3.90
N GLU B 49 0.42 -20.38 3.51
CA GLU B 49 0.48 -21.35 2.43
C GLU B 49 0.30 -20.67 1.07
N LYS B 50 -0.47 -19.58 1.04
CA LYS B 50 -0.72 -18.84 -0.18
C LYS B 50 -0.65 -17.35 0.03
N MET B 51 -0.75 -16.62 -1.06
CA MET B 51 -0.66 -15.18 -1.07
C MET B 51 -1.66 -14.58 -2.06
N GLY B 52 -1.79 -13.27 -2.05
CA GLY B 52 -2.69 -12.59 -2.95
C GLY B 52 -2.08 -11.34 -3.55
N LYS B 53 -2.92 -10.42 -4.00
CA LYS B 53 -2.44 -9.19 -4.60
C LYS B 53 -2.52 -8.01 -3.64
N GLY B 54 -1.56 -7.10 -3.76
CA GLY B 54 -1.52 -5.92 -2.92
C GLY B 54 -1.11 -4.70 -3.73
N ILE B 55 0.00 -4.07 -3.37
CA ILE B 55 0.47 -2.90 -4.11
C ILE B 55 1.99 -2.76 -4.00
N THR B 56 2.61 -2.31 -5.09
CA THR B 56 4.05 -2.12 -5.14
C THR B 56 4.39 -0.64 -5.08
N LEU B 57 5.45 -0.32 -4.35
CA LEU B 57 5.90 1.07 -4.21
C LEU B 57 7.33 1.20 -4.69
N SER B 58 7.59 2.25 -5.47
CA SER B 58 8.93 2.51 -5.98
C SER B 58 9.79 3.10 -4.87
N GLU B 59 11.10 3.09 -5.09
CA GLU B 59 12.05 3.60 -4.10
C GLU B 59 11.80 5.07 -3.79
N GLU B 60 11.58 5.87 -4.83
CA GLU B 60 11.32 7.29 -4.66
C GLU B 60 10.02 7.51 -3.89
N GLU B 61 9.01 6.71 -4.23
CA GLU B 61 7.71 6.78 -3.59
C GLU B 61 7.82 6.42 -2.12
N PHE B 62 8.47 5.29 -1.85
CA PHE B 62 8.66 4.81 -0.50
C PHE B 62 9.43 5.83 0.32
N GLY B 63 10.45 6.42 -0.28
CA GLY B 63 11.25 7.43 0.40
C GLY B 63 10.42 8.61 0.87
N VAL B 64 9.63 9.17 -0.05
CA VAL B 64 8.78 10.31 0.26
C VAL B 64 7.70 9.90 1.24
N LEU B 65 7.07 8.77 0.97
CA LEU B 65 6.00 8.25 1.81
C LEU B 65 6.46 8.12 3.25
N LEU B 66 7.62 7.48 3.44
CA LEU B 66 8.18 7.28 4.78
C LEU B 66 8.47 8.61 5.44
N LYS B 67 9.14 9.50 4.70
CA LYS B 67 9.50 10.82 5.20
C LYS B 67 8.28 11.58 5.74
N GLU B 68 7.25 11.67 4.93
CA GLU B 68 6.04 12.38 5.30
C GLU B 68 5.28 11.66 6.41
N LEU B 69 5.05 10.36 6.23
CA LEU B 69 4.32 9.57 7.22
C LEU B 69 5.03 9.57 8.57
N GLY B 70 6.34 9.38 8.54
CA GLY B 70 7.12 9.38 9.77
C GLY B 70 7.03 10.71 10.48
N ASN B 71 6.98 11.78 9.70
CA ASN B 71 6.89 13.14 10.22
C ASN B 71 5.48 13.42 10.75
N LYS B 72 4.50 12.71 10.20
CA LYS B 72 3.10 12.88 10.61
C LYS B 72 2.89 12.47 12.06
N LEU B 73 3.69 11.50 12.51
CA LEU B 73 3.58 11.02 13.89
C LEU B 73 4.46 11.83 14.82
N GLU B 74 5.17 12.80 14.28
CA GLU B 74 6.03 13.65 15.09
C GLU B 74 5.20 14.73 15.77
N MET A 1 -14.79 -2.45 -10.93
CA MET A 1 -15.86 -3.34 -11.42
C MET A 1 -17.07 -2.52 -11.82
N ALA A 2 -17.31 -1.43 -11.11
CA ALA A 2 -18.42 -0.55 -11.41
C ALA A 2 -17.92 0.63 -12.23
N ASP A 3 -18.83 1.37 -12.85
CA ASP A 3 -18.44 2.53 -13.64
C ASP A 3 -17.88 3.62 -12.74
N LYS A 4 -18.69 4.06 -11.79
CA LYS A 4 -18.27 5.08 -10.85
C LYS A 4 -18.65 4.66 -9.42
N LEU A 5 -17.66 4.22 -8.65
CA LEU A 5 -17.90 3.79 -7.27
C LEU A 5 -18.09 5.01 -6.36
N LYS A 6 -19.03 4.88 -5.41
CA LYS A 6 -19.32 5.96 -4.48
C LYS A 6 -18.17 6.12 -3.49
N PHE A 7 -17.72 7.36 -3.30
CA PHE A 7 -16.63 7.64 -2.38
C PHE A 7 -16.66 9.09 -1.91
N GLU A 8 -15.99 9.36 -0.81
CA GLU A 8 -15.92 10.71 -0.26
C GLU A 8 -14.57 10.91 0.42
N ILE A 9 -13.87 11.96 0.03
CA ILE A 9 -12.56 12.26 0.61
C ILE A 9 -12.72 13.00 1.92
N ILE A 10 -12.48 12.31 3.02
CA ILE A 10 -12.62 12.89 4.34
C ILE A 10 -11.43 13.78 4.66
N GLU A 11 -10.24 13.32 4.29
CA GLU A 11 -9.02 14.07 4.56
C GLU A 11 -7.85 13.50 3.77
N GLU A 12 -7.16 14.34 3.02
CA GLU A 12 -6.00 13.92 2.25
C GLU A 12 -4.83 13.73 3.20
N LEU A 13 -4.00 12.73 2.94
CA LEU A 13 -2.87 12.48 3.81
C LEU A 13 -1.54 12.81 3.15
N ILE A 14 -1.10 11.94 2.24
CA ILE A 14 0.18 12.15 1.58
C ILE A 14 0.06 12.06 0.07
N VAL A 15 0.75 12.98 -0.60
CA VAL A 15 0.77 13.02 -2.06
C VAL A 15 2.23 12.87 -2.51
N LEU A 16 2.50 11.84 -3.30
CA LEU A 16 3.86 11.60 -3.74
C LEU A 16 4.17 12.28 -5.07
N SER A 17 3.75 11.65 -6.17
CA SER A 17 3.98 12.16 -7.51
C SER A 17 3.37 11.18 -8.51
N GLU A 18 3.69 11.37 -9.79
CA GLU A 18 3.18 10.51 -10.84
C GLU A 18 4.32 9.68 -11.41
N ASN A 19 4.00 8.46 -11.84
CA ASN A 19 5.00 7.57 -12.43
C ASN A 19 5.16 7.91 -13.92
N ALA A 20 5.85 7.05 -14.66
CA ALA A 20 6.06 7.27 -16.09
C ALA A 20 4.75 7.16 -16.84
N LYS A 21 3.80 6.47 -16.22
CA LYS A 21 2.49 6.24 -16.80
C LYS A 21 1.51 7.33 -16.37
N GLY A 22 2.01 8.29 -15.61
CA GLY A 22 1.16 9.36 -15.13
C GLY A 22 0.41 8.95 -13.88
N TRP A 23 0.71 7.75 -13.39
CA TRP A 23 0.06 7.23 -12.19
C TRP A 23 0.35 8.10 -10.98
N ARG A 24 -0.62 8.90 -10.60
CA ARG A 24 -0.50 9.77 -9.45
C ARG A 24 -0.83 8.99 -8.18
N LYS A 25 0.20 8.57 -7.46
CA LYS A 25 0.02 7.82 -6.24
C LYS A 25 -0.23 8.74 -5.06
N GLU A 26 -1.43 8.64 -4.51
CA GLU A 26 -1.81 9.46 -3.37
C GLU A 26 -2.43 8.60 -2.27
N LEU A 27 -2.15 8.97 -1.05
CA LEU A 27 -2.68 8.27 0.11
C LEU A 27 -3.65 9.20 0.83
N ASN A 28 -4.93 8.90 0.73
CA ASN A 28 -5.95 9.75 1.34
C ASN A 28 -6.93 8.94 2.14
N ARG A 29 -7.64 9.60 3.05
CA ARG A 29 -8.65 8.96 3.86
C ARG A 29 -10.00 9.19 3.23
N VAL A 30 -10.62 8.11 2.75
CA VAL A 30 -11.93 8.22 2.10
C VAL A 30 -12.92 7.26 2.73
N SER A 31 -14.19 7.56 2.59
CA SER A 31 -15.24 6.72 3.12
C SER A 31 -15.75 5.77 2.04
N TRP A 32 -15.74 4.48 2.33
CA TRP A 32 -16.20 3.47 1.40
C TRP A 32 -17.69 3.65 1.14
N ASN A 33 -18.01 4.08 -0.08
CA ASN A 33 -19.39 4.34 -0.49
C ASN A 33 -20.02 5.42 0.38
N ASP A 34 -19.16 6.29 0.92
CA ASP A 34 -19.58 7.41 1.77
C ASP A 34 -20.09 6.89 3.11
N ALA A 35 -19.67 5.70 3.50
CA ALA A 35 -20.10 5.11 4.75
C ALA A 35 -18.96 5.09 5.78
N GLU A 36 -18.14 4.06 5.72
CA GLU A 36 -17.04 3.93 6.67
C GLU A 36 -15.75 4.56 6.14
N PRO A 37 -15.19 5.51 6.90
CA PRO A 37 -13.94 6.18 6.53
C PRO A 37 -12.71 5.34 6.86
N LYS A 38 -11.89 5.07 5.87
CA LYS A 38 -10.69 4.26 6.08
C LYS A 38 -9.55 4.81 5.21
N TYR A 39 -8.34 4.32 5.43
CA TYR A 39 -7.18 4.77 4.68
C TYR A 39 -6.90 3.82 3.51
N ASP A 40 -6.81 4.37 2.31
CA ASP A 40 -6.56 3.59 1.11
C ASP A 40 -5.59 4.34 0.20
N ILE A 41 -4.53 3.67 -0.24
CA ILE A 41 -3.56 4.31 -1.12
C ILE A 41 -3.73 3.78 -2.54
N ARG A 42 -3.92 4.71 -3.48
CA ARG A 42 -4.14 4.34 -4.88
C ARG A 42 -3.51 5.36 -5.81
N THR A 43 -3.58 5.09 -7.10
CA THR A 43 -3.04 5.99 -8.11
C THR A 43 -4.13 6.39 -9.09
N TRP A 44 -4.08 7.64 -9.51
CA TRP A 44 -5.06 8.17 -10.46
C TRP A 44 -4.36 8.61 -11.74
N SER A 45 -5.13 8.93 -12.76
CA SER A 45 -4.57 9.38 -14.02
C SER A 45 -3.86 10.72 -13.83
N PRO A 46 -2.94 11.10 -14.73
CA PRO A 46 -2.23 12.38 -14.63
C PRO A 46 -3.19 13.57 -14.62
N ASP A 47 -4.31 13.42 -15.31
CA ASP A 47 -5.32 14.46 -15.38
C ASP A 47 -6.35 14.28 -14.26
N HIS A 48 -6.17 13.20 -13.48
CA HIS A 48 -7.08 12.86 -12.37
C HIS A 48 -8.50 12.63 -12.88
N GLU A 49 -8.61 12.14 -14.11
CA GLU A 49 -9.90 11.89 -14.73
C GLU A 49 -10.45 10.52 -14.31
N LYS A 50 -9.57 9.57 -14.09
CA LYS A 50 -9.96 8.24 -13.68
C LYS A 50 -9.07 7.71 -12.57
N MET A 51 -9.44 6.54 -12.08
CA MET A 51 -8.74 5.92 -10.98
C MET A 51 -8.60 4.41 -11.22
N GLY A 52 -7.77 3.77 -10.40
CA GLY A 52 -7.56 2.34 -10.53
C GLY A 52 -7.58 1.63 -9.19
N LYS A 53 -7.06 0.41 -9.15
CA LYS A 53 -7.05 -0.35 -7.91
C LYS A 53 -5.71 -0.20 -7.17
N GLY A 54 -5.78 -0.32 -5.84
CA GLY A 54 -4.61 -0.20 -5.00
C GLY A 54 -4.71 -1.10 -3.78
N ILE A 55 -4.55 -0.53 -2.59
CA ILE A 55 -4.64 -1.32 -1.36
C ILE A 55 -5.24 -0.51 -0.22
N THR A 56 -6.03 -1.17 0.61
CA THR A 56 -6.66 -0.53 1.76
C THR A 56 -5.98 -0.95 3.05
N LEU A 57 -5.81 0.00 3.96
CA LEU A 57 -5.17 -0.26 5.24
C LEU A 57 -6.14 0.05 6.39
N SER A 58 -6.20 -0.86 7.35
CA SER A 58 -7.09 -0.69 8.49
C SER A 58 -6.44 0.26 9.51
N GLU A 59 -7.23 0.67 10.50
CA GLU A 59 -6.74 1.61 11.53
C GLU A 59 -5.55 1.02 12.30
N GLU A 60 -5.71 -0.20 12.78
CA GLU A 60 -4.66 -0.88 13.53
C GLU A 60 -3.40 -1.04 12.67
N GLU A 61 -3.61 -1.43 11.43
CA GLU A 61 -2.52 -1.63 10.48
C GLU A 61 -1.78 -0.32 10.25
N PHE A 62 -2.54 0.72 9.96
CA PHE A 62 -2.00 2.05 9.71
C PHE A 62 -1.15 2.53 10.89
N GLY A 63 -1.68 2.36 12.10
CA GLY A 63 -0.99 2.79 13.30
C GLY A 63 0.35 2.08 13.48
N VAL A 64 0.34 0.76 13.41
CA VAL A 64 1.56 -0.02 13.58
C VAL A 64 2.54 0.27 12.45
N LEU A 65 2.01 0.34 11.23
CA LEU A 65 2.83 0.60 10.05
C LEU A 65 3.57 1.92 10.21
N LEU A 66 2.84 2.98 10.53
CA LEU A 66 3.45 4.30 10.68
C LEU A 66 4.46 4.31 11.83
N LYS A 67 4.08 3.73 12.96
CA LYS A 67 4.93 3.68 14.13
C LYS A 67 6.30 3.10 13.80
N GLU A 68 6.29 1.95 13.16
CA GLU A 68 7.53 1.28 12.80
C GLU A 68 8.26 2.01 11.68
N LEU A 69 7.55 2.38 10.61
CA LEU A 69 8.15 3.08 9.49
C LEU A 69 8.80 4.38 9.91
N GLY A 70 8.12 5.15 10.75
CA GLY A 70 8.67 6.40 11.21
C GLY A 70 9.92 6.18 12.03
N ASN A 71 9.89 5.13 12.84
CA ASN A 71 11.03 4.77 13.69
C ASN A 71 12.19 4.27 12.84
N LYS A 72 11.87 3.72 11.66
CA LYS A 72 12.90 3.20 10.74
C LYS A 72 13.72 4.33 10.14
N LEU A 73 13.12 5.51 10.05
CA LEU A 73 13.81 6.66 9.48
C LEU A 73 14.70 7.34 10.53
N GLU A 74 14.35 7.16 11.79
CA GLU A 74 15.09 7.76 12.88
C GLU A 74 16.49 7.14 12.95
N MET B 1 -2.07 -14.51 -11.40
CA MET B 1 -2.29 -15.00 -12.77
C MET B 1 -1.57 -16.32 -12.99
N ALA B 2 -0.38 -16.44 -12.42
CA ALA B 2 0.41 -17.66 -12.54
C ALA B 2 0.18 -18.53 -11.32
N ASP B 3 0.69 -19.76 -11.36
CA ASP B 3 0.54 -20.67 -10.22
C ASP B 3 1.46 -20.25 -9.10
N LYS B 4 2.75 -20.17 -9.41
CA LYS B 4 3.76 -19.77 -8.44
C LYS B 4 4.69 -18.75 -9.07
N LEU B 5 4.49 -17.48 -8.75
CA LEU B 5 5.33 -16.42 -9.29
C LEU B 5 6.70 -16.42 -8.62
N LYS B 6 7.75 -16.24 -9.42
CA LYS B 6 9.11 -16.24 -8.91
C LYS B 6 9.37 -14.98 -8.08
N PHE B 7 9.89 -15.17 -6.87
CA PHE B 7 10.18 -14.06 -5.98
C PHE B 7 11.30 -14.45 -5.02
N GLU B 8 11.90 -13.43 -4.40
CA GLU B 8 12.96 -13.65 -3.43
C GLU B 8 12.93 -12.53 -2.42
N ILE B 9 12.81 -12.89 -1.15
CA ILE B 9 12.77 -11.90 -0.08
C ILE B 9 14.18 -11.42 0.25
N ILE B 10 14.45 -10.17 -0.10
CA ILE B 10 15.76 -9.58 0.14
C ILE B 10 15.88 -9.13 1.59
N GLU B 11 14.81 -8.54 2.12
CA GLU B 11 14.80 -8.06 3.49
C GLU B 11 13.40 -7.73 3.95
N GLU B 12 12.99 -8.32 5.07
CA GLU B 12 11.67 -8.07 5.63
C GLU B 12 11.67 -6.69 6.30
N LEU B 13 10.60 -5.95 6.14
CA LEU B 13 10.55 -4.62 6.71
C LEU B 13 9.59 -4.53 7.88
N ILE B 14 8.29 -4.55 7.61
CA ILE B 14 7.30 -4.41 8.67
C ILE B 14 6.26 -5.52 8.63
N VAL B 15 6.02 -6.10 9.80
CA VAL B 15 5.01 -7.13 9.95
C VAL B 15 3.92 -6.60 10.88
N LEU B 16 2.68 -6.55 10.40
CA LEU B 16 1.59 -6.02 11.21
C LEU B 16 0.87 -7.11 11.99
N SER B 17 -0.04 -7.82 11.32
CA SER B 17 -0.82 -8.90 11.93
C SER B 17 -1.77 -9.47 10.89
N GLU B 18 -2.71 -10.31 11.34
CA GLU B 18 -3.67 -10.92 10.45
C GLU B 18 -5.06 -10.31 10.67
N ASN B 19 -5.84 -10.25 9.60
CA ASN B 19 -7.20 -9.72 9.68
C ASN B 19 -8.15 -10.82 10.13
N ALA B 20 -9.45 -10.57 10.10
CA ALA B 20 -10.44 -11.57 10.52
C ALA B 20 -10.44 -12.75 9.56
N LYS B 21 -9.90 -12.53 8.37
CA LYS B 21 -9.82 -13.55 7.33
C LYS B 21 -8.50 -14.30 7.42
N GLY B 22 -7.64 -13.87 8.34
CA GLY B 22 -6.35 -14.49 8.48
C GLY B 22 -5.32 -13.84 7.59
N TRP B 23 -5.74 -12.78 6.89
CA TRP B 23 -4.85 -12.04 5.98
C TRP B 23 -3.69 -11.43 6.74
N ARG B 24 -2.52 -12.04 6.61
CA ARG B 24 -1.32 -11.55 7.25
C ARG B 24 -0.67 -10.47 6.39
N LYS B 25 -0.89 -9.23 6.77
CA LYS B 25 -0.34 -8.10 6.02
C LYS B 25 1.12 -7.84 6.42
N GLU B 26 2.01 -8.02 5.46
CA GLU B 26 3.43 -7.80 5.69
C GLU B 26 4.04 -6.95 4.58
N LEU B 27 4.94 -6.07 4.98
CA LEU B 27 5.64 -5.21 4.04
C LEU B 27 7.09 -5.64 3.99
N ASN B 28 7.49 -6.26 2.89
CA ASN B 28 8.85 -6.75 2.75
C ASN B 28 9.46 -6.34 1.42
N ARG B 29 10.78 -6.35 1.36
CA ARG B 29 11.49 -6.01 0.14
C ARG B 29 11.80 -7.30 -0.61
N VAL B 30 11.19 -7.47 -1.77
CA VAL B 30 11.40 -8.67 -2.56
C VAL B 30 11.83 -8.32 -3.98
N SER B 31 12.48 -9.26 -4.66
CA SER B 31 12.91 -9.05 -6.03
C SER B 31 11.90 -9.66 -6.99
N TRP B 32 11.42 -8.84 -7.92
CA TRP B 32 10.46 -9.27 -8.92
C TRP B 32 11.08 -10.32 -9.82
N ASN B 33 10.62 -11.56 -9.67
CA ASN B 33 11.13 -12.69 -10.44
C ASN B 33 12.62 -12.88 -10.17
N ASP B 34 13.02 -12.50 -8.96
CA ASP B 34 14.40 -12.61 -8.49
C ASP B 34 15.33 -11.68 -9.28
N ALA B 35 14.74 -10.66 -9.90
CA ALA B 35 15.51 -9.70 -10.69
C ALA B 35 15.68 -8.37 -9.96
N GLU B 36 14.72 -7.47 -10.14
CA GLU B 36 14.78 -6.14 -9.52
C GLU B 36 14.14 -6.14 -8.14
N PRO B 37 14.90 -5.75 -7.11
CA PRO B 37 14.40 -5.67 -5.73
C PRO B 37 13.59 -4.39 -5.49
N LYS B 38 12.36 -4.56 -5.02
CA LYS B 38 11.50 -3.43 -4.77
C LYS B 38 10.65 -3.70 -3.52
N TYR B 39 9.95 -2.67 -3.05
CA TYR B 39 9.12 -2.80 -1.87
C TYR B 39 7.66 -3.02 -2.28
N ASP B 40 7.08 -4.09 -1.77
CA ASP B 40 5.68 -4.42 -2.08
C ASP B 40 4.99 -4.92 -0.82
N ILE B 41 3.84 -4.36 -0.51
CA ILE B 41 3.09 -4.76 0.68
C ILE B 41 1.89 -5.61 0.29
N ARG B 42 1.83 -6.81 0.85
CA ARG B 42 0.76 -7.75 0.53
C ARG B 42 0.35 -8.56 1.75
N THR B 43 -0.67 -9.38 1.58
CA THR B 43 -1.17 -10.20 2.67
C THR B 43 -1.12 -11.67 2.26
N TRP B 44 -0.77 -12.53 3.21
CA TRP B 44 -0.68 -13.96 2.97
C TRP B 44 -1.69 -14.68 3.86
N SER B 45 -1.88 -15.98 3.61
CA SER B 45 -2.80 -16.78 4.40
C SER B 45 -2.28 -16.89 5.84
N PRO B 46 -3.14 -17.19 6.83
CA PRO B 46 -2.72 -17.33 8.23
C PRO B 46 -1.60 -18.36 8.38
N ASP B 47 -1.66 -19.39 7.56
CA ASP B 47 -0.67 -20.47 7.59
C ASP B 47 0.51 -20.12 6.66
N HIS B 48 0.38 -19.00 5.95
CA HIS B 48 1.39 -18.54 5.00
C HIS B 48 1.59 -19.57 3.90
N GLU B 49 0.51 -20.23 3.52
CA GLU B 49 0.54 -21.25 2.47
C GLU B 49 0.39 -20.62 1.09
N LYS B 50 -0.40 -19.56 1.02
CA LYS B 50 -0.62 -18.85 -0.22
C LYS B 50 -0.52 -17.35 -0.04
N MET B 51 -0.59 -16.65 -1.16
CA MET B 51 -0.47 -15.22 -1.18
C MET B 51 -1.51 -14.62 -2.14
N GLY B 52 -1.67 -13.30 -2.07
CA GLY B 52 -2.63 -12.63 -2.94
C GLY B 52 -2.06 -11.37 -3.56
N LYS B 53 -2.93 -10.49 -4.04
CA LYS B 53 -2.48 -9.27 -4.67
C LYS B 53 -2.52 -8.09 -3.68
N GLY B 54 -1.59 -7.16 -3.86
CA GLY B 54 -1.51 -5.99 -3.01
C GLY B 54 -1.11 -4.75 -3.79
N ILE B 55 -0.03 -4.09 -3.38
CA ILE B 55 0.43 -2.90 -4.09
C ILE B 55 1.96 -2.76 -4.00
N THR B 56 2.56 -2.31 -5.09
CA THR B 56 3.99 -2.12 -5.16
C THR B 56 4.35 -0.64 -5.04
N LEU B 57 5.42 -0.35 -4.29
CA LEU B 57 5.87 1.01 -4.10
C LEU B 57 7.29 1.18 -4.63
N SER B 58 7.51 2.24 -5.39
CA SER B 58 8.82 2.50 -5.95
C SER B 58 9.74 3.12 -4.89
N GLU B 59 11.03 3.22 -5.21
CA GLU B 59 12.01 3.78 -4.27
C GLU B 59 11.68 5.22 -3.90
N GLU B 60 11.49 6.06 -4.92
CA GLU B 60 11.16 7.46 -4.70
C GLU B 60 9.87 7.59 -3.89
N GLU B 61 8.89 6.78 -4.24
CA GLU B 61 7.59 6.79 -3.56
C GLU B 61 7.76 6.42 -2.09
N PHE B 62 8.46 5.32 -1.84
CA PHE B 62 8.69 4.84 -0.49
C PHE B 62 9.39 5.91 0.34
N GLY B 63 10.39 6.56 -0.25
CA GLY B 63 11.12 7.61 0.44
C GLY B 63 10.23 8.76 0.86
N VAL B 64 9.47 9.29 -0.09
CA VAL B 64 8.55 10.40 0.19
C VAL B 64 7.50 9.98 1.20
N LEU B 65 6.93 8.81 0.98
CA LEU B 65 5.89 8.26 1.84
C LEU B 65 6.37 8.17 3.27
N LEU B 66 7.52 7.52 3.47
CA LEU B 66 8.09 7.35 4.80
C LEU B 66 8.38 8.69 5.45
N LYS B 67 9.05 9.56 4.71
CA LYS B 67 9.41 10.89 5.18
C LYS B 67 8.22 11.64 5.75
N GLU B 68 7.16 11.74 4.96
CA GLU B 68 5.97 12.46 5.37
C GLU B 68 5.21 11.71 6.47
N LEU B 69 4.98 10.42 6.29
CA LEU B 69 4.26 9.63 7.28
C LEU B 69 4.96 9.65 8.63
N GLY B 70 6.28 9.51 8.60
CA GLY B 70 7.04 9.54 9.83
C GLY B 70 6.89 10.88 10.55
N ASN B 71 6.88 11.95 9.76
CA ASN B 71 6.74 13.31 10.28
C ASN B 71 5.33 13.54 10.80
N LYS B 72 4.36 12.83 10.25
CA LYS B 72 2.96 12.97 10.65
C LYS B 72 2.74 12.48 12.07
N LEU B 73 3.59 11.56 12.53
CA LEU B 73 3.46 11.03 13.88
C LEU B 73 4.25 11.85 14.88
N GLU B 74 5.12 12.71 14.39
CA GLU B 74 5.94 13.56 15.25
C GLU B 74 5.08 14.66 15.85
N MET A 1 -15.63 -3.50 -9.81
CA MET A 1 -16.85 -4.33 -9.69
C MET A 1 -18.07 -3.54 -10.11
N ALA A 2 -18.17 -2.31 -9.62
CA ALA A 2 -19.29 -1.46 -9.96
C ALA A 2 -18.85 -0.37 -10.93
N ASP A 3 -19.77 0.49 -11.32
CA ASP A 3 -19.45 1.57 -12.25
C ASP A 3 -18.85 2.74 -11.47
N LYS A 4 -19.65 3.27 -10.55
CA LYS A 4 -19.21 4.39 -9.72
C LYS A 4 -19.50 4.10 -8.26
N LEU A 5 -18.51 3.57 -7.54
CA LEU A 5 -18.66 3.26 -6.13
C LEU A 5 -18.72 4.55 -5.31
N LYS A 6 -19.60 4.57 -4.32
CA LYS A 6 -19.76 5.74 -3.46
C LYS A 6 -18.57 5.90 -2.52
N PHE A 7 -18.11 7.14 -2.36
CA PHE A 7 -16.99 7.44 -1.49
C PHE A 7 -16.98 8.93 -1.14
N GLU A 8 -16.10 9.31 -0.22
CA GLU A 8 -15.97 10.70 0.18
C GLU A 8 -14.58 10.94 0.73
N ILE A 9 -13.98 12.06 0.37
CA ILE A 9 -12.65 12.40 0.83
C ILE A 9 -12.71 13.09 2.19
N ILE A 10 -12.19 12.41 3.20
CA ILE A 10 -12.17 12.94 4.55
C ILE A 10 -10.98 13.86 4.74
N GLU A 11 -9.82 13.42 4.25
CA GLU A 11 -8.60 14.20 4.36
C GLU A 11 -7.50 13.63 3.47
N GLU A 12 -6.90 14.49 2.67
CA GLU A 12 -5.80 14.11 1.80
C GLU A 12 -4.50 14.04 2.60
N LEU A 13 -3.70 13.01 2.37
CA LEU A 13 -2.47 12.85 3.12
C LEU A 13 -1.23 13.15 2.28
N ILE A 14 -0.87 12.23 1.40
CA ILE A 14 0.33 12.39 0.58
C ILE A 14 0.05 12.24 -0.91
N VAL A 15 0.72 13.06 -1.69
CA VAL A 15 0.60 13.02 -3.15
C VAL A 15 2.00 12.77 -3.72
N LEU A 16 2.15 11.72 -4.51
CA LEU A 16 3.45 11.40 -5.07
C LEU A 16 3.64 12.03 -6.44
N SER A 17 3.10 11.38 -7.48
CA SER A 17 3.22 11.86 -8.86
C SER A 17 2.49 10.91 -9.80
N GLU A 18 2.60 11.15 -11.10
CA GLU A 18 1.99 10.30 -12.10
C GLU A 18 3.07 9.57 -12.89
N ASN A 19 2.70 8.45 -13.47
CA ASN A 19 3.63 7.65 -14.27
C ASN A 19 3.37 7.87 -15.75
N ALA A 20 4.00 7.06 -16.60
CA ALA A 20 3.82 7.18 -18.05
C ALA A 20 2.37 6.89 -18.44
N LYS A 21 1.70 6.15 -17.57
CA LYS A 21 0.31 5.78 -17.79
C LYS A 21 -0.62 6.85 -17.22
N GLY A 22 -0.02 7.84 -16.58
CA GLY A 22 -0.79 8.90 -15.97
C GLY A 22 -1.28 8.53 -14.59
N TRP A 23 -0.87 7.36 -14.12
CA TRP A 23 -1.26 6.85 -12.79
C TRP A 23 -0.90 7.85 -11.69
N ARG A 24 -1.90 8.58 -11.21
CA ARG A 24 -1.70 9.54 -10.13
C ARG A 24 -1.66 8.79 -8.80
N LYS A 25 -0.47 8.57 -8.30
CA LYS A 25 -0.27 7.84 -7.06
C LYS A 25 -0.46 8.76 -5.86
N GLU A 26 -1.52 8.52 -5.09
CA GLU A 26 -1.81 9.32 -3.92
C GLU A 26 -2.29 8.47 -2.74
N LEU A 27 -2.06 8.99 -1.55
CA LEU A 27 -2.45 8.34 -0.32
C LEU A 27 -3.35 9.30 0.46
N ASN A 28 -4.63 9.00 0.50
CA ASN A 28 -5.59 9.87 1.18
C ASN A 28 -6.52 9.07 2.06
N ARG A 29 -7.23 9.76 2.93
CA ARG A 29 -8.18 9.12 3.82
C ARG A 29 -9.59 9.39 3.33
N VAL A 30 -10.29 8.36 2.91
CA VAL A 30 -11.65 8.49 2.40
C VAL A 30 -12.59 7.55 3.14
N SER A 31 -13.88 7.83 3.05
CA SER A 31 -14.87 7.00 3.69
C SER A 31 -15.49 6.03 2.70
N TRP A 32 -15.40 4.74 3.01
CA TRP A 32 -15.96 3.70 2.16
C TRP A 32 -17.47 3.83 2.11
N ASN A 33 -17.98 4.19 0.92
CA ASN A 33 -19.41 4.39 0.71
C ASN A 33 -19.92 5.50 1.62
N ASP A 34 -18.99 6.39 1.98
CA ASP A 34 -19.28 7.53 2.84
C ASP A 34 -19.72 7.07 4.24
N ALA A 35 -19.24 5.91 4.64
CA ALA A 35 -19.57 5.38 5.95
C ALA A 35 -18.34 5.29 6.84
N GLU A 36 -17.48 4.31 6.58
CA GLU A 36 -16.27 4.13 7.37
C GLU A 36 -15.09 4.90 6.79
N PRO A 37 -14.54 5.85 7.55
CA PRO A 37 -13.39 6.64 7.13
C PRO A 37 -12.09 5.87 7.40
N LYS A 38 -11.32 5.60 6.35
CA LYS A 38 -10.09 4.85 6.51
C LYS A 38 -9.06 5.28 5.46
N TYR A 39 -7.80 4.93 5.70
CA TYR A 39 -6.71 5.29 4.80
C TYR A 39 -6.62 4.28 3.66
N ASP A 40 -6.38 4.76 2.44
CA ASP A 40 -6.26 3.89 1.28
C ASP A 40 -5.34 4.53 0.26
N ILE A 41 -4.37 3.77 -0.23
CA ILE A 41 -3.42 4.29 -1.21
C ILE A 41 -3.70 3.67 -2.58
N ARG A 42 -3.92 4.53 -3.57
CA ARG A 42 -4.24 4.08 -4.92
C ARG A 42 -3.73 5.06 -5.96
N THR A 43 -3.87 4.67 -7.22
CA THR A 43 -3.46 5.52 -8.33
C THR A 43 -4.67 5.73 -9.23
N TRP A 44 -4.90 6.96 -9.66
CA TRP A 44 -6.04 7.27 -10.52
C TRP A 44 -5.58 7.77 -11.88
N SER A 45 -6.53 8.01 -12.78
CA SER A 45 -6.22 8.49 -14.11
C SER A 45 -5.64 9.91 -14.05
N PRO A 46 -4.81 10.30 -15.04
CA PRO A 46 -4.20 11.64 -15.06
C PRO A 46 -5.25 12.74 -15.10
N ASP A 47 -6.32 12.48 -15.84
CA ASP A 47 -7.43 13.42 -15.97
C ASP A 47 -8.40 13.27 -14.79
N HIS A 48 -8.11 12.29 -13.95
CA HIS A 48 -8.94 11.99 -12.77
C HIS A 48 -10.34 11.57 -13.20
N GLU A 49 -10.44 11.06 -14.42
CA GLU A 49 -11.72 10.63 -14.96
C GLU A 49 -12.13 9.28 -14.37
N LYS A 50 -11.15 8.45 -14.06
CA LYS A 50 -11.40 7.14 -13.49
C LYS A 50 -10.41 6.80 -12.39
N MET A 51 -10.66 5.68 -11.75
CA MET A 51 -9.84 5.21 -10.65
C MET A 51 -9.55 3.72 -10.80
N GLY A 52 -8.65 3.20 -9.96
CA GLY A 52 -8.32 1.79 -10.03
C GLY A 52 -8.20 1.15 -8.65
N LYS A 53 -7.69 -0.06 -8.60
CA LYS A 53 -7.54 -0.76 -7.33
C LYS A 53 -6.12 -0.67 -6.79
N GLY A 54 -6.01 -0.59 -5.46
CA GLY A 54 -4.71 -0.51 -4.81
C GLY A 54 -4.71 -1.30 -3.52
N ILE A 55 -4.63 -0.61 -2.38
CA ILE A 55 -4.64 -1.30 -1.09
C ILE A 55 -5.13 -0.36 0.01
N THR A 56 -5.90 -0.91 0.94
CA THR A 56 -6.42 -0.14 2.05
C THR A 56 -5.56 -0.36 3.29
N LEU A 57 -5.35 0.70 4.06
CA LEU A 57 -4.55 0.62 5.27
C LEU A 57 -5.37 0.99 6.49
N SER A 58 -5.43 0.08 7.45
CA SER A 58 -6.19 0.30 8.67
C SER A 58 -5.38 1.14 9.65
N GLU A 59 -6.04 1.62 10.71
CA GLU A 59 -5.37 2.43 11.72
C GLU A 59 -4.22 1.66 12.37
N GLU A 60 -4.44 0.36 12.57
CA GLU A 60 -3.42 -0.51 13.15
C GLU A 60 -2.16 -0.52 12.29
N GLU A 61 -2.37 -0.70 10.99
CA GLU A 61 -1.28 -0.75 10.02
C GLU A 61 -0.60 0.61 9.91
N PHE A 62 -1.39 1.62 9.59
CA PHE A 62 -0.91 2.98 9.40
C PHE A 62 -0.05 3.44 10.59
N GLY A 63 -0.53 3.18 11.80
CA GLY A 63 0.19 3.58 13.00
C GLY A 63 1.59 2.97 13.08
N VAL A 64 1.65 1.64 13.03
CA VAL A 64 2.94 0.95 13.10
C VAL A 64 3.81 1.25 11.89
N LEU A 65 3.19 1.23 10.72
CA LEU A 65 3.88 1.48 9.46
C LEU A 65 4.60 2.81 9.50
N LEU A 66 3.88 3.88 9.86
CA LEU A 66 4.48 5.21 9.91
C LEU A 66 5.59 5.28 10.94
N LYS A 67 5.31 4.71 12.12
CA LYS A 67 6.28 4.71 13.21
C LYS A 67 7.61 4.11 12.75
N GLU A 68 7.55 2.92 12.18
CA GLU A 68 8.74 2.25 11.72
C GLU A 68 9.36 2.93 10.51
N LEU A 69 8.55 3.23 9.50
CA LEU A 69 9.04 3.87 8.29
C LEU A 69 9.71 5.20 8.59
N GLY A 70 9.07 6.00 9.44
CA GLY A 70 9.64 7.28 9.80
C GLY A 70 10.95 7.13 10.53
N ASN A 71 11.03 6.08 11.36
CA ASN A 71 12.22 5.79 12.12
C ASN A 71 13.33 5.20 11.23
N LYS A 72 12.93 4.71 10.07
CA LYS A 72 13.89 4.14 9.12
C LYS A 72 14.69 5.24 8.41
N LEU A 73 14.11 6.43 8.31
CA LEU A 73 14.79 7.55 7.68
C LEU A 73 15.59 8.34 8.70
N GLU A 74 15.48 7.94 9.96
CA GLU A 74 16.20 8.61 11.04
C GLU A 74 17.64 8.12 11.12
N MET B 1 -2.97 -15.28 -10.54
CA MET B 1 -3.02 -15.74 -11.96
C MET B 1 -2.37 -17.11 -12.09
N ALA B 2 -1.23 -17.28 -11.46
CA ALA B 2 -0.52 -18.55 -11.51
C ALA B 2 -0.66 -19.29 -10.19
N ASP B 3 -0.07 -20.48 -10.12
CA ASP B 3 -0.12 -21.28 -8.89
C ASP B 3 0.96 -20.80 -7.93
N LYS B 4 2.21 -20.85 -8.39
CA LYS B 4 3.33 -20.43 -7.58
C LYS B 4 4.24 -19.49 -8.38
N LEU B 5 4.01 -18.20 -8.25
CA LEU B 5 4.81 -17.20 -8.94
C LEU B 5 6.22 -17.14 -8.35
N LYS B 6 7.22 -17.03 -9.22
CA LYS B 6 8.61 -16.97 -8.79
C LYS B 6 8.93 -15.63 -8.16
N PHE B 7 9.62 -15.68 -7.03
CA PHE B 7 10.01 -14.48 -6.31
C PHE B 7 11.19 -14.78 -5.40
N GLU B 8 11.77 -13.75 -4.82
CA GLU B 8 12.89 -13.90 -3.92
C GLU B 8 12.92 -12.73 -2.95
N ILE B 9 13.11 -13.03 -1.68
CA ILE B 9 13.15 -11.99 -0.67
C ILE B 9 14.53 -11.36 -0.61
N ILE B 10 14.62 -10.11 -1.04
CA ILE B 10 15.88 -9.39 -1.03
C ILE B 10 16.15 -8.86 0.37
N GLU B 11 15.15 -8.23 0.96
CA GLU B 11 15.29 -7.67 2.29
C GLU B 11 13.93 -7.33 2.89
N GLU B 12 13.69 -7.80 4.10
CA GLU B 12 12.45 -7.53 4.81
C GLU B 12 12.49 -6.12 5.37
N LEU B 13 11.37 -5.43 5.40
CA LEU B 13 11.35 -4.06 5.91
C LEU B 13 10.53 -3.91 7.18
N ILE B 14 9.21 -4.02 7.04
CA ILE B 14 8.30 -3.83 8.17
C ILE B 14 7.33 -5.00 8.32
N VAL B 15 7.03 -5.36 9.56
CA VAL B 15 6.08 -6.42 9.85
C VAL B 15 5.01 -5.87 10.81
N LEU B 16 3.76 -5.86 10.37
CA LEU B 16 2.69 -5.31 11.19
C LEU B 16 2.09 -6.35 12.13
N SER B 17 1.18 -7.18 11.60
CA SER B 17 0.51 -8.22 12.39
C SER B 17 -0.49 -8.97 11.52
N GLU B 18 -1.29 -9.83 12.14
CA GLU B 18 -2.29 -10.60 11.41
C GLU B 18 -3.68 -10.20 11.87
N ASN B 19 -4.66 -10.33 10.99
CA ASN B 19 -6.04 -10.01 11.32
C ASN B 19 -6.80 -11.26 11.74
N ALA B 20 -8.12 -11.16 11.83
CA ALA B 20 -8.94 -12.32 12.22
C ALA B 20 -8.93 -13.37 11.12
N LYS B 21 -8.47 -12.97 9.95
CA LYS B 21 -8.39 -13.86 8.79
C LYS B 21 -6.99 -14.45 8.71
N GLY B 22 -6.13 -14.04 9.63
CA GLY B 22 -4.77 -14.52 9.64
C GLY B 22 -3.88 -13.76 8.67
N TRP B 23 -4.45 -12.75 8.03
CA TRP B 23 -3.72 -11.92 7.06
C TRP B 23 -2.48 -11.30 7.69
N ARG B 24 -1.32 -11.86 7.37
CA ARG B 24 -0.05 -11.36 7.85
C ARG B 24 0.35 -10.17 7.00
N LYS B 25 0.13 -8.97 7.52
CA LYS B 25 0.44 -7.74 6.82
C LYS B 25 1.92 -7.38 6.98
N GLU B 26 2.65 -7.43 5.89
CA GLU B 26 4.08 -7.12 5.91
C GLU B 26 4.50 -6.31 4.69
N LEU B 27 5.58 -5.57 4.86
CA LEU B 27 6.15 -4.76 3.81
C LEU B 27 7.61 -5.17 3.63
N ASN B 28 7.90 -5.85 2.54
CA ASN B 28 9.25 -6.33 2.30
C ASN B 28 9.69 -6.03 0.87
N ARG B 29 10.98 -6.12 0.62
CA ARG B 29 11.52 -5.88 -0.70
C ARG B 29 11.88 -7.22 -1.34
N VAL B 30 11.17 -7.58 -2.39
CA VAL B 30 11.40 -8.84 -3.09
C VAL B 30 11.66 -8.60 -4.57
N SER B 31 12.23 -9.60 -5.23
CA SER B 31 12.52 -9.50 -6.65
C SER B 31 11.44 -10.22 -7.46
N TRP B 32 10.80 -9.48 -8.35
CA TRP B 32 9.76 -10.04 -9.20
C TRP B 32 10.35 -11.09 -10.13
N ASN B 33 9.95 -12.35 -9.91
CA ASN B 33 10.46 -13.49 -10.68
C ASN B 33 11.96 -13.58 -10.52
N ASP B 34 12.45 -13.08 -9.39
CA ASP B 34 13.86 -13.07 -9.04
C ASP B 34 14.66 -12.26 -10.07
N ALA B 35 14.04 -11.22 -10.60
CA ALA B 35 14.70 -10.38 -11.58
C ALA B 35 14.81 -8.94 -11.07
N GLU B 36 13.67 -8.25 -11.00
CA GLU B 36 13.66 -6.86 -10.55
C GLU B 36 13.35 -6.76 -9.06
N PRO B 37 14.29 -6.23 -8.26
CA PRO B 37 14.10 -6.05 -6.84
C PRO B 37 13.31 -4.77 -6.56
N LYS B 38 12.15 -4.90 -5.91
CA LYS B 38 11.32 -3.75 -5.64
C LYS B 38 10.51 -3.95 -4.36
N TYR B 39 9.98 -2.86 -3.82
CA TYR B 39 9.20 -2.92 -2.59
C TYR B 39 7.75 -3.26 -2.89
N ASP B 40 7.16 -4.12 -2.08
CA ASP B 40 5.77 -4.51 -2.28
C ASP B 40 5.14 -4.84 -0.92
N ILE B 41 3.98 -4.28 -0.65
CA ILE B 41 3.29 -4.51 0.62
C ILE B 41 2.07 -5.40 0.39
N ARG B 42 2.03 -6.52 1.10
CA ARG B 42 0.93 -7.47 0.96
C ARG B 42 0.66 -8.22 2.26
N THR B 43 -0.38 -9.04 2.25
CA THR B 43 -0.74 -9.84 3.40
C THR B 43 -0.78 -11.31 2.98
N TRP B 44 -0.21 -12.19 3.79
CA TRP B 44 -0.19 -13.61 3.46
C TRP B 44 -0.96 -14.41 4.51
N SER B 45 -1.10 -15.71 4.28
CA SER B 45 -1.82 -16.58 5.20
C SER B 45 -1.09 -16.67 6.54
N PRO B 46 -1.81 -16.95 7.64
CA PRO B 46 -1.22 -17.05 8.98
C PRO B 46 -0.17 -18.15 9.03
N ASP B 47 -0.44 -19.22 8.29
CA ASP B 47 0.44 -20.37 8.21
C ASP B 47 1.51 -20.15 7.15
N HIS B 48 1.38 -19.03 6.43
CA HIS B 48 2.31 -18.66 5.36
C HIS B 48 2.27 -19.70 4.24
N GLU B 49 1.15 -20.42 4.15
CA GLU B 49 0.99 -21.45 3.13
C GLU B 49 0.69 -20.82 1.77
N LYS B 50 0.04 -19.65 1.78
CA LYS B 50 -0.31 -18.95 0.56
C LYS B 50 -0.13 -17.45 0.70
N MET B 51 -0.32 -16.77 -0.42
CA MET B 51 -0.18 -15.34 -0.49
C MET B 51 -1.34 -14.72 -1.27
N GLY B 52 -1.42 -13.40 -1.28
CA GLY B 52 -2.50 -12.72 -1.98
C GLY B 52 -2.02 -11.48 -2.70
N LYS B 53 -2.94 -10.70 -3.22
CA LYS B 53 -2.59 -9.48 -3.94
C LYS B 53 -2.68 -8.23 -3.06
N GLY B 54 -1.73 -7.33 -3.26
CA GLY B 54 -1.67 -6.09 -2.53
C GLY B 54 -1.31 -4.94 -3.46
N ILE B 55 -0.19 -4.28 -3.17
CA ILE B 55 0.25 -3.18 -4.04
C ILE B 55 1.77 -3.08 -4.04
N THR B 56 2.31 -2.74 -5.20
CA THR B 56 3.74 -2.59 -5.35
C THR B 56 4.14 -1.12 -5.25
N LEU B 57 5.26 -0.86 -4.58
CA LEU B 57 5.74 0.50 -4.40
C LEU B 57 7.11 0.67 -5.07
N SER B 58 7.17 1.56 -6.03
CA SER B 58 8.43 1.83 -6.73
C SER B 58 9.32 2.72 -5.88
N GLU B 59 10.60 2.82 -6.27
CA GLU B 59 11.56 3.65 -5.54
C GLU B 59 11.11 5.11 -5.51
N GLU B 60 10.49 5.55 -6.60
CA GLU B 60 9.98 6.92 -6.70
C GLU B 60 8.91 7.16 -5.62
N GLU B 61 8.01 6.20 -5.49
CA GLU B 61 6.93 6.28 -4.52
C GLU B 61 7.46 6.16 -3.12
N PHE B 62 8.16 5.07 -2.85
CA PHE B 62 8.73 4.79 -1.54
C PHE B 62 9.56 5.96 -1.03
N GLY B 63 10.35 6.55 -1.91
CA GLY B 63 11.18 7.69 -1.54
C GLY B 63 10.38 8.86 -1.00
N VAL B 64 9.42 9.33 -1.78
CA VAL B 64 8.59 10.46 -1.38
C VAL B 64 7.66 10.08 -0.23
N LEU B 65 7.08 8.88 -0.33
CA LEU B 65 6.16 8.38 0.68
C LEU B 65 6.80 8.36 2.06
N LEU B 66 7.99 7.77 2.15
CA LEU B 66 8.70 7.70 3.41
C LEU B 66 9.00 9.10 3.94
N LYS B 67 9.58 9.92 3.09
CA LYS B 67 9.93 11.29 3.43
C LYS B 67 8.76 12.04 4.06
N GLU B 68 7.63 12.03 3.36
CA GLU B 68 6.45 12.74 3.81
C GLU B 68 5.82 12.09 5.06
N LEU B 69 5.57 10.79 4.99
CA LEU B 69 4.96 10.08 6.10
C LEU B 69 5.79 10.19 7.36
N GLY B 70 7.10 10.03 7.23
CA GLY B 70 7.98 10.14 8.38
C GLY B 70 7.92 11.53 8.98
N ASN B 71 7.83 12.53 8.12
CA ASN B 71 7.76 13.93 8.53
C ASN B 71 6.40 14.27 9.13
N LYS B 72 5.39 13.45 8.82
CA LYS B 72 4.05 13.68 9.34
C LYS B 72 3.96 13.34 10.82
N LEU B 73 4.82 12.44 11.28
CA LEU B 73 4.84 12.05 12.68
C LEU B 73 5.82 12.93 13.47
N GLU B 74 6.45 13.85 12.79
CA GLU B 74 7.40 14.74 13.43
C GLU B 74 6.67 15.89 14.11
N MET A 1 -15.39 -2.91 -10.72
CA MET A 1 -16.65 -3.66 -10.62
C MET A 1 -17.83 -2.75 -10.90
N ALA A 2 -17.77 -1.52 -10.41
CA ALA A 2 -18.83 -0.56 -10.62
C ALA A 2 -18.33 0.56 -11.52
N ASP A 3 -19.24 1.29 -12.13
CA ASP A 3 -18.87 2.40 -13.00
C ASP A 3 -18.25 3.51 -12.17
N LYS A 4 -18.98 3.91 -11.13
CA LYS A 4 -18.52 4.93 -10.21
C LYS A 4 -18.90 4.55 -8.79
N LEU A 5 -17.97 3.93 -8.08
CA LEU A 5 -18.17 3.51 -6.71
C LEU A 5 -18.38 4.71 -5.79
N LYS A 6 -19.22 4.53 -4.77
CA LYS A 6 -19.52 5.60 -3.82
C LYS A 6 -18.39 5.72 -2.80
N PHE A 7 -18.01 6.96 -2.50
CA PHE A 7 -16.94 7.22 -1.53
C PHE A 7 -16.98 8.68 -1.11
N GLU A 8 -16.31 8.99 -0.01
CA GLU A 8 -16.24 10.35 0.50
C GLU A 8 -14.88 10.59 1.13
N ILE A 9 -14.18 11.63 0.70
CA ILE A 9 -12.88 11.94 1.24
C ILE A 9 -13.02 12.55 2.62
N ILE A 10 -12.59 11.80 3.63
CA ILE A 10 -12.67 12.26 5.01
C ILE A 10 -11.51 13.19 5.32
N GLU A 11 -10.30 12.75 4.95
CA GLU A 11 -9.10 13.54 5.20
C GLU A 11 -7.93 13.06 4.33
N GLU A 12 -7.33 13.96 3.59
CA GLU A 12 -6.19 13.63 2.74
C GLU A 12 -4.94 13.52 3.60
N LEU A 13 -4.05 12.61 3.25
CA LEU A 13 -2.84 12.43 4.03
C LEU A 13 -1.59 12.84 3.24
N ILE A 14 -1.19 12.00 2.29
CA ILE A 14 0.02 12.27 1.53
C ILE A 14 -0.22 12.16 0.02
N VAL A 15 0.41 13.08 -0.70
CA VAL A 15 0.34 13.10 -2.17
C VAL A 15 1.77 13.05 -2.69
N LEU A 16 2.09 12.02 -3.47
CA LEU A 16 3.45 11.87 -3.98
C LEU A 16 3.65 12.59 -5.32
N SER A 17 3.25 11.95 -6.41
CA SER A 17 3.40 12.49 -7.75
C SER A 17 2.71 11.57 -8.76
N GLU A 18 2.96 11.81 -10.04
CA GLU A 18 2.39 11.00 -11.09
C GLU A 18 3.47 10.11 -11.71
N ASN A 19 3.12 8.86 -11.94
CA ASN A 19 4.04 7.90 -12.54
C ASN A 19 4.20 8.19 -14.04
N ALA A 20 4.92 7.33 -14.76
CA ALA A 20 5.13 7.53 -16.20
C ALA A 20 3.81 7.47 -16.94
N LYS A 21 2.87 6.75 -16.36
CA LYS A 21 1.56 6.57 -16.93
C LYS A 21 0.61 7.68 -16.49
N GLY A 22 1.11 8.59 -15.66
CA GLY A 22 0.29 9.66 -15.15
C GLY A 22 -0.41 9.24 -13.87
N TRP A 23 -0.13 8.02 -13.43
CA TRP A 23 -0.72 7.47 -12.22
C TRP A 23 -0.37 8.33 -11.00
N ARG A 24 -1.36 9.07 -10.53
CA ARG A 24 -1.19 9.92 -9.37
C ARG A 24 -1.41 9.10 -8.10
N LYS A 25 -0.31 8.68 -7.48
CA LYS A 25 -0.40 7.88 -6.26
C LYS A 25 -0.60 8.78 -5.05
N GLU A 26 -1.74 8.58 -4.38
CA GLU A 26 -2.06 9.37 -3.20
C GLU A 26 -2.55 8.48 -2.07
N LEU A 27 -2.30 8.92 -0.86
CA LEU A 27 -2.71 8.21 0.33
C LEU A 27 -3.67 9.09 1.11
N ASN A 28 -4.95 8.74 1.11
CA ASN A 28 -5.95 9.53 1.79
C ASN A 28 -6.90 8.63 2.57
N ARG A 29 -7.60 9.21 3.53
CA ARG A 29 -8.56 8.46 4.31
C ARG A 29 -9.96 8.77 3.81
N VAL A 30 -10.63 7.77 3.26
CA VAL A 30 -11.96 7.93 2.72
C VAL A 30 -12.92 6.94 3.34
N SER A 31 -14.21 7.22 3.23
CA SER A 31 -15.22 6.34 3.76
C SER A 31 -15.68 5.37 2.68
N TRP A 32 -15.58 4.08 2.98
CA TRP A 32 -16.00 3.03 2.06
C TRP A 32 -17.50 3.14 1.81
N ASN A 33 -17.85 3.60 0.60
CA ASN A 33 -19.25 3.81 0.23
C ASN A 33 -19.88 4.81 1.18
N ASP A 34 -19.03 5.73 1.66
CA ASP A 34 -19.43 6.79 2.58
C ASP A 34 -19.94 6.22 3.91
N ALA A 35 -19.48 5.03 4.25
CA ALA A 35 -19.89 4.39 5.49
C ALA A 35 -18.73 4.25 6.48
N GLU A 36 -17.80 3.35 6.17
CA GLU A 36 -16.65 3.11 7.05
C GLU A 36 -15.44 3.95 6.63
N PRO A 37 -15.00 4.88 7.49
CA PRO A 37 -13.83 5.70 7.21
C PRO A 37 -12.55 4.90 7.48
N LYS A 38 -11.72 4.72 6.47
CA LYS A 38 -10.50 3.94 6.62
C LYS A 38 -9.42 4.45 5.68
N TYR A 39 -8.18 4.03 5.90
CA TYR A 39 -7.05 4.45 5.08
C TYR A 39 -6.90 3.55 3.86
N ASP A 40 -6.76 4.15 2.69
CA ASP A 40 -6.59 3.40 1.45
C ASP A 40 -5.63 4.15 0.53
N ILE A 41 -4.67 3.44 -0.04
CA ILE A 41 -3.71 4.07 -0.94
C ILE A 41 -3.96 3.61 -2.37
N ARG A 42 -4.20 4.57 -3.25
CA ARG A 42 -4.50 4.27 -4.64
C ARG A 42 -3.93 5.33 -5.57
N THR A 43 -4.13 5.15 -6.86
CA THR A 43 -3.63 6.09 -7.85
C THR A 43 -4.76 6.52 -8.77
N TRP A 44 -4.70 7.78 -9.21
CA TRP A 44 -5.70 8.32 -10.11
C TRP A 44 -5.05 8.71 -11.43
N SER A 45 -5.85 9.20 -12.36
CA SER A 45 -5.33 9.63 -13.66
C SER A 45 -4.74 11.04 -13.53
N PRO A 46 -3.89 11.47 -14.47
CA PRO A 46 -3.27 12.80 -14.42
C PRO A 46 -4.30 13.93 -14.37
N ASP A 47 -5.45 13.69 -14.96
CA ASP A 47 -6.52 14.69 -14.99
C ASP A 47 -7.57 14.37 -13.92
N HIS A 48 -7.35 13.28 -13.19
CA HIS A 48 -8.25 12.83 -12.13
C HIS A 48 -9.65 12.55 -12.69
N GLU A 49 -9.71 12.05 -13.92
CA GLU A 49 -10.97 11.73 -14.56
C GLU A 49 -11.45 10.34 -14.15
N LYS A 50 -10.48 9.43 -14.02
CA LYS A 50 -10.76 8.05 -13.62
C LYS A 50 -9.72 7.56 -12.64
N MET A 51 -9.94 6.36 -12.13
CA MET A 51 -9.05 5.77 -11.14
C MET A 51 -9.07 4.24 -11.24
N GLY A 52 -8.20 3.59 -10.49
CA GLY A 52 -8.14 2.13 -10.51
C GLY A 52 -8.07 1.54 -9.11
N LYS A 53 -7.66 0.29 -9.01
CA LYS A 53 -7.58 -0.37 -7.71
C LYS A 53 -6.21 -0.19 -7.06
N GLY A 54 -6.17 -0.44 -5.75
CA GLY A 54 -4.95 -0.30 -4.97
C GLY A 54 -4.97 -1.22 -3.77
N ILE A 55 -4.84 -0.67 -2.57
CA ILE A 55 -4.85 -1.48 -1.36
C ILE A 55 -5.34 -0.67 -0.16
N THR A 56 -6.09 -1.32 0.71
CA THR A 56 -6.62 -0.68 1.90
C THR A 56 -5.86 -1.12 3.15
N LEU A 57 -5.71 -0.20 4.10
CA LEU A 57 -5.01 -0.48 5.34
C LEU A 57 -5.89 -0.14 6.52
N SER A 58 -6.00 -1.06 7.47
CA SER A 58 -6.80 -0.84 8.66
C SER A 58 -6.09 0.13 9.60
N GLU A 59 -6.84 0.73 10.53
CA GLU A 59 -6.29 1.68 11.48
C GLU A 59 -5.14 1.08 12.29
N GLU A 60 -5.35 -0.13 12.79
CA GLU A 60 -4.32 -0.82 13.58
C GLU A 60 -3.07 -1.06 12.72
N GLU A 61 -3.28 -1.54 11.51
CA GLU A 61 -2.20 -1.81 10.57
C GLU A 61 -1.42 -0.53 10.29
N PHE A 62 -2.16 0.53 9.96
CA PHE A 62 -1.59 1.82 9.65
C PHE A 62 -0.73 2.35 10.80
N GLY A 63 -1.23 2.20 12.03
CA GLY A 63 -0.52 2.66 13.20
C GLY A 63 0.84 2.01 13.34
N VAL A 64 0.87 0.68 13.38
CA VAL A 64 2.12 -0.06 13.51
C VAL A 64 3.04 0.24 12.32
N LEU A 65 2.45 0.31 11.14
CA LEU A 65 3.20 0.58 9.92
C LEU A 65 3.94 1.91 10.02
N LEU A 66 3.20 2.99 10.32
CA LEU A 66 3.80 4.31 10.42
C LEU A 66 4.82 4.38 11.54
N LYS A 67 4.46 3.84 12.70
CA LYS A 67 5.33 3.84 13.87
C LYS A 67 6.71 3.30 13.53
N GLU A 68 6.75 2.15 12.88
CA GLU A 68 8.01 1.54 12.51
C GLU A 68 8.69 2.29 11.37
N LEU A 69 7.93 2.59 10.31
CA LEU A 69 8.49 3.30 9.16
C LEU A 69 9.11 4.64 9.54
N GLY A 70 8.39 5.39 10.37
CA GLY A 70 8.88 6.67 10.81
C GLY A 70 10.16 6.53 11.60
N ASN A 71 10.20 5.51 12.45
CA ASN A 71 11.36 5.22 13.28
C ASN A 71 12.54 4.77 12.42
N LYS A 72 12.26 4.16 11.28
CA LYS A 72 13.30 3.69 10.37
C LYS A 72 14.08 4.86 9.77
N LEU A 73 13.41 6.00 9.63
CA LEU A 73 14.04 7.18 9.05
C LEU A 73 14.71 8.03 10.13
N GLU A 74 14.52 7.64 11.38
CA GLU A 74 15.10 8.39 12.50
C GLU A 74 16.59 8.16 12.58
N MET B 1 -2.26 -14.81 -11.59
CA MET B 1 -2.09 -15.19 -13.01
C MET B 1 -1.28 -16.47 -13.12
N ALA B 2 -0.18 -16.54 -12.38
CA ALA B 2 0.68 -17.72 -12.39
C ALA B 2 0.41 -18.56 -11.16
N ASP B 3 0.82 -19.83 -11.20
CA ASP B 3 0.62 -20.73 -10.07
C ASP B 3 1.53 -20.29 -8.93
N LYS B 4 2.80 -20.14 -9.25
CA LYS B 4 3.80 -19.70 -8.29
C LYS B 4 4.76 -18.73 -8.97
N LEU B 5 4.47 -17.44 -8.84
CA LEU B 5 5.29 -16.38 -9.43
C LEU B 5 6.71 -16.40 -8.85
N LYS B 6 7.69 -16.08 -9.70
CA LYS B 6 9.08 -16.05 -9.28
C LYS B 6 9.38 -14.76 -8.54
N PHE B 7 10.08 -14.89 -7.41
CA PHE B 7 10.44 -13.74 -6.60
C PHE B 7 11.55 -14.11 -5.63
N GLU B 8 12.22 -13.10 -5.11
CA GLU B 8 13.28 -13.30 -4.13
C GLU B 8 13.23 -12.20 -3.10
N ILE B 9 13.24 -12.57 -1.83
CA ILE B 9 13.19 -11.60 -0.75
C ILE B 9 14.55 -10.95 -0.53
N ILE B 10 14.67 -9.70 -0.96
CA ILE B 10 15.91 -8.96 -0.83
C ILE B 10 16.10 -8.49 0.60
N GLU B 11 15.06 -7.92 1.18
CA GLU B 11 15.13 -7.41 2.54
C GLU B 11 13.74 -7.17 3.11
N GLU B 12 13.47 -7.74 4.28
CA GLU B 12 12.19 -7.56 4.95
C GLU B 12 12.16 -6.23 5.66
N LEU B 13 11.03 -5.55 5.65
CA LEU B 13 10.94 -4.24 6.28
C LEU B 13 10.04 -4.25 7.52
N ILE B 14 8.73 -4.34 7.30
CA ILE B 14 7.78 -4.30 8.41
C ILE B 14 6.81 -5.48 8.37
N VAL B 15 6.51 -6.01 9.55
CA VAL B 15 5.57 -7.10 9.69
C VAL B 15 4.50 -6.68 10.70
N LEU B 16 3.26 -6.55 10.25
CA LEU B 16 2.19 -6.10 11.12
C LEU B 16 1.58 -7.24 11.92
N SER B 17 0.65 -7.98 11.31
CA SER B 17 -0.04 -9.09 11.96
C SER B 17 -0.98 -9.76 10.97
N GLU B 18 -1.86 -10.63 11.47
CA GLU B 18 -2.81 -11.32 10.62
C GLU B 18 -4.21 -10.74 10.84
N ASN B 19 -4.93 -10.57 9.75
CA ASN B 19 -6.29 -10.04 9.80
C ASN B 19 -7.26 -11.14 10.28
N ALA B 20 -8.56 -10.86 10.24
CA ALA B 20 -9.56 -11.84 10.70
C ALA B 20 -9.63 -13.05 9.77
N LYS B 21 -9.01 -12.90 8.60
CA LYS B 21 -8.99 -13.96 7.61
C LYS B 21 -7.64 -14.66 7.66
N GLY B 22 -6.79 -14.23 8.58
CA GLY B 22 -5.47 -14.79 8.70
C GLY B 22 -4.49 -14.09 7.78
N TRP B 23 -4.99 -13.09 7.06
CA TRP B 23 -4.17 -12.32 6.13
C TRP B 23 -3.00 -11.64 6.83
N ARG B 24 -1.82 -12.19 6.61
CA ARG B 24 -0.60 -11.65 7.19
C ARG B 24 -0.07 -10.52 6.31
N LYS B 25 -0.34 -9.28 6.71
CA LYS B 25 0.11 -8.13 5.95
C LYS B 25 1.56 -7.80 6.30
N GLU B 26 2.41 -7.87 5.29
CA GLU B 26 3.83 -7.58 5.47
C GLU B 26 4.34 -6.65 4.37
N LEU B 27 5.31 -5.83 4.73
CA LEU B 27 5.92 -4.91 3.80
C LEU B 27 7.39 -5.26 3.67
N ASN B 28 7.76 -5.82 2.53
CA ASN B 28 9.14 -6.23 2.30
C ASN B 28 9.60 -5.83 0.91
N ARG B 29 10.90 -5.81 0.71
CA ARG B 29 11.46 -5.48 -0.59
C ARG B 29 11.91 -6.76 -1.28
N VAL B 30 11.24 -7.08 -2.39
CA VAL B 30 11.56 -8.29 -3.13
C VAL B 30 11.89 -7.95 -4.57
N SER B 31 12.53 -8.87 -5.25
CA SER B 31 12.89 -8.68 -6.64
C SER B 31 11.80 -9.27 -7.54
N TRP B 32 11.25 -8.44 -8.41
CA TRP B 32 10.21 -8.85 -9.33
C TRP B 32 10.76 -9.90 -10.28
N ASN B 33 10.33 -11.16 -10.08
CA ASN B 33 10.81 -12.28 -10.87
C ASN B 33 12.32 -12.41 -10.71
N ASP B 34 12.80 -12.00 -9.53
CA ASP B 34 14.21 -12.04 -9.17
C ASP B 34 15.05 -11.18 -10.11
N ALA B 35 14.47 -10.07 -10.56
CA ALA B 35 15.17 -9.16 -11.45
C ALA B 35 15.22 -7.75 -10.87
N GLU B 36 14.07 -7.07 -10.85
CA GLU B 36 14.00 -5.71 -10.33
C GLU B 36 13.65 -5.69 -8.84
N PRO B 37 14.57 -5.24 -7.98
CA PRO B 37 14.31 -5.16 -6.55
C PRO B 37 13.50 -3.89 -6.24
N LYS B 38 12.31 -4.07 -5.70
CA LYS B 38 11.44 -2.94 -5.42
C LYS B 38 10.58 -3.24 -4.19
N TYR B 39 9.95 -2.21 -3.65
CA TYR B 39 9.11 -2.36 -2.47
C TYR B 39 7.69 -2.73 -2.85
N ASP B 40 7.14 -3.73 -2.18
CA ASP B 40 5.78 -4.18 -2.45
C ASP B 40 5.14 -4.64 -1.15
N ILE B 41 3.92 -4.18 -0.90
CA ILE B 41 3.22 -4.55 0.33
C ILE B 41 2.06 -5.49 -0.01
N ARG B 42 2.10 -6.68 0.58
CA ARG B 42 1.08 -7.68 0.32
C ARG B 42 0.77 -8.48 1.58
N THR B 43 -0.15 -9.43 1.45
CA THR B 43 -0.53 -10.25 2.57
C THR B 43 -0.47 -11.74 2.20
N TRP B 44 -0.11 -12.55 3.17
CA TRP B 44 0.00 -13.99 2.97
C TRP B 44 -1.01 -14.72 3.85
N SER B 45 -1.07 -16.03 3.73
CA SER B 45 -1.96 -16.84 4.55
C SER B 45 -1.37 -17.00 5.93
N PRO B 46 -2.18 -17.36 6.94
CA PRO B 46 -1.68 -17.54 8.31
C PRO B 46 -0.56 -18.58 8.40
N ASP B 47 -0.60 -19.55 7.50
CA ASP B 47 0.41 -20.60 7.46
C ASP B 47 1.48 -20.28 6.43
N HIS B 48 1.28 -19.20 5.68
CA HIS B 48 2.20 -18.75 4.64
C HIS B 48 2.32 -19.78 3.50
N GLU B 49 1.24 -20.52 3.28
CA GLU B 49 1.22 -21.52 2.21
C GLU B 49 0.93 -20.86 0.86
N LYS B 50 0.05 -19.87 0.89
CA LYS B 50 -0.32 -19.14 -0.32
C LYS B 50 -0.40 -17.65 -0.05
N MET B 51 -0.57 -16.88 -1.12
CA MET B 51 -0.62 -15.44 -1.04
C MET B 51 -1.52 -14.87 -2.14
N GLY B 52 -1.77 -13.57 -2.08
CA GLY B 52 -2.61 -12.93 -3.07
C GLY B 52 -1.99 -11.66 -3.62
N LYS B 53 -2.82 -10.78 -4.17
CA LYS B 53 -2.33 -9.54 -4.75
C LYS B 53 -2.35 -8.38 -3.75
N GLY B 54 -1.56 -7.36 -4.05
CA GLY B 54 -1.47 -6.18 -3.21
C GLY B 54 -1.12 -4.96 -4.03
N ILE B 55 -0.08 -4.23 -3.63
CA ILE B 55 0.32 -3.04 -4.37
C ILE B 55 1.84 -2.82 -4.28
N THR B 56 2.42 -2.35 -5.38
CA THR B 56 3.83 -2.09 -5.45
C THR B 56 4.13 -0.60 -5.35
N LEU B 57 5.24 -0.26 -4.71
CA LEU B 57 5.66 1.12 -4.55
C LEU B 57 7.07 1.32 -5.06
N SER B 58 7.27 2.34 -5.87
CA SER B 58 8.57 2.63 -6.42
C SER B 58 9.46 3.26 -5.35
N GLU B 59 10.76 3.23 -5.56
CA GLU B 59 11.71 3.79 -4.60
C GLU B 59 11.42 5.26 -4.30
N GLU B 60 11.21 6.03 -5.36
CA GLU B 60 10.92 7.45 -5.21
C GLU B 60 9.63 7.68 -4.44
N GLU B 61 8.62 6.88 -4.77
CA GLU B 61 7.32 6.96 -4.10
C GLU B 61 7.47 6.64 -2.62
N PHE B 62 8.17 5.54 -2.35
CA PHE B 62 8.40 5.09 -0.98
C PHE B 62 9.15 6.16 -0.19
N GLY B 63 10.12 6.79 -0.84
CA GLY B 63 10.91 7.83 -0.19
C GLY B 63 10.05 8.97 0.33
N VAL B 64 9.27 9.58 -0.56
CA VAL B 64 8.40 10.69 -0.20
C VAL B 64 7.36 10.23 0.83
N LEU B 65 6.82 9.04 0.60
CA LEU B 65 5.81 8.47 1.46
C LEU B 65 6.33 8.35 2.90
N LEU B 66 7.47 7.68 3.07
CA LEU B 66 8.05 7.49 4.39
C LEU B 66 8.39 8.83 5.04
N LYS B 67 9.06 9.68 4.27
CA LYS B 67 9.48 11.00 4.75
C LYS B 67 8.33 11.75 5.40
N GLU B 68 7.22 11.86 4.68
CA GLU B 68 6.08 12.59 5.18
C GLU B 68 5.38 11.85 6.30
N LEU B 69 5.11 10.56 6.10
CA LEU B 69 4.43 9.76 7.09
C LEU B 69 5.18 9.74 8.42
N GLY B 70 6.50 9.55 8.35
CA GLY B 70 7.30 9.53 9.55
C GLY B 70 7.23 10.86 10.28
N ASN B 71 7.21 11.95 9.51
CA ASN B 71 7.15 13.29 10.05
C ASN B 71 5.78 13.59 10.65
N LYS B 72 4.75 12.91 10.15
CA LYS B 72 3.39 13.09 10.64
C LYS B 72 3.24 12.57 12.06
N LEU B 73 4.05 11.60 12.43
CA LEU B 73 3.98 11.04 13.78
C LEU B 73 4.92 11.77 14.74
N GLU B 74 5.67 12.74 14.22
CA GLU B 74 6.60 13.50 15.04
C GLU B 74 5.83 14.55 15.84
N MET A 1 -15.44 -2.65 -10.32
CA MET A 1 -16.59 -3.54 -10.59
C MET A 1 -17.84 -2.73 -10.86
N ALA A 2 -17.89 -1.52 -10.34
CA ALA A 2 -19.03 -0.64 -10.56
C ALA A 2 -18.60 0.54 -11.40
N ASP A 3 -19.57 1.23 -12.00
CA ASP A 3 -19.27 2.38 -12.84
C ASP A 3 -18.63 3.49 -12.00
N LYS A 4 -19.35 3.94 -10.98
CA LYS A 4 -18.85 4.98 -10.09
C LYS A 4 -19.11 4.61 -8.64
N LEU A 5 -18.14 3.98 -8.00
CA LEU A 5 -18.28 3.58 -6.60
C LEU A 5 -18.39 4.80 -5.70
N LYS A 6 -19.25 4.72 -4.70
CA LYS A 6 -19.46 5.81 -3.77
C LYS A 6 -18.28 5.95 -2.82
N PHE A 7 -17.80 7.17 -2.65
CA PHE A 7 -16.68 7.46 -1.76
C PHE A 7 -16.70 8.91 -1.34
N GLU A 8 -15.93 9.25 -0.32
CA GLU A 8 -15.85 10.62 0.16
C GLU A 8 -14.51 10.84 0.85
N ILE A 9 -13.83 11.90 0.46
CA ILE A 9 -12.53 12.23 1.03
C ILE A 9 -12.71 12.88 2.39
N ILE A 10 -12.25 12.20 3.43
CA ILE A 10 -12.35 12.70 4.78
C ILE A 10 -11.18 13.63 5.09
N GLU A 11 -10.00 13.23 4.63
CA GLU A 11 -8.79 14.01 4.87
C GLU A 11 -7.63 13.48 4.03
N GLU A 12 -7.00 14.37 3.28
CA GLU A 12 -5.86 14.00 2.45
C GLU A 12 -4.64 13.80 3.34
N LEU A 13 -3.79 12.84 3.00
CA LEU A 13 -2.62 12.58 3.80
C LEU A 13 -1.33 12.88 3.03
N ILE A 14 -0.99 12.02 2.08
CA ILE A 14 0.25 12.18 1.32
C ILE A 14 0.02 12.11 -0.18
N VAL A 15 0.77 12.91 -0.90
CA VAL A 15 0.72 12.93 -2.36
C VAL A 15 2.15 12.77 -2.89
N LEU A 16 2.38 11.76 -3.72
CA LEU A 16 3.72 11.53 -4.23
C LEU A 16 3.95 12.27 -5.55
N SER A 17 3.49 11.67 -6.65
CA SER A 17 3.66 12.24 -7.99
C SER A 17 2.95 11.36 -9.00
N GLU A 18 3.15 11.66 -10.29
CA GLU A 18 2.57 10.88 -11.34
C GLU A 18 3.62 9.98 -11.97
N ASN A 19 3.28 8.72 -12.16
CA ASN A 19 4.18 7.74 -12.76
C ASN A 19 4.31 8.01 -14.27
N ALA A 20 4.99 7.13 -14.99
CA ALA A 20 5.16 7.31 -16.44
C ALA A 20 3.81 7.26 -17.14
N LYS A 21 2.91 6.50 -16.55
CA LYS A 21 1.57 6.32 -17.07
C LYS A 21 0.67 7.45 -16.62
N GLY A 22 1.22 8.36 -15.83
CA GLY A 22 0.43 9.46 -15.31
C GLY A 22 -0.27 9.07 -14.03
N TRP A 23 0.01 7.86 -13.57
CA TRP A 23 -0.57 7.34 -12.34
C TRP A 23 -0.20 8.19 -11.14
N ARG A 24 -1.15 8.97 -10.67
CA ARG A 24 -0.95 9.83 -9.52
C ARG A 24 -1.14 9.03 -8.25
N LYS A 25 -0.04 8.62 -7.64
CA LYS A 25 -0.09 7.84 -6.41
C LYS A 25 -0.32 8.75 -5.21
N GLU A 26 -1.47 8.58 -4.58
CA GLU A 26 -1.82 9.37 -3.41
C GLU A 26 -2.35 8.49 -2.29
N LEU A 27 -2.21 8.99 -1.08
CA LEU A 27 -2.67 8.29 0.12
C LEU A 27 -3.58 9.23 0.88
N ASN A 28 -4.87 8.96 0.87
CA ASN A 28 -5.84 9.82 1.53
C ASN A 28 -6.84 8.99 2.33
N ARG A 29 -7.45 9.61 3.33
CA ARG A 29 -8.44 8.94 4.15
C ARG A 29 -9.82 9.16 3.54
N VAL A 30 -10.44 8.10 3.07
CA VAL A 30 -11.77 8.20 2.46
C VAL A 30 -12.75 7.25 3.13
N SER A 31 -14.03 7.56 3.02
CA SER A 31 -15.06 6.73 3.61
C SER A 31 -15.60 5.75 2.59
N TRP A 32 -15.52 4.46 2.91
CA TRP A 32 -16.00 3.41 2.03
C TRP A 32 -17.50 3.53 1.85
N ASN A 33 -17.91 3.93 0.65
CA ASN A 33 -19.33 4.13 0.32
C ASN A 33 -19.93 5.19 1.23
N ASP A 34 -19.08 6.14 1.62
CA ASP A 34 -19.45 7.25 2.49
C ASP A 34 -19.81 6.78 3.90
N ALA A 35 -19.41 5.55 4.23
CA ALA A 35 -19.70 5.00 5.54
C ALA A 35 -18.48 5.06 6.45
N GLU A 36 -17.75 3.95 6.55
CA GLU A 36 -16.58 3.88 7.41
C GLU A 36 -15.35 4.54 6.78
N PRO A 37 -14.75 5.52 7.48
CA PRO A 37 -13.56 6.21 7.02
C PRO A 37 -12.30 5.39 7.26
N LYS A 38 -11.54 5.11 6.20
CA LYS A 38 -10.33 4.32 6.34
C LYS A 38 -9.24 4.87 5.42
N TYR A 39 -8.01 4.40 5.64
CA TYR A 39 -6.88 4.84 4.83
C TYR A 39 -6.68 3.89 3.66
N ASP A 40 -6.58 4.44 2.46
CA ASP A 40 -6.40 3.62 1.27
C ASP A 40 -5.44 4.33 0.32
N ILE A 41 -4.43 3.62 -0.15
CA ILE A 41 -3.45 4.20 -1.06
C ILE A 41 -3.67 3.67 -2.48
N ARG A 42 -3.90 4.59 -3.41
CA ARG A 42 -4.17 4.24 -4.79
C ARG A 42 -3.57 5.25 -5.75
N THR A 43 -3.79 5.03 -7.03
CA THR A 43 -3.28 5.92 -8.05
C THR A 43 -4.43 6.34 -8.98
N TRP A 44 -4.39 7.60 -9.40
CA TRP A 44 -5.41 8.13 -10.30
C TRP A 44 -4.78 8.55 -11.62
N SER A 45 -5.60 8.96 -12.56
CA SER A 45 -5.11 9.40 -13.85
C SER A 45 -4.59 10.83 -13.74
N PRO A 46 -3.73 11.28 -14.68
CA PRO A 46 -3.18 12.64 -14.67
C PRO A 46 -4.27 13.70 -14.74
N ASP A 47 -5.38 13.34 -15.36
CA ASP A 47 -6.52 14.24 -15.50
C ASP A 47 -7.52 14.01 -14.36
N HIS A 48 -7.23 12.99 -13.55
CA HIS A 48 -8.08 12.63 -12.41
C HIS A 48 -9.49 12.28 -12.90
N GLU A 49 -9.56 11.73 -14.10
CA GLU A 49 -10.83 11.36 -14.71
C GLU A 49 -11.30 10.00 -14.19
N LYS A 50 -10.36 9.08 -14.04
CA LYS A 50 -10.66 7.74 -13.58
C LYS A 50 -9.58 7.24 -12.63
N MET A 51 -9.83 6.10 -12.04
CA MET A 51 -8.92 5.52 -11.07
C MET A 51 -8.97 4.00 -11.14
N GLY A 52 -8.06 3.34 -10.41
CA GLY A 52 -8.03 1.89 -10.40
C GLY A 52 -7.99 1.34 -8.99
N LYS A 53 -7.45 0.13 -8.84
CA LYS A 53 -7.38 -0.50 -7.53
C LYS A 53 -5.99 -0.38 -6.91
N GLY A 54 -5.95 -0.45 -5.58
CA GLY A 54 -4.71 -0.35 -4.84
C GLY A 54 -4.76 -1.21 -3.58
N ILE A 55 -4.61 -0.61 -2.41
CA ILE A 55 -4.67 -1.36 -1.16
C ILE A 55 -5.18 -0.50 -0.01
N THR A 56 -5.97 -1.12 0.86
CA THR A 56 -6.54 -0.43 2.00
C THR A 56 -5.80 -0.81 3.28
N LEU A 57 -5.69 0.14 4.20
CA LEU A 57 -5.02 -0.10 5.48
C LEU A 57 -5.89 0.42 6.63
N SER A 58 -6.14 -0.44 7.60
CA SER A 58 -6.96 -0.07 8.75
C SER A 58 -6.16 0.74 9.77
N GLU A 59 -6.85 1.29 10.76
CA GLU A 59 -6.23 2.10 11.79
C GLU A 59 -5.04 1.43 12.47
N GLU A 60 -5.27 0.27 13.07
CA GLU A 60 -4.20 -0.46 13.77
C GLU A 60 -3.05 -0.81 12.81
N GLU A 61 -3.39 -1.31 11.64
CA GLU A 61 -2.41 -1.69 10.63
C GLU A 61 -1.57 -0.49 10.22
N PHE A 62 -2.24 0.60 9.90
CA PHE A 62 -1.61 1.84 9.48
C PHE A 62 -0.73 2.42 10.60
N GLY A 63 -1.24 2.36 11.83
CA GLY A 63 -0.51 2.87 12.98
C GLY A 63 0.83 2.20 13.18
N VAL A 64 0.83 0.86 13.21
CA VAL A 64 2.06 0.10 13.38
C VAL A 64 3.01 0.35 12.22
N LEU A 65 2.45 0.37 11.02
CA LEU A 65 3.22 0.60 9.81
C LEU A 65 3.96 1.93 9.90
N LEU A 66 3.22 3.00 10.21
CA LEU A 66 3.82 4.32 10.32
C LEU A 66 4.87 4.39 11.42
N LYS A 67 4.52 3.82 12.57
CA LYS A 67 5.41 3.82 13.73
C LYS A 67 6.78 3.29 13.36
N GLU A 68 6.80 2.14 12.71
CA GLU A 68 8.05 1.51 12.32
C GLU A 68 8.72 2.24 11.16
N LEU A 69 7.93 2.59 10.13
CA LEU A 69 8.46 3.29 8.96
C LEU A 69 9.12 4.60 9.33
N GLY A 70 8.43 5.36 10.18
CA GLY A 70 8.96 6.63 10.62
C GLY A 70 10.25 6.46 11.40
N ASN A 71 10.28 5.42 12.23
CA ASN A 71 11.45 5.12 13.03
C ASN A 71 12.62 4.66 12.14
N LYS A 72 12.31 4.05 11.00
CA LYS A 72 13.34 3.59 10.09
C LYS A 72 14.06 4.77 9.46
N LEU A 73 13.37 5.90 9.35
CA LEU A 73 13.96 7.10 8.76
C LEU A 73 14.65 7.94 9.83
N GLU A 74 14.46 7.57 11.09
CA GLU A 74 15.06 8.31 12.20
C GLU A 74 16.57 8.11 12.19
N MET B 1 -2.24 -14.94 -11.20
CA MET B 1 -2.43 -15.42 -12.59
C MET B 1 -1.64 -16.70 -12.81
N ALA B 2 -0.53 -16.83 -12.11
CA ALA B 2 0.30 -18.01 -12.21
C ALA B 2 0.13 -18.87 -10.97
N ASP B 3 0.58 -20.11 -11.04
CA ASP B 3 0.47 -21.02 -9.90
C ASP B 3 1.41 -20.55 -8.79
N LYS B 4 2.70 -20.49 -9.10
CA LYS B 4 3.70 -20.04 -8.16
C LYS B 4 4.62 -19.04 -8.84
N LEU B 5 4.31 -17.75 -8.68
CA LEU B 5 5.12 -16.69 -9.27
C LEU B 5 6.51 -16.67 -8.63
N LYS B 6 7.53 -16.43 -9.44
CA LYS B 6 8.89 -16.38 -8.96
C LYS B 6 9.15 -15.07 -8.22
N PHE B 7 9.73 -15.20 -7.03
CA PHE B 7 10.04 -14.05 -6.20
C PHE B 7 11.20 -14.40 -5.28
N GLU B 8 11.75 -13.39 -4.63
CA GLU B 8 12.85 -13.60 -3.71
C GLU B 8 12.88 -12.47 -2.70
N ILE B 9 12.92 -12.81 -1.43
CA ILE B 9 12.95 -11.82 -0.36
C ILE B 9 14.35 -11.25 -0.22
N ILE B 10 14.50 -9.98 -0.58
CA ILE B 10 15.78 -9.31 -0.50
C ILE B 10 16.04 -8.82 0.92
N GLU B 11 15.00 -8.28 1.54
CA GLU B 11 15.10 -7.77 2.90
C GLU B 11 13.72 -7.44 3.45
N GLU B 12 13.41 -8.00 4.62
CA GLU B 12 12.12 -7.75 5.27
C GLU B 12 12.12 -6.35 5.87
N LEU B 13 10.99 -5.68 5.84
CA LEU B 13 10.91 -4.33 6.38
C LEU B 13 9.98 -4.24 7.58
N ILE B 14 8.67 -4.33 7.33
CA ILE B 14 7.70 -4.21 8.41
C ILE B 14 6.71 -5.36 8.42
N VAL B 15 6.33 -5.78 9.61
CA VAL B 15 5.35 -6.84 9.81
C VAL B 15 4.28 -6.30 10.74
N LEU B 16 3.01 -6.38 10.33
CA LEU B 16 1.93 -5.85 11.16
C LEU B 16 1.32 -6.93 12.04
N SER B 17 0.43 -7.73 11.48
CA SER B 17 -0.26 -8.80 12.21
C SER B 17 -1.19 -9.55 11.26
N GLU B 18 -1.99 -10.45 11.80
CA GLU B 18 -2.94 -11.20 11.00
C GLU B 18 -4.35 -10.65 11.22
N ASN B 19 -5.04 -10.36 10.12
CA ASN B 19 -6.40 -9.83 10.17
C ASN B 19 -7.37 -10.92 10.64
N ALA B 20 -8.68 -10.63 10.63
CA ALA B 20 -9.68 -11.59 11.06
C ALA B 20 -9.66 -12.83 10.19
N LYS B 21 -9.25 -12.64 8.95
CA LYS B 21 -9.17 -13.73 7.98
C LYS B 21 -7.82 -14.42 8.05
N GLY B 22 -6.97 -13.97 8.96
CA GLY B 22 -5.66 -14.54 9.10
C GLY B 22 -4.67 -13.87 8.16
N TRP B 23 -5.15 -12.88 7.42
CA TRP B 23 -4.33 -12.14 6.47
C TRP B 23 -3.15 -11.46 7.17
N ARG B 24 -1.97 -12.03 6.98
CA ARG B 24 -0.76 -11.50 7.55
C ARG B 24 -0.22 -10.37 6.67
N LYS B 25 -0.47 -9.14 7.09
CA LYS B 25 -0.02 -7.98 6.33
C LYS B 25 1.44 -7.68 6.62
N GLU B 26 2.27 -7.79 5.59
CA GLU B 26 3.70 -7.55 5.72
C GLU B 26 4.21 -6.69 4.56
N LEU B 27 5.27 -5.96 4.84
CA LEU B 27 5.91 -5.10 3.85
C LEU B 27 7.37 -5.48 3.76
N ASN B 28 7.75 -6.10 2.67
CA ASN B 28 9.12 -6.56 2.49
C ASN B 28 9.63 -6.22 1.09
N ARG B 29 10.95 -6.12 0.97
CA ARG B 29 11.56 -5.83 -0.32
C ARG B 29 11.85 -7.14 -1.03
N VAL B 30 11.17 -7.38 -2.13
CA VAL B 30 11.35 -8.61 -2.89
C VAL B 30 11.70 -8.31 -4.33
N SER B 31 12.35 -9.26 -4.99
CA SER B 31 12.72 -9.09 -6.38
C SER B 31 11.65 -9.69 -7.29
N TRP B 32 11.13 -8.88 -8.20
CA TRP B 32 10.12 -9.33 -9.14
C TRP B 32 10.69 -10.38 -10.07
N ASN B 33 10.25 -11.62 -9.88
CA ASN B 33 10.73 -12.76 -10.67
C ASN B 33 12.22 -12.95 -10.47
N ASP B 34 12.67 -12.58 -9.26
CA ASP B 34 14.07 -12.70 -8.86
C ASP B 34 14.97 -11.75 -9.68
N ALA B 35 14.36 -10.71 -10.24
CA ALA B 35 15.10 -9.74 -11.04
C ALA B 35 15.25 -8.41 -10.30
N GLU B 36 14.36 -7.46 -10.60
CA GLU B 36 14.42 -6.14 -9.98
C GLU B 36 13.83 -6.15 -8.57
N PRO B 37 14.64 -5.73 -7.58
CA PRO B 37 14.20 -5.66 -6.19
C PRO B 37 13.38 -4.40 -5.94
N LYS B 38 12.17 -4.57 -5.43
CA LYS B 38 11.30 -3.44 -5.16
C LYS B 38 10.50 -3.68 -3.89
N TYR B 39 9.83 -2.65 -3.40
CA TYR B 39 9.02 -2.75 -2.19
C TYR B 39 7.58 -3.05 -2.56
N ASP B 40 7.01 -4.07 -1.94
CA ASP B 40 5.62 -4.43 -2.20
C ASP B 40 4.96 -4.86 -0.90
N ILE B 41 3.79 -4.29 -0.61
CA ILE B 41 3.08 -4.62 0.60
C ILE B 41 1.88 -5.50 0.29
N ARG B 42 1.84 -6.68 0.92
CA ARG B 42 0.79 -7.64 0.67
C ARG B 42 0.43 -8.40 1.93
N THR B 43 -0.51 -9.32 1.82
CA THR B 43 -0.94 -10.13 2.95
C THR B 43 -0.87 -11.61 2.59
N TRP B 44 -0.48 -12.43 3.55
CA TRP B 44 -0.37 -13.86 3.35
C TRP B 44 -1.33 -14.60 4.28
N SER B 45 -1.43 -15.89 4.11
CA SER B 45 -2.30 -16.69 4.96
C SER B 45 -1.65 -16.92 6.32
N PRO B 46 -2.42 -17.25 7.37
CA PRO B 46 -1.88 -17.49 8.71
C PRO B 46 -0.86 -18.61 8.73
N ASP B 47 -1.01 -19.53 7.78
CA ASP B 47 -0.11 -20.67 7.66
C ASP B 47 0.99 -20.36 6.64
N HIS B 48 0.86 -19.20 5.99
CA HIS B 48 1.81 -18.75 4.97
C HIS B 48 1.87 -19.75 3.81
N GLU B 49 0.74 -20.42 3.56
CA GLU B 49 0.66 -21.41 2.49
C GLU B 49 0.45 -20.73 1.14
N LYS B 50 -0.38 -19.69 1.12
CA LYS B 50 -0.67 -18.95 -0.10
C LYS B 50 -0.73 -17.46 0.17
N MET B 51 -0.85 -16.70 -0.90
CA MET B 51 -0.87 -15.25 -0.83
C MET B 51 -1.77 -14.68 -1.92
N GLY B 52 -2.01 -13.37 -1.86
CA GLY B 52 -2.85 -12.72 -2.85
C GLY B 52 -2.21 -11.47 -3.44
N LYS B 53 -3.03 -10.56 -3.92
CA LYS B 53 -2.51 -9.32 -4.51
C LYS B 53 -2.60 -8.13 -3.56
N GLY B 54 -1.66 -7.21 -3.72
CA GLY B 54 -1.60 -6.00 -2.91
C GLY B 54 -1.21 -4.81 -3.75
N ILE B 55 -0.13 -4.12 -3.37
CA ILE B 55 0.32 -2.96 -4.14
C ILE B 55 1.84 -2.82 -4.08
N THR B 56 2.43 -2.41 -5.20
CA THR B 56 3.86 -2.24 -5.29
C THR B 56 4.25 -0.76 -5.23
N LEU B 57 5.34 -0.46 -4.54
CA LEU B 57 5.82 0.90 -4.40
C LEU B 57 7.29 0.98 -4.82
N SER B 58 7.59 1.90 -5.73
CA SER B 58 8.94 2.07 -6.21
C SER B 58 9.79 2.85 -5.22
N GLU B 59 11.08 2.94 -5.51
CA GLU B 59 12.03 3.64 -4.64
C GLU B 59 11.63 5.09 -4.40
N GLU B 60 11.47 5.85 -5.47
CA GLU B 60 11.10 7.26 -5.36
C GLU B 60 9.76 7.43 -4.67
N GLU B 61 8.78 6.62 -5.05
CA GLU B 61 7.45 6.68 -4.48
C GLU B 61 7.49 6.35 -2.99
N PHE B 62 8.17 5.27 -2.64
CA PHE B 62 8.30 4.83 -1.26
C PHE B 62 9.07 5.87 -0.45
N GLY B 63 10.10 6.46 -1.07
CA GLY B 63 10.90 7.46 -0.40
C GLY B 63 10.09 8.66 0.05
N VAL B 64 9.34 9.25 -0.88
CA VAL B 64 8.50 10.41 -0.56
C VAL B 64 7.45 10.02 0.47
N LEU B 65 6.85 8.85 0.27
CA LEU B 65 5.83 8.35 1.17
C LEU B 65 6.36 8.26 2.60
N LEU B 66 7.49 7.59 2.75
CA LEU B 66 8.12 7.42 4.06
C LEU B 66 8.46 8.76 4.69
N LYS B 67 9.14 9.60 3.92
CA LYS B 67 9.55 10.93 4.38
C LYS B 67 8.38 11.70 5.01
N GLU B 68 7.27 11.77 4.29
CA GLU B 68 6.11 12.50 4.77
C GLU B 68 5.42 11.78 5.92
N LEU B 69 5.19 10.48 5.76
CA LEU B 69 4.52 9.69 6.80
C LEU B 69 5.28 9.72 8.11
N GLY B 70 6.59 9.56 8.04
CA GLY B 70 7.40 9.59 9.24
C GLY B 70 7.31 10.93 9.93
N ASN B 71 7.32 11.99 9.12
CA ASN B 71 7.23 13.36 9.61
C ASN B 71 5.86 13.63 10.24
N LYS B 72 4.83 12.96 9.74
CA LYS B 72 3.48 13.15 10.26
C LYS B 72 3.38 12.67 11.71
N LEU B 73 4.17 11.67 12.07
CA LEU B 73 4.14 11.16 13.43
C LEU B 73 5.14 11.88 14.33
N GLU B 74 5.96 12.75 13.73
CA GLU B 74 6.95 13.50 14.49
C GLU B 74 6.28 14.45 15.47
N MET A 1 -15.33 -2.79 -10.81
CA MET A 1 -16.60 -3.52 -10.91
C MET A 1 -17.73 -2.56 -11.29
N ALA A 2 -17.87 -1.49 -10.52
CA ALA A 2 -18.89 -0.50 -10.79
C ALA A 2 -18.30 0.65 -11.58
N ASP A 3 -19.16 1.45 -12.21
CA ASP A 3 -18.70 2.59 -13.00
C ASP A 3 -18.18 3.68 -12.07
N LYS A 4 -19.00 4.06 -11.11
CA LYS A 4 -18.64 5.08 -10.14
C LYS A 4 -19.01 4.62 -8.74
N LEU A 5 -18.05 4.04 -8.05
CA LEU A 5 -18.27 3.56 -6.69
C LEU A 5 -18.45 4.75 -5.74
N LYS A 6 -19.32 4.56 -4.74
CA LYS A 6 -19.60 5.61 -3.76
C LYS A 6 -18.47 5.69 -2.74
N PHE A 7 -18.02 6.92 -2.46
CA PHE A 7 -16.95 7.14 -1.49
C PHE A 7 -16.96 8.59 -1.03
N GLU A 8 -16.14 8.90 -0.05
CA GLU A 8 -16.03 10.25 0.46
C GLU A 8 -14.67 10.46 1.11
N ILE A 9 -14.03 11.56 0.80
CA ILE A 9 -12.71 11.86 1.35
C ILE A 9 -12.86 12.50 2.73
N ILE A 10 -12.54 11.74 3.75
CA ILE A 10 -12.63 12.22 5.12
C ILE A 10 -11.48 13.17 5.43
N GLU A 11 -10.28 12.78 5.04
CA GLU A 11 -9.10 13.58 5.30
C GLU A 11 -7.92 13.12 4.46
N GLU A 12 -7.27 14.05 3.78
CA GLU A 12 -6.11 13.73 2.95
C GLU A 12 -4.87 13.55 3.84
N LEU A 13 -4.00 12.62 3.46
CA LEU A 13 -2.80 12.37 4.24
C LEU A 13 -1.55 12.77 3.48
N ILE A 14 -1.16 11.96 2.50
CA ILE A 14 0.05 12.22 1.74
C ILE A 14 -0.17 12.13 0.24
N VAL A 15 0.43 13.05 -0.50
CA VAL A 15 0.38 13.07 -1.94
C VAL A 15 1.80 12.95 -2.48
N LEU A 16 2.07 11.94 -3.29
CA LEU A 16 3.42 11.73 -3.80
C LEU A 16 3.65 12.49 -5.10
N SER A 17 3.19 11.91 -6.22
CA SER A 17 3.37 12.50 -7.53
C SER A 17 2.74 11.59 -8.58
N GLU A 18 3.01 11.88 -9.85
CA GLU A 18 2.49 11.10 -10.95
C GLU A 18 3.61 10.25 -11.57
N ASN A 19 3.25 9.07 -12.03
CA ASN A 19 4.21 8.16 -12.67
C ASN A 19 4.30 8.48 -14.16
N ALA A 20 4.98 7.62 -14.93
CA ALA A 20 5.12 7.82 -16.37
C ALA A 20 3.77 7.74 -17.07
N LYS A 21 2.85 7.05 -16.43
CA LYS A 21 1.51 6.87 -16.96
C LYS A 21 0.57 7.92 -16.41
N GLY A 22 1.11 8.85 -15.63
CA GLY A 22 0.28 9.87 -15.04
C GLY A 22 -0.40 9.40 -13.78
N TRP A 23 -0.03 8.21 -13.32
CA TRP A 23 -0.61 7.62 -12.11
C TRP A 23 -0.34 8.49 -10.89
N ARG A 24 -1.35 9.21 -10.46
CA ARG A 24 -1.26 10.06 -9.28
C ARG A 24 -1.43 9.21 -8.03
N LYS A 25 -0.32 8.85 -7.40
CA LYS A 25 -0.37 8.03 -6.21
C LYS A 25 -0.57 8.89 -4.97
N GLU A 26 -1.68 8.67 -4.29
CA GLU A 26 -2.01 9.42 -3.10
C GLU A 26 -2.51 8.49 -2.00
N LEU A 27 -2.32 8.94 -0.77
CA LEU A 27 -2.77 8.21 0.40
C LEU A 27 -3.69 9.11 1.20
N ASN A 28 -4.98 8.81 1.16
CA ASN A 28 -5.95 9.63 1.85
C ASN A 28 -6.95 8.74 2.59
N ARG A 29 -7.55 9.29 3.63
CA ARG A 29 -8.54 8.55 4.40
C ARG A 29 -9.92 8.82 3.82
N VAL A 30 -10.54 7.78 3.29
CA VAL A 30 -11.85 7.90 2.69
C VAL A 30 -12.83 6.93 3.33
N SER A 31 -14.11 7.21 3.19
CA SER A 31 -15.14 6.35 3.73
C SER A 31 -15.67 5.39 2.67
N TRP A 32 -15.57 4.10 2.96
CA TRP A 32 -16.02 3.07 2.04
C TRP A 32 -17.52 3.17 1.84
N ASN A 33 -17.93 3.56 0.64
CA ASN A 33 -19.33 3.76 0.30
C ASN A 33 -19.97 4.78 1.23
N ASP A 34 -19.13 5.73 1.68
CA ASP A 34 -19.55 6.80 2.58
C ASP A 34 -20.04 6.24 3.93
N ALA A 35 -19.48 5.10 4.33
CA ALA A 35 -19.87 4.47 5.58
C ALA A 35 -18.66 4.31 6.51
N GLU A 36 -17.81 3.35 6.21
CA GLU A 36 -16.63 3.06 7.03
C GLU A 36 -15.43 3.91 6.62
N PRO A 37 -15.00 4.85 7.49
CA PRO A 37 -13.84 5.69 7.22
C PRO A 37 -12.54 4.93 7.53
N LYS A 38 -11.70 4.78 6.53
CA LYS A 38 -10.46 4.04 6.70
C LYS A 38 -9.38 4.54 5.73
N TYR A 39 -8.16 4.06 5.89
CA TYR A 39 -7.05 4.48 5.04
C TYR A 39 -6.91 3.55 3.83
N ASP A 40 -6.73 4.14 2.66
CA ASP A 40 -6.57 3.37 1.43
C ASP A 40 -5.63 4.11 0.50
N ILE A 41 -4.63 3.42 -0.03
CA ILE A 41 -3.66 4.06 -0.92
C ILE A 41 -3.90 3.61 -2.36
N ARG A 42 -4.13 4.57 -3.25
CA ARG A 42 -4.41 4.27 -4.64
C ARG A 42 -3.84 5.33 -5.56
N THR A 43 -4.03 5.14 -6.86
CA THR A 43 -3.55 6.08 -7.84
C THR A 43 -4.68 6.51 -8.76
N TRP A 44 -4.65 7.76 -9.19
CA TRP A 44 -5.67 8.32 -10.06
C TRP A 44 -5.07 8.74 -11.39
N SER A 45 -5.91 9.13 -12.33
CA SER A 45 -5.45 9.57 -13.63
C SER A 45 -4.89 11.00 -13.52
N PRO A 46 -4.01 11.41 -14.44
CA PRO A 46 -3.39 12.75 -14.40
C PRO A 46 -4.43 13.88 -14.41
N ASP A 47 -5.54 13.64 -15.10
CA ASP A 47 -6.60 14.65 -15.18
C ASP A 47 -7.70 14.36 -14.15
N HIS A 48 -7.49 13.33 -13.34
CA HIS A 48 -8.44 12.93 -12.31
C HIS A 48 -9.82 12.62 -12.91
N GLU A 49 -9.82 11.94 -14.05
CA GLU A 49 -11.07 11.61 -14.72
C GLU A 49 -11.58 10.25 -14.24
N LYS A 50 -10.66 9.33 -14.00
CA LYS A 50 -11.01 8.00 -13.52
C LYS A 50 -9.99 7.50 -12.50
N MET A 51 -10.27 6.35 -11.93
CA MET A 51 -9.44 5.75 -10.91
C MET A 51 -9.25 4.26 -11.13
N GLY A 52 -8.37 3.65 -10.35
CA GLY A 52 -8.12 2.21 -10.46
C GLY A 52 -8.09 1.53 -9.11
N LYS A 53 -7.59 0.31 -9.05
CA LYS A 53 -7.54 -0.43 -7.79
C LYS A 53 -6.19 -0.27 -7.09
N GLY A 54 -6.19 -0.46 -5.78
CA GLY A 54 -4.99 -0.35 -4.97
C GLY A 54 -5.07 -1.25 -3.76
N ILE A 55 -4.78 -0.72 -2.57
CA ILE A 55 -4.82 -1.53 -1.36
C ILE A 55 -5.32 -0.71 -0.16
N THR A 56 -6.08 -1.37 0.70
CA THR A 56 -6.64 -0.73 1.89
C THR A 56 -5.85 -1.14 3.14
N LEU A 57 -5.70 -0.20 4.06
CA LEU A 57 -4.98 -0.45 5.29
C LEU A 57 -5.86 -0.12 6.50
N SER A 58 -5.92 -1.02 7.46
CA SER A 58 -6.73 -0.81 8.65
C SER A 58 -6.01 0.11 9.63
N GLU A 59 -6.75 0.66 10.59
CA GLU A 59 -6.19 1.58 11.56
C GLU A 59 -5.02 0.97 12.34
N GLU A 60 -5.22 -0.22 12.89
CA GLU A 60 -4.17 -0.90 13.66
C GLU A 60 -2.95 -1.19 12.79
N GLU A 61 -3.20 -1.68 11.57
CA GLU A 61 -2.14 -1.99 10.63
C GLU A 61 -1.36 -0.72 10.26
N PHE A 62 -2.12 0.34 9.97
CA PHE A 62 -1.54 1.62 9.61
C PHE A 62 -0.67 2.19 10.73
N GLY A 63 -1.16 2.06 11.97
CA GLY A 63 -0.43 2.56 13.12
C GLY A 63 0.93 1.90 13.27
N VAL A 64 0.94 0.57 13.28
CA VAL A 64 2.18 -0.19 13.41
C VAL A 64 3.12 0.13 12.26
N LEU A 65 2.54 0.22 11.06
CA LEU A 65 3.31 0.52 9.86
C LEU A 65 4.00 1.87 9.99
N LEU A 66 3.22 2.91 10.30
CA LEU A 66 3.78 4.26 10.43
C LEU A 66 4.82 4.32 11.53
N LYS A 67 4.48 3.76 12.69
CA LYS A 67 5.37 3.76 13.84
C LYS A 67 6.77 3.28 13.48
N GLU A 68 6.84 2.09 12.90
CA GLU A 68 8.11 1.52 12.52
C GLU A 68 8.76 2.27 11.36
N LEU A 69 7.98 2.60 10.34
CA LEU A 69 8.52 3.32 9.18
C LEU A 69 9.11 4.65 9.58
N GLY A 70 8.39 5.39 10.42
CA GLY A 70 8.85 6.68 10.88
C GLY A 70 10.13 6.57 11.67
N ASN A 71 10.24 5.50 12.45
CA ASN A 71 11.42 5.27 13.27
C ASN A 71 12.59 4.81 12.41
N LYS A 72 12.30 4.15 11.30
CA LYS A 72 13.33 3.66 10.39
C LYS A 72 14.09 4.80 9.72
N LEU A 73 13.43 5.94 9.54
CA LEU A 73 14.06 7.09 8.89
C LEU A 73 14.86 7.93 9.89
N GLU A 74 14.81 7.55 11.16
CA GLU A 74 15.53 8.27 12.20
C GLU A 74 16.99 7.85 12.24
N MET B 1 -2.36 -14.96 -11.49
CA MET B 1 -2.28 -15.44 -12.89
C MET B 1 -1.49 -16.74 -12.95
N ALA B 2 -0.32 -16.75 -12.34
CA ALA B 2 0.50 -17.94 -12.32
C ALA B 2 0.26 -18.70 -11.02
N ASP B 3 0.66 -19.97 -10.98
CA ASP B 3 0.48 -20.77 -9.78
C ASP B 3 1.51 -20.36 -8.74
N LYS B 4 2.76 -20.26 -9.17
CA LYS B 4 3.85 -19.85 -8.29
C LYS B 4 4.75 -18.87 -9.02
N LEU B 5 4.48 -17.58 -8.82
CA LEU B 5 5.28 -16.53 -9.45
C LEU B 5 6.69 -16.50 -8.87
N LYS B 6 7.67 -16.22 -9.72
CA LYS B 6 9.06 -16.16 -9.30
C LYS B 6 9.36 -14.86 -8.60
N PHE B 7 10.01 -14.94 -7.45
CA PHE B 7 10.37 -13.77 -6.67
C PHE B 7 11.51 -14.12 -5.71
N GLU B 8 12.01 -13.11 -5.02
CA GLU B 8 13.07 -13.29 -4.04
C GLU B 8 13.04 -12.16 -3.04
N ILE B 9 13.12 -12.50 -1.77
CA ILE B 9 13.09 -11.50 -0.71
C ILE B 9 14.47 -10.91 -0.48
N ILE B 10 14.67 -9.69 -0.97
CA ILE B 10 15.94 -9.00 -0.84
C ILE B 10 16.16 -8.56 0.60
N GLU B 11 15.15 -7.90 1.17
CA GLU B 11 15.25 -7.41 2.53
C GLU B 11 13.87 -7.15 3.13
N GLU B 12 13.62 -7.71 4.30
CA GLU B 12 12.36 -7.52 4.99
C GLU B 12 12.32 -6.13 5.61
N LEU B 13 11.15 -5.52 5.65
CA LEU B 13 11.05 -4.18 6.22
C LEU B 13 10.17 -4.15 7.45
N ILE B 14 8.86 -4.32 7.26
CA ILE B 14 7.92 -4.26 8.37
C ILE B 14 6.94 -5.41 8.33
N VAL B 15 6.63 -5.94 9.49
CA VAL B 15 5.66 -7.02 9.64
C VAL B 15 4.60 -6.55 10.62
N LEU B 16 3.34 -6.47 10.18
CA LEU B 16 2.28 -5.98 11.06
C LEU B 16 1.69 -7.09 11.91
N SER B 17 0.78 -7.87 11.34
CA SER B 17 0.10 -8.96 12.03
C SER B 17 -0.84 -9.67 11.07
N GLU B 18 -1.70 -10.52 11.59
CA GLU B 18 -2.67 -11.24 10.78
C GLU B 18 -4.08 -10.70 11.05
N ASN B 19 -4.89 -10.61 10.02
CA ASN B 19 -6.25 -10.13 10.13
C ASN B 19 -7.17 -11.27 10.60
N ALA B 20 -8.49 -11.05 10.56
CA ALA B 20 -9.44 -12.07 10.99
C ALA B 20 -9.43 -13.27 10.06
N LYS B 21 -8.95 -13.04 8.84
CA LYS B 21 -8.88 -14.09 7.83
C LYS B 21 -7.49 -14.72 7.86
N GLY B 22 -6.67 -14.29 8.80
CA GLY B 22 -5.32 -14.80 8.89
C GLY B 22 -4.38 -14.09 7.94
N TRP B 23 -4.89 -13.06 7.27
CA TRP B 23 -4.09 -12.29 6.32
C TRP B 23 -2.87 -11.66 6.99
N ARG B 24 -1.70 -12.23 6.72
CA ARG B 24 -0.46 -11.72 7.26
C ARG B 24 0.04 -10.56 6.39
N LYS B 25 -0.21 -9.34 6.84
CA LYS B 25 0.21 -8.17 6.08
C LYS B 25 1.65 -7.80 6.40
N GLU B 26 2.50 -7.86 5.38
CA GLU B 26 3.91 -7.54 5.54
C GLU B 26 4.39 -6.65 4.41
N LEU B 27 5.43 -5.89 4.69
CA LEU B 27 6.04 -5.00 3.73
C LEU B 27 7.51 -5.35 3.63
N ASN B 28 7.89 -5.97 2.54
CA ASN B 28 9.27 -6.39 2.34
C ASN B 28 9.73 -6.05 0.94
N ARG B 29 11.03 -5.83 0.78
CA ARG B 29 11.59 -5.52 -0.52
C ARG B 29 11.95 -6.81 -1.24
N VAL B 30 11.27 -7.09 -2.34
CA VAL B 30 11.50 -8.31 -3.10
C VAL B 30 11.85 -7.98 -4.53
N SER B 31 12.44 -8.94 -5.23
CA SER B 31 12.81 -8.75 -6.62
C SER B 31 11.74 -9.34 -7.53
N TRP B 32 11.20 -8.52 -8.41
CA TRP B 32 10.18 -8.94 -9.36
C TRP B 32 10.76 -9.97 -10.31
N ASN B 33 10.31 -11.22 -10.14
CA ASN B 33 10.78 -12.35 -10.94
C ASN B 33 12.28 -12.52 -10.76
N ASP B 34 12.76 -12.14 -9.57
CA ASP B 34 14.18 -12.24 -9.21
C ASP B 34 15.04 -11.34 -10.11
N ALA B 35 14.46 -10.24 -10.58
CA ALA B 35 15.19 -9.30 -11.44
C ALA B 35 15.21 -7.89 -10.85
N GLU B 36 14.07 -7.22 -10.86
CA GLU B 36 13.99 -5.85 -10.34
C GLU B 36 13.66 -5.82 -8.86
N PRO B 37 14.59 -5.38 -8.01
CA PRO B 37 14.36 -5.27 -6.58
C PRO B 37 13.57 -4.01 -6.24
N LYS B 38 12.40 -4.17 -5.66
CA LYS B 38 11.57 -3.03 -5.34
C LYS B 38 10.70 -3.33 -4.13
N TYR B 39 9.98 -2.33 -3.63
CA TYR B 39 9.13 -2.50 -2.47
C TYR B 39 7.71 -2.84 -2.87
N ASP B 40 7.12 -3.82 -2.19
CA ASP B 40 5.75 -4.24 -2.47
C ASP B 40 5.10 -4.71 -1.16
N ILE B 41 3.92 -4.19 -0.87
CA ILE B 41 3.21 -4.57 0.35
C ILE B 41 2.05 -5.50 0.02
N ARG B 42 2.07 -6.67 0.65
CA ARG B 42 1.04 -7.67 0.40
C ARG B 42 0.73 -8.47 1.66
N THR B 43 -0.21 -9.40 1.53
CA THR B 43 -0.61 -10.23 2.66
C THR B 43 -0.51 -11.70 2.27
N TRP B 44 -0.14 -12.53 3.24
CA TRP B 44 0.01 -13.97 3.01
C TRP B 44 -0.96 -14.73 3.88
N SER B 45 -1.02 -16.04 3.69
CA SER B 45 -1.90 -16.89 4.48
C SER B 45 -1.28 -17.12 5.86
N PRO B 46 -2.09 -17.44 6.88
CA PRO B 46 -1.60 -17.66 8.24
C PRO B 46 -0.53 -18.74 8.32
N ASP B 47 -0.68 -19.78 7.50
CA ASP B 47 0.28 -20.88 7.49
C ASP B 47 1.35 -20.65 6.41
N HIS B 48 1.25 -19.50 5.73
CA HIS B 48 2.20 -19.12 4.67
C HIS B 48 2.25 -20.17 3.57
N GLU B 49 1.07 -20.63 3.15
CA GLU B 49 0.97 -21.65 2.11
C GLU B 49 0.78 -20.99 0.74
N LYS B 50 0.02 -19.91 0.72
CA LYS B 50 -0.24 -19.16 -0.51
C LYS B 50 -0.23 -17.67 -0.28
N MET B 51 -0.32 -16.93 -1.35
CA MET B 51 -0.29 -15.48 -1.34
C MET B 51 -1.37 -14.89 -2.24
N GLY B 52 -1.56 -13.58 -2.15
CA GLY B 52 -2.55 -12.91 -2.97
C GLY B 52 -1.99 -11.65 -3.61
N LYS B 53 -2.86 -10.80 -4.14
CA LYS B 53 -2.42 -9.57 -4.78
C LYS B 53 -2.45 -8.38 -3.81
N GLY B 54 -1.58 -7.42 -4.07
CA GLY B 54 -1.49 -6.23 -3.26
C GLY B 54 -1.10 -5.03 -4.10
N ILE B 55 -0.14 -4.23 -3.65
CA ILE B 55 0.28 -3.06 -4.39
C ILE B 55 1.80 -2.85 -4.30
N THR B 56 2.38 -2.36 -5.40
CA THR B 56 3.81 -2.10 -5.46
C THR B 56 4.12 -0.62 -5.33
N LEU B 57 5.23 -0.31 -4.69
CA LEU B 57 5.66 1.07 -4.49
C LEU B 57 7.07 1.28 -5.02
N SER B 58 7.26 2.31 -5.83
CA SER B 58 8.57 2.60 -6.40
C SER B 58 9.44 3.28 -5.35
N GLU B 59 10.74 3.31 -5.59
CA GLU B 59 11.69 3.90 -4.65
C GLU B 59 11.38 5.36 -4.35
N GLU B 60 11.21 6.16 -5.39
CA GLU B 60 10.91 7.58 -5.23
C GLU B 60 9.60 7.77 -4.46
N GLU B 61 8.59 6.99 -4.83
CA GLU B 61 7.28 7.06 -4.20
C GLU B 61 7.37 6.67 -2.73
N PHE B 62 8.09 5.58 -2.46
CA PHE B 62 8.28 5.09 -1.10
C PHE B 62 9.02 6.12 -0.25
N GLY B 63 10.01 6.75 -0.86
CA GLY B 63 10.79 7.76 -0.18
C GLY B 63 9.95 8.92 0.30
N VAL B 64 9.17 9.50 -0.61
CA VAL B 64 8.29 10.61 -0.27
C VAL B 64 7.28 10.18 0.78
N LEU B 65 6.72 8.98 0.58
CA LEU B 65 5.73 8.42 1.48
C LEU B 65 6.31 8.30 2.90
N LEU B 66 7.43 7.60 3.02
CA LEU B 66 8.07 7.40 4.32
C LEU B 66 8.40 8.73 4.98
N LYS B 67 9.07 9.60 4.22
CA LYS B 67 9.49 10.91 4.70
C LYS B 67 8.35 11.66 5.38
N GLU B 68 7.25 11.82 4.65
CA GLU B 68 6.10 12.55 5.16
C GLU B 68 5.42 11.79 6.29
N LEU B 69 5.20 10.49 6.11
CA LEU B 69 4.52 9.68 7.13
C LEU B 69 5.30 9.67 8.43
N GLY B 70 6.60 9.51 8.34
CA GLY B 70 7.45 9.48 9.52
C GLY B 70 7.40 10.81 10.27
N ASN B 71 7.33 11.90 9.50
CA ASN B 71 7.27 13.23 10.08
C ASN B 71 5.90 13.51 10.69
N LYS B 72 4.86 12.90 10.11
CA LYS B 72 3.50 13.08 10.60
C LYS B 72 3.30 12.53 12.01
N LEU B 73 4.11 11.56 12.40
CA LEU B 73 3.99 10.97 13.73
C LEU B 73 4.87 11.71 14.75
N GLU B 74 5.51 12.78 14.31
CA GLU B 74 6.37 13.56 15.20
C GLU B 74 5.54 14.57 15.98
N MET A 1 -14.91 -2.30 -11.20
CA MET A 1 -16.08 -3.18 -11.46
C MET A 1 -17.28 -2.33 -11.89
N ALA A 2 -17.45 -1.18 -11.26
CA ALA A 2 -18.55 -0.28 -11.59
C ALA A 2 -18.03 0.93 -12.35
N ASP A 3 -18.94 1.71 -12.92
CA ASP A 3 -18.55 2.91 -13.67
C ASP A 3 -17.90 3.91 -12.72
N LYS A 4 -18.65 4.30 -11.70
CA LYS A 4 -18.17 5.23 -10.70
C LYS A 4 -18.57 4.77 -9.30
N LEU A 5 -17.59 4.35 -8.52
CA LEU A 5 -17.85 3.91 -7.15
C LEU A 5 -17.99 5.11 -6.23
N LYS A 6 -19.03 5.10 -5.41
CA LYS A 6 -19.29 6.19 -4.48
C LYS A 6 -18.21 6.25 -3.40
N PHE A 7 -17.70 7.44 -3.13
CA PHE A 7 -16.68 7.64 -2.12
C PHE A 7 -16.69 9.09 -1.65
N GLU A 8 -15.99 9.36 -0.57
CA GLU A 8 -15.90 10.70 -0.03
C GLU A 8 -14.56 10.89 0.65
N ILE A 9 -13.83 11.92 0.24
CA ILE A 9 -12.52 12.22 0.82
C ILE A 9 -12.69 12.92 2.15
N ILE A 10 -12.42 12.19 3.23
CA ILE A 10 -12.53 12.75 4.57
C ILE A 10 -11.38 13.71 4.82
N GLU A 11 -10.17 13.29 4.46
CA GLU A 11 -9.00 14.12 4.66
C GLU A 11 -7.80 13.52 3.92
N GLU A 12 -7.09 14.37 3.18
CA GLU A 12 -5.93 13.95 2.43
C GLU A 12 -4.74 13.76 3.37
N LEU A 13 -3.90 12.78 3.08
CA LEU A 13 -2.75 12.51 3.93
C LEU A 13 -1.44 12.83 3.23
N ILE A 14 -1.03 11.98 2.30
CA ILE A 14 0.24 12.17 1.61
C ILE A 14 0.12 12.03 0.09
N VAL A 15 0.78 12.93 -0.61
CA VAL A 15 0.83 12.90 -2.06
C VAL A 15 2.28 12.73 -2.50
N LEU A 16 2.57 11.72 -3.31
CA LEU A 16 3.95 11.49 -3.72
C LEU A 16 4.27 12.16 -5.05
N SER A 17 3.90 11.51 -6.15
CA SER A 17 4.16 12.03 -7.49
C SER A 17 3.46 11.16 -8.53
N GLU A 18 3.81 11.36 -9.80
CA GLU A 18 3.23 10.57 -10.88
C GLU A 18 4.31 9.70 -11.49
N ASN A 19 3.98 8.45 -11.73
CA ASN A 19 4.94 7.51 -12.32
C ASN A 19 5.15 7.81 -13.80
N ALA A 20 5.89 6.94 -14.48
CA ALA A 20 6.15 7.11 -15.91
C ALA A 20 4.85 6.97 -16.69
N LYS A 21 3.89 6.33 -16.04
CA LYS A 21 2.59 6.10 -16.62
C LYS A 21 1.63 7.23 -16.28
N GLY A 22 2.13 8.20 -15.50
CA GLY A 22 1.29 9.31 -15.10
C GLY A 22 0.51 8.97 -13.85
N TRP A 23 0.74 7.75 -13.33
CA TRP A 23 0.05 7.28 -12.14
C TRP A 23 0.35 8.16 -10.94
N ARG A 24 -0.63 8.92 -10.52
CA ARG A 24 -0.51 9.79 -9.37
C ARG A 24 -0.85 9.01 -8.10
N LYS A 25 0.18 8.56 -7.41
CA LYS A 25 -0.01 7.80 -6.18
C LYS A 25 -0.26 8.72 -5.00
N GLU A 26 -1.43 8.59 -4.40
CA GLU A 26 -1.81 9.41 -3.26
C GLU A 26 -2.40 8.56 -2.16
N LEU A 27 -2.13 8.95 -0.93
CA LEU A 27 -2.65 8.26 0.24
C LEU A 27 -3.58 9.20 0.97
N ASN A 28 -4.88 8.93 0.90
CA ASN A 28 -5.87 9.78 1.53
C ASN A 28 -6.89 8.96 2.30
N ARG A 29 -7.56 9.61 3.24
CA ARG A 29 -8.57 8.94 4.04
C ARG A 29 -9.93 9.17 3.39
N VAL A 30 -10.54 8.12 2.90
CA VAL A 30 -11.82 8.23 2.25
C VAL A 30 -12.83 7.25 2.86
N SER A 31 -14.10 7.54 2.69
CA SER A 31 -15.14 6.67 3.20
C SER A 31 -15.67 5.75 2.10
N TRP A 32 -15.65 4.45 2.38
CA TRP A 32 -16.12 3.45 1.43
C TRP A 32 -17.60 3.64 1.19
N ASN A 33 -17.95 4.11 -0.01
CA ASN A 33 -19.34 4.38 -0.38
C ASN A 33 -19.93 5.44 0.53
N ASP A 34 -19.04 6.27 1.09
CA ASP A 34 -19.41 7.36 2.00
C ASP A 34 -19.97 6.79 3.31
N ALA A 35 -19.63 5.55 3.61
CA ALA A 35 -20.09 4.90 4.84
C ALA A 35 -18.98 4.84 5.88
N GLU A 36 -18.04 3.92 5.70
CA GLU A 36 -16.94 3.75 6.65
C GLU A 36 -15.67 4.44 6.17
N PRO A 37 -15.15 5.39 6.96
CA PRO A 37 -13.92 6.12 6.65
C PRO A 37 -12.68 5.29 6.98
N LYS A 38 -11.86 5.02 5.97
CA LYS A 38 -10.66 4.23 6.17
C LYS A 38 -9.53 4.77 5.30
N TYR A 39 -8.31 4.30 5.54
CA TYR A 39 -7.15 4.74 4.78
C TYR A 39 -6.91 3.81 3.59
N ASP A 40 -6.76 4.40 2.41
CA ASP A 40 -6.52 3.62 1.20
C ASP A 40 -5.53 4.36 0.31
N ILE A 41 -4.53 3.65 -0.19
CA ILE A 41 -3.52 4.26 -1.04
C ILE A 41 -3.66 3.73 -2.47
N ARG A 42 -3.88 4.66 -3.41
CA ARG A 42 -4.07 4.30 -4.80
C ARG A 42 -3.43 5.31 -5.73
N THR A 43 -3.58 5.09 -7.02
CA THR A 43 -3.04 5.99 -8.02
C THR A 43 -4.13 6.44 -8.98
N TRP A 44 -4.06 7.70 -9.39
CA TRP A 44 -5.03 8.25 -10.33
C TRP A 44 -4.33 8.68 -11.60
N SER A 45 -5.10 9.01 -12.62
CA SER A 45 -4.53 9.47 -13.88
C SER A 45 -3.86 10.82 -13.68
N PRO A 46 -2.89 11.19 -14.54
CA PRO A 46 -2.18 12.47 -14.42
C PRO A 46 -3.13 13.66 -14.49
N ASP A 47 -4.25 13.46 -15.19
CA ASP A 47 -5.27 14.51 -15.34
C ASP A 47 -6.36 14.35 -14.28
N HIS A 48 -6.21 13.31 -13.44
CA HIS A 48 -7.16 13.00 -12.37
C HIS A 48 -8.56 12.76 -12.93
N GLU A 49 -8.60 12.22 -14.14
CA GLU A 49 -9.87 11.94 -14.81
C GLU A 49 -10.45 10.62 -14.35
N LYS A 50 -9.57 9.65 -14.10
CA LYS A 50 -10.00 8.33 -13.64
C LYS A 50 -9.08 7.81 -12.54
N MET A 51 -9.46 6.66 -12.01
CA MET A 51 -8.74 6.04 -10.92
C MET A 51 -8.56 4.55 -11.18
N GLY A 52 -7.78 3.89 -10.33
CA GLY A 52 -7.56 2.46 -10.49
C GLY A 52 -7.56 1.73 -9.16
N LYS A 53 -7.06 0.51 -9.13
CA LYS A 53 -7.05 -0.27 -7.89
C LYS A 53 -5.71 -0.17 -7.17
N GLY A 54 -5.77 -0.32 -5.84
CA GLY A 54 -4.58 -0.26 -5.00
C GLY A 54 -4.73 -1.14 -3.78
N ILE A 55 -4.51 -0.58 -2.58
CA ILE A 55 -4.64 -1.36 -1.36
C ILE A 55 -5.24 -0.53 -0.22
N THR A 56 -6.04 -1.19 0.61
CA THR A 56 -6.68 -0.53 1.73
C THR A 56 -6.04 -0.96 3.05
N LEU A 57 -5.87 -0.01 3.97
CA LEU A 57 -5.26 -0.29 5.26
C LEU A 57 -6.19 0.14 6.38
N SER A 58 -6.40 -0.74 7.34
CA SER A 58 -7.26 -0.46 8.48
C SER A 58 -6.54 0.47 9.45
N GLU A 59 -7.29 1.08 10.37
CA GLU A 59 -6.71 2.00 11.35
C GLU A 59 -5.67 1.32 12.22
N GLU A 60 -5.99 0.12 12.69
CA GLU A 60 -5.07 -0.64 13.53
C GLU A 60 -3.76 -0.94 12.79
N GLU A 61 -3.90 -1.39 11.55
CA GLU A 61 -2.76 -1.70 10.70
C GLU A 61 -1.95 -0.45 10.41
N PHE A 62 -2.66 0.61 10.07
CA PHE A 62 -2.06 1.90 9.75
C PHE A 62 -1.21 2.41 10.92
N GLY A 63 -1.76 2.31 12.13
CA GLY A 63 -1.05 2.76 13.31
C GLY A 63 0.27 2.03 13.50
N VAL A 64 0.23 0.70 13.49
CA VAL A 64 1.43 -0.11 13.66
C VAL A 64 2.42 0.17 12.53
N LEU A 65 1.90 0.25 11.31
CA LEU A 65 2.70 0.50 10.14
C LEU A 65 3.48 1.80 10.27
N LEU A 66 2.77 2.90 10.52
CA LEU A 66 3.42 4.20 10.65
C LEU A 66 4.37 4.22 11.83
N LYS A 67 3.94 3.66 12.96
CA LYS A 67 4.75 3.65 14.17
C LYS A 67 6.14 3.10 13.89
N GLU A 68 6.20 1.93 13.25
CA GLU A 68 7.45 1.29 12.94
C GLU A 68 8.19 2.03 11.83
N LEU A 69 7.46 2.41 10.78
CA LEU A 69 8.08 3.11 9.65
C LEU A 69 8.74 4.41 10.09
N GLY A 70 8.05 5.18 10.91
CA GLY A 70 8.60 6.43 11.40
C GLY A 70 9.84 6.19 12.23
N ASN A 71 9.80 5.11 13.00
CA ASN A 71 10.91 4.72 13.86
C ASN A 71 12.10 4.23 13.02
N LYS A 72 11.80 3.67 11.86
CA LYS A 72 12.82 3.15 10.96
C LYS A 72 13.66 4.28 10.35
N LEU A 73 13.05 5.47 10.28
CA LEU A 73 13.74 6.62 9.70
C LEU A 73 14.51 7.40 10.76
N GLU A 74 14.45 6.95 12.00
CA GLU A 74 15.14 7.64 13.07
C GLU A 74 16.61 7.26 13.11
N MET B 1 -2.00 -14.84 -11.38
CA MET B 1 -2.06 -15.25 -12.81
C MET B 1 -1.32 -16.56 -13.03
N ALA B 2 -0.20 -16.71 -12.34
CA ALA B 2 0.59 -17.93 -12.45
C ALA B 2 0.41 -18.76 -11.18
N ASP B 3 0.80 -20.03 -11.24
CA ASP B 3 0.68 -20.91 -10.08
C ASP B 3 1.55 -20.39 -8.96
N LYS B 4 2.84 -20.26 -9.25
CA LYS B 4 3.80 -19.75 -8.30
C LYS B 4 4.70 -18.72 -8.98
N LEU B 5 4.58 -17.46 -8.58
CA LEU B 5 5.41 -16.41 -9.15
C LEU B 5 6.78 -16.39 -8.49
N LYS B 6 7.81 -16.30 -9.30
CA LYS B 6 9.17 -16.27 -8.81
C LYS B 6 9.46 -14.98 -8.05
N PHE B 7 9.99 -15.11 -6.84
CA PHE B 7 10.32 -13.96 -6.03
C PHE B 7 11.40 -14.32 -5.04
N GLU B 8 12.03 -13.31 -4.47
CA GLU B 8 13.08 -13.52 -3.48
C GLU B 8 13.04 -12.42 -2.44
N ILE B 9 12.97 -12.82 -1.18
CA ILE B 9 12.91 -11.86 -0.09
C ILE B 9 14.30 -11.33 0.22
N ILE B 10 14.52 -10.08 -0.13
CA ILE B 10 15.80 -9.42 0.11
C ILE B 10 15.95 -9.09 1.60
N GLU B 11 14.88 -8.54 2.17
CA GLU B 11 14.87 -8.18 3.58
C GLU B 11 13.46 -7.80 4.03
N GLU B 12 13.06 -8.32 5.17
CA GLU B 12 11.74 -8.05 5.74
C GLU B 12 11.75 -6.65 6.37
N LEU B 13 10.63 -5.96 6.27
CA LEU B 13 10.55 -4.62 6.82
C LEU B 13 9.59 -4.53 7.99
N ILE B 14 8.29 -4.61 7.71
CA ILE B 14 7.27 -4.48 8.75
C ILE B 14 6.23 -5.60 8.67
N VAL B 15 5.85 -6.11 9.82
CA VAL B 15 4.82 -7.13 9.92
C VAL B 15 3.72 -6.60 10.84
N LEU B 16 2.47 -6.56 10.36
CA LEU B 16 1.39 -6.02 11.16
C LEU B 16 0.66 -7.10 11.95
N SER B 17 -0.26 -7.79 11.29
CA SER B 17 -1.06 -8.84 11.93
C SER B 17 -1.92 -9.53 10.88
N GLU B 18 -2.87 -10.34 11.35
CA GLU B 18 -3.78 -11.04 10.46
C GLU B 18 -5.19 -10.48 10.62
N ASN B 19 -5.86 -10.24 9.49
CA ASN B 19 -7.22 -9.73 9.50
C ASN B 19 -8.21 -10.81 9.95
N ALA B 20 -9.50 -10.50 9.93
CA ALA B 20 -10.51 -11.47 10.33
C ALA B 20 -10.53 -12.65 9.35
N LYS B 21 -9.98 -12.41 8.18
CA LYS B 21 -9.90 -13.42 7.13
C LYS B 21 -8.60 -14.21 7.26
N GLY B 22 -7.77 -13.81 8.21
CA GLY B 22 -6.50 -14.46 8.41
C GLY B 22 -5.42 -13.84 7.54
N TRP B 23 -5.79 -12.79 6.82
CA TRP B 23 -4.87 -12.08 5.94
C TRP B 23 -3.71 -11.48 6.71
N ARG B 24 -2.54 -12.08 6.53
CA ARG B 24 -1.33 -11.61 7.17
C ARG B 24 -0.69 -10.53 6.32
N LYS B 25 -0.92 -9.27 6.69
CA LYS B 25 -0.36 -8.15 5.94
C LYS B 25 1.07 -7.88 6.36
N GLU B 26 1.99 -8.01 5.41
CA GLU B 26 3.40 -7.78 5.66
C GLU B 26 4.01 -6.91 4.57
N LEU B 27 4.95 -6.08 4.98
CA LEU B 27 5.65 -5.20 4.06
C LEU B 27 7.11 -5.61 4.03
N ASN B 28 7.54 -6.22 2.94
CA ASN B 28 8.91 -6.69 2.82
C ASN B 28 9.50 -6.30 1.49
N ARG B 29 10.82 -6.30 1.41
CA ARG B 29 11.51 -5.97 0.17
C ARG B 29 11.83 -7.25 -0.56
N VAL B 30 11.22 -7.44 -1.72
CA VAL B 30 11.44 -8.64 -2.52
C VAL B 30 11.83 -8.27 -3.94
N SER B 31 12.47 -9.20 -4.62
CA SER B 31 12.88 -8.97 -5.99
C SER B 31 11.87 -9.58 -6.96
N TRP B 32 11.39 -8.77 -7.88
CA TRP B 32 10.42 -9.21 -8.87
C TRP B 32 11.06 -10.26 -9.76
N ASN B 33 10.63 -11.51 -9.59
CA ASN B 33 11.16 -12.63 -10.35
C ASN B 33 12.65 -12.79 -10.10
N ASP B 34 13.07 -12.32 -8.92
CA ASP B 34 14.47 -12.39 -8.48
C ASP B 34 15.35 -11.48 -9.34
N ALA B 35 14.75 -10.49 -9.98
CA ALA B 35 15.49 -9.56 -10.81
C ALA B 35 15.64 -8.20 -10.14
N GLU B 36 14.57 -7.42 -10.14
CA GLU B 36 14.61 -6.08 -9.55
C GLU B 36 14.04 -6.07 -8.13
N PRO B 37 14.86 -5.70 -7.13
CA PRO B 37 14.43 -5.62 -5.73
C PRO B 37 13.62 -4.35 -5.47
N LYS B 38 12.38 -4.51 -5.02
CA LYS B 38 11.52 -3.36 -4.76
C LYS B 38 10.67 -3.63 -3.53
N TYR B 39 9.99 -2.59 -3.05
CA TYR B 39 9.13 -2.73 -1.89
C TYR B 39 7.69 -3.01 -2.31
N ASP B 40 7.11 -4.05 -1.73
CA ASP B 40 5.74 -4.42 -2.05
C ASP B 40 5.03 -4.87 -0.77
N ILE B 41 3.83 -4.35 -0.55
CA ILE B 41 3.08 -4.72 0.64
C ILE B 41 1.87 -5.57 0.27
N ARG B 42 1.79 -6.77 0.82
CA ARG B 42 0.72 -7.69 0.51
C ARG B 42 0.31 -8.49 1.73
N THR B 43 -0.67 -9.37 1.55
CA THR B 43 -1.16 -10.20 2.63
C THR B 43 -1.09 -11.67 2.24
N TRP B 44 -0.75 -12.52 3.20
CA TRP B 44 -0.66 -13.95 2.97
C TRP B 44 -1.67 -14.68 3.84
N SER B 45 -1.82 -15.98 3.61
CA SER B 45 -2.75 -16.78 4.39
C SER B 45 -2.24 -16.90 5.83
N PRO B 46 -3.13 -17.18 6.81
CA PRO B 46 -2.73 -17.30 8.22
C PRO B 46 -1.72 -18.43 8.43
N ASP B 47 -1.71 -19.37 7.49
CA ASP B 47 -0.80 -20.51 7.53
C ASP B 47 0.39 -20.26 6.59
N HIS B 48 0.38 -19.10 5.93
CA HIS B 48 1.42 -18.71 4.98
C HIS B 48 1.55 -19.72 3.85
N GLU B 49 0.44 -20.37 3.52
CA GLU B 49 0.42 -21.37 2.46
C GLU B 49 0.35 -20.71 1.09
N LYS B 50 -0.44 -19.66 0.99
CA LYS B 50 -0.60 -18.94 -0.27
C LYS B 50 -0.55 -17.44 -0.06
N MET B 51 -0.57 -16.72 -1.17
CA MET B 51 -0.50 -15.27 -1.16
C MET B 51 -1.54 -14.67 -2.11
N GLY B 52 -1.67 -13.35 -2.08
CA GLY B 52 -2.63 -12.68 -2.94
C GLY B 52 -2.06 -11.41 -3.54
N LYS B 53 -2.91 -10.53 -4.03
CA LYS B 53 -2.45 -9.29 -4.64
C LYS B 53 -2.55 -8.11 -3.68
N GLY B 54 -1.61 -7.18 -3.83
CA GLY B 54 -1.57 -5.98 -3.01
C GLY B 54 -1.13 -4.78 -3.82
N ILE B 55 -0.08 -4.08 -3.40
CA ILE B 55 0.39 -2.92 -4.14
C ILE B 55 1.91 -2.81 -4.05
N THR B 56 2.53 -2.32 -5.12
CA THR B 56 3.97 -2.15 -5.17
C THR B 56 4.36 -0.68 -5.08
N LEU B 57 5.43 -0.40 -4.33
CA LEU B 57 5.91 0.96 -4.16
C LEU B 57 7.38 1.06 -4.57
N SER B 58 7.69 2.06 -5.37
CA SER B 58 9.05 2.27 -5.85
C SER B 58 9.89 2.90 -4.74
N GLU B 59 11.21 2.90 -4.93
CA GLU B 59 12.13 3.44 -3.93
C GLU B 59 11.92 4.93 -3.74
N GLU B 60 11.71 5.65 -4.84
CA GLU B 60 11.48 7.09 -4.80
C GLU B 60 10.19 7.39 -4.03
N GLU B 61 9.15 6.63 -4.34
CA GLU B 61 7.84 6.82 -3.71
C GLU B 61 7.91 6.46 -2.24
N PHE B 62 8.53 5.33 -1.94
CA PHE B 62 8.69 4.85 -0.58
C PHE B 62 9.43 5.88 0.27
N GLY B 63 10.44 6.51 -0.33
CA GLY B 63 11.21 7.52 0.37
C GLY B 63 10.35 8.68 0.81
N VAL B 64 9.57 9.23 -0.11
CA VAL B 64 8.68 10.36 0.19
C VAL B 64 7.60 9.93 1.17
N LEU B 65 7.03 8.76 0.92
CA LEU B 65 5.97 8.21 1.74
C LEU B 65 6.41 8.10 3.19
N LEU B 66 7.53 7.42 3.41
CA LEU B 66 8.05 7.23 4.75
C LEU B 66 8.40 8.56 5.40
N LYS B 67 9.10 9.40 4.65
CA LYS B 67 9.52 10.72 5.14
C LYS B 67 8.35 11.50 5.73
N GLU B 68 7.30 11.63 4.95
CA GLU B 68 6.12 12.38 5.38
C GLU B 68 5.38 11.66 6.50
N LEU B 69 5.14 10.36 6.33
CA LEU B 69 4.42 9.57 7.32
C LEU B 69 5.13 9.57 8.67
N GLY B 70 6.44 9.45 8.64
CA GLY B 70 7.20 9.46 9.87
C GLY B 70 7.11 10.80 10.58
N ASN B 71 7.07 11.86 9.79
CA ASN B 71 6.98 13.23 10.30
C ASN B 71 5.56 13.51 10.81
N LYS B 72 4.57 12.85 10.20
CA LYS B 72 3.17 13.04 10.59
C LYS B 72 2.91 12.54 12.01
N LEU B 73 3.71 11.59 12.48
CA LEU B 73 3.52 11.04 13.81
C LEU B 73 4.32 11.83 14.85
N GLU B 74 4.98 12.89 14.41
CA GLU B 74 5.76 13.72 15.32
C GLU B 74 4.88 14.75 15.98
N MET A 1 -14.60 -2.24 -11.50
CA MET A 1 -15.76 -3.09 -11.88
C MET A 1 -16.96 -2.23 -12.23
N ALA A 2 -17.15 -1.15 -11.48
CA ALA A 2 -18.26 -0.25 -11.73
C ALA A 2 -17.78 0.94 -12.54
N ASP A 3 -18.71 1.63 -13.18
CA ASP A 3 -18.38 2.80 -13.99
C ASP A 3 -17.77 3.87 -13.09
N LYS A 4 -18.51 4.27 -12.08
CA LYS A 4 -18.05 5.27 -11.12
C LYS A 4 -18.44 4.84 -9.72
N LEU A 5 -17.53 4.16 -9.02
CA LEU A 5 -17.79 3.71 -7.66
C LEU A 5 -17.97 4.89 -6.72
N LYS A 6 -18.95 4.80 -5.83
CA LYS A 6 -19.25 5.88 -4.89
C LYS A 6 -18.17 5.96 -3.81
N PHE A 7 -17.72 7.18 -3.53
CA PHE A 7 -16.71 7.42 -2.51
C PHE A 7 -16.76 8.88 -2.05
N GLU A 8 -16.04 9.19 -0.99
CA GLU A 8 -15.98 10.54 -0.47
C GLU A 8 -14.69 10.74 0.30
N ILE A 9 -14.01 11.85 0.03
CA ILE A 9 -12.76 12.17 0.70
C ILE A 9 -13.03 12.76 2.08
N ILE A 10 -12.70 12.00 3.10
CA ILE A 10 -12.89 12.43 4.47
C ILE A 10 -11.73 13.31 4.91
N GLU A 11 -10.53 12.93 4.50
CA GLU A 11 -9.33 13.65 4.86
C GLU A 11 -8.14 13.20 4.01
N GLU A 12 -7.33 14.15 3.58
CA GLU A 12 -6.15 13.83 2.80
C GLU A 12 -5.00 13.51 3.74
N LEU A 13 -4.24 12.47 3.42
CA LEU A 13 -3.13 12.08 4.28
C LEU A 13 -1.80 12.50 3.67
N ILE A 14 -1.35 11.76 2.65
CA ILE A 14 -0.07 12.05 2.02
C ILE A 14 -0.16 12.01 0.50
N VAL A 15 0.42 13.01 -0.13
CA VAL A 15 0.46 13.08 -1.58
C VAL A 15 1.93 12.97 -2.00
N LEU A 16 2.24 11.99 -2.82
CA LEU A 16 3.63 11.78 -3.22
C LEU A 16 3.98 12.57 -4.49
N SER A 17 3.61 12.03 -5.64
CA SER A 17 3.88 12.67 -6.93
C SER A 17 3.32 11.81 -8.06
N GLU A 18 3.70 12.13 -9.30
CA GLU A 18 3.26 11.39 -10.45
C GLU A 18 4.43 10.63 -11.05
N ASN A 19 4.14 9.47 -11.60
CA ASN A 19 5.18 8.64 -12.23
C ASN A 19 5.30 9.02 -13.71
N ALA A 20 6.02 8.23 -14.49
CA ALA A 20 6.21 8.53 -15.91
C ALA A 20 4.89 8.47 -16.66
N LYS A 21 3.99 7.68 -16.13
CA LYS A 21 2.67 7.51 -16.73
C LYS A 21 1.72 8.59 -16.27
N GLY A 22 2.20 9.48 -15.43
CA GLY A 22 1.37 10.55 -14.91
C GLY A 22 0.57 10.06 -13.72
N TRP A 23 0.82 8.81 -13.33
CA TRP A 23 0.12 8.20 -12.21
C TRP A 23 0.34 8.99 -10.92
N ARG A 24 -0.71 9.66 -10.48
CA ARG A 24 -0.67 10.43 -9.26
C ARG A 24 -0.82 9.49 -8.07
N LYS A 25 0.26 9.32 -7.34
CA LYS A 25 0.28 8.43 -6.19
C LYS A 25 -0.13 9.20 -4.93
N GLU A 26 -1.31 8.89 -4.40
CA GLU A 26 -1.83 9.56 -3.21
C GLU A 26 -2.38 8.57 -2.19
N LEU A 27 -2.27 8.96 -0.93
CA LEU A 27 -2.78 8.19 0.18
C LEU A 27 -3.76 9.07 0.96
N ASN A 28 -5.04 8.76 0.86
CA ASN A 28 -6.05 9.58 1.52
C ASN A 28 -7.06 8.73 2.27
N ARG A 29 -7.84 9.39 3.11
CA ARG A 29 -8.89 8.73 3.87
C ARG A 29 -10.21 8.96 3.17
N VAL A 30 -10.82 7.90 2.66
CA VAL A 30 -12.09 8.03 1.96
C VAL A 30 -13.10 7.04 2.52
N SER A 31 -14.38 7.35 2.34
CA SER A 31 -15.44 6.48 2.81
C SER A 31 -15.88 5.53 1.71
N TRP A 32 -15.81 4.24 1.99
CA TRP A 32 -16.21 3.22 1.04
C TRP A 32 -17.70 3.34 0.73
N ASN A 33 -18.01 3.81 -0.48
CA ASN A 33 -19.39 4.03 -0.92
C ASN A 33 -20.05 5.06 -0.02
N ASP A 34 -19.23 5.96 0.50
CA ASP A 34 -19.66 7.05 1.38
C ASP A 34 -20.17 6.50 2.72
N ALA A 35 -19.78 5.28 3.03
CA ALA A 35 -20.20 4.65 4.29
C ALA A 35 -19.09 4.72 5.33
N GLU A 36 -18.28 3.67 5.41
CA GLU A 36 -17.19 3.61 6.39
C GLU A 36 -15.93 4.31 5.89
N PRO A 37 -15.40 5.25 6.68
CA PRO A 37 -14.18 5.99 6.33
C PRO A 37 -12.92 5.19 6.65
N LYS A 38 -12.12 4.92 5.63
CA LYS A 38 -10.89 4.14 5.84
C LYS A 38 -9.76 4.75 5.00
N TYR A 39 -8.54 4.34 5.27
CA TYR A 39 -7.38 4.86 4.55
C TYR A 39 -7.07 3.97 3.35
N ASP A 40 -6.92 4.57 2.18
CA ASP A 40 -6.63 3.80 0.97
C ASP A 40 -5.60 4.54 0.11
N ILE A 41 -4.59 3.82 -0.35
CA ILE A 41 -3.55 4.40 -1.18
C ILE A 41 -3.70 3.90 -2.61
N ARG A 42 -3.87 4.82 -3.55
CA ARG A 42 -4.06 4.45 -4.94
C ARG A 42 -3.42 5.44 -5.89
N THR A 43 -3.39 5.07 -7.16
CA THR A 43 -2.84 5.90 -8.19
C THR A 43 -3.92 6.37 -9.14
N TRP A 44 -3.94 7.67 -9.43
CA TRP A 44 -4.94 8.25 -10.31
C TRP A 44 -4.26 8.85 -11.53
N SER A 45 -5.06 9.36 -12.45
CA SER A 45 -4.53 9.98 -13.66
C SER A 45 -3.99 11.37 -13.32
N PRO A 46 -3.06 11.90 -14.14
CA PRO A 46 -2.46 13.23 -13.90
C PRO A 46 -3.51 14.34 -13.77
N ASP A 47 -4.56 14.23 -14.58
CA ASP A 47 -5.64 15.22 -14.57
C ASP A 47 -6.77 14.75 -13.65
N HIS A 48 -6.56 13.62 -12.98
CA HIS A 48 -7.55 13.04 -12.07
C HIS A 48 -8.84 12.69 -12.84
N GLU A 49 -8.70 12.44 -14.14
CA GLU A 49 -9.84 12.10 -14.97
C GLU A 49 -10.41 10.73 -14.59
N LYS A 50 -9.51 9.82 -14.20
CA LYS A 50 -9.92 8.48 -13.80
C LYS A 50 -9.08 7.99 -12.63
N MET A 51 -9.44 6.84 -12.13
CA MET A 51 -8.78 6.23 -11.00
C MET A 51 -8.42 4.78 -11.30
N GLY A 52 -7.66 4.16 -10.41
CA GLY A 52 -7.27 2.77 -10.60
C GLY A 52 -7.31 1.97 -9.32
N LYS A 53 -6.87 0.72 -9.37
CA LYS A 53 -6.89 -0.15 -8.20
C LYS A 53 -5.57 -0.08 -7.44
N GLY A 54 -5.67 -0.06 -6.11
CA GLY A 54 -4.51 -0.01 -5.25
C GLY A 54 -4.68 -0.93 -4.05
N ILE A 55 -4.61 -0.37 -2.84
CA ILE A 55 -4.77 -1.18 -1.64
C ILE A 55 -5.37 -0.35 -0.50
N THR A 56 -6.21 -0.98 0.29
CA THR A 56 -6.85 -0.31 1.41
C THR A 56 -6.20 -0.75 2.73
N LEU A 57 -5.94 0.22 3.60
CA LEU A 57 -5.33 -0.06 4.88
C LEU A 57 -6.32 0.24 6.01
N SER A 58 -6.62 -0.75 6.83
CA SER A 58 -7.54 -0.56 7.92
C SER A 58 -6.84 0.09 9.11
N GLU A 59 -7.60 0.37 10.16
CA GLU A 59 -7.07 1.00 11.36
C GLU A 59 -5.98 0.14 11.99
N GLU A 60 -6.22 -1.18 12.03
CA GLU A 60 -5.26 -2.13 12.58
C GLU A 60 -3.90 -2.00 11.89
N GLU A 61 -3.94 -1.97 10.57
CA GLU A 61 -2.74 -1.84 9.75
C GLU A 61 -2.09 -0.49 9.92
N PHE A 62 -2.83 0.56 9.59
CA PHE A 62 -2.35 1.93 9.66
C PHE A 62 -1.67 2.24 10.99
N GLY A 63 -2.30 1.82 12.09
CA GLY A 63 -1.74 2.06 13.41
C GLY A 63 -0.38 1.43 13.62
N VAL A 64 -0.27 0.13 13.38
CA VAL A 64 0.99 -0.59 13.56
C VAL A 64 2.02 -0.18 12.50
N LEU A 65 1.56 -0.08 11.26
CA LEU A 65 2.42 0.27 10.14
C LEU A 65 3.09 1.61 10.36
N LEU A 66 2.31 2.64 10.66
CA LEU A 66 2.87 3.97 10.86
C LEU A 66 3.82 4.00 12.05
N LYS A 67 3.38 3.41 13.15
CA LYS A 67 4.19 3.36 14.37
C LYS A 67 5.58 2.82 14.08
N GLU A 68 5.63 1.69 13.41
CA GLU A 68 6.89 1.06 13.08
C GLU A 68 7.67 1.85 12.03
N LEU A 69 7.01 2.19 10.92
CA LEU A 69 7.66 2.94 9.85
C LEU A 69 8.27 4.24 10.36
N GLY A 70 7.51 4.99 11.12
CA GLY A 70 7.99 6.24 11.66
C GLY A 70 9.14 6.02 12.63
N ASN A 71 9.10 4.89 13.31
CA ASN A 71 10.14 4.54 14.27
C ASN A 71 11.42 4.11 13.55
N LYS A 72 11.29 3.47 12.40
CA LYS A 72 12.46 3.02 11.64
C LYS A 72 13.23 4.20 11.06
N LEU A 73 12.54 5.32 10.87
CA LEU A 73 13.19 6.52 10.33
C LEU A 73 13.85 7.33 11.44
N GLU A 74 13.63 6.92 12.68
CA GLU A 74 14.22 7.62 13.81
C GLU A 74 15.73 7.45 13.84
N MET B 1 -1.56 -14.50 -11.73
CA MET B 1 -1.65 -14.99 -13.13
C MET B 1 -0.83 -16.26 -13.30
N ALA B 2 0.34 -16.28 -12.69
CA ALA B 2 1.20 -17.45 -12.77
C ALA B 2 0.91 -18.38 -11.61
N ASP B 3 1.36 -19.62 -11.71
CA ASP B 3 1.14 -20.59 -10.64
C ASP B 3 1.95 -20.20 -9.43
N LYS B 4 3.25 -20.05 -9.63
CA LYS B 4 4.15 -19.64 -8.57
C LYS B 4 5.14 -18.60 -9.12
N LEU B 5 4.80 -17.33 -8.97
CA LEU B 5 5.67 -16.25 -9.47
C LEU B 5 7.01 -16.26 -8.73
N LYS B 6 8.07 -16.01 -9.47
CA LYS B 6 9.41 -15.99 -8.91
C LYS B 6 9.64 -14.72 -8.10
N PHE B 7 10.22 -14.88 -6.92
CA PHE B 7 10.52 -13.76 -6.04
C PHE B 7 11.56 -14.17 -5.03
N GLU B 8 12.06 -13.21 -4.27
CA GLU B 8 13.05 -13.48 -3.23
C GLU B 8 13.01 -12.39 -2.18
N ILE B 9 12.97 -12.80 -0.93
CA ILE B 9 12.93 -11.85 0.18
C ILE B 9 14.32 -11.29 0.45
N ILE B 10 14.50 -10.02 0.09
CA ILE B 10 15.77 -9.35 0.29
C ILE B 10 15.90 -8.90 1.73
N GLU B 11 14.80 -8.39 2.28
CA GLU B 11 14.78 -7.89 3.64
C GLU B 11 13.35 -7.68 4.13
N GLU B 12 13.08 -8.06 5.37
CA GLU B 12 11.75 -7.88 5.94
C GLU B 12 11.63 -6.46 6.48
N LEU B 13 10.49 -5.83 6.29
CA LEU B 13 10.30 -4.47 6.75
C LEU B 13 9.37 -4.42 7.94
N ILE B 14 8.08 -4.61 7.71
CA ILE B 14 7.09 -4.54 8.76
C ILE B 14 6.08 -5.68 8.67
N VAL B 15 5.82 -6.33 9.79
CA VAL B 15 4.84 -7.39 9.87
C VAL B 15 3.71 -6.91 10.78
N LEU B 16 2.48 -6.87 10.26
CA LEU B 16 1.36 -6.38 11.04
C LEU B 16 0.71 -7.48 11.86
N SER B 17 -0.15 -8.28 11.23
CA SER B 17 -0.86 -9.38 11.89
C SER B 17 -1.78 -10.06 10.87
N GLU B 18 -2.67 -10.92 11.35
CA GLU B 18 -3.61 -11.62 10.50
C GLU B 18 -5.02 -11.10 10.75
N ASN B 19 -5.82 -11.06 9.69
CA ASN B 19 -7.19 -10.59 9.79
C ASN B 19 -8.12 -11.76 10.14
N ALA B 20 -9.44 -11.57 10.05
CA ALA B 20 -10.39 -12.63 10.38
C ALA B 20 -10.29 -13.79 9.41
N LYS B 21 -9.76 -13.52 8.23
CA LYS B 21 -9.61 -14.54 7.20
C LYS B 21 -8.25 -15.22 7.33
N GLY B 22 -7.49 -14.80 8.32
CA GLY B 22 -6.16 -15.35 8.52
C GLY B 22 -5.15 -14.64 7.65
N TRP B 23 -5.62 -13.67 6.88
CA TRP B 23 -4.77 -12.91 5.99
C TRP B 23 -3.61 -12.25 6.73
N ARG B 24 -2.42 -12.76 6.49
CA ARG B 24 -1.21 -12.24 7.11
C ARG B 24 -0.77 -11.00 6.33
N LYS B 25 -0.89 -9.85 6.97
CA LYS B 25 -0.55 -8.59 6.37
C LYS B 25 0.93 -8.25 6.65
N GLU B 26 1.75 -8.30 5.60
CA GLU B 26 3.17 -8.01 5.74
C GLU B 26 3.69 -7.08 4.65
N LEU B 27 4.72 -6.32 5.01
CA LEU B 27 5.38 -5.39 4.11
C LEU B 27 6.86 -5.74 4.09
N ASN B 28 7.33 -6.29 2.99
CA ASN B 28 8.72 -6.70 2.89
C ASN B 28 9.36 -6.26 1.59
N ARG B 29 10.68 -6.34 1.54
CA ARG B 29 11.44 -5.98 0.35
C ARG B 29 11.77 -7.26 -0.40
N VAL B 30 11.20 -7.40 -1.59
CA VAL B 30 11.44 -8.60 -2.39
C VAL B 30 11.87 -8.22 -3.80
N SER B 31 12.57 -9.12 -4.47
CA SER B 31 13.03 -8.89 -5.82
C SER B 31 12.03 -9.44 -6.83
N TRP B 32 11.57 -8.59 -7.73
CA TRP B 32 10.61 -8.97 -8.75
C TRP B 32 11.25 -10.00 -9.68
N ASN B 33 10.78 -11.25 -9.57
CA ASN B 33 11.32 -12.35 -10.37
C ASN B 33 12.80 -12.54 -10.06
N ASP B 34 13.15 -12.19 -8.82
CA ASP B 34 14.52 -12.29 -8.31
C ASP B 34 15.46 -11.33 -9.05
N ALA B 35 14.89 -10.29 -9.65
CA ALA B 35 15.69 -9.32 -10.38
C ALA B 35 15.88 -8.03 -9.57
N GLU B 36 14.96 -7.09 -9.72
CA GLU B 36 15.04 -5.81 -9.02
C GLU B 36 14.36 -5.88 -7.66
N PRO B 37 15.08 -5.51 -6.59
CA PRO B 37 14.56 -5.51 -5.23
C PRO B 37 13.69 -4.27 -4.97
N LYS B 38 12.44 -4.49 -4.60
CA LYS B 38 11.54 -3.39 -4.33
C LYS B 38 10.66 -3.72 -3.12
N TYR B 39 10.02 -2.70 -2.57
CA TYR B 39 9.17 -2.88 -1.40
C TYR B 39 7.74 -3.16 -1.85
N ASP B 40 7.16 -4.23 -1.34
CA ASP B 40 5.80 -4.59 -1.71
C ASP B 40 5.02 -5.05 -0.47
N ILE B 41 3.80 -4.56 -0.32
CA ILE B 41 2.96 -4.92 0.81
C ILE B 41 1.80 -5.79 0.33
N ARG B 42 1.72 -6.99 0.86
CA ARG B 42 0.68 -7.92 0.45
C ARG B 42 0.17 -8.76 1.61
N THR B 43 -0.92 -9.47 1.34
CA THR B 43 -1.53 -10.34 2.31
C THR B 43 -1.40 -11.80 1.89
N TRP B 44 -0.95 -12.63 2.82
CA TRP B 44 -0.77 -14.06 2.54
C TRP B 44 -1.67 -14.89 3.43
N SER B 45 -1.67 -16.19 3.22
CA SER B 45 -2.48 -17.10 4.02
C SER B 45 -1.86 -17.24 5.41
N PRO B 46 -2.64 -17.65 6.43
CA PRO B 46 -2.13 -17.80 7.80
C PRO B 46 -0.97 -18.80 7.88
N ASP B 47 -1.02 -19.82 7.01
CA ASP B 47 0.03 -20.84 6.98
C ASP B 47 1.07 -20.49 5.91
N HIS B 48 0.87 -19.35 5.25
CA HIS B 48 1.76 -18.89 4.19
C HIS B 48 1.76 -19.89 3.03
N GLU B 49 0.67 -20.65 2.92
CA GLU B 49 0.53 -21.66 1.86
C GLU B 49 0.43 -21.00 0.50
N LYS B 50 -0.26 -19.87 0.44
CA LYS B 50 -0.43 -19.13 -0.79
C LYS B 50 -0.33 -17.64 -0.55
N MET B 51 -0.35 -16.89 -1.64
CA MET B 51 -0.22 -15.46 -1.60
C MET B 51 -1.32 -14.79 -2.43
N GLY B 52 -1.40 -13.46 -2.35
CA GLY B 52 -2.41 -12.75 -3.10
C GLY B 52 -1.88 -11.46 -3.69
N LYS B 53 -2.76 -10.67 -4.27
CA LYS B 53 -2.36 -9.41 -4.90
C LYS B 53 -2.49 -8.23 -3.93
N GLY B 54 -1.48 -7.38 -3.94
CA GLY B 54 -1.46 -6.20 -3.09
C GLY B 54 -1.00 -4.99 -3.88
N ILE B 55 0.05 -4.33 -3.41
CA ILE B 55 0.57 -3.16 -4.11
C ILE B 55 2.08 -3.01 -3.89
N THR B 56 2.78 -2.58 -4.93
CA THR B 56 4.22 -2.39 -4.86
C THR B 56 4.57 -0.92 -4.72
N LEU B 57 5.48 -0.62 -3.82
CA LEU B 57 5.91 0.75 -3.58
C LEU B 57 7.35 0.93 -4.02
N SER B 58 7.58 1.83 -4.96
CA SER B 58 8.93 2.09 -5.43
C SER B 58 9.67 3.00 -4.47
N GLU B 59 10.96 3.22 -4.75
CA GLU B 59 11.80 4.06 -3.90
C GLU B 59 11.24 5.47 -3.78
N GLU B 60 10.77 6.02 -4.89
CA GLU B 60 10.19 7.36 -4.91
C GLU B 60 9.03 7.46 -3.91
N GLU B 61 8.20 6.44 -3.90
CA GLU B 61 7.04 6.38 -3.03
C GLU B 61 7.46 6.18 -1.58
N PHE B 62 8.16 5.07 -1.34
CA PHE B 62 8.60 4.72 -0.01
C PHE B 62 9.36 5.87 0.66
N GLY B 63 10.20 6.56 -0.10
CA GLY B 63 10.96 7.67 0.44
C GLY B 63 10.08 8.79 0.98
N VAL B 64 9.21 9.31 0.11
CA VAL B 64 8.32 10.41 0.50
C VAL B 64 7.27 9.94 1.50
N LEU B 65 6.68 8.78 1.24
CA LEU B 65 5.64 8.21 2.10
C LEU B 65 6.14 8.04 3.53
N LEU B 66 7.28 7.39 3.70
CA LEU B 66 7.83 7.16 5.03
C LEU B 66 8.11 8.47 5.73
N LYS B 67 8.85 9.34 5.05
CA LYS B 67 9.22 10.65 5.59
C LYS B 67 8.01 11.39 6.15
N GLU B 68 6.96 11.48 5.35
CA GLU B 68 5.76 12.19 5.75
C GLU B 68 5.00 11.45 6.85
N LEU B 69 4.74 10.17 6.63
CA LEU B 69 3.99 9.37 7.59
C LEU B 69 4.66 9.36 8.95
N GLY B 70 5.97 9.15 8.97
CA GLY B 70 6.71 9.14 10.22
C GLY B 70 6.64 10.49 10.91
N ASN B 71 6.65 11.55 10.10
CA ASN B 71 6.59 12.92 10.61
C ASN B 71 5.20 13.26 11.15
N LYS B 72 4.17 12.66 10.58
CA LYS B 72 2.80 12.93 11.01
C LYS B 72 2.53 12.37 12.41
N LEU B 73 3.28 11.34 12.79
CA LEU B 73 3.10 10.73 14.10
C LEU B 73 3.97 11.43 15.15
N GLU B 74 4.76 12.38 14.71
CA GLU B 74 5.63 13.12 15.62
C GLU B 74 4.80 13.97 16.57
N MET A 1 -15.43 -2.80 -10.47
CA MET A 1 -16.71 -3.54 -10.53
C MET A 1 -17.83 -2.61 -10.95
N ALA A 2 -18.00 -1.52 -10.22
CA ALA A 2 -19.04 -0.55 -10.53
C ALA A 2 -18.46 0.56 -11.40
N ASP A 3 -19.34 1.33 -12.04
CA ASP A 3 -18.90 2.43 -12.89
C ASP A 3 -18.37 3.56 -12.02
N LYS A 4 -19.18 3.96 -11.04
CA LYS A 4 -18.80 5.02 -10.13
C LYS A 4 -19.12 4.61 -8.70
N LEU A 5 -18.13 4.07 -8.00
CA LEU A 5 -18.31 3.64 -6.62
C LEU A 5 -18.48 4.86 -5.71
N LYS A 6 -19.38 4.74 -4.74
CA LYS A 6 -19.64 5.82 -3.80
C LYS A 6 -18.51 5.95 -2.79
N PHE A 7 -18.03 7.18 -2.61
CA PHE A 7 -16.95 7.45 -1.67
C PHE A 7 -16.97 8.92 -1.26
N GLU A 8 -16.14 9.26 -0.29
CA GLU A 8 -16.04 10.63 0.19
C GLU A 8 -14.67 10.84 0.82
N ILE A 9 -14.04 11.95 0.49
CA ILE A 9 -12.72 12.26 1.01
C ILE A 9 -12.83 12.90 2.39
N ILE A 10 -12.27 12.22 3.38
CA ILE A 10 -12.28 12.70 4.75
C ILE A 10 -11.13 13.67 4.99
N GLU A 11 -9.94 13.26 4.59
CA GLU A 11 -8.74 14.07 4.77
C GLU A 11 -7.60 13.52 3.92
N GLU A 12 -6.90 14.40 3.22
CA GLU A 12 -5.78 14.00 2.40
C GLU A 12 -4.56 13.79 3.28
N LEU A 13 -3.81 12.74 3.02
CA LEU A 13 -2.63 12.45 3.83
C LEU A 13 -1.34 12.78 3.07
N ILE A 14 -1.02 11.97 2.07
CA ILE A 14 0.22 12.16 1.32
C ILE A 14 -0.02 12.12 -0.19
N VAL A 15 0.68 12.99 -0.90
CA VAL A 15 0.62 13.04 -2.35
C VAL A 15 2.03 12.93 -2.89
N LEU A 16 2.30 11.91 -3.71
CA LEU A 16 3.64 11.71 -4.24
C LEU A 16 3.81 12.42 -5.57
N SER A 17 3.33 11.79 -6.64
CA SER A 17 3.42 12.33 -8.00
C SER A 17 2.78 11.36 -8.98
N GLU A 18 2.96 11.59 -10.27
CA GLU A 18 2.41 10.72 -11.28
C GLU A 18 3.52 9.90 -11.92
N ASN A 19 3.24 8.63 -12.18
CA ASN A 19 4.20 7.74 -12.82
C ASN A 19 4.24 8.05 -14.32
N ALA A 20 4.98 7.25 -15.09
CA ALA A 20 5.09 7.46 -16.53
C ALA A 20 3.74 7.28 -17.21
N LYS A 21 2.88 6.52 -16.55
CA LYS A 21 1.54 6.25 -17.06
C LYS A 21 0.56 7.30 -16.57
N GLY A 22 1.07 8.28 -15.84
CA GLY A 22 0.22 9.31 -15.29
C GLY A 22 -0.41 8.87 -13.98
N TRP A 23 0.02 7.70 -13.50
CA TRP A 23 -0.48 7.15 -12.25
C TRP A 23 -0.16 8.06 -11.06
N ARG A 24 -1.15 8.83 -10.65
CA ARG A 24 -0.99 9.72 -9.51
C ARG A 24 -1.16 8.92 -8.24
N LYS A 25 -0.05 8.54 -7.61
CA LYS A 25 -0.11 7.77 -6.38
C LYS A 25 -0.32 8.68 -5.18
N GLU A 26 -1.48 8.56 -4.56
CA GLU A 26 -1.81 9.37 -3.41
C GLU A 26 -2.37 8.51 -2.28
N LEU A 27 -2.12 8.93 -1.07
CA LEU A 27 -2.59 8.25 0.11
C LEU A 27 -3.51 9.18 0.87
N ASN A 28 -4.80 8.90 0.84
CA ASN A 28 -5.78 9.76 1.49
C ASN A 28 -6.76 8.95 2.31
N ARG A 29 -7.42 9.62 3.25
CA ARG A 29 -8.41 8.98 4.10
C ARG A 29 -9.79 9.22 3.51
N VAL A 30 -10.46 8.17 3.09
CA VAL A 30 -11.79 8.28 2.50
C VAL A 30 -12.75 7.32 3.18
N SER A 31 -14.04 7.60 3.04
CA SER A 31 -15.06 6.75 3.63
C SER A 31 -15.58 5.75 2.60
N TRP A 32 -15.47 4.47 2.94
CA TRP A 32 -15.93 3.40 2.05
C TRP A 32 -17.44 3.49 1.88
N ASN A 33 -17.87 3.86 0.67
CA ASN A 33 -19.29 4.02 0.35
C ASN A 33 -19.92 5.05 1.27
N ASP A 34 -19.09 6.03 1.67
CA ASP A 34 -19.51 7.12 2.55
C ASP A 34 -19.97 6.57 3.91
N ALA A 35 -19.40 5.45 4.33
CA ALA A 35 -19.77 4.86 5.60
C ALA A 35 -18.59 4.84 6.58
N GLU A 36 -17.67 3.90 6.40
CA GLU A 36 -16.51 3.80 7.29
C GLU A 36 -15.29 4.51 6.72
N PRO A 37 -14.75 5.51 7.44
CA PRO A 37 -13.56 6.23 7.00
C PRO A 37 -12.29 5.43 7.27
N LYS A 38 -11.54 5.14 6.23
CA LYS A 38 -10.32 4.36 6.37
C LYS A 38 -9.23 4.92 5.45
N TYR A 39 -7.99 4.46 5.64
CA TYR A 39 -6.88 4.91 4.83
C TYR A 39 -6.68 3.97 3.66
N ASP A 40 -6.58 4.51 2.45
CA ASP A 40 -6.39 3.68 1.27
C ASP A 40 -5.41 4.37 0.32
N ILE A 41 -4.40 3.64 -0.14
CA ILE A 41 -3.41 4.20 -1.05
C ILE A 41 -3.64 3.66 -2.46
N ARG A 42 -3.87 4.56 -3.39
CA ARG A 42 -4.15 4.18 -4.77
C ARG A 42 -3.55 5.18 -5.75
N THR A 43 -3.71 4.89 -7.03
CA THR A 43 -3.20 5.76 -8.07
C THR A 43 -4.36 6.22 -8.96
N TRP A 44 -4.31 7.46 -9.39
CA TRP A 44 -5.35 8.03 -10.23
C TRP A 44 -4.78 8.42 -11.58
N SER A 45 -5.64 8.87 -12.47
CA SER A 45 -5.22 9.30 -13.79
C SER A 45 -4.63 10.71 -13.71
N PRO A 46 -3.80 11.12 -14.68
CA PRO A 46 -3.17 12.44 -14.69
C PRO A 46 -4.20 13.57 -14.67
N ASP A 47 -5.35 13.30 -15.28
CA ASP A 47 -6.44 14.27 -15.36
C ASP A 47 -7.43 14.07 -14.20
N HIS A 48 -7.21 13.01 -13.43
CA HIS A 48 -8.08 12.67 -12.30
C HIS A 48 -9.51 12.39 -12.78
N GLU A 49 -9.61 11.81 -13.98
CA GLU A 49 -10.91 11.48 -14.55
C GLU A 49 -11.36 10.10 -14.10
N LYS A 50 -10.40 9.21 -13.90
CA LYS A 50 -10.68 7.85 -13.46
C LYS A 50 -9.63 7.37 -12.47
N MET A 51 -9.89 6.21 -11.90
CA MET A 51 -9.03 5.63 -10.89
C MET A 51 -9.01 4.11 -11.02
N GLY A 52 -8.15 3.47 -10.26
CA GLY A 52 -8.05 2.03 -10.30
C GLY A 52 -8.01 1.42 -8.91
N LYS A 53 -7.43 0.23 -8.79
CA LYS A 53 -7.35 -0.44 -7.49
C LYS A 53 -5.96 -0.30 -6.86
N GLY A 54 -5.93 -0.46 -5.54
CA GLY A 54 -4.70 -0.35 -4.77
C GLY A 54 -4.77 -1.20 -3.52
N ILE A 55 -4.59 -0.58 -2.34
CA ILE A 55 -4.66 -1.34 -1.10
C ILE A 55 -5.17 -0.46 0.05
N THR A 56 -5.98 -1.06 0.90
CA THR A 56 -6.55 -0.36 2.04
C THR A 56 -5.84 -0.77 3.34
N LEU A 57 -5.69 0.20 4.25
CA LEU A 57 -5.04 -0.04 5.52
C LEU A 57 -5.91 0.46 6.66
N SER A 58 -6.12 -0.37 7.68
CA SER A 58 -6.93 0.01 8.83
C SER A 58 -6.11 0.77 9.85
N GLU A 59 -6.78 1.25 10.90
CA GLU A 59 -6.13 2.03 11.96
C GLU A 59 -4.93 1.32 12.56
N GLU A 60 -5.16 0.13 13.11
CA GLU A 60 -4.10 -0.65 13.74
C GLU A 60 -2.95 -0.94 12.77
N GLU A 61 -3.30 -1.41 11.57
CA GLU A 61 -2.32 -1.72 10.54
C GLU A 61 -1.49 -0.49 10.17
N PHE A 62 -2.19 0.61 9.91
CA PHE A 62 -1.56 1.86 9.53
C PHE A 62 -0.65 2.40 10.65
N GLY A 63 -1.14 2.35 11.88
CA GLY A 63 -0.39 2.82 13.03
C GLY A 63 0.96 2.13 13.18
N VAL A 64 0.94 0.80 13.24
CA VAL A 64 2.18 0.03 13.37
C VAL A 64 3.10 0.29 12.20
N LEU A 65 2.52 0.35 11.00
CA LEU A 65 3.28 0.61 9.79
C LEU A 65 4.03 1.94 9.90
N LEU A 66 3.30 3.01 10.23
CA LEU A 66 3.92 4.32 10.34
C LEU A 66 4.97 4.36 11.44
N LYS A 67 4.63 3.81 12.59
CA LYS A 67 5.52 3.79 13.74
C LYS A 67 6.90 3.25 13.36
N GLU A 68 6.91 2.09 12.74
CA GLU A 68 8.15 1.44 12.33
C GLU A 68 8.82 2.20 11.19
N LEU A 69 8.05 2.57 10.17
CA LEU A 69 8.57 3.28 9.01
C LEU A 69 9.23 4.60 9.42
N GLY A 70 8.57 5.34 10.29
CA GLY A 70 9.11 6.61 10.75
C GLY A 70 10.42 6.42 11.47
N ASN A 71 10.50 5.36 12.26
CA ASN A 71 11.72 5.06 13.02
C ASN A 71 12.83 4.59 12.08
N LYS A 72 12.45 3.97 10.98
CA LYS A 72 13.41 3.47 10.00
C LYS A 72 14.16 4.61 9.31
N LEU A 73 13.53 5.78 9.27
CA LEU A 73 14.15 6.95 8.65
C LEU A 73 15.07 7.69 9.62
N GLU A 74 14.98 7.34 10.89
CA GLU A 74 15.82 7.97 11.90
C GLU A 74 17.25 7.48 11.81
N MET B 1 -2.40 -14.94 -11.30
CA MET B 1 -2.39 -15.47 -12.68
C MET B 1 -1.66 -16.81 -12.71
N ALA B 2 -0.43 -16.83 -12.21
CA ALA B 2 0.35 -18.05 -12.17
C ALA B 2 0.11 -18.78 -10.87
N ASP B 3 0.43 -20.07 -10.83
CA ASP B 3 0.22 -20.86 -9.62
C ASP B 3 1.27 -20.46 -8.58
N LYS B 4 2.52 -20.41 -9.01
CA LYS B 4 3.62 -20.02 -8.14
C LYS B 4 4.52 -19.03 -8.88
N LEU B 5 4.28 -17.75 -8.67
CA LEU B 5 5.08 -16.71 -9.30
C LEU B 5 6.50 -16.69 -8.72
N LYS B 6 7.48 -16.49 -9.60
CA LYS B 6 8.87 -16.47 -9.19
C LYS B 6 9.19 -15.18 -8.44
N PHE B 7 9.81 -15.31 -7.28
CA PHE B 7 10.18 -14.17 -6.47
C PHE B 7 11.30 -14.54 -5.51
N GLU B 8 11.87 -13.53 -4.86
CA GLU B 8 12.93 -13.74 -3.89
C GLU B 8 12.91 -12.62 -2.87
N ILE B 9 13.00 -12.97 -1.60
CA ILE B 9 12.99 -11.98 -0.55
C ILE B 9 14.39 -11.40 -0.37
N ILE B 10 14.51 -10.10 -0.59
CA ILE B 10 15.77 -9.41 -0.46
C ILE B 10 16.00 -9.00 0.98
N GLU B 11 15.01 -8.34 1.56
CA GLU B 11 15.09 -7.87 2.93
C GLU B 11 13.70 -7.53 3.46
N GLU B 12 13.40 -8.01 4.67
CA GLU B 12 12.12 -7.74 5.30
C GLU B 12 12.12 -6.33 5.87
N LEU B 13 11.00 -5.64 5.79
CA LEU B 13 10.94 -4.28 6.29
C LEU B 13 10.02 -4.18 7.51
N ILE B 14 8.73 -4.37 7.30
CA ILE B 14 7.76 -4.25 8.39
C ILE B 14 6.79 -5.44 8.42
N VAL B 15 6.46 -5.88 9.62
CA VAL B 15 5.50 -6.95 9.81
C VAL B 15 4.44 -6.49 10.82
N LEU B 16 3.20 -6.40 10.37
CA LEU B 16 2.13 -5.93 11.25
C LEU B 16 1.54 -7.05 12.08
N SER B 17 0.64 -7.82 11.47
CA SER B 17 -0.05 -8.93 12.13
C SER B 17 -1.03 -9.56 11.15
N GLU B 18 -1.90 -10.43 11.64
CA GLU B 18 -2.90 -11.07 10.80
C GLU B 18 -4.28 -10.52 11.10
N ASN B 19 -5.07 -10.34 10.06
CA ASN B 19 -6.43 -9.84 10.20
C ASN B 19 -7.35 -10.97 10.68
N ALA B 20 -8.66 -10.73 10.71
CA ALA B 20 -9.61 -11.74 11.16
C ALA B 20 -9.65 -12.92 10.20
N LYS B 21 -9.22 -12.67 8.98
CA LYS B 21 -9.18 -13.69 7.94
C LYS B 21 -7.83 -14.36 7.92
N GLY B 22 -6.95 -13.96 8.84
CA GLY B 22 -5.63 -14.53 8.89
C GLY B 22 -4.68 -13.79 7.96
N TRP B 23 -5.17 -12.72 7.35
CA TRP B 23 -4.38 -11.92 6.43
C TRP B 23 -3.17 -11.31 7.11
N ARG B 24 -2.02 -11.93 6.89
CA ARG B 24 -0.77 -11.44 7.45
C ARG B 24 -0.24 -10.31 6.58
N LYS B 25 -0.46 -9.08 7.02
CA LYS B 25 0.00 -7.91 6.26
C LYS B 25 1.46 -7.61 6.58
N GLU B 26 2.30 -7.78 5.58
CA GLU B 26 3.72 -7.52 5.73
C GLU B 26 4.25 -6.69 4.57
N LEU B 27 5.25 -5.88 4.85
CA LEU B 27 5.88 -5.03 3.87
C LEU B 27 7.34 -5.43 3.77
N ASN B 28 7.70 -6.09 2.68
CA ASN B 28 9.06 -6.55 2.50
C ASN B 28 9.58 -6.21 1.11
N ARG B 29 10.90 -6.24 0.96
CA ARG B 29 11.53 -5.94 -0.32
C ARG B 29 11.85 -7.25 -1.02
N VAL B 30 11.20 -7.49 -2.15
CA VAL B 30 11.42 -8.72 -2.90
C VAL B 30 11.75 -8.39 -4.36
N SER B 31 12.36 -9.34 -5.04
CA SER B 31 12.72 -9.14 -6.44
C SER B 31 11.63 -9.72 -7.35
N TRP B 32 11.10 -8.87 -8.21
CA TRP B 32 10.06 -9.27 -9.15
C TRP B 32 10.62 -10.29 -10.12
N ASN B 33 10.16 -11.54 -9.99
CA ASN B 33 10.63 -12.65 -10.83
C ASN B 33 12.14 -12.84 -10.66
N ASP B 34 12.61 -12.48 -9.46
CA ASP B 34 14.03 -12.59 -9.10
C ASP B 34 14.89 -11.67 -9.97
N ALA B 35 14.29 -10.62 -10.49
CA ALA B 35 15.01 -9.67 -11.33
C ALA B 35 15.20 -8.32 -10.63
N GLU B 36 14.19 -7.47 -10.70
CA GLU B 36 14.27 -6.14 -10.09
C GLU B 36 13.73 -6.14 -8.66
N PRO B 37 14.58 -5.78 -7.68
CA PRO B 37 14.18 -5.71 -6.27
C PRO B 37 13.36 -4.45 -5.99
N LYS B 38 12.16 -4.63 -5.46
CA LYS B 38 11.30 -3.50 -5.17
C LYS B 38 10.50 -3.76 -3.90
N TYR B 39 9.89 -2.71 -3.36
CA TYR B 39 9.11 -2.83 -2.15
C TYR B 39 7.66 -3.08 -2.50
N ASP B 40 7.07 -4.11 -1.89
CA ASP B 40 5.69 -4.45 -2.15
C ASP B 40 4.99 -4.85 -0.85
N ILE B 41 3.84 -4.26 -0.58
CA ILE B 41 3.10 -4.56 0.63
C ILE B 41 1.89 -5.44 0.30
N ARG B 42 1.85 -6.61 0.91
CA ARG B 42 0.78 -7.57 0.66
C ARG B 42 0.40 -8.34 1.92
N THR B 43 -0.60 -9.18 1.79
CA THR B 43 -1.05 -10.00 2.91
C THR B 43 -0.92 -11.47 2.55
N TRP B 44 -0.54 -12.28 3.52
CA TRP B 44 -0.38 -13.70 3.32
C TRP B 44 -1.36 -14.47 4.20
N SER B 45 -1.35 -15.78 4.08
CA SER B 45 -2.22 -16.62 4.88
C SER B 45 -1.59 -16.83 6.25
N PRO B 46 -2.40 -17.20 7.27
CA PRO B 46 -1.88 -17.42 8.63
C PRO B 46 -0.82 -18.50 8.68
N ASP B 47 -0.90 -19.45 7.75
CA ASP B 47 0.05 -20.55 7.67
C ASP B 47 1.16 -20.23 6.66
N HIS B 48 1.00 -19.10 5.97
CA HIS B 48 1.96 -18.66 4.95
C HIS B 48 2.04 -19.66 3.80
N GLU B 49 0.95 -20.37 3.56
CA GLU B 49 0.90 -21.36 2.49
C GLU B 49 0.63 -20.69 1.14
N LYS B 50 -0.20 -19.66 1.16
CA LYS B 50 -0.54 -18.93 -0.05
C LYS B 50 -0.56 -17.42 0.20
N MET B 51 -0.72 -16.68 -0.87
CA MET B 51 -0.72 -15.23 -0.83
C MET B 51 -1.66 -14.66 -1.89
N GLY B 52 -1.87 -13.34 -1.85
CA GLY B 52 -2.74 -12.71 -2.82
C GLY B 52 -2.12 -11.47 -3.42
N LYS B 53 -2.95 -10.55 -3.89
CA LYS B 53 -2.44 -9.32 -4.48
C LYS B 53 -2.50 -8.15 -3.52
N GLY B 54 -1.66 -7.16 -3.77
CA GLY B 54 -1.60 -5.96 -2.95
C GLY B 54 -1.18 -4.76 -3.77
N ILE B 55 -0.08 -4.11 -3.41
CA ILE B 55 0.39 -2.95 -4.16
C ILE B 55 1.91 -2.80 -4.06
N THR B 56 2.52 -2.41 -5.17
CA THR B 56 3.97 -2.24 -5.22
C THR B 56 4.35 -0.75 -5.19
N LEU B 57 5.48 -0.45 -4.55
CA LEU B 57 5.97 0.92 -4.44
C LEU B 57 7.43 0.99 -4.89
N SER B 58 7.74 1.91 -5.78
CA SER B 58 9.10 2.08 -6.27
C SER B 58 9.91 2.95 -5.31
N GLU B 59 11.21 3.06 -5.58
CA GLU B 59 12.13 3.84 -4.75
C GLU B 59 11.64 5.26 -4.51
N GLU B 60 11.40 6.00 -5.58
CA GLU B 60 10.95 7.38 -5.47
C GLU B 60 9.61 7.48 -4.73
N GLU B 61 8.66 6.64 -5.10
CA GLU B 61 7.34 6.65 -4.49
C GLU B 61 7.43 6.34 -2.99
N PHE B 62 8.19 5.31 -2.66
CA PHE B 62 8.35 4.88 -1.27
C PHE B 62 9.11 5.94 -0.47
N GLY B 63 10.13 6.53 -1.09
CA GLY B 63 10.93 7.56 -0.44
C GLY B 63 10.10 8.74 0.02
N VAL B 64 9.34 9.33 -0.89
CA VAL B 64 8.48 10.47 -0.56
C VAL B 64 7.43 10.07 0.47
N LEU B 65 6.87 8.88 0.29
CA LEU B 65 5.86 8.35 1.19
C LEU B 65 6.41 8.27 2.62
N LEU B 66 7.56 7.62 2.77
CA LEU B 66 8.19 7.47 4.07
C LEU B 66 8.52 8.81 4.69
N LYS B 67 9.15 9.67 3.90
CA LYS B 67 9.55 11.00 4.35
C LYS B 67 8.39 11.76 5.00
N GLU B 68 7.29 11.85 4.30
CA GLU B 68 6.12 12.57 4.79
C GLU B 68 5.46 11.84 5.96
N LEU B 69 5.24 10.53 5.80
CA LEU B 69 4.60 9.73 6.84
C LEU B 69 5.37 9.76 8.14
N GLY B 70 6.69 9.61 8.06
CA GLY B 70 7.50 9.63 9.25
C GLY B 70 7.42 10.97 9.97
N ASN B 71 7.32 12.03 9.17
CA ASN B 71 7.23 13.38 9.72
C ASN B 71 5.83 13.65 10.30
N LYS B 72 4.82 12.97 9.76
CA LYS B 72 3.44 13.13 10.22
C LYS B 72 3.26 12.63 11.65
N LEU B 73 4.12 11.73 12.10
CA LEU B 73 4.01 11.20 13.45
C LEU B 73 4.79 12.05 14.45
N GLU B 74 5.50 13.05 13.96
CA GLU B 74 6.27 13.93 14.82
C GLU B 74 5.35 14.95 15.49
N MET A 1 -15.62 -3.29 -10.26
CA MET A 1 -16.86 -4.10 -10.18
C MET A 1 -18.06 -3.24 -10.52
N ALA A 2 -18.13 -2.05 -9.93
CA ALA A 2 -19.22 -1.14 -10.19
C ALA A 2 -18.77 -0.04 -11.14
N ASP A 3 -19.70 0.79 -11.59
CA ASP A 3 -19.37 1.89 -12.49
C ASP A 3 -18.73 3.03 -11.71
N LYS A 4 -19.45 3.52 -10.72
CA LYS A 4 -18.95 4.61 -9.87
C LYS A 4 -19.24 4.29 -8.41
N LEU A 5 -18.27 3.72 -7.72
CA LEU A 5 -18.41 3.39 -6.30
C LEU A 5 -18.58 4.65 -5.48
N LYS A 6 -19.44 4.58 -4.47
CA LYS A 6 -19.70 5.72 -3.59
C LYS A 6 -18.56 5.88 -2.59
N PHE A 7 -18.05 7.10 -2.45
CA PHE A 7 -16.97 7.38 -1.53
C PHE A 7 -16.98 8.84 -1.11
N GLU A 8 -16.11 9.19 -0.18
CA GLU A 8 -16.00 10.56 0.31
C GLU A 8 -14.61 10.80 0.86
N ILE A 9 -13.95 11.84 0.39
CA ILE A 9 -12.62 12.17 0.86
C ILE A 9 -12.71 12.94 2.17
N ILE A 10 -12.27 12.30 3.24
CA ILE A 10 -12.30 12.89 4.57
C ILE A 10 -11.14 13.84 4.75
N GLU A 11 -9.93 13.37 4.44
CA GLU A 11 -8.73 14.18 4.60
C GLU A 11 -7.61 13.61 3.74
N GLU A 12 -6.98 14.48 2.97
CA GLU A 12 -5.87 14.07 2.12
C GLU A 12 -4.63 13.84 2.97
N LEU A 13 -3.84 12.83 2.62
CA LEU A 13 -2.64 12.54 3.39
C LEU A 13 -1.38 12.87 2.60
N ILE A 14 -1.05 12.02 1.63
CA ILE A 14 0.17 12.23 0.85
C ILE A 14 -0.08 12.09 -0.65
N VAL A 15 0.57 12.94 -1.41
CA VAL A 15 0.49 12.91 -2.87
C VAL A 15 1.91 12.78 -3.42
N LEU A 16 2.14 11.75 -4.23
CA LEU A 16 3.48 11.52 -4.76
C LEU A 16 3.67 12.13 -6.14
N SER A 17 3.21 11.43 -7.17
CA SER A 17 3.34 11.88 -8.56
C SER A 17 2.62 10.90 -9.49
N GLU A 18 2.86 11.05 -10.79
CA GLU A 18 2.26 10.18 -11.78
C GLU A 18 3.30 9.22 -12.34
N ASN A 19 2.85 8.01 -12.70
CA ASN A 19 3.74 7.01 -13.28
C ASN A 19 3.86 7.25 -14.78
N ALA A 20 4.52 6.34 -15.49
CA ALA A 20 4.69 6.47 -16.94
C ALA A 20 3.33 6.42 -17.62
N LYS A 21 2.40 5.76 -16.95
CA LYS A 21 1.05 5.57 -17.46
C LYS A 21 0.15 6.73 -17.03
N GLY A 22 0.72 7.66 -16.27
CA GLY A 22 -0.04 8.79 -15.79
C GLY A 22 -0.73 8.46 -14.48
N TRP A 23 -0.44 7.27 -13.95
CA TRP A 23 -1.03 6.82 -12.69
C TRP A 23 -0.63 7.73 -11.54
N ARG A 24 -1.56 8.54 -11.08
CA ARG A 24 -1.32 9.44 -9.97
C ARG A 24 -1.49 8.69 -8.65
N LYS A 25 -0.38 8.29 -8.05
CA LYS A 25 -0.42 7.56 -6.79
C LYS A 25 -0.59 8.52 -5.62
N GLU A 26 -1.72 8.38 -4.94
CA GLU A 26 -2.02 9.22 -3.79
C GLU A 26 -2.52 8.39 -2.62
N LEU A 27 -2.29 8.91 -1.43
CA LEU A 27 -2.71 8.27 -0.20
C LEU A 27 -3.63 9.23 0.53
N ASN A 28 -4.91 8.91 0.55
CA ASN A 28 -5.89 9.79 1.19
C ASN A 28 -6.81 9.00 2.10
N ARG A 29 -7.43 9.69 3.04
CA ARG A 29 -8.36 9.06 3.95
C ARG A 29 -9.77 9.27 3.42
N VAL A 30 -10.42 8.18 3.03
CA VAL A 30 -11.77 8.26 2.48
C VAL A 30 -12.71 7.31 3.21
N SER A 31 -14.00 7.59 3.13
CA SER A 31 -14.99 6.76 3.78
C SER A 31 -15.57 5.76 2.78
N TRP A 32 -15.49 4.48 3.15
CA TRP A 32 -16.02 3.42 2.30
C TRP A 32 -17.52 3.56 2.16
N ASN A 33 -17.95 3.98 0.97
CA ASN A 33 -19.36 4.20 0.68
C ASN A 33 -19.93 5.27 1.60
N ASP A 34 -19.06 6.22 1.96
CA ASP A 34 -19.44 7.35 2.82
C ASP A 34 -19.80 6.86 4.23
N ALA A 35 -19.40 5.64 4.56
CA ALA A 35 -19.69 5.09 5.87
C ALA A 35 -18.48 5.19 6.82
N GLU A 36 -17.59 4.22 6.75
CA GLU A 36 -16.42 4.20 7.62
C GLU A 36 -15.19 4.80 6.94
N PRO A 37 -14.60 5.83 7.55
CA PRO A 37 -13.39 6.49 7.03
C PRO A 37 -12.14 5.66 7.33
N LYS A 38 -11.38 5.36 6.29
CA LYS A 38 -10.18 4.56 6.43
C LYS A 38 -9.10 5.08 5.47
N TYR A 39 -7.87 4.63 5.66
CA TYR A 39 -6.76 5.05 4.80
C TYR A 39 -6.56 4.05 3.66
N ASP A 40 -6.56 4.54 2.45
CA ASP A 40 -6.40 3.69 1.28
C ASP A 40 -5.45 4.36 0.29
N ILE A 41 -4.49 3.62 -0.23
CA ILE A 41 -3.53 4.17 -1.18
C ILE A 41 -3.81 3.60 -2.58
N ARG A 42 -4.08 4.49 -3.51
CA ARG A 42 -4.41 4.09 -4.87
C ARG A 42 -3.85 5.07 -5.88
N THR A 43 -4.11 4.79 -7.15
CA THR A 43 -3.65 5.65 -8.21
C THR A 43 -4.83 6.09 -9.07
N TRP A 44 -4.76 7.31 -9.57
CA TRP A 44 -5.83 7.87 -10.39
C TRP A 44 -5.30 8.18 -11.78
N SER A 45 -6.20 8.46 -12.71
CA SER A 45 -5.81 8.81 -14.06
C SER A 45 -5.07 10.15 -14.06
N PRO A 46 -4.24 10.42 -15.10
CA PRO A 46 -3.47 11.67 -15.20
C PRO A 46 -4.33 12.93 -15.03
N ASP A 47 -5.59 12.86 -15.45
CA ASP A 47 -6.50 13.98 -15.35
C ASP A 47 -7.54 13.74 -14.25
N HIS A 48 -7.30 12.70 -13.44
CA HIS A 48 -8.19 12.31 -12.35
C HIS A 48 -9.60 11.99 -12.84
N GLU A 49 -9.72 11.58 -14.10
CA GLU A 49 -11.01 11.25 -14.68
C GLU A 49 -11.51 9.90 -14.15
N LYS A 50 -10.61 8.94 -14.00
CA LYS A 50 -10.96 7.63 -13.49
C LYS A 50 -9.98 7.18 -12.43
N MET A 51 -10.27 6.03 -11.86
CA MET A 51 -9.48 5.46 -10.79
C MET A 51 -9.36 3.94 -10.96
N GLY A 52 -8.52 3.32 -10.13
CA GLY A 52 -8.34 1.88 -10.20
C GLY A 52 -8.27 1.24 -8.83
N LYS A 53 -7.75 0.03 -8.76
CA LYS A 53 -7.65 -0.69 -7.50
C LYS A 53 -6.27 -0.56 -6.85
N GLY A 54 -6.25 -0.52 -5.52
CA GLY A 54 -5.01 -0.41 -4.77
C GLY A 54 -5.07 -1.24 -3.49
N ILE A 55 -4.78 -0.63 -2.35
CA ILE A 55 -4.82 -1.36 -1.08
C ILE A 55 -5.26 -0.47 0.07
N THR A 56 -6.04 -1.05 0.98
CA THR A 56 -6.53 -0.33 2.14
C THR A 56 -5.73 -0.70 3.39
N LEU A 57 -5.54 0.27 4.27
CA LEU A 57 -4.79 0.05 5.51
C LEU A 57 -5.65 0.45 6.72
N SER A 58 -5.71 -0.43 7.70
CA SER A 58 -6.48 -0.18 8.91
C SER A 58 -5.71 0.77 9.83
N GLU A 59 -6.35 1.22 10.90
CA GLU A 59 -5.73 2.15 11.83
C GLU A 59 -4.54 1.50 12.54
N GLU A 60 -4.74 0.28 13.02
CA GLU A 60 -3.68 -0.45 13.72
C GLU A 60 -2.47 -0.66 12.79
N GLU A 61 -2.77 -1.03 11.55
CA GLU A 61 -1.76 -1.27 10.53
C GLU A 61 -1.02 0.02 10.19
N PHE A 62 -1.79 1.04 9.86
CA PHE A 62 -1.25 2.35 9.48
C PHE A 62 -0.35 2.92 10.57
N GLY A 63 -0.79 2.80 11.82
CA GLY A 63 -0.02 3.31 12.94
C GLY A 63 1.34 2.64 13.06
N VAL A 64 1.36 1.31 13.12
CA VAL A 64 2.60 0.56 13.22
C VAL A 64 3.49 0.80 12.01
N LEU A 65 2.89 0.80 10.83
CA LEU A 65 3.61 1.01 9.58
C LEU A 65 4.32 2.36 9.61
N LEU A 66 3.58 3.42 9.91
CA LEU A 66 4.15 4.76 9.96
C LEU A 66 5.24 4.86 11.02
N LYS A 67 4.95 4.35 12.20
CA LYS A 67 5.89 4.38 13.32
C LYS A 67 7.25 3.83 12.91
N GLU A 68 7.24 2.63 12.34
CA GLU A 68 8.47 1.99 11.92
C GLU A 68 9.12 2.69 10.74
N LEU A 69 8.31 3.03 9.73
CA LEU A 69 8.83 3.70 8.53
C LEU A 69 9.46 5.04 8.87
N GLY A 70 8.79 5.80 9.74
CA GLY A 70 9.30 7.09 10.14
C GLY A 70 10.60 6.96 10.88
N ASN A 71 10.73 5.87 11.64
CA ASN A 71 11.93 5.59 12.40
C ASN A 71 13.07 5.14 11.49
N LYS A 72 12.71 4.53 10.38
CA LYS A 72 13.70 4.05 9.42
C LYS A 72 14.43 5.22 8.75
N LEU A 73 13.75 6.36 8.66
CA LEU A 73 14.34 7.54 8.04
C LEU A 73 15.09 8.40 9.05
N GLU A 74 15.00 8.03 10.33
CA GLU A 74 15.66 8.79 11.38
C GLU A 74 17.18 8.67 11.25
N MET B 1 -3.07 -15.37 -10.82
CA MET B 1 -2.96 -15.72 -12.26
C MET B 1 -2.16 -17.01 -12.42
N ALA B 2 -1.06 -17.11 -11.70
CA ALA B 2 -0.22 -18.30 -11.75
C ALA B 2 -0.39 -19.08 -10.45
N ASP B 3 0.11 -20.30 -10.40
CA ASP B 3 -0.01 -21.13 -9.21
C ASP B 3 1.01 -20.66 -8.16
N LYS B 4 2.26 -20.59 -8.57
CA LYS B 4 3.32 -20.15 -7.68
C LYS B 4 4.25 -19.19 -8.42
N LEU B 5 3.99 -17.89 -8.29
CA LEU B 5 4.81 -16.87 -8.96
C LEU B 5 6.23 -16.88 -8.41
N LYS B 6 7.21 -16.74 -9.29
CA LYS B 6 8.61 -16.72 -8.90
C LYS B 6 8.96 -15.39 -8.24
N PHE B 7 9.60 -15.44 -7.09
CA PHE B 7 10.00 -14.24 -6.37
C PHE B 7 11.21 -14.53 -5.49
N GLU B 8 11.73 -13.48 -4.86
CA GLU B 8 12.88 -13.62 -3.98
C GLU B 8 12.89 -12.47 -2.98
N ILE B 9 12.87 -12.81 -1.70
CA ILE B 9 12.89 -11.79 -0.65
C ILE B 9 14.31 -11.26 -0.49
N ILE B 10 14.50 -10.02 -0.90
CA ILE B 10 15.80 -9.37 -0.81
C ILE B 10 16.07 -8.89 0.60
N GLU B 11 15.12 -8.14 1.14
CA GLU B 11 15.25 -7.60 2.49
C GLU B 11 13.89 -7.24 3.06
N GLU B 12 13.61 -7.75 4.26
CA GLU B 12 12.35 -7.47 4.92
C GLU B 12 12.34 -6.02 5.41
N LEU B 13 11.18 -5.39 5.38
CA LEU B 13 11.09 -4.00 5.81
C LEU B 13 10.25 -3.87 7.08
N ILE B 14 8.94 -4.04 6.95
CA ILE B 14 8.04 -3.88 8.09
C ILE B 14 7.04 -5.03 8.19
N VAL B 15 6.78 -5.45 9.42
CA VAL B 15 5.81 -6.50 9.68
C VAL B 15 4.78 -5.94 10.67
N LEU B 16 3.51 -5.98 10.30
CA LEU B 16 2.48 -5.42 11.18
C LEU B 16 1.84 -6.49 12.07
N SER B 17 0.89 -7.24 11.51
CA SER B 17 0.18 -8.29 12.24
C SER B 17 -0.81 -8.98 11.31
N GLU B 18 -1.70 -9.79 11.87
CA GLU B 18 -2.70 -10.49 11.09
C GLU B 18 -4.08 -9.87 11.30
N ASN B 19 -4.90 -9.90 10.27
CA ASN B 19 -6.25 -9.36 10.35
C ASN B 19 -7.19 -10.39 10.96
N ALA B 20 -8.50 -10.16 10.87
CA ALA B 20 -9.47 -11.09 11.42
C ALA B 20 -9.49 -12.38 10.60
N LYS B 21 -9.05 -12.27 9.35
CA LYS B 21 -9.02 -13.40 8.45
C LYS B 21 -7.65 -14.08 8.53
N GLY B 22 -6.79 -13.56 9.38
CA GLY B 22 -5.47 -14.13 9.51
C GLY B 22 -4.50 -13.52 8.50
N TRP B 23 -4.99 -12.54 7.75
CA TRP B 23 -4.17 -11.87 6.73
C TRP B 23 -2.98 -11.17 7.39
N ARG B 24 -1.80 -11.74 7.21
CA ARG B 24 -0.59 -11.18 7.74
C ARG B 24 -0.05 -10.11 6.79
N LYS B 25 -0.30 -8.86 7.14
CA LYS B 25 0.15 -7.75 6.31
C LYS B 25 1.62 -7.43 6.58
N GLU B 26 2.44 -7.61 5.55
CA GLU B 26 3.87 -7.35 5.64
C GLU B 26 4.35 -6.52 4.46
N LEU B 27 5.39 -5.75 4.70
CA LEU B 27 5.99 -4.90 3.69
C LEU B 27 7.44 -5.33 3.54
N ASN B 28 7.76 -5.98 2.43
CA ASN B 28 9.11 -6.48 2.22
C ASN B 28 9.60 -6.13 0.82
N ARG B 29 10.92 -6.12 0.66
CA ARG B 29 11.52 -5.83 -0.63
C ARG B 29 11.81 -7.14 -1.32
N VAL B 30 11.12 -7.40 -2.43
CA VAL B 30 11.31 -8.64 -3.18
C VAL B 30 11.57 -8.36 -4.64
N SER B 31 12.21 -9.31 -5.31
CA SER B 31 12.51 -9.17 -6.72
C SER B 31 11.45 -9.84 -7.57
N TRP B 32 10.88 -9.07 -8.49
CA TRP B 32 9.84 -9.58 -9.37
C TRP B 32 10.41 -10.67 -10.28
N ASN B 33 9.98 -11.90 -10.03
CA ASN B 33 10.45 -13.08 -10.77
C ASN B 33 11.96 -13.24 -10.60
N ASP B 34 12.45 -12.77 -9.45
CA ASP B 34 13.88 -12.83 -9.11
C ASP B 34 14.70 -12.00 -10.10
N ALA B 35 14.09 -10.92 -10.60
CA ALA B 35 14.76 -10.04 -11.53
C ALA B 35 15.02 -8.67 -10.90
N GLU B 36 14.02 -7.81 -10.92
CA GLU B 36 14.16 -6.47 -10.36
C GLU B 36 13.61 -6.39 -8.93
N PRO B 37 14.44 -6.00 -7.96
CA PRO B 37 14.03 -5.86 -6.57
C PRO B 37 13.23 -4.58 -6.34
N LYS B 38 12.00 -4.71 -5.86
CA LYS B 38 11.15 -3.55 -5.61
C LYS B 38 10.39 -3.75 -4.29
N TYR B 39 9.77 -2.70 -3.80
CA TYR B 39 9.03 -2.77 -2.54
C TYR B 39 7.57 -3.03 -2.82
N ASP B 40 7.02 -4.06 -2.19
CA ASP B 40 5.62 -4.41 -2.38
C ASP B 40 4.99 -4.78 -1.04
N ILE B 41 3.82 -4.23 -0.75
CA ILE B 41 3.13 -4.51 0.50
C ILE B 41 1.94 -5.43 0.25
N ARG B 42 1.94 -6.58 0.91
CA ARG B 42 0.90 -7.58 0.72
C ARG B 42 0.58 -8.31 2.02
N THR B 43 -0.38 -9.21 1.94
CA THR B 43 -0.77 -9.99 3.09
C THR B 43 -0.62 -11.48 2.79
N TRP B 44 -0.24 -12.23 3.80
CA TRP B 44 -0.05 -13.67 3.66
C TRP B 44 -1.02 -14.42 4.56
N SER B 45 -1.15 -15.71 4.35
CA SER B 45 -2.04 -16.53 5.18
C SER B 45 -1.49 -16.56 6.60
N PRO B 46 -2.34 -16.87 7.61
CA PRO B 46 -1.93 -16.94 9.01
C PRO B 46 -0.71 -17.84 9.23
N ASP B 47 -0.61 -18.89 8.43
CA ASP B 47 0.50 -19.83 8.53
C ASP B 47 1.50 -19.63 7.38
N HIS B 48 1.33 -18.52 6.66
CA HIS B 48 2.19 -18.17 5.52
C HIS B 48 2.19 -19.28 4.46
N GLU B 49 1.09 -20.02 4.39
CA GLU B 49 0.95 -21.10 3.42
C GLU B 49 0.70 -20.55 2.02
N LYS B 50 -0.12 -19.50 1.95
CA LYS B 50 -0.44 -18.87 0.67
C LYS B 50 -0.37 -17.36 0.77
N MET B 51 -0.55 -16.70 -0.36
CA MET B 51 -0.47 -15.26 -0.45
C MET B 51 -1.54 -14.73 -1.40
N GLY B 52 -1.68 -13.41 -1.47
CA GLY B 52 -2.67 -12.81 -2.35
C GLY B 52 -2.14 -11.58 -3.06
N LYS B 53 -3.03 -10.74 -3.55
CA LYS B 53 -2.63 -9.53 -4.26
C LYS B 53 -2.63 -8.30 -3.36
N GLY B 54 -1.70 -7.39 -3.63
CA GLY B 54 -1.57 -6.16 -2.88
C GLY B 54 -1.20 -5.00 -3.77
N ILE B 55 -0.16 -4.25 -3.42
CA ILE B 55 0.25 -3.12 -4.25
C ILE B 55 1.77 -2.91 -4.19
N THR B 56 2.35 -2.57 -5.32
CA THR B 56 3.79 -2.35 -5.41
C THR B 56 4.11 -0.86 -5.42
N LEU B 57 5.26 -0.50 -4.86
CA LEU B 57 5.69 0.89 -4.79
C LEU B 57 7.10 1.03 -5.39
N SER B 58 7.27 2.03 -6.24
CA SER B 58 8.57 2.29 -6.86
C SER B 58 9.47 3.05 -5.90
N GLU B 59 10.75 3.16 -6.23
CA GLU B 59 11.71 3.86 -5.38
C GLU B 59 11.32 5.33 -5.19
N GLU B 60 11.00 5.99 -6.30
CA GLU B 60 10.61 7.39 -6.26
C GLU B 60 9.37 7.58 -5.37
N GLU B 61 8.41 6.69 -5.54
CA GLU B 61 7.17 6.74 -4.79
C GLU B 61 7.42 6.47 -3.31
N PHE B 62 8.10 5.35 -3.04
CA PHE B 62 8.40 4.94 -1.67
C PHE B 62 9.18 6.04 -0.94
N GLY B 63 10.14 6.65 -1.64
CA GLY B 63 10.94 7.71 -1.05
C GLY B 63 10.11 8.89 -0.59
N VAL B 64 9.28 9.43 -1.48
CA VAL B 64 8.43 10.57 -1.16
C VAL B 64 7.43 10.19 -0.07
N LEU B 65 6.85 9.01 -0.21
CA LEU B 65 5.87 8.51 0.74
C LEU B 65 6.47 8.45 2.13
N LEU B 66 7.62 7.79 2.24
CA LEU B 66 8.30 7.65 3.53
C LEU B 66 8.64 9.01 4.11
N LYS B 67 9.26 9.86 3.29
CA LYS B 67 9.66 11.20 3.70
C LYS B 67 8.50 11.96 4.35
N GLU B 68 7.39 12.04 3.63
CA GLU B 68 6.23 12.77 4.11
C GLU B 68 5.59 12.08 5.32
N LEU B 69 5.39 10.78 5.22
CA LEU B 69 4.75 10.02 6.31
C LEU B 69 5.59 10.09 7.59
N GLY B 70 6.90 9.96 7.44
CA GLY B 70 7.78 10.03 8.58
C GLY B 70 7.71 11.39 9.26
N ASN B 71 7.58 12.42 8.44
CA ASN B 71 7.49 13.80 8.92
C ASN B 71 6.15 14.06 9.58
N LYS B 72 5.12 13.34 9.14
CA LYS B 72 3.79 13.50 9.71
C LYS B 72 3.75 13.08 11.18
N LEU B 73 4.59 12.10 11.53
CA LEU B 73 4.64 11.62 12.91
C LEU B 73 5.67 12.38 13.74
N GLU B 74 6.26 13.41 13.17
CA GLU B 74 7.25 14.21 13.87
C GLU B 74 6.55 15.11 14.88
N MET A 1 -15.32 -2.88 -10.59
CA MET A 1 -16.46 -3.78 -10.89
C MET A 1 -17.68 -2.95 -11.26
N ALA A 2 -17.86 -1.83 -10.57
CA ALA A 2 -18.98 -0.96 -10.83
C ALA A 2 -18.56 0.18 -11.74
N ASP A 3 -19.53 0.92 -12.25
CA ASP A 3 -19.25 2.05 -13.13
C ASP A 3 -18.63 3.19 -12.31
N LYS A 4 -19.35 3.64 -11.31
CA LYS A 4 -18.87 4.70 -10.43
C LYS A 4 -19.18 4.33 -8.99
N LEU A 5 -18.15 3.92 -8.24
CA LEU A 5 -18.34 3.54 -6.84
C LEU A 5 -18.44 4.79 -5.96
N LYS A 6 -19.28 4.72 -4.93
CA LYS A 6 -19.48 5.84 -4.02
C LYS A 6 -18.34 5.93 -2.99
N PHE A 7 -17.91 7.16 -2.71
CA PHE A 7 -16.84 7.41 -1.77
C PHE A 7 -16.86 8.86 -1.34
N GLU A 8 -15.98 9.22 -0.41
CA GLU A 8 -15.89 10.60 0.06
C GLU A 8 -14.54 10.83 0.73
N ILE A 9 -13.85 11.90 0.36
CA ILE A 9 -12.55 12.21 0.93
C ILE A 9 -12.72 12.89 2.28
N ILE A 10 -12.31 12.19 3.33
CA ILE A 10 -12.42 12.72 4.67
C ILE A 10 -11.22 13.59 5.02
N GLU A 11 -10.04 13.16 4.58
CA GLU A 11 -8.81 13.89 4.87
C GLU A 11 -7.67 13.38 3.98
N GLU A 12 -7.01 14.29 3.28
CA GLU A 12 -5.90 13.93 2.42
C GLU A 12 -4.67 13.71 3.28
N LEU A 13 -3.85 12.72 2.93
CA LEU A 13 -2.65 12.44 3.71
C LEU A 13 -1.39 12.78 2.94
N ILE A 14 -1.04 11.95 1.97
CA ILE A 14 0.18 12.16 1.21
C ILE A 14 -0.07 12.13 -0.29
N VAL A 15 0.67 12.95 -1.01
CA VAL A 15 0.60 13.01 -2.46
C VAL A 15 2.02 12.89 -3.01
N LEU A 16 2.23 11.94 -3.92
CA LEU A 16 3.56 11.73 -4.47
C LEU A 16 3.72 12.47 -5.80
N SER A 17 3.20 11.88 -6.88
CA SER A 17 3.29 12.45 -8.23
C SER A 17 2.69 11.46 -9.23
N GLU A 18 2.80 11.79 -10.51
CA GLU A 18 2.28 10.92 -11.56
C GLU A 18 3.41 10.10 -12.17
N ASN A 19 3.07 8.93 -12.66
CA ASN A 19 4.03 8.03 -13.29
C ASN A 19 4.04 8.26 -14.81
N ALA A 20 4.77 7.43 -15.56
CA ALA A 20 4.84 7.58 -17.02
C ALA A 20 3.46 7.43 -17.65
N LYS A 21 2.61 6.70 -16.95
CA LYS A 21 1.25 6.44 -17.41
C LYS A 21 0.31 7.52 -16.91
N GLY A 22 0.85 8.51 -16.23
CA GLY A 22 0.04 9.58 -15.69
C GLY A 22 -0.57 9.19 -14.37
N TRP A 23 -0.30 7.97 -13.93
CA TRP A 23 -0.81 7.45 -12.67
C TRP A 23 -0.44 8.34 -11.50
N ARG A 24 -1.43 9.06 -10.97
CA ARG A 24 -1.23 9.92 -9.83
C ARG A 24 -1.26 9.08 -8.56
N LYS A 25 -0.10 8.92 -7.95
CA LYS A 25 0.04 8.13 -6.74
C LYS A 25 -0.28 8.98 -5.50
N GLU A 26 -1.39 8.66 -4.83
CA GLU A 26 -1.80 9.41 -3.65
C GLU A 26 -2.31 8.49 -2.54
N LEU A 27 -2.22 8.99 -1.32
CA LEU A 27 -2.69 8.29 -0.14
C LEU A 27 -3.61 9.21 0.63
N ASN A 28 -4.90 8.89 0.65
CA ASN A 28 -5.88 9.74 1.34
C ASN A 28 -6.84 8.92 2.18
N ARG A 29 -7.51 9.61 3.09
CA ARG A 29 -8.51 8.98 3.96
C ARG A 29 -9.88 9.17 3.33
N VAL A 30 -10.52 8.09 2.93
CA VAL A 30 -11.83 8.16 2.30
C VAL A 30 -12.82 7.21 2.97
N SER A 31 -14.10 7.50 2.83
CA SER A 31 -15.13 6.66 3.41
C SER A 31 -15.68 5.70 2.35
N TRP A 32 -15.59 4.42 2.64
CA TRP A 32 -16.09 3.39 1.73
C TRP A 32 -17.59 3.51 1.57
N ASN A 33 -18.01 3.92 0.37
CA ASN A 33 -19.42 4.11 0.06
C ASN A 33 -20.03 5.16 0.99
N ASP A 34 -19.18 6.07 1.46
CA ASP A 34 -19.58 7.16 2.35
C ASP A 34 -20.07 6.59 3.70
N ALA A 35 -19.58 5.41 4.06
CA ALA A 35 -19.96 4.79 5.31
C ALA A 35 -18.82 4.83 6.33
N GLU A 36 -17.87 3.90 6.19
CA GLU A 36 -16.73 3.84 7.11
C GLU A 36 -15.50 4.51 6.51
N PRO A 37 -14.93 5.51 7.23
CA PRO A 37 -13.73 6.23 6.79
C PRO A 37 -12.46 5.43 7.10
N LYS A 38 -11.67 5.17 6.07
CA LYS A 38 -10.44 4.41 6.25
C LYS A 38 -9.36 4.96 5.32
N TYR A 39 -8.12 4.53 5.51
CA TYR A 39 -7.00 4.98 4.69
C TYR A 39 -6.84 4.05 3.49
N ASP A 40 -6.61 4.62 2.32
CA ASP A 40 -6.45 3.81 1.12
C ASP A 40 -5.48 4.49 0.16
N ILE A 41 -4.48 3.74 -0.30
CA ILE A 41 -3.49 4.30 -1.22
C ILE A 41 -3.69 3.70 -2.61
N ARG A 42 -3.90 4.58 -3.58
CA ARG A 42 -4.16 4.14 -4.94
C ARG A 42 -3.57 5.10 -5.96
N THR A 43 -3.71 4.71 -7.22
CA THR A 43 -3.23 5.51 -8.33
C THR A 43 -4.42 5.92 -9.21
N TRP A 44 -4.48 7.20 -9.54
CA TRP A 44 -5.57 7.73 -10.36
C TRP A 44 -5.04 8.29 -11.67
N SER A 45 -5.95 8.75 -12.52
CA SER A 45 -5.56 9.34 -13.79
C SER A 45 -4.95 10.72 -13.55
N PRO A 46 -4.09 11.21 -14.47
CA PRO A 46 -3.45 12.53 -14.33
C PRO A 46 -4.48 13.66 -14.33
N ASP A 47 -5.62 13.40 -14.94
CA ASP A 47 -6.71 14.36 -15.03
C ASP A 47 -7.74 14.10 -13.94
N HIS A 48 -7.48 13.04 -13.15
CA HIS A 48 -8.37 12.63 -12.07
C HIS A 48 -9.74 12.23 -12.61
N GLU A 49 -9.77 11.91 -13.91
CA GLU A 49 -11.01 11.53 -14.59
C GLU A 49 -11.45 10.13 -14.16
N LYS A 50 -10.50 9.24 -13.98
CA LYS A 50 -10.79 7.88 -13.56
C LYS A 50 -9.83 7.42 -12.48
N MET A 51 -10.10 6.24 -11.95
CA MET A 51 -9.31 5.68 -10.87
C MET A 51 -9.13 4.18 -11.08
N GLY A 52 -8.28 3.56 -10.26
CA GLY A 52 -8.05 2.14 -10.39
C GLY A 52 -7.98 1.44 -9.04
N LYS A 53 -7.42 0.24 -9.02
CA LYS A 53 -7.33 -0.52 -7.78
C LYS A 53 -5.95 -0.42 -7.12
N GLY A 54 -5.95 -0.44 -5.79
CA GLY A 54 -4.73 -0.37 -5.02
C GLY A 54 -4.82 -1.19 -3.75
N ILE A 55 -4.66 -0.56 -2.59
CA ILE A 55 -4.75 -1.29 -1.32
C ILE A 55 -5.29 -0.39 -0.22
N THR A 56 -6.10 -0.97 0.66
CA THR A 56 -6.69 -0.26 1.76
C THR A 56 -5.94 -0.58 3.05
N LEU A 57 -5.67 0.44 3.86
CA LEU A 57 -4.94 0.25 5.11
C LEU A 57 -5.82 0.62 6.28
N SER A 58 -6.06 -0.32 7.18
CA SER A 58 -6.88 -0.07 8.34
C SER A 58 -6.07 0.64 9.43
N GLU A 59 -6.74 1.07 10.49
CA GLU A 59 -6.11 1.76 11.60
C GLU A 59 -5.00 0.91 12.24
N GLU A 60 -5.28 -0.37 12.42
CA GLU A 60 -4.31 -1.31 12.99
C GLU A 60 -2.99 -1.28 12.21
N GLU A 61 -3.13 -1.34 10.89
CA GLU A 61 -2.01 -1.32 9.98
C GLU A 61 -1.31 0.02 9.98
N PHE A 62 -2.08 1.06 9.65
CA PHE A 62 -1.58 2.42 9.57
C PHE A 62 -0.79 2.82 10.83
N GLY A 63 -1.34 2.49 11.98
CA GLY A 63 -0.69 2.81 13.24
C GLY A 63 0.68 2.17 13.39
N VAL A 64 0.73 0.83 13.32
CA VAL A 64 2.00 0.11 13.46
C VAL A 64 2.96 0.43 12.32
N LEU A 65 2.41 0.50 11.11
CA LEU A 65 3.19 0.78 9.92
C LEU A 65 3.92 2.10 10.03
N LEU A 66 3.19 3.17 10.33
CA LEU A 66 3.80 4.49 10.46
C LEU A 66 4.82 4.54 11.58
N LYS A 67 4.46 3.93 12.71
CA LYS A 67 5.34 3.90 13.88
C LYS A 67 6.72 3.39 13.51
N GLU A 68 6.76 2.24 12.87
CA GLU A 68 8.02 1.62 12.46
C GLU A 68 8.66 2.36 11.29
N LEU A 69 7.87 2.73 10.28
CA LEU A 69 8.39 3.44 9.12
C LEU A 69 9.04 4.76 9.50
N GLY A 70 8.39 5.51 10.40
CA GLY A 70 8.94 6.77 10.83
C GLY A 70 10.24 6.57 11.57
N ASN A 71 10.29 5.48 12.35
CA ASN A 71 11.48 5.13 13.11
C ASN A 71 12.62 4.71 12.19
N LYS A 72 12.25 4.17 11.02
CA LYS A 72 13.23 3.72 10.04
C LYS A 72 13.99 4.88 9.43
N LEU A 73 13.33 6.04 9.33
CA LEU A 73 13.97 7.22 8.75
C LEU A 73 14.71 8.03 9.81
N GLU A 74 14.72 7.54 11.04
CA GLU A 74 15.40 8.22 12.12
C GLU A 74 16.89 7.91 12.09
N MET B 1 -2.25 -14.94 -11.21
CA MET B 1 -2.50 -15.50 -12.54
C MET B 1 -1.76 -16.82 -12.70
N ALA B 2 -0.54 -16.88 -12.18
CA ALA B 2 0.26 -18.08 -12.25
C ALA B 2 0.08 -18.92 -11.00
N ASP B 3 0.47 -20.19 -11.07
CA ASP B 3 0.37 -21.08 -9.92
C ASP B 3 1.32 -20.61 -8.82
N LYS B 4 2.60 -20.58 -9.13
CA LYS B 4 3.61 -20.13 -8.17
C LYS B 4 4.54 -19.14 -8.85
N LEU B 5 4.38 -17.86 -8.55
CA LEU B 5 5.21 -16.82 -9.14
C LEU B 5 6.59 -16.78 -8.48
N LYS B 6 7.62 -16.53 -9.27
CA LYS B 6 8.98 -16.47 -8.77
C LYS B 6 9.27 -15.12 -8.10
N PHE B 7 9.92 -15.19 -6.95
CA PHE B 7 10.28 -14.00 -6.19
C PHE B 7 11.42 -14.33 -5.23
N GLU B 8 11.92 -13.32 -4.53
CA GLU B 8 12.99 -13.51 -3.56
C GLU B 8 13.01 -12.35 -2.57
N ILE B 9 12.97 -12.68 -1.29
CA ILE B 9 13.00 -11.66 -0.25
C ILE B 9 14.41 -11.12 -0.08
N ILE B 10 14.58 -9.84 -0.41
CA ILE B 10 15.87 -9.20 -0.30
C ILE B 10 16.08 -8.64 1.11
N GLU B 11 15.03 -8.06 1.67
CA GLU B 11 15.09 -7.48 2.99
C GLU B 11 13.69 -7.23 3.55
N GLU B 12 13.42 -7.74 4.74
CA GLU B 12 12.14 -7.53 5.38
C GLU B 12 12.08 -6.10 5.93
N LEU B 13 10.92 -5.49 5.84
CA LEU B 13 10.78 -4.13 6.32
C LEU B 13 9.88 -4.05 7.56
N ILE B 14 8.58 -4.23 7.37
CA ILE B 14 7.63 -4.13 8.48
C ILE B 14 6.67 -5.32 8.50
N VAL B 15 6.32 -5.74 9.71
CA VAL B 15 5.39 -6.83 9.91
C VAL B 15 4.31 -6.37 10.89
N LEU B 16 3.05 -6.44 10.48
CA LEU B 16 1.96 -5.98 11.33
C LEU B 16 1.40 -7.13 12.17
N SER B 17 0.53 -7.94 11.56
CA SER B 17 -0.11 -9.08 12.23
C SER B 17 -1.10 -9.74 11.27
N GLU B 18 -1.88 -10.68 11.77
CA GLU B 18 -2.86 -11.37 10.96
C GLU B 18 -4.26 -10.81 11.21
N ASN B 19 -5.10 -10.89 10.19
CA ASN B 19 -6.46 -10.41 10.26
C ASN B 19 -7.38 -11.54 10.72
N ALA B 20 -8.70 -11.29 10.73
CA ALA B 20 -9.66 -12.30 11.14
C ALA B 20 -9.65 -13.49 10.19
N LYS B 21 -9.19 -13.24 8.97
CA LYS B 21 -9.09 -14.27 7.96
C LYS B 21 -7.72 -14.92 8.00
N GLY B 22 -6.89 -14.49 8.94
CA GLY B 22 -5.56 -15.04 9.06
C GLY B 22 -4.59 -14.30 8.16
N TRP B 23 -5.11 -13.33 7.41
CA TRP B 23 -4.30 -12.53 6.50
C TRP B 23 -3.13 -11.85 7.20
N ARG B 24 -1.92 -12.35 6.97
CA ARG B 24 -0.72 -11.77 7.55
C ARG B 24 -0.30 -10.56 6.73
N LYS B 25 -0.46 -9.39 7.34
CA LYS B 25 -0.14 -8.13 6.69
C LYS B 25 1.34 -7.79 6.90
N GLU B 26 2.12 -7.83 5.82
CA GLU B 26 3.55 -7.54 5.90
C GLU B 26 4.02 -6.68 4.72
N LEU B 27 5.13 -5.99 4.95
CA LEU B 27 5.77 -5.15 3.96
C LEU B 27 7.23 -5.52 3.86
N ASN B 28 7.63 -6.12 2.75
CA ASN B 28 9.00 -6.56 2.57
C ASN B 28 9.54 -6.19 1.20
N ARG B 29 10.85 -6.18 1.08
CA ARG B 29 11.53 -5.88 -0.18
C ARG B 29 11.78 -7.20 -0.91
N VAL B 30 11.15 -7.39 -2.05
CA VAL B 30 11.32 -8.62 -2.81
C VAL B 30 11.67 -8.32 -4.27
N SER B 31 12.34 -9.26 -4.91
CA SER B 31 12.71 -9.10 -6.31
C SER B 31 11.68 -9.77 -7.21
N TRP B 32 11.11 -8.97 -8.11
CA TRP B 32 10.11 -9.47 -9.05
C TRP B 32 10.74 -10.50 -9.97
N ASN B 33 10.31 -11.76 -9.81
CA ASN B 33 10.84 -12.87 -10.61
C ASN B 33 12.34 -13.00 -10.43
N ASP B 34 12.81 -12.55 -9.26
CA ASP B 34 14.22 -12.59 -8.90
C ASP B 34 15.06 -11.72 -9.84
N ALA B 35 14.44 -10.65 -10.34
CA ALA B 35 15.13 -9.74 -11.24
C ALA B 35 15.33 -8.38 -10.58
N GLU B 36 14.29 -7.56 -10.55
CA GLU B 36 14.38 -6.23 -9.96
C GLU B 36 13.82 -6.22 -8.53
N PRO B 37 14.64 -5.82 -7.55
CA PRO B 37 14.21 -5.74 -6.14
C PRO B 37 13.42 -4.46 -5.88
N LYS B 38 12.20 -4.62 -5.39
CA LYS B 38 11.35 -3.47 -5.11
C LYS B 38 10.53 -3.73 -3.84
N TYR B 39 9.92 -2.68 -3.31
CA TYR B 39 9.10 -2.80 -2.10
C TYR B 39 7.68 -3.16 -2.47
N ASP B 40 7.09 -4.12 -1.75
CA ASP B 40 5.72 -4.53 -2.03
C ASP B 40 5.03 -4.94 -0.73
N ILE B 41 3.86 -4.37 -0.48
CA ILE B 41 3.10 -4.67 0.72
C ILE B 41 1.91 -5.54 0.36
N ARG B 42 1.82 -6.71 0.99
CA ARG B 42 0.74 -7.64 0.69
C ARG B 42 0.31 -8.43 1.92
N THR B 43 -0.73 -9.22 1.74
CA THR B 43 -1.26 -10.06 2.79
C THR B 43 -1.14 -11.52 2.39
N TRP B 44 -0.62 -12.34 3.30
CA TRP B 44 -0.43 -13.76 3.05
C TRP B 44 -1.27 -14.59 4.01
N SER B 45 -1.21 -15.91 3.85
CA SER B 45 -1.95 -16.81 4.72
C SER B 45 -1.24 -16.88 6.08
N PRO B 46 -1.97 -17.23 7.16
CA PRO B 46 -1.38 -17.31 8.50
C PRO B 46 -0.27 -18.34 8.57
N ASP B 47 -0.39 -19.39 7.78
CA ASP B 47 0.61 -20.45 7.73
C ASP B 47 1.67 -20.13 6.68
N HIS B 48 1.46 -19.03 5.96
CA HIS B 48 2.37 -18.58 4.90
C HIS B 48 2.39 -19.60 3.76
N GLU B 49 1.30 -20.37 3.65
CA GLU B 49 1.18 -21.39 2.62
C GLU B 49 0.91 -20.77 1.26
N LYS B 50 0.08 -19.73 1.23
CA LYS B 50 -0.25 -19.05 0.00
C LYS B 50 -0.17 -17.54 0.18
N MET B 51 -0.35 -16.84 -0.92
CA MET B 51 -0.27 -15.39 -0.95
C MET B 51 -1.35 -14.80 -1.85
N GLY B 52 -1.53 -13.48 -1.78
CA GLY B 52 -2.54 -12.83 -2.59
C GLY B 52 -2.01 -11.57 -3.25
N LYS B 53 -2.92 -10.74 -3.73
CA LYS B 53 -2.55 -9.50 -4.40
C LYS B 53 -2.63 -8.29 -3.47
N GLY B 54 -1.70 -7.36 -3.66
CA GLY B 54 -1.66 -6.14 -2.87
C GLY B 54 -1.23 -4.95 -3.70
N ILE B 55 -0.11 -4.33 -3.36
CA ILE B 55 0.38 -3.19 -4.12
C ILE B 55 1.90 -3.06 -4.01
N THR B 56 2.53 -2.68 -5.10
CA THR B 56 3.96 -2.52 -5.16
C THR B 56 4.34 -1.05 -5.09
N LEU B 57 5.34 -0.73 -4.29
CA LEU B 57 5.79 0.65 -4.12
C LEU B 57 7.22 0.80 -4.63
N SER B 58 7.41 1.68 -5.59
CA SER B 58 8.73 1.94 -6.14
C SER B 58 9.53 2.87 -5.24
N GLU B 59 10.79 3.07 -5.57
CA GLU B 59 11.68 3.94 -4.79
C GLU B 59 11.12 5.36 -4.71
N GLU B 60 10.59 5.83 -5.83
CA GLU B 60 10.00 7.17 -5.91
C GLU B 60 8.90 7.33 -4.85
N GLU B 61 8.04 6.32 -4.79
CA GLU B 61 6.93 6.30 -3.85
C GLU B 61 7.41 6.18 -2.43
N PHE B 62 8.14 5.10 -2.16
CA PHE B 62 8.65 4.81 -0.82
C PHE B 62 9.45 5.99 -0.26
N GLY B 63 10.23 6.65 -1.11
CA GLY B 63 11.02 7.78 -0.67
C GLY B 63 10.19 8.92 -0.13
N VAL B 64 9.30 9.46 -0.98
CA VAL B 64 8.44 10.57 -0.59
C VAL B 64 7.44 10.15 0.47
N LEU B 65 6.87 8.96 0.32
CA LEU B 65 5.88 8.44 1.24
C LEU B 65 6.43 8.37 2.65
N LEU B 66 7.58 7.71 2.81
CA LEU B 66 8.20 7.58 4.13
C LEU B 66 8.51 8.94 4.73
N LYS B 67 9.14 9.80 3.95
CA LYS B 67 9.51 11.13 4.39
C LYS B 67 8.33 11.86 5.02
N GLU B 68 7.24 11.95 4.28
CA GLU B 68 6.05 12.64 4.75
C GLU B 68 5.37 11.90 5.90
N LEU B 69 5.20 10.58 5.75
CA LEU B 69 4.54 9.79 6.78
C LEU B 69 5.29 9.84 8.11
N GLY B 70 6.62 9.73 8.05
CA GLY B 70 7.42 9.79 9.25
C GLY B 70 7.28 11.14 9.92
N ASN B 71 7.18 12.19 9.10
CA ASN B 71 7.02 13.55 9.57
C ASN B 71 5.63 13.79 10.15
N LYS B 72 4.67 12.98 9.72
CA LYS B 72 3.30 13.11 10.19
C LYS B 72 3.17 12.68 11.65
N LEU B 73 4.02 11.74 12.07
CA LEU B 73 4.00 11.26 13.45
C LEU B 73 4.91 12.09 14.35
N GLU B 74 5.50 13.13 13.79
CA GLU B 74 6.38 14.02 14.55
C GLU B 74 5.55 15.00 15.36
N MET A 1 -15.46 -3.07 -9.65
CA MET A 1 -16.57 -3.99 -9.98
C MET A 1 -17.82 -3.22 -10.31
N ALA A 2 -17.98 -2.06 -9.66
CA ALA A 2 -19.13 -1.22 -9.92
C ALA A 2 -18.73 -0.05 -10.80
N ASP A 3 -19.70 0.50 -11.52
CA ASP A 3 -19.45 1.64 -12.41
C ASP A 3 -18.92 2.82 -11.61
N LYS A 4 -19.64 3.18 -10.56
CA LYS A 4 -19.25 4.29 -9.70
C LYS A 4 -19.49 3.92 -8.23
N LEU A 5 -18.40 3.65 -7.52
CA LEU A 5 -18.49 3.30 -6.10
C LEU A 5 -18.60 4.57 -5.25
N LYS A 6 -19.47 4.54 -4.26
CA LYS A 6 -19.68 5.69 -3.38
C LYS A 6 -18.51 5.84 -2.43
N PHE A 7 -18.02 7.07 -2.27
CA PHE A 7 -16.91 7.37 -1.37
C PHE A 7 -16.91 8.85 -1.02
N GLU A 8 -16.09 9.20 -0.03
CA GLU A 8 -15.97 10.59 0.40
C GLU A 8 -14.55 10.85 0.89
N ILE A 9 -13.98 11.97 0.47
CA ILE A 9 -12.63 12.33 0.86
C ILE A 9 -12.64 13.03 2.22
N ILE A 10 -12.18 12.32 3.23
CA ILE A 10 -12.13 12.86 4.57
C ILE A 10 -10.95 13.81 4.71
N GLU A 11 -9.77 13.29 4.42
CA GLU A 11 -8.55 14.09 4.52
C GLU A 11 -7.45 13.51 3.65
N GLU A 12 -6.89 14.35 2.79
CA GLU A 12 -5.79 13.96 1.93
C GLU A 12 -4.52 13.82 2.76
N LEU A 13 -3.69 12.84 2.44
CA LEU A 13 -2.47 12.63 3.20
C LEU A 13 -1.23 12.98 2.38
N ILE A 14 -0.88 12.11 1.46
CA ILE A 14 0.32 12.32 0.65
C ILE A 14 0.04 12.12 -0.83
N VAL A 15 0.58 13.02 -1.64
CA VAL A 15 0.45 12.95 -3.08
C VAL A 15 1.84 12.76 -3.68
N LEU A 16 2.03 11.70 -4.45
CA LEU A 16 3.33 11.44 -5.04
C LEU A 16 3.47 12.10 -6.41
N SER A 17 2.91 11.45 -7.45
CA SER A 17 2.97 11.95 -8.82
C SER A 17 2.32 10.95 -9.77
N GLU A 18 2.32 11.26 -11.05
CA GLU A 18 1.77 10.38 -12.06
C GLU A 18 2.90 9.55 -12.66
N ASN A 19 2.54 8.49 -13.36
CA ASN A 19 3.53 7.63 -13.98
C ASN A 19 3.42 7.70 -15.50
N ALA A 20 4.08 6.78 -16.21
CA ALA A 20 4.03 6.76 -17.67
C ALA A 20 2.62 6.54 -18.16
N LYS A 21 1.83 5.88 -17.32
CA LYS A 21 0.44 5.57 -17.63
C LYS A 21 -0.48 6.67 -17.15
N GLY A 22 0.10 7.71 -16.54
CA GLY A 22 -0.69 8.80 -16.01
C GLY A 22 -1.22 8.48 -14.63
N TRP A 23 -0.91 7.28 -14.16
CA TRP A 23 -1.35 6.81 -12.85
C TRP A 23 -0.98 7.79 -11.73
N ARG A 24 -1.97 8.50 -11.24
CA ARG A 24 -1.78 9.45 -10.16
C ARG A 24 -1.75 8.70 -8.83
N LYS A 25 -0.54 8.47 -8.33
CA LYS A 25 -0.35 7.76 -7.08
C LYS A 25 -0.56 8.68 -5.89
N GLU A 26 -1.62 8.44 -5.14
CA GLU A 26 -1.94 9.25 -3.97
C GLU A 26 -2.39 8.40 -2.80
N LEU A 27 -2.16 8.91 -1.61
CA LEU A 27 -2.55 8.27 -0.37
C LEU A 27 -3.44 9.23 0.40
N ASN A 28 -4.73 8.94 0.45
CA ASN A 28 -5.67 9.82 1.13
C ASN A 28 -6.61 9.02 2.01
N ARG A 29 -7.19 9.67 2.99
CA ARG A 29 -8.13 9.01 3.89
C ARG A 29 -9.55 9.30 3.42
N VAL A 30 -10.24 8.25 2.98
CA VAL A 30 -11.60 8.38 2.49
C VAL A 30 -12.55 7.45 3.24
N SER A 31 -13.83 7.73 3.15
CA SER A 31 -14.83 6.91 3.79
C SER A 31 -15.46 5.93 2.81
N TRP A 32 -15.40 4.65 3.15
CA TRP A 32 -15.96 3.60 2.31
C TRP A 32 -17.47 3.75 2.22
N ASN A 33 -17.94 4.10 1.02
CA ASN A 33 -19.37 4.32 0.77
C ASN A 33 -19.90 5.42 1.67
N ASP A 34 -19.00 6.35 2.02
CA ASP A 34 -19.32 7.49 2.89
C ASP A 34 -19.72 7.01 4.29
N ALA A 35 -19.20 5.86 4.68
CA ALA A 35 -19.50 5.30 6.00
C ALA A 35 -18.26 5.31 6.89
N GLU A 36 -17.42 4.30 6.73
CA GLU A 36 -16.22 4.17 7.55
C GLU A 36 -15.03 4.89 6.92
N PRO A 37 -14.46 5.87 7.64
CA PRO A 37 -13.30 6.60 7.16
C PRO A 37 -12.01 5.84 7.45
N LYS A 38 -11.26 5.52 6.40
CA LYS A 38 -10.02 4.78 6.56
C LYS A 38 -9.02 5.20 5.48
N TYR A 39 -7.74 4.92 5.73
CA TYR A 39 -6.68 5.29 4.79
C TYR A 39 -6.58 4.27 3.66
N ASP A 40 -6.35 4.75 2.45
CA ASP A 40 -6.24 3.87 1.29
C ASP A 40 -5.31 4.52 0.26
N ILE A 41 -4.37 3.74 -0.29
CA ILE A 41 -3.44 4.27 -1.27
C ILE A 41 -3.72 3.65 -2.63
N ARG A 42 -3.98 4.49 -3.62
CA ARG A 42 -4.31 4.02 -4.97
C ARG A 42 -3.82 5.00 -6.03
N THR A 43 -3.91 4.58 -7.28
CA THR A 43 -3.52 5.42 -8.39
C THR A 43 -4.72 5.60 -9.32
N TRP A 44 -4.96 6.82 -9.76
CA TRP A 44 -6.10 7.11 -10.63
C TRP A 44 -5.63 7.65 -11.97
N SER A 45 -6.58 7.92 -12.86
CA SER A 45 -6.26 8.45 -14.18
C SER A 45 -5.62 9.83 -14.07
N PRO A 46 -4.78 10.21 -15.05
CA PRO A 46 -4.11 11.52 -15.04
C PRO A 46 -5.11 12.67 -15.11
N ASP A 47 -6.23 12.42 -15.76
CA ASP A 47 -7.29 13.41 -15.92
C ASP A 47 -8.29 13.28 -14.77
N HIS A 48 -8.07 12.30 -13.91
CA HIS A 48 -8.95 12.03 -12.75
C HIS A 48 -10.34 11.62 -13.22
N GLU A 49 -10.41 11.08 -14.44
CA GLU A 49 -11.67 10.66 -15.01
C GLU A 49 -12.15 9.35 -14.37
N LYS A 50 -11.20 8.49 -14.03
CA LYS A 50 -11.51 7.20 -13.42
C LYS A 50 -10.52 6.85 -12.32
N MET A 51 -10.81 5.76 -11.66
CA MET A 51 -10.00 5.26 -10.56
C MET A 51 -9.62 3.80 -10.76
N GLY A 52 -8.75 3.29 -9.89
CA GLY A 52 -8.32 1.90 -9.99
C GLY A 52 -8.18 1.22 -8.63
N LYS A 53 -7.64 0.02 -8.59
CA LYS A 53 -7.48 -0.72 -7.34
C LYS A 53 -6.08 -0.60 -6.76
N GLY A 54 -6.00 -0.54 -5.44
CA GLY A 54 -4.73 -0.45 -4.74
C GLY A 54 -4.79 -1.25 -3.45
N ILE A 55 -4.58 -0.58 -2.32
CA ILE A 55 -4.62 -1.27 -1.03
C ILE A 55 -5.10 -0.32 0.07
N THR A 56 -5.88 -0.86 0.98
CA THR A 56 -6.40 -0.09 2.09
C THR A 56 -5.54 -0.30 3.33
N LEU A 57 -5.29 0.76 4.07
CA LEU A 57 -4.47 0.69 5.27
C LEU A 57 -5.30 1.03 6.50
N SER A 58 -5.40 0.08 7.42
CA SER A 58 -6.15 0.28 8.64
C SER A 58 -5.33 1.12 9.61
N GLU A 59 -5.97 1.61 10.67
CA GLU A 59 -5.29 2.42 11.67
C GLU A 59 -4.16 1.64 12.31
N GLU A 60 -4.40 0.36 12.56
CA GLU A 60 -3.41 -0.53 13.14
C GLU A 60 -2.15 -0.55 12.27
N GLU A 61 -2.35 -0.69 10.97
CA GLU A 61 -1.26 -0.73 10.01
C GLU A 61 -0.57 0.62 9.93
N PHE A 62 -1.37 1.63 9.62
CA PHE A 62 -0.89 3.00 9.46
C PHE A 62 -0.02 3.43 10.65
N GLY A 63 -0.51 3.19 11.86
CA GLY A 63 0.21 3.56 13.06
C GLY A 63 1.59 2.92 13.15
N VAL A 64 1.64 1.60 13.10
CA VAL A 64 2.91 0.87 13.20
C VAL A 64 3.80 1.14 11.98
N LEU A 65 3.18 1.14 10.81
CA LEU A 65 3.91 1.35 9.56
C LEU A 65 4.63 2.70 9.56
N LEU A 66 3.89 3.77 9.84
CA LEU A 66 4.49 5.11 9.87
C LEU A 66 5.58 5.20 10.92
N LYS A 67 5.28 4.67 12.10
CA LYS A 67 6.22 4.69 13.22
C LYS A 67 7.58 4.15 12.82
N GLU A 68 7.57 2.95 12.25
CA GLU A 68 8.79 2.29 11.84
C GLU A 68 9.41 2.97 10.62
N LEU A 69 8.60 3.24 9.60
CA LEU A 69 9.10 3.89 8.38
C LEU A 69 9.75 5.23 8.67
N GLY A 70 9.10 6.04 9.49
CA GLY A 70 9.63 7.33 9.84
C GLY A 70 10.93 7.21 10.60
N ASN A 71 11.01 6.17 11.43
CA ASN A 71 12.20 5.91 12.22
C ASN A 71 13.33 5.36 11.34
N LYS A 72 12.97 4.68 10.26
CA LYS A 72 13.95 4.11 9.33
C LYS A 72 14.69 5.22 8.57
N LEU A 73 14.05 6.38 8.47
CA LEU A 73 14.66 7.51 7.77
C LEU A 73 15.48 8.35 8.73
N GLU A 74 15.29 8.13 10.02
CA GLU A 74 16.03 8.89 11.03
C GLU A 74 17.51 8.59 10.95
N MET B 1 -2.82 -15.17 -10.18
CA MET B 1 -3.25 -15.86 -11.42
C MET B 1 -2.53 -17.19 -11.57
N ALA B 2 -1.29 -17.24 -11.09
CA ALA B 2 -0.51 -18.46 -11.19
C ALA B 2 -0.56 -19.24 -9.88
N ASP B 3 -0.22 -20.54 -9.96
CA ASP B 3 -0.22 -21.39 -8.79
C ASP B 3 0.88 -20.95 -7.83
N LYS B 4 2.09 -20.83 -8.36
CA LYS B 4 3.25 -20.40 -7.58
C LYS B 4 4.07 -19.40 -8.39
N LEU B 5 3.98 -18.12 -8.04
CA LEU B 5 4.73 -17.09 -8.73
C LEU B 5 6.15 -17.03 -8.17
N LYS B 6 7.13 -16.97 -9.06
CA LYS B 6 8.53 -16.91 -8.67
C LYS B 6 8.89 -15.54 -8.08
N PHE B 7 9.57 -15.56 -6.96
CA PHE B 7 10.00 -14.34 -6.29
C PHE B 7 11.17 -14.65 -5.38
N GLU B 8 11.80 -13.60 -4.87
CA GLU B 8 12.93 -13.75 -3.95
C GLU B 8 12.93 -12.61 -2.95
N ILE B 9 13.11 -12.94 -1.68
CA ILE B 9 13.12 -11.94 -0.63
C ILE B 9 14.49 -11.28 -0.53
N ILE B 10 14.56 -10.04 -1.00
CA ILE B 10 15.80 -9.28 -0.97
C ILE B 10 16.07 -8.78 0.45
N GLU B 11 15.11 -8.04 0.99
CA GLU B 11 15.24 -7.50 2.33
C GLU B 11 13.88 -7.18 2.93
N GLU B 12 13.66 -7.65 4.14
CA GLU B 12 12.42 -7.40 4.85
C GLU B 12 12.44 -5.98 5.39
N LEU B 13 11.31 -5.30 5.34
CA LEU B 13 11.25 -3.92 5.81
C LEU B 13 10.45 -3.80 7.10
N ILE B 14 9.13 -3.90 6.99
CA ILE B 14 8.25 -3.74 8.14
C ILE B 14 7.25 -4.88 8.24
N VAL B 15 7.07 -5.38 9.46
CA VAL B 15 6.11 -6.43 9.71
C VAL B 15 5.06 -5.89 10.69
N LEU B 16 3.80 -5.88 10.28
CA LEU B 16 2.75 -5.35 11.14
C LEU B 16 2.19 -6.42 12.07
N SER B 17 1.29 -7.26 11.55
CA SER B 17 0.66 -8.33 12.33
C SER B 17 -0.41 -9.03 11.49
N GLU B 18 -1.08 -10.00 12.09
CA GLU B 18 -2.14 -10.73 11.42
C GLU B 18 -3.48 -10.11 11.78
N ASN B 19 -4.51 -10.44 11.01
CA ASN B 19 -5.85 -9.92 11.27
C ASN B 19 -6.79 -11.04 11.65
N ALA B 20 -8.10 -10.77 11.65
CA ALA B 20 -9.10 -11.77 12.00
C ALA B 20 -9.05 -12.95 11.03
N LYS B 21 -8.60 -12.66 9.82
CA LYS B 21 -8.51 -13.68 8.78
C LYS B 21 -7.12 -14.31 8.79
N GLY B 22 -6.28 -13.86 9.71
CA GLY B 22 -4.92 -14.38 9.79
C GLY B 22 -4.00 -13.68 8.82
N TRP B 23 -4.56 -12.74 8.06
CA TRP B 23 -3.80 -11.97 7.07
C TRP B 23 -2.56 -11.34 7.67
N ARG B 24 -1.40 -11.90 7.35
CA ARG B 24 -0.13 -11.38 7.82
C ARG B 24 0.28 -10.18 6.96
N LYS B 25 0.04 -9.00 7.49
CA LYS B 25 0.36 -7.76 6.77
C LYS B 25 1.83 -7.42 6.92
N GLU B 26 2.57 -7.50 5.83
CA GLU B 26 3.99 -7.20 5.85
C GLU B 26 4.42 -6.40 4.63
N LEU B 27 5.47 -5.63 4.81
CA LEU B 27 6.06 -4.80 3.75
C LEU B 27 7.51 -5.20 3.60
N ASN B 28 7.82 -5.90 2.52
CA ASN B 28 9.18 -6.36 2.29
C ASN B 28 9.61 -6.08 0.86
N ARG B 29 10.91 -6.02 0.64
CA ARG B 29 11.44 -5.78 -0.70
C ARG B 29 11.80 -7.11 -1.33
N VAL B 30 11.11 -7.48 -2.39
CA VAL B 30 11.35 -8.74 -3.07
C VAL B 30 11.58 -8.51 -4.56
N SER B 31 12.19 -9.48 -5.21
CA SER B 31 12.46 -9.38 -6.64
C SER B 31 11.39 -10.10 -7.46
N TRP B 32 10.79 -9.35 -8.37
CA TRP B 32 9.75 -9.89 -9.23
C TRP B 32 10.32 -10.97 -10.13
N ASN B 33 9.90 -12.22 -9.89
CA ASN B 33 10.38 -13.37 -10.64
C ASN B 33 11.90 -13.49 -10.50
N ASP B 34 12.40 -13.05 -9.34
CA ASP B 34 13.83 -13.08 -9.03
C ASP B 34 14.62 -12.23 -10.04
N ALA B 35 13.99 -11.17 -10.52
CA ALA B 35 14.65 -10.29 -11.49
C ALA B 35 14.80 -8.88 -10.92
N GLU B 36 13.72 -8.11 -10.95
CA GLU B 36 13.75 -6.73 -10.47
C GLU B 36 13.35 -6.65 -9.00
N PRO B 37 14.27 -6.20 -8.14
CA PRO B 37 14.00 -6.04 -6.71
C PRO B 37 13.25 -4.75 -6.42
N LYS B 38 12.07 -4.85 -5.85
CA LYS B 38 11.26 -3.68 -5.55
C LYS B 38 10.42 -3.91 -4.30
N TYR B 39 9.93 -2.82 -3.70
CA TYR B 39 9.13 -2.91 -2.49
C TYR B 39 7.68 -3.25 -2.82
N ASP B 40 7.08 -4.11 -2.01
CA ASP B 40 5.70 -4.50 -2.21
C ASP B 40 5.07 -4.85 -0.85
N ILE B 41 3.88 -4.33 -0.59
CA ILE B 41 3.20 -4.59 0.67
C ILE B 41 1.98 -5.47 0.43
N ARG B 42 1.94 -6.62 1.11
CA ARG B 42 0.85 -7.57 0.94
C ARG B 42 0.56 -8.32 2.23
N THR B 43 -0.53 -9.08 2.23
CA THR B 43 -0.91 -9.87 3.37
C THR B 43 -0.97 -11.33 2.95
N TRP B 44 -0.39 -12.21 3.75
CA TRP B 44 -0.38 -13.64 3.44
C TRP B 44 -1.13 -14.44 4.50
N SER B 45 -1.22 -15.75 4.30
CA SER B 45 -1.91 -16.62 5.25
C SER B 45 -1.16 -16.66 6.58
N PRO B 46 -1.86 -16.88 7.69
CA PRO B 46 -1.23 -16.93 9.02
C PRO B 46 -0.19 -18.03 9.12
N ASP B 47 -0.43 -19.12 8.39
CA ASP B 47 0.50 -20.25 8.37
C ASP B 47 1.56 -20.04 7.29
N HIS B 48 1.40 -18.97 6.53
CA HIS B 48 2.31 -18.63 5.43
C HIS B 48 2.22 -19.66 4.32
N GLU B 49 1.11 -20.39 4.30
CA GLU B 49 0.88 -21.42 3.29
C GLU B 49 0.65 -20.80 1.91
N LYS B 50 -0.06 -19.68 1.88
CA LYS B 50 -0.34 -19.00 0.62
C LYS B 50 -0.19 -17.49 0.74
N MET B 51 -0.31 -16.83 -0.39
CA MET B 51 -0.16 -15.40 -0.48
C MET B 51 -1.36 -14.77 -1.21
N GLY B 52 -1.43 -13.44 -1.21
CA GLY B 52 -2.52 -12.74 -1.87
C GLY B 52 -2.06 -11.51 -2.61
N LYS B 53 -3.00 -10.69 -3.07
CA LYS B 53 -2.66 -9.48 -3.81
C LYS B 53 -2.71 -8.23 -2.93
N GLY B 54 -1.76 -7.33 -3.18
CA GLY B 54 -1.68 -6.08 -2.46
C GLY B 54 -1.31 -4.95 -3.40
N ILE B 55 -0.20 -4.29 -3.13
CA ILE B 55 0.24 -3.20 -4.00
C ILE B 55 1.77 -3.09 -3.99
N THR B 56 2.33 -2.76 -5.14
CA THR B 56 3.76 -2.61 -5.28
C THR B 56 4.16 -1.14 -5.16
N LEU B 57 5.26 -0.88 -4.49
CA LEU B 57 5.74 0.49 -4.29
C LEU B 57 7.09 0.70 -4.97
N SER B 58 7.13 1.58 -5.94
CA SER B 58 8.37 1.87 -6.65
C SER B 58 9.27 2.76 -5.78
N GLU B 59 10.54 2.88 -6.17
CA GLU B 59 11.49 3.70 -5.42
C GLU B 59 11.01 5.14 -5.35
N GLU B 60 10.47 5.61 -6.47
CA GLU B 60 9.92 6.96 -6.57
C GLU B 60 8.85 7.18 -5.50
N GLU B 61 7.97 6.19 -5.36
CA GLU B 61 6.89 6.26 -4.38
C GLU B 61 7.44 6.15 -2.98
N PHE B 62 8.17 5.08 -2.72
CA PHE B 62 8.77 4.83 -1.41
C PHE B 62 9.57 6.04 -0.92
N GLY B 63 10.37 6.62 -1.80
CA GLY B 63 11.17 7.77 -1.44
C GLY B 63 10.34 8.95 -0.94
N VAL B 64 9.39 9.39 -1.75
CA VAL B 64 8.54 10.53 -1.38
C VAL B 64 7.61 10.16 -0.24
N LEU B 65 7.01 8.99 -0.33
CA LEU B 65 6.06 8.51 0.67
C LEU B 65 6.70 8.48 2.05
N LEU B 66 7.85 7.83 2.16
CA LEU B 66 8.55 7.72 3.44
C LEU B 66 8.89 9.10 3.99
N LYS B 67 9.49 9.92 3.14
CA LYS B 67 9.90 11.27 3.50
C LYS B 67 8.76 12.06 4.14
N GLU B 68 7.64 12.13 3.44
CA GLU B 68 6.48 12.88 3.92
C GLU B 68 5.84 12.21 5.13
N LEU B 69 5.58 10.91 5.04
CA LEU B 69 4.96 10.18 6.14
C LEU B 69 5.78 10.26 7.42
N GLY B 70 7.08 10.07 7.29
CA GLY B 70 7.95 10.15 8.45
C GLY B 70 7.93 11.53 9.07
N ASN B 71 7.84 12.54 8.20
CA ASN B 71 7.81 13.93 8.63
C ASN B 71 6.46 14.28 9.24
N LYS B 72 5.42 13.59 8.82
CA LYS B 72 4.08 13.84 9.35
C LYS B 72 4.00 13.44 10.82
N LEU B 73 4.86 12.51 11.23
CA LEU B 73 4.88 12.05 12.61
C LEU B 73 5.84 12.87 13.44
N GLU B 74 6.57 13.78 12.81
CA GLU B 74 7.51 14.62 13.50
C GLU B 74 6.78 15.70 14.29
#